data_6NT1
#
_entry.id   6NT1
#
_cell.length_a   131.100
_cell.length_b   154.500
_cell.length_c   160.900
_cell.angle_alpha   90.000
_cell.angle_beta   90.000
_cell.angle_gamma   90.000
#
_symmetry.space_group_name_H-M   'P 21 21 21'
#
loop_
_entity.id
_entity.type
_entity.pdbx_description
1 polymer Catalase-3
2 non-polymer 'PROTOPORPHYRIN IX CONTAINING FE'
3 non-polymer 'ACETATE ION'
4 non-polymer 'TRIETHYLENE GLYCOL'
5 non-polymer DI(HYDROXYETHYL)ETHER
6 non-polymer 1,2-ETHANEDIOL
7 non-polymer ETHANOL
8 non-polymer 'HEXAETHYLENE GLYCOL'
9 non-polymer 'TETRAETHYLENE GLYCOL'
10 water water
#
_entity_poly.entity_id   1
_entity_poly.type   'polypeptide(L)'
_entity_poly.pdbx_seq_one_letter_code
;MRVNALLPLSGLIGTALAACPFADPSALGRRAEGGEVDARQRLKEVEVDDNGQFMTTDFGGNIEEQFSLKAGGRGSTLLE
DFIFRQKLQHFDHERIPERVVHARGAGAHGIFTSYGDWSNITAASFLGAKDKQTPVFVRFSTVAGSRGSADTARDVHGFA
TRFYTDEGNFDIVGNNIPVFFIQDAIRFPDLIHSVKPSPDNEVPQAATAHDSAWDFFSSQPSALHTLFWAMSGNGIPRSY
RHMDGFGIHTFRLVTEDGKSKLVKWHWKTKQGKAALVWEEAQVLAGKNADFHRQDLWDAIESGNAPSWELAVQLIDEDKA
QAYGFDLLDPTKFLPEEFAPLQVLGEMTLNRNPMNYFAETEQISFQPGHIVRGVDFTEDPLLQGRLYSYLDTQLNRHRGP
NFEQLPINRPVSGVHNNHRDGQGQAWIHKNIHHYSPSYLNKGYPAQANQTVGRGFFTTPGRTASGVLNRELSATFDDHYT
QPRLFFNSLTPVEQQFVINAIRFEASHVTNEQVKKNVLEQLNKISNDVAKRVAVALGLEAPQPDPTYYHNNVTRGVSIFN
ESLPTIATLRVGVLSTTKGGSLDKAKALKEQLEKDGLKVTVIAEYLASGVDQTYSAADATAFDAVVVAEGAERVFSGKGA
MSPLFPAGRPSQILTDGYRWGKPVAAVGSAKKALQSIGVEEKEAGVYAGAQDEVIKGVEEGLKVFKFLERFAVDGDDEE
;
_entity_poly.pdbx_strand_id   A,B,C,D
#
loop_
_chem_comp.id
_chem_comp.type
_chem_comp.name
_chem_comp.formula
ACT non-polymer 'ACETATE ION' 'C2 H3 O2 -1'
EDO non-polymer 1,2-ETHANEDIOL 'C2 H6 O2'
EOH non-polymer ETHANOL 'C2 H6 O'
HEM non-polymer 'PROTOPORPHYRIN IX CONTAINING FE' 'C34 H32 Fe N4 O4'
P6G non-polymer 'HEXAETHYLENE GLYCOL' 'C12 H26 O7'
PEG non-polymer DI(HYDROXYETHYL)ETHER 'C4 H10 O3'
PG4 non-polymer 'TETRAETHYLENE GLYCOL' 'C8 H18 O5'
PGE non-polymer 'TRIETHYLENE GLYCOL' 'C6 H14 O4'
#
# COMPACT_ATOMS: atom_id res chain seq x y z
N ASP A 38 -29.67 7.14 20.55
CA ASP A 38 -28.96 6.28 19.60
C ASP A 38 -27.47 6.66 19.50
N ALA A 39 -26.62 5.74 19.98
CA ALA A 39 -25.17 5.97 19.98
C ALA A 39 -24.58 5.99 18.58
N ARG A 40 -25.25 5.40 17.59
CA ARG A 40 -24.79 5.40 16.20
C ARG A 40 -25.24 6.62 15.40
N GLN A 41 -25.91 7.59 16.05
CA GLN A 41 -26.54 8.70 15.34
C GLN A 41 -25.58 9.39 14.36
N ARG A 42 -24.36 9.69 14.81
CA ARG A 42 -23.42 10.45 13.99
C ARG A 42 -23.05 9.70 12.70
N LEU A 43 -23.21 8.38 12.67
CA LEU A 43 -22.85 7.59 11.49
C LEU A 43 -23.96 7.53 10.46
N LYS A 44 -25.13 8.14 10.72
CA LYS A 44 -26.22 8.02 9.76
C LYS A 44 -25.93 8.75 8.46
N GLU A 45 -25.06 9.76 8.49
CA GLU A 45 -24.74 10.49 7.27
C GLU A 45 -23.91 9.69 6.27
N VAL A 46 -23.37 8.53 6.62
CA VAL A 46 -22.54 7.75 5.68
C VAL A 46 -23.25 6.47 5.24
N GLU A 47 -24.50 6.27 5.65
CA GLU A 47 -25.22 5.02 5.41
C GLU A 47 -25.90 5.04 4.05
N VAL A 48 -25.74 3.95 3.30
CA VAL A 48 -26.24 3.86 1.93
C VAL A 48 -27.34 2.80 1.86
N ASP A 49 -28.51 3.22 1.40
CA ASP A 49 -29.71 2.38 1.31
C ASP A 49 -29.92 2.01 -0.16
N ASP A 50 -29.87 0.71 -0.45
CA ASP A 50 -29.93 0.24 -1.83
C ASP A 50 -31.30 -0.28 -2.25
N ASN A 51 -32.25 -0.31 -1.32
CA ASN A 51 -33.58 -0.83 -1.61
C ASN A 51 -34.32 0.11 -2.58
N GLY A 52 -35.01 -0.50 -3.54
CA GLY A 52 -35.72 0.29 -4.54
C GLY A 52 -34.83 0.98 -5.55
N GLN A 53 -33.57 0.60 -5.65
CA GLN A 53 -32.66 1.26 -6.58
C GLN A 53 -32.20 0.28 -7.65
N PHE A 54 -31.81 0.83 -8.79
CA PHE A 54 -31.12 0.07 -9.83
C PHE A 54 -29.63 -0.02 -9.51
N MET A 55 -29.03 -1.14 -9.93
CA MET A 55 -27.59 -1.36 -9.82
C MET A 55 -26.82 -0.28 -10.57
N THR A 56 -25.71 0.19 -9.99
CA THR A 56 -24.82 1.14 -10.67
C THR A 56 -23.38 0.63 -10.59
N THR A 57 -22.50 1.26 -11.38
CA THR A 57 -21.07 1.16 -11.13
C THR A 57 -20.70 2.05 -9.94
N ASP A 58 -19.42 1.99 -9.54
CA ASP A 58 -18.92 2.85 -8.48
C ASP A 58 -18.74 4.31 -8.92
N PHE A 59 -18.87 4.61 -10.22
CA PHE A 59 -18.86 5.99 -10.68
C PHE A 59 -20.22 6.43 -11.22
N GLY A 60 -21.28 5.69 -10.87
CA GLY A 60 -22.61 6.03 -11.29
C GLY A 60 -22.97 5.50 -12.67
N GLY A 61 -24.25 5.62 -13.00
CA GLY A 61 -24.76 4.99 -14.19
C GLY A 61 -25.33 3.62 -13.89
N ASN A 62 -26.58 3.41 -14.28
CA ASN A 62 -27.27 2.15 -14.07
C ASN A 62 -26.73 1.08 -15.01
N ILE A 63 -26.66 -0.18 -14.51
CA ILE A 63 -26.04 -1.29 -15.23
C ILE A 63 -26.76 -2.60 -14.90
N GLU A 64 -26.41 -3.65 -15.64
CA GLU A 64 -26.57 -5.03 -15.26
C GLU A 64 -25.18 -5.63 -15.09
N GLU A 65 -25.02 -6.56 -14.16
CA GLU A 65 -23.69 -7.10 -13.89
C GLU A 65 -23.77 -8.59 -13.58
N GLN A 66 -24.65 -9.30 -14.30
CA GLN A 66 -24.80 -10.74 -14.22
C GLN A 66 -24.28 -11.48 -15.44
N PHE A 67 -23.85 -10.79 -16.49
CA PHE A 67 -23.29 -11.43 -17.68
C PHE A 67 -22.04 -10.67 -18.13
N SER A 68 -20.97 -11.42 -18.41
CA SER A 68 -19.81 -10.82 -19.06
C SER A 68 -20.09 -10.51 -20.53
N LEU A 69 -19.44 -9.48 -21.05
CA LEU A 69 -19.53 -9.10 -22.45
C LEU A 69 -18.65 -10.03 -23.28
N LYS A 70 -19.26 -10.75 -24.23
CA LYS A 70 -18.58 -11.81 -24.96
C LYS A 70 -18.60 -11.52 -26.46
N ALA A 71 -17.56 -11.97 -27.16
CA ALA A 71 -17.46 -11.80 -28.62
C ALA A 71 -18.08 -13.02 -29.30
N GLY A 72 -19.40 -12.98 -29.42
CA GLY A 72 -20.16 -14.09 -29.99
C GLY A 72 -20.82 -14.93 -28.91
N GLY A 73 -21.67 -15.85 -29.36
CA GLY A 73 -22.56 -16.55 -28.44
C GLY A 73 -21.82 -17.44 -27.45
N ARG A 74 -20.79 -18.14 -27.91
CA ARG A 74 -19.88 -18.90 -27.05
C ARG A 74 -18.48 -18.30 -27.09
N GLY A 75 -18.40 -16.96 -27.05
CA GLY A 75 -17.14 -16.28 -27.29
C GLY A 75 -16.36 -15.93 -26.02
N SER A 76 -15.14 -15.45 -26.24
CA SER A 76 -14.28 -14.98 -25.16
C SER A 76 -14.79 -13.65 -24.59
N THR A 77 -14.42 -13.39 -23.35
CA THR A 77 -14.83 -12.17 -22.67
C THR A 77 -13.97 -11.01 -23.15
N LEU A 78 -14.61 -9.86 -23.33
CA LEU A 78 -13.96 -8.67 -23.89
C LEU A 78 -13.28 -7.84 -22.80
N LEU A 79 -12.07 -7.36 -23.12
CA LEU A 79 -11.41 -6.40 -22.24
C LEU A 79 -12.23 -5.11 -22.05
N GLU A 80 -13.03 -4.71 -23.06
CA GLU A 80 -13.86 -3.51 -22.94
C GLU A 80 -15.07 -3.69 -22.03
N ASP A 81 -15.25 -4.86 -21.41
CA ASP A 81 -16.27 -5.05 -20.38
C ASP A 81 -15.82 -4.32 -19.12
N PHE A 82 -16.05 -3.00 -19.12
CA PHE A 82 -15.70 -2.17 -17.96
C PHE A 82 -16.53 -2.52 -16.74
N ILE A 83 -17.74 -3.04 -16.94
CA ILE A 83 -18.60 -3.39 -15.82
C ILE A 83 -18.03 -4.60 -15.09
N PHE A 84 -17.64 -5.64 -15.83
CA PHE A 84 -16.99 -6.80 -15.21
C PHE A 84 -15.79 -6.37 -14.37
N ARG A 85 -14.86 -5.64 -14.96
CA ARG A 85 -13.60 -5.35 -14.28
C ARG A 85 -13.81 -4.47 -13.05
N GLN A 86 -14.67 -3.44 -13.15
CA GLN A 86 -14.90 -2.58 -11.99
C GLN A 86 -15.55 -3.34 -10.84
N LYS A 87 -16.42 -4.31 -11.15
CA LYS A 87 -17.01 -5.13 -10.10
C LYS A 87 -15.99 -6.09 -9.51
N LEU A 88 -15.23 -6.78 -10.36
CA LEU A 88 -14.28 -7.76 -9.82
C LEU A 88 -13.07 -7.08 -9.19
N GLN A 89 -12.66 -5.91 -9.67
CA GLN A 89 -11.56 -5.22 -9.00
C GLN A 89 -11.93 -4.91 -7.55
N HIS A 90 -13.15 -4.46 -7.32
CA HIS A 90 -13.52 -4.14 -5.94
C HIS A 90 -13.53 -5.40 -5.08
N PHE A 91 -14.06 -6.50 -5.61
CA PHE A 91 -14.04 -7.78 -4.89
C PHE A 91 -12.61 -8.23 -4.61
N ASP A 92 -11.75 -8.20 -5.62
CA ASP A 92 -10.38 -8.70 -5.48
C ASP A 92 -9.60 -7.95 -4.40
N HIS A 93 -9.99 -6.71 -4.09
CA HIS A 93 -9.27 -5.86 -3.16
C HIS A 93 -10.03 -5.65 -1.85
N GLU A 94 -10.90 -6.60 -1.48
CA GLU A 94 -11.75 -6.42 -0.30
C GLU A 94 -10.95 -6.51 1.00
N ARG A 95 -9.95 -7.39 1.05
CA ARG A 95 -9.32 -7.70 2.34
C ARG A 95 -8.26 -6.68 2.72
N ILE A 96 -8.15 -6.43 4.03
CA ILE A 96 -7.06 -5.65 4.59
C ILE A 96 -6.36 -6.55 5.60
N PRO A 97 -5.11 -6.25 5.96
CA PRO A 97 -4.41 -7.07 6.97
C PRO A 97 -5.21 -7.13 8.26
N GLU A 98 -5.25 -8.31 8.86
CA GLU A 98 -5.82 -8.41 10.19
C GLU A 98 -4.92 -7.72 11.20
N ARG A 99 -5.47 -7.41 12.37
CA ARG A 99 -4.65 -6.87 13.45
C ARG A 99 -3.53 -7.84 13.80
N VAL A 100 -2.34 -7.31 14.07
CA VAL A 100 -1.17 -8.15 14.33
C VAL A 100 -1.38 -9.03 15.57
N VAL A 101 -2.11 -8.53 16.57
CA VAL A 101 -2.63 -9.30 17.69
C VAL A 101 -4.10 -8.91 17.85
N HIS A 102 -4.85 -9.76 18.56
CA HIS A 102 -6.28 -9.52 18.78
C HIS A 102 -7.05 -9.48 17.46
N ALA A 103 -6.62 -10.28 16.48
CA ALA A 103 -7.27 -10.24 15.18
C ALA A 103 -8.72 -10.69 15.26
N ARG A 104 -9.04 -11.57 16.20
CA ARG A 104 -10.37 -12.18 16.33
C ARG A 104 -11.16 -11.46 17.40
N GLY A 105 -12.26 -10.82 17.02
CA GLY A 105 -13.09 -10.17 18.01
C GLY A 105 -14.37 -9.63 17.41
N ALA A 106 -15.11 -8.89 18.25
CA ALA A 106 -16.41 -8.35 17.86
C ALA A 106 -16.75 -7.16 18.76
N GLY A 107 -17.61 -6.26 18.25
CA GLY A 107 -17.85 -5.01 18.94
C GLY A 107 -19.27 -4.51 18.83
N ALA A 108 -19.54 -3.42 19.56
CA ALA A 108 -20.85 -2.78 19.57
C ALA A 108 -20.73 -1.34 20.04
N HIS A 109 -21.72 -0.52 19.68
CA HIS A 109 -21.85 0.86 20.13
C HIS A 109 -22.64 0.94 21.44
N GLY A 110 -22.45 2.03 22.16
CA GLY A 110 -23.19 2.22 23.39
C GLY A 110 -23.00 3.61 23.95
N ILE A 111 -23.40 3.76 25.22
CA ILE A 111 -23.38 5.05 25.90
C ILE A 111 -22.69 4.88 27.25
N PHE A 112 -21.80 5.82 27.58
CA PHE A 112 -21.25 5.90 28.93
C PHE A 112 -21.87 7.09 29.65
N THR A 113 -22.26 6.88 30.91
CA THR A 113 -22.87 7.92 31.75
C THR A 113 -22.02 8.10 33.00
N SER A 114 -21.49 9.30 33.20
CA SER A 114 -20.77 9.60 34.43
C SER A 114 -21.73 9.69 35.61
N TYR A 115 -21.31 9.18 36.77
CA TYR A 115 -22.14 9.25 37.96
C TYR A 115 -21.95 10.54 38.74
N GLY A 116 -21.02 11.42 38.35
CA GLY A 116 -20.85 12.65 39.09
C GLY A 116 -19.90 13.61 38.39
N ASP A 117 -19.67 14.74 39.05
CA ASP A 117 -18.69 15.74 38.62
C ASP A 117 -17.36 15.37 39.29
N TRP A 118 -16.45 14.80 38.51
CA TRP A 118 -15.18 14.29 39.03
C TRP A 118 -14.03 15.27 38.81
N SER A 119 -14.33 16.55 38.67
CA SER A 119 -13.29 17.55 38.46
C SER A 119 -12.32 17.64 39.63
N ASN A 120 -12.68 17.08 40.79
CA ASN A 120 -11.76 17.09 41.92
C ASN A 120 -10.60 16.12 41.74
N ILE A 121 -10.71 15.15 40.83
CA ILE A 121 -9.61 14.25 40.55
C ILE A 121 -9.14 14.31 39.11
N THR A 122 -9.96 14.81 38.18
CA THR A 122 -9.54 14.82 36.79
C THR A 122 -10.23 15.96 36.05
N ALA A 123 -9.46 16.61 35.17
CA ALA A 123 -10.04 17.57 34.24
C ALA A 123 -10.69 16.91 33.03
N ALA A 124 -10.76 15.58 32.98
CA ALA A 124 -11.32 14.90 31.81
C ALA A 124 -12.79 15.30 31.62
N SER A 125 -13.10 15.80 30.43
CA SER A 125 -14.43 16.35 30.18
C SER A 125 -15.52 15.29 30.30
N PHE A 126 -15.27 14.06 29.82
CA PHE A 126 -16.34 13.08 29.88
C PHE A 126 -16.68 12.65 31.30
N LEU A 127 -15.90 13.07 32.30
CA LEU A 127 -16.18 12.81 33.71
C LEU A 127 -16.55 14.09 34.44
N GLY A 128 -16.97 15.12 33.70
CA GLY A 128 -17.09 16.46 34.25
C GLY A 128 -18.42 16.82 34.88
N ALA A 129 -19.45 16.00 34.72
CA ALA A 129 -20.76 16.37 35.26
C ALA A 129 -21.58 15.11 35.47
N LYS A 130 -22.38 15.12 36.54
CA LYS A 130 -23.29 14.03 36.82
C LYS A 130 -24.22 13.80 35.63
N ASP A 131 -24.42 12.52 35.28
CA ASP A 131 -25.33 12.11 34.21
C ASP A 131 -24.90 12.62 32.83
N LYS A 132 -23.66 13.04 32.67
CA LYS A 132 -23.15 13.38 31.36
C LYS A 132 -22.91 12.13 30.54
N GLN A 133 -23.41 12.12 29.31
CA GLN A 133 -23.39 10.92 28.47
C GLN A 133 -22.42 11.10 27.31
N THR A 134 -21.64 10.07 27.05
CA THR A 134 -20.66 10.06 25.97
C THR A 134 -20.85 8.77 25.16
N PRO A 135 -20.91 8.85 23.84
CA PRO A 135 -20.98 7.62 23.03
C PRO A 135 -19.69 6.83 23.15
N VAL A 136 -19.82 5.52 23.03
CA VAL A 136 -18.67 4.61 23.10
C VAL A 136 -18.78 3.57 22.00
N PHE A 137 -17.64 2.98 21.66
CA PHE A 137 -17.58 1.70 20.97
C PHE A 137 -16.59 0.83 21.72
N VAL A 138 -16.94 -0.45 21.86
CA VAL A 138 -16.11 -1.42 22.55
C VAL A 138 -15.88 -2.61 21.61
N ARG A 139 -14.64 -3.05 21.49
CA ARG A 139 -14.31 -4.28 20.76
C ARG A 139 -13.66 -5.25 21.73
N PHE A 140 -14.23 -6.45 21.84
CA PHE A 140 -13.67 -7.54 22.63
C PHE A 140 -12.97 -8.49 21.68
N SER A 141 -12.04 -9.27 22.21
CA SER A 141 -11.18 -10.04 21.32
C SER A 141 -10.44 -11.09 22.15
N THR A 142 -9.95 -12.12 21.45
CA THR A 142 -8.84 -12.92 21.95
C THR A 142 -7.56 -12.23 21.49
N VAL A 143 -6.40 -12.92 21.57
CA VAL A 143 -5.10 -12.31 21.32
C VAL A 143 -4.35 -13.02 20.19
N ALA A 144 -4.17 -14.34 20.32
CA ALA A 144 -3.22 -15.05 19.47
C ALA A 144 -3.83 -15.45 18.13
N GLY A 145 -5.08 -15.89 18.12
CA GLY A 145 -5.64 -16.46 16.90
C GLY A 145 -5.83 -15.43 15.80
N SER A 146 -5.74 -15.91 14.56
CA SER A 146 -6.05 -15.11 13.37
C SER A 146 -7.56 -14.83 13.28
N ARG A 147 -7.94 -14.02 12.30
N ARG A 147 -7.94 -14.13 12.22
CA ARG A 147 -9.35 -13.76 12.06
CA ARG A 147 -9.30 -13.58 12.09
C ARG A 147 -10.06 -15.04 11.67
C ARG A 147 -10.40 -14.62 12.23
N GLY A 148 -11.07 -15.44 12.44
N GLY A 148 -10.15 -15.86 11.82
CA GLY A 148 -11.80 -16.65 12.15
CA GLY A 148 -11.21 -16.84 11.74
C GLY A 148 -11.44 -17.82 13.03
C GLY A 148 -11.16 -17.94 12.78
N SER A 149 -10.41 -17.70 13.86
CA SER A 149 -10.22 -18.69 14.91
C SER A 149 -11.40 -18.65 15.88
N ALA A 150 -11.45 -19.64 16.77
CA ALA A 150 -12.63 -19.82 17.61
C ALA A 150 -12.66 -18.84 18.76
N ASP A 151 -13.87 -18.39 19.11
CA ASP A 151 -14.02 -17.48 20.25
C ASP A 151 -13.59 -18.15 21.56
N THR A 152 -13.89 -19.44 21.73
CA THR A 152 -13.62 -20.12 22.99
C THR A 152 -12.30 -20.87 23.00
N ALA A 153 -11.32 -20.42 22.22
CA ALA A 153 -9.93 -20.76 22.50
C ALA A 153 -9.56 -20.25 23.89
N ARG A 154 -8.59 -20.89 24.53
CA ARG A 154 -8.05 -20.39 25.79
C ARG A 154 -7.04 -19.29 25.49
N ASP A 155 -7.27 -18.10 26.06
CA ASP A 155 -6.43 -16.95 25.73
C ASP A 155 -6.76 -15.81 26.69
N VAL A 156 -5.84 -14.85 26.76
CA VAL A 156 -6.19 -13.54 27.29
C VAL A 156 -7.19 -12.91 26.34
N HIS A 157 -8.04 -12.02 26.87
CA HIS A 157 -9.08 -11.40 26.06
C HIS A 157 -8.96 -9.87 26.08
N GLY A 158 -9.06 -9.27 24.90
CA GLY A 158 -9.06 -7.81 24.81
C GLY A 158 -10.39 -7.20 25.21
N PHE A 159 -10.34 -5.94 25.64
CA PHE A 159 -11.49 -5.20 26.18
C PHE A 159 -11.18 -3.72 25.94
N ALA A 160 -11.40 -3.26 24.71
CA ALA A 160 -11.00 -1.93 24.28
C ALA A 160 -12.22 -1.04 24.12
N THR A 161 -12.21 0.11 24.80
CA THR A 161 -13.32 1.05 24.84
C THR A 161 -12.85 2.37 24.27
N ARG A 162 -13.60 2.92 23.30
CA ARG A 162 -13.38 4.29 22.84
C ARG A 162 -14.48 5.16 23.43
N PHE A 163 -14.07 6.26 24.07
CA PHE A 163 -14.99 7.33 24.48
C PHE A 163 -14.88 8.45 23.44
N TYR A 164 -15.99 8.73 22.75
CA TYR A 164 -16.02 9.85 21.80
C TYR A 164 -16.37 11.14 22.56
N THR A 165 -15.38 11.64 23.30
CA THR A 165 -15.67 12.78 24.18
C THR A 165 -15.69 14.07 23.39
N ASP A 166 -16.27 15.10 23.99
CA ASP A 166 -16.29 16.39 23.32
C ASP A 166 -14.94 17.12 23.41
N GLU A 167 -13.90 16.46 23.94
CA GLU A 167 -12.53 16.97 23.87
C GLU A 167 -11.61 15.92 23.25
N GLY A 168 -12.10 15.17 22.27
CA GLY A 168 -11.31 14.19 21.57
C GLY A 168 -11.65 12.77 21.98
N ASN A 169 -11.10 11.82 21.21
CA ASN A 169 -11.33 10.41 21.48
C ASN A 169 -10.39 9.94 22.59
N PHE A 170 -10.97 9.35 23.63
CA PHE A 170 -10.21 8.72 24.73
C PHE A 170 -10.42 7.22 24.64
N ASP A 171 -9.33 6.47 24.48
CA ASP A 171 -9.38 5.01 24.42
C ASP A 171 -8.78 4.44 25.70
N ILE A 172 -9.44 3.46 26.27
CA ILE A 172 -8.86 2.58 27.28
C ILE A 172 -8.72 1.23 26.59
N VAL A 173 -7.49 0.87 26.22
CA VAL A 173 -7.24 -0.35 25.48
C VAL A 173 -6.81 -1.40 26.52
N GLY A 174 -7.78 -2.18 26.99
CA GLY A 174 -7.59 -3.05 28.13
C GLY A 174 -7.76 -4.52 27.80
N ASN A 175 -7.55 -5.35 28.82
CA ASN A 175 -7.73 -6.80 28.72
C ASN A 175 -8.66 -7.26 29.83
N ASN A 176 -9.07 -8.52 29.77
CA ASN A 176 -9.92 -9.07 30.83
C ASN A 176 -9.11 -9.62 31.99
N ILE A 177 -7.82 -9.33 32.05
CA ILE A 177 -6.88 -9.81 33.05
C ILE A 177 -6.02 -8.63 33.48
N PRO A 178 -5.78 -8.42 34.77
CA PRO A 178 -5.21 -7.14 35.23
C PRO A 178 -3.71 -7.02 35.07
N VAL A 179 -3.00 -8.04 34.61
CA VAL A 179 -1.54 -8.05 34.56
C VAL A 179 -1.11 -8.56 33.19
N PHE A 180 0.05 -8.10 32.74
CA PHE A 180 0.56 -8.52 31.44
C PHE A 180 1.84 -9.35 31.57
N PHE A 181 2.16 -10.08 30.49
CA PHE A 181 3.22 -11.09 30.51
C PHE A 181 4.61 -10.50 30.72
N ILE A 182 4.86 -9.28 30.28
CA ILE A 182 6.22 -8.74 30.23
C ILE A 182 6.25 -7.31 30.75
N GLN A 183 7.46 -6.87 31.09
CA GLN A 183 7.69 -5.60 31.77
C GLN A 183 8.22 -4.50 30.86
N ASP A 184 8.68 -4.82 29.65
CA ASP A 184 9.24 -3.84 28.72
C ASP A 184 8.69 -4.10 27.34
N ALA A 185 8.24 -3.03 26.67
CA ALA A 185 7.56 -3.16 25.39
C ALA A 185 8.47 -3.71 24.30
N ILE A 186 9.78 -3.49 24.40
CA ILE A 186 10.68 -4.01 23.39
C ILE A 186 10.60 -5.53 23.30
N ARG A 187 10.07 -6.19 24.34
CA ARG A 187 9.95 -7.64 24.37
C ARG A 187 8.63 -8.15 23.77
N PHE A 188 7.76 -7.27 23.30
CA PHE A 188 6.46 -7.73 22.80
C PHE A 188 6.58 -8.67 21.60
N PRO A 189 7.44 -8.42 20.60
CA PRO A 189 7.55 -9.39 19.49
C PRO A 189 8.04 -10.76 19.93
N ASP A 190 8.87 -10.83 20.98
CA ASP A 190 9.31 -12.12 21.49
C ASP A 190 8.16 -12.89 22.11
N LEU A 191 7.39 -12.23 22.97
CA LEU A 191 6.24 -12.89 23.55
C LEU A 191 5.29 -13.39 22.46
N ILE A 192 4.92 -12.50 21.53
CA ILE A 192 3.89 -12.85 20.56
C ILE A 192 4.39 -13.92 19.59
N HIS A 193 5.66 -13.84 19.16
CA HIS A 193 6.20 -14.88 18.28
C HIS A 193 6.12 -16.25 18.94
N SER A 194 6.43 -16.33 20.25
CA SER A 194 6.48 -17.63 20.91
C SER A 194 5.09 -18.23 21.11
N VAL A 195 4.05 -17.41 21.26
N VAL A 195 4.06 -17.39 21.26
CA VAL A 195 2.71 -17.94 21.47
CA VAL A 195 2.70 -17.87 21.48
C VAL A 195 1.91 -18.10 20.18
C VAL A 195 1.97 -18.15 20.17
N LYS A 196 2.27 -17.39 19.11
CA LYS A 196 1.64 -17.59 17.82
C LYS A 196 2.20 -18.86 17.17
N PRO A 197 1.59 -19.35 16.08
CA PRO A 197 1.98 -20.67 15.54
C PRO A 197 3.45 -20.74 15.14
N SER A 198 4.00 -21.94 15.26
CA SER A 198 5.39 -22.19 14.89
C SER A 198 5.63 -21.72 13.45
N PRO A 199 6.72 -21.00 13.19
CA PRO A 199 6.85 -20.34 11.89
C PRO A 199 7.20 -21.26 10.73
N ASP A 200 7.52 -22.55 10.98
CA ASP A 200 7.77 -23.46 9.87
C ASP A 200 6.47 -24.02 9.29
N ASN A 201 5.56 -24.53 10.13
CA ASN A 201 4.32 -25.12 9.62
C ASN A 201 3.06 -24.35 9.99
N GLU A 202 3.19 -23.22 10.70
CA GLU A 202 2.05 -22.46 11.22
C GLU A 202 1.07 -23.33 11.99
N VAL A 203 1.60 -24.08 12.95
CA VAL A 203 0.83 -24.88 13.91
C VAL A 203 1.32 -24.51 15.30
N PRO A 204 0.46 -24.39 16.33
CA PRO A 204 -1.00 -24.56 16.41
C PRO A 204 -1.76 -23.24 16.37
N GLN A 205 -3.02 -23.28 15.92
CA GLN A 205 -3.84 -22.09 15.83
C GLN A 205 -4.40 -21.72 17.20
N ALA A 206 -4.29 -20.45 17.56
CA ALA A 206 -5.01 -19.90 18.71
C ALA A 206 -4.78 -20.71 19.99
N ALA A 207 -3.51 -20.90 20.35
CA ALA A 207 -3.22 -21.75 21.49
C ALA A 207 -1.80 -21.52 21.99
N THR A 208 -1.65 -21.65 23.30
CA THR A 208 -0.33 -21.65 23.95
C THR A 208 0.18 -23.07 24.23
N ALA A 209 -0.58 -24.10 23.86
CA ALA A 209 -0.19 -25.48 24.16
C ALA A 209 0.82 -25.98 23.12
N HIS A 210 2.03 -25.44 23.19
CA HIS A 210 3.10 -25.89 22.29
C HIS A 210 4.45 -25.39 22.83
N ASP A 211 5.51 -25.98 22.29
CA ASP A 211 6.86 -25.88 22.88
C ASP A 211 7.32 -24.43 23.05
N SER A 212 7.19 -23.63 21.99
CA SER A 212 7.84 -22.33 22.02
C SER A 212 7.19 -21.41 23.04
N ALA A 213 5.89 -21.55 23.27
CA ALA A 213 5.20 -20.68 24.23
C ALA A 213 5.68 -20.96 25.65
N TRP A 214 5.77 -22.24 26.02
CA TRP A 214 6.21 -22.61 27.35
C TRP A 214 7.71 -22.51 27.51
N ASP A 215 8.45 -22.52 26.40
CA ASP A 215 9.86 -22.14 26.47
C ASP A 215 9.99 -20.68 26.88
N PHE A 216 9.21 -19.80 26.25
CA PHE A 216 9.23 -18.39 26.62
C PHE A 216 8.77 -18.16 28.06
N PHE A 217 7.66 -18.80 28.46
CA PHE A 217 7.13 -18.59 29.81
C PHE A 217 8.13 -19.00 30.88
N SER A 218 8.86 -20.09 30.64
CA SER A 218 9.85 -20.54 31.60
C SER A 218 11.17 -19.80 31.49
N SER A 219 11.47 -19.22 30.31
CA SER A 219 12.69 -18.47 30.13
C SER A 219 12.55 -17.00 30.53
N GLN A 220 11.33 -16.49 30.59
CA GLN A 220 11.04 -15.08 30.88
C GLN A 220 10.04 -15.07 32.03
N PRO A 221 10.49 -15.29 33.27
CA PRO A 221 9.57 -15.65 34.35
C PRO A 221 8.56 -14.59 34.73
N SER A 222 8.72 -13.34 34.29
CA SER A 222 7.70 -12.34 34.54
C SER A 222 6.36 -12.74 33.94
N ALA A 223 6.40 -13.65 32.97
CA ALA A 223 5.20 -14.09 32.25
C ALA A 223 4.29 -14.94 33.10
N LEU A 224 4.80 -15.49 34.22
CA LEU A 224 4.05 -16.51 34.96
C LEU A 224 2.77 -15.97 35.57
N HIS A 225 2.72 -14.68 35.90
CA HIS A 225 1.51 -14.17 36.53
C HIS A 225 0.34 -14.12 35.55
N THR A 226 0.53 -13.50 34.38
CA THR A 226 -0.52 -13.51 33.37
C THR A 226 -0.84 -14.94 32.95
N LEU A 227 0.17 -15.81 32.91
CA LEU A 227 -0.04 -17.22 32.60
C LEU A 227 -1.07 -17.83 33.55
N PHE A 228 -0.90 -17.63 34.85
CA PHE A 228 -1.83 -18.23 35.79
C PHE A 228 -3.25 -17.73 35.56
N TRP A 229 -3.42 -16.44 35.29
CA TRP A 229 -4.74 -15.90 35.01
C TRP A 229 -5.35 -16.53 33.75
N ALA A 230 -4.54 -16.71 32.71
CA ALA A 230 -5.05 -17.30 31.48
C ALA A 230 -5.33 -18.78 31.65
N MET A 231 -4.63 -19.45 32.58
CA MET A 231 -4.94 -20.83 32.89
C MET A 231 -6.17 -20.98 33.78
N SER A 232 -6.74 -19.89 34.27
CA SER A 232 -7.92 -19.91 35.10
C SER A 232 -9.16 -19.64 34.24
N GLY A 233 -10.30 -19.36 34.90
CA GLY A 233 -11.53 -19.09 34.18
C GLY A 233 -11.43 -17.91 33.22
N ASN A 234 -10.59 -16.92 33.55
CA ASN A 234 -10.38 -15.77 32.67
C ASN A 234 -9.97 -16.18 31.26
N GLY A 235 -9.36 -17.37 31.09
CA GLY A 235 -8.95 -17.81 29.77
C GLY A 235 -10.09 -18.31 28.91
N ILE A 236 -11.20 -18.73 29.52
CA ILE A 236 -12.32 -19.31 28.79
C ILE A 236 -13.60 -18.70 29.36
N PRO A 237 -13.82 -17.40 29.21
CA PRO A 237 -15.02 -16.78 29.79
C PRO A 237 -16.26 -17.25 29.06
N ARG A 238 -17.38 -17.19 29.77
CA ARG A 238 -18.66 -17.62 29.18
C ARG A 238 -19.09 -16.68 28.06
N SER A 239 -18.83 -15.38 28.20
CA SER A 239 -19.15 -14.40 27.16
C SER A 239 -18.38 -13.12 27.43
N TYR A 240 -18.36 -12.24 26.41
CA TYR A 240 -17.78 -10.91 26.61
C TYR A 240 -18.48 -10.15 27.71
N ARG A 241 -19.79 -10.38 27.88
CA ARG A 241 -20.60 -9.70 28.87
C ARG A 241 -20.31 -10.16 30.28
N HIS A 242 -19.65 -11.30 30.44
CA HIS A 242 -19.32 -11.88 31.74
C HIS A 242 -17.83 -11.77 32.06
N MET A 243 -17.19 -10.70 31.58
CA MET A 243 -15.79 -10.39 31.82
C MET A 243 -15.70 -9.07 32.56
N ASP A 244 -14.74 -9.00 33.50
CA ASP A 244 -14.25 -7.71 33.95
C ASP A 244 -13.19 -7.20 32.97
N GLY A 245 -12.90 -5.91 33.04
CA GLY A 245 -11.89 -5.31 32.21
C GLY A 245 -10.93 -4.46 33.01
N PHE A 246 -9.72 -4.32 32.48
CA PHE A 246 -8.63 -3.63 33.18
C PHE A 246 -7.80 -2.85 32.18
N GLY A 247 -7.41 -1.63 32.57
CA GLY A 247 -6.40 -0.91 31.81
C GLY A 247 -5.00 -1.44 32.02
N ILE A 248 -4.78 -2.19 33.10
CA ILE A 248 -3.51 -2.81 33.48
C ILE A 248 -2.50 -1.78 34.00
N HIS A 249 -2.04 -0.89 33.12
CA HIS A 249 -1.06 0.10 33.52
C HIS A 249 -1.63 1.04 34.57
N THR A 250 -0.73 1.53 35.43
CA THR A 250 -0.99 2.76 36.16
C THR A 250 -0.95 3.93 35.19
N PHE A 251 -2.00 4.75 35.19
CA PHE A 251 -2.03 6.02 34.47
C PHE A 251 -2.05 7.15 35.51
N ARG A 252 -2.27 8.37 35.03
CA ARG A 252 -2.40 9.55 35.88
C ARG A 252 -3.69 10.29 35.55
N LEU A 253 -4.42 10.69 36.58
CA LEU A 253 -5.46 11.70 36.44
C LEU A 253 -4.92 13.04 36.88
N VAL A 254 -5.24 14.09 36.13
CA VAL A 254 -4.67 15.41 36.34
C VAL A 254 -5.81 16.43 36.39
N THR A 255 -5.84 17.25 37.45
CA THR A 255 -6.82 18.32 37.57
C THR A 255 -6.36 19.56 36.78
N GLU A 256 -7.26 20.56 36.72
CA GLU A 256 -6.97 21.81 36.00
C GLU A 256 -5.69 22.47 36.49
N ASP A 257 -5.51 22.57 37.81
CA ASP A 257 -4.31 23.20 38.33
C ASP A 257 -3.07 22.30 38.24
N GLY A 258 -3.20 21.11 37.68
CA GLY A 258 -2.04 20.28 37.42
C GLY A 258 -1.71 19.24 38.47
N LYS A 259 -2.52 19.10 39.51
CA LYS A 259 -2.26 18.08 40.53
C LYS A 259 -2.68 16.71 40.01
N SER A 260 -1.90 15.69 40.36
CA SER A 260 -2.06 14.38 39.77
C SER A 260 -2.27 13.31 40.82
N LYS A 261 -2.90 12.22 40.39
CA LYS A 261 -3.02 10.99 41.17
C LYS A 261 -2.80 9.81 40.24
N LEU A 262 -2.13 8.78 40.75
CA LEU A 262 -1.96 7.56 39.98
C LEU A 262 -3.28 6.79 39.98
N VAL A 263 -3.60 6.16 38.86
CA VAL A 263 -4.91 5.52 38.70
C VAL A 263 -4.76 4.16 38.01
N LYS A 264 -5.58 3.20 38.44
CA LYS A 264 -5.83 1.97 37.70
C LYS A 264 -7.29 1.97 37.26
N TRP A 265 -7.53 1.67 35.97
CA TRP A 265 -8.88 1.59 35.42
C TRP A 265 -9.44 0.18 35.58
N HIS A 266 -10.74 0.10 35.90
CA HIS A 266 -11.45 -1.16 36.11
C HIS A 266 -12.82 -1.10 35.45
N TRP A 267 -13.18 -2.14 34.69
CA TRP A 267 -14.56 -2.34 34.27
C TRP A 267 -15.13 -3.50 35.09
N LYS A 268 -16.24 -3.25 35.80
CA LYS A 268 -16.91 -4.26 36.62
C LYS A 268 -18.21 -4.66 35.93
N THR A 269 -18.27 -5.91 35.44
CA THR A 269 -19.45 -6.33 34.68
C THR A 269 -20.67 -6.45 35.59
N LYS A 270 -21.78 -5.85 35.15
CA LYS A 270 -23.04 -5.95 35.87
C LYS A 270 -23.70 -7.31 35.68
N GLN A 271 -23.27 -8.10 34.71
CA GLN A 271 -23.83 -9.42 34.48
C GLN A 271 -23.17 -10.49 35.35
N GLY A 272 -22.08 -10.16 36.03
CA GLY A 272 -21.30 -11.13 36.78
C GLY A 272 -20.27 -11.87 35.95
N LYS A 273 -19.17 -12.28 36.59
CA LYS A 273 -18.15 -13.06 35.90
C LYS A 273 -18.57 -14.52 35.83
N ALA A 274 -18.38 -15.11 34.65
CA ALA A 274 -18.73 -16.51 34.46
C ALA A 274 -17.76 -17.11 33.46
N ALA A 275 -17.45 -18.40 33.65
CA ALA A 275 -16.47 -19.09 32.82
C ALA A 275 -16.94 -20.50 32.49
N LEU A 276 -16.41 -21.04 31.38
CA LEU A 276 -16.67 -22.40 30.94
C LEU A 276 -15.68 -23.36 31.60
N VAL A 277 -15.74 -24.63 31.22
CA VAL A 277 -14.67 -25.56 31.56
C VAL A 277 -14.00 -25.95 30.25
N TRP A 278 -12.74 -26.37 30.36
CA TRP A 278 -11.90 -26.47 29.16
C TRP A 278 -12.45 -27.53 28.19
N GLU A 279 -12.80 -28.71 28.69
CA GLU A 279 -13.33 -29.75 27.81
C GLU A 279 -14.60 -29.33 27.10
N GLU A 280 -15.35 -28.38 27.68
CA GLU A 280 -16.53 -27.86 27.01
C GLU A 280 -16.15 -26.77 26.00
N ALA A 281 -15.22 -25.89 26.36
CA ALA A 281 -14.77 -24.84 25.45
C ALA A 281 -14.19 -25.42 24.16
N GLN A 282 -13.52 -26.57 24.24
CA GLN A 282 -12.94 -27.21 23.08
C GLN A 282 -14.02 -27.68 22.10
N VAL A 283 -15.05 -28.36 22.61
CA VAL A 283 -16.12 -28.80 21.72
C VAL A 283 -16.83 -27.58 21.13
N LEU A 284 -17.01 -26.53 21.94
CA LEU A 284 -17.66 -25.29 21.49
C LEU A 284 -16.87 -24.62 20.36
N ALA A 285 -15.54 -24.70 20.39
CA ALA A 285 -14.74 -24.11 19.33
C ALA A 285 -15.08 -24.73 17.97
N GLY A 286 -15.44 -26.02 17.96
CA GLY A 286 -15.89 -26.67 16.74
C GLY A 286 -17.37 -26.50 16.45
N LYS A 287 -18.22 -26.59 17.48
CA LYS A 287 -19.66 -26.51 17.25
C LYS A 287 -20.13 -25.08 17.03
N ASN A 288 -19.42 -24.07 17.53
CA ASN A 288 -19.81 -22.68 17.19
C ASN A 288 -18.63 -21.74 17.49
N ALA A 289 -17.77 -21.56 16.48
CA ALA A 289 -16.64 -20.64 16.60
C ALA A 289 -17.08 -19.20 16.84
N ASP A 290 -18.35 -18.87 16.58
CA ASP A 290 -18.85 -17.51 16.77
C ASP A 290 -19.62 -17.32 18.08
N PHE A 291 -19.44 -18.23 19.04
CA PHE A 291 -20.26 -18.25 20.26
C PHE A 291 -20.28 -16.91 20.98
N HIS A 292 -19.12 -16.26 21.11
CA HIS A 292 -19.09 -15.01 21.88
C HIS A 292 -19.65 -13.85 21.08
N ARG A 293 -19.34 -13.76 19.79
CA ARG A 293 -19.84 -12.61 19.05
C ARG A 293 -21.34 -12.73 18.83
N GLN A 294 -21.86 -13.97 18.67
CA GLN A 294 -23.30 -14.15 18.59
C GLN A 294 -23.99 -13.84 19.91
N ASP A 295 -23.41 -14.31 21.02
CA ASP A 295 -23.92 -13.99 22.35
C ASP A 295 -24.12 -12.48 22.53
N LEU A 296 -23.09 -11.70 22.18
CA LEU A 296 -23.17 -10.24 22.35
C LEU A 296 -24.22 -9.65 21.44
N TRP A 297 -24.21 -10.07 20.16
CA TRP A 297 -25.18 -9.58 19.18
C TRP A 297 -26.59 -9.90 19.64
N ASP A 298 -26.81 -11.12 20.15
CA ASP A 298 -28.14 -11.53 20.60
C ASP A 298 -28.58 -10.73 21.81
N ALA A 299 -27.68 -10.55 22.78
CA ALA A 299 -28.03 -9.76 23.96
C ALA A 299 -28.53 -8.38 23.58
N ILE A 300 -27.89 -7.77 22.58
CA ILE A 300 -28.25 -6.40 22.21
C ILE A 300 -29.54 -6.38 21.37
N GLU A 301 -29.69 -7.33 20.44
CA GLU A 301 -30.90 -7.34 19.62
C GLU A 301 -32.14 -7.63 20.46
N SER A 302 -32.00 -8.40 21.53
CA SER A 302 -33.15 -8.77 22.35
C SER A 302 -33.50 -7.72 23.39
N GLY A 303 -32.81 -6.58 23.41
CA GLY A 303 -33.07 -5.57 24.41
C GLY A 303 -32.42 -5.81 25.75
N ASN A 304 -31.51 -6.77 25.86
CA ASN A 304 -30.77 -7.01 27.10
C ASN A 304 -29.34 -6.48 26.99
N ALA A 305 -29.26 -5.18 26.80
CA ALA A 305 -27.96 -4.52 26.65
C ALA A 305 -27.09 -4.77 27.88
N PRO A 306 -25.82 -5.17 27.71
CA PRO A 306 -24.95 -5.37 28.86
C PRO A 306 -24.35 -4.06 29.36
N SER A 307 -24.06 -4.02 30.66
CA SER A 307 -23.44 -2.88 31.31
C SER A 307 -22.23 -3.30 32.14
N TRP A 308 -21.32 -2.35 32.28
CA TRP A 308 -20.18 -2.40 33.19
C TRP A 308 -20.08 -1.06 33.88
N GLU A 309 -19.63 -1.07 35.13
CA GLU A 309 -19.33 0.18 35.82
C GLU A 309 -17.85 0.49 35.67
N LEU A 310 -17.56 1.76 35.42
CA LEU A 310 -16.18 2.24 35.39
C LEU A 310 -15.75 2.54 36.81
N ALA A 311 -14.70 1.88 37.28
CA ALA A 311 -14.19 2.08 38.63
C ALA A 311 -12.70 2.35 38.57
N VAL A 312 -12.21 3.09 39.55
CA VAL A 312 -10.77 3.39 39.63
C VAL A 312 -10.23 3.03 41.01
N GLN A 313 -8.93 2.75 41.04
CA GLN A 313 -8.12 2.86 42.24
C GLN A 313 -7.25 4.11 42.10
N LEU A 314 -7.16 4.89 43.17
CA LEU A 314 -6.38 6.13 43.16
C LEU A 314 -5.26 5.99 44.17
N ILE A 315 -4.05 6.35 43.77
CA ILE A 315 -2.86 6.25 44.60
C ILE A 315 -2.12 7.59 44.59
N ASP A 316 -1.73 8.05 45.78
CA ASP A 316 -0.87 9.23 45.88
C ASP A 316 0.44 9.00 45.10
N GLU A 317 0.93 10.07 44.46
CA GLU A 317 2.20 9.96 43.74
C GLU A 317 3.30 9.46 44.65
N ASP A 318 3.34 9.95 45.90
CA ASP A 318 4.43 9.53 46.79
C ASP A 318 4.28 8.09 47.28
N LYS A 319 3.28 7.33 46.85
CA LYS A 319 3.12 5.95 47.29
C LYS A 319 3.22 4.96 46.13
N ALA A 320 3.89 5.35 45.04
CA ALA A 320 3.99 4.49 43.87
C ALA A 320 4.70 3.17 44.18
N GLN A 321 5.61 3.18 45.15
CA GLN A 321 6.42 2.00 45.48
C GLN A 321 6.13 1.52 46.89
N ALA A 322 4.93 1.82 47.39
CA ALA A 322 4.63 1.63 48.80
C ALA A 322 3.81 0.38 49.11
N TYR A 323 3.44 -0.41 48.12
CA TYR A 323 2.52 -1.52 48.34
C TYR A 323 3.16 -2.88 48.07
N GLY A 324 4.47 -2.99 48.23
CA GLY A 324 5.17 -4.24 48.01
C GLY A 324 5.59 -4.50 46.58
N PHE A 325 5.48 -3.51 45.71
CA PHE A 325 5.87 -3.64 44.31
C PHE A 325 5.88 -2.23 43.74
N ASP A 326 6.35 -2.11 42.50
CA ASP A 326 6.41 -0.83 41.81
C ASP A 326 5.18 -0.67 40.93
N LEU A 327 4.38 0.37 41.18
CA LEU A 327 3.18 0.56 40.38
C LEU A 327 3.49 0.88 38.92
N LEU A 328 4.75 1.09 38.54
CA LEU A 328 5.10 1.15 37.12
C LEU A 328 5.26 -0.24 36.51
N ASP A 329 5.15 -1.28 37.32
CA ASP A 329 5.36 -2.66 36.87
C ASP A 329 4.02 -3.21 36.39
N PRO A 330 3.86 -3.49 35.09
CA PRO A 330 2.57 -3.99 34.60
C PRO A 330 2.33 -5.46 34.85
N THR A 331 3.26 -6.18 35.48
CA THR A 331 3.03 -7.57 35.87
C THR A 331 2.43 -7.69 37.26
N LYS A 332 2.07 -6.58 37.90
CA LYS A 332 1.48 -6.55 39.23
C LYS A 332 0.13 -5.84 39.21
N PHE A 333 -0.80 -6.31 40.04
CA PHE A 333 -2.00 -5.54 40.32
C PHE A 333 -1.98 -5.06 41.76
N LEU A 334 -2.90 -4.15 42.07
CA LEU A 334 -2.97 -3.55 43.40
C LEU A 334 -4.12 -4.18 44.15
N PRO A 335 -3.85 -4.96 45.20
CA PRO A 335 -4.94 -5.57 45.98
C PRO A 335 -5.96 -4.53 46.42
N GLU A 336 -7.24 -4.88 46.26
CA GLU A 336 -8.31 -3.98 46.67
C GLU A 336 -8.30 -3.69 48.17
N GLU A 337 -7.74 -4.60 48.97
CA GLU A 337 -7.58 -4.35 50.39
C GLU A 337 -6.69 -3.14 50.66
N PHE A 338 -5.79 -2.81 49.73
CA PHE A 338 -4.97 -1.62 49.89
C PHE A 338 -5.64 -0.38 49.32
N ALA A 339 -6.37 -0.53 48.21
CA ALA A 339 -7.05 0.60 47.59
C ALA A 339 -8.35 0.15 46.94
N PRO A 340 -9.48 0.49 47.54
CA PRO A 340 -10.76 -0.03 47.07
C PRO A 340 -11.20 0.63 45.77
N LEU A 341 -12.07 -0.07 45.05
CA LEU A 341 -12.58 0.45 43.79
C LEU A 341 -13.57 1.59 44.05
N GLN A 342 -13.46 2.66 43.28
CA GLN A 342 -14.34 3.81 43.40
C GLN A 342 -15.05 4.00 42.07
N VAL A 343 -16.37 3.83 42.05
CA VAL A 343 -17.15 3.82 40.82
C VAL A 343 -17.34 5.24 40.32
N LEU A 344 -17.09 5.47 39.04
CA LEU A 344 -17.21 6.80 38.44
C LEU A 344 -18.40 6.96 37.51
N GLY A 345 -18.83 5.88 36.88
CA GLY A 345 -19.90 5.92 35.89
C GLY A 345 -20.26 4.51 35.44
N GLU A 346 -21.13 4.44 34.43
CA GLU A 346 -21.58 3.16 33.89
C GLU A 346 -21.66 3.24 32.38
N MET A 347 -21.24 2.17 31.73
CA MET A 347 -21.28 2.05 30.28
C MET A 347 -22.27 0.95 29.91
N THR A 348 -23.11 1.21 28.93
CA THR A 348 -24.07 0.24 28.43
C THR A 348 -23.96 0.14 26.91
N LEU A 349 -23.78 -1.08 26.41
CA LEU A 349 -23.65 -1.32 24.97
C LEU A 349 -25.02 -1.73 24.44
N ASN A 350 -25.63 -0.88 23.62
CA ASN A 350 -27.00 -1.12 23.21
C ASN A 350 -27.26 -0.98 21.72
N ARG A 351 -26.24 -0.89 20.87
CA ARG A 351 -26.45 -0.85 19.43
C ARG A 351 -25.42 -1.71 18.72
N ASN A 352 -25.89 -2.65 17.89
CA ASN A 352 -25.02 -3.46 17.07
C ASN A 352 -24.53 -2.66 15.86
N PRO A 353 -23.37 -2.99 15.30
CA PRO A 353 -22.96 -2.33 14.05
C PRO A 353 -23.91 -2.69 12.91
N MET A 354 -23.94 -1.81 11.90
CA MET A 354 -24.69 -2.07 10.68
C MET A 354 -23.84 -2.79 9.64
N ASN A 355 -22.56 -2.44 9.53
CA ASN A 355 -21.62 -3.17 8.69
C ASN A 355 -20.42 -3.52 9.56
N TYR A 356 -20.20 -4.82 9.77
CA TYR A 356 -19.11 -5.23 10.65
C TYR A 356 -17.76 -4.71 10.15
N PHE A 357 -17.52 -4.79 8.84
CA PHE A 357 -16.21 -4.42 8.33
C PHE A 357 -15.95 -2.93 8.52
N ALA A 358 -16.92 -2.10 8.16
CA ALA A 358 -16.69 -0.66 8.20
C ALA A 358 -16.55 -0.15 9.63
N GLU A 359 -17.18 -0.84 10.58
CA GLU A 359 -17.14 -0.42 11.97
C GLU A 359 -16.17 -1.27 12.79
N THR A 360 -16.51 -2.54 13.04
CA THR A 360 -15.72 -3.36 13.95
C THR A 360 -14.32 -3.65 13.39
N GLU A 361 -14.22 -4.09 12.12
CA GLU A 361 -12.89 -4.41 11.58
C GLU A 361 -12.03 -3.16 11.44
N GLN A 362 -12.62 -2.06 10.98
CA GLN A 362 -11.83 -0.89 10.62
C GLN A 362 -11.44 -0.02 11.80
N ILE A 363 -12.04 -0.21 12.98
CA ILE A 363 -11.76 0.72 14.07
C ILE A 363 -10.32 0.54 14.57
N SER A 364 -9.66 1.66 14.89
CA SER A 364 -8.24 1.72 15.20
C SER A 364 -8.03 2.29 16.61
N PHE A 365 -7.91 1.41 17.60
CA PHE A 365 -7.66 1.81 18.97
C PHE A 365 -6.20 2.18 19.19
N GLN A 366 -5.97 3.10 20.13
CA GLN A 366 -4.62 3.54 20.50
C GLN A 366 -4.59 3.97 21.95
N PRO A 367 -3.69 3.43 22.78
CA PRO A 367 -3.49 4.00 24.12
C PRO A 367 -2.94 5.42 24.08
N GLY A 368 -2.37 5.87 22.95
CA GLY A 368 -2.06 7.28 22.73
C GLY A 368 -3.27 8.16 22.47
N HIS A 369 -4.47 7.60 22.37
CA HIS A 369 -5.67 8.42 22.27
C HIS A 369 -5.98 8.91 23.67
N ILE A 370 -5.34 10.00 24.05
CA ILE A 370 -5.44 10.55 25.40
C ILE A 370 -6.02 11.95 25.30
N VAL A 371 -6.62 12.43 26.40
CA VAL A 371 -7.28 13.73 26.42
C VAL A 371 -6.83 14.50 27.66
N ARG A 372 -7.11 15.81 27.65
CA ARG A 372 -6.81 16.65 28.80
C ARG A 372 -7.44 16.08 30.06
N GLY A 373 -6.65 16.02 31.13
CA GLY A 373 -7.08 15.41 32.37
C GLY A 373 -6.55 14.01 32.60
N VAL A 374 -5.90 13.40 31.60
CA VAL A 374 -5.24 12.10 31.73
C VAL A 374 -3.79 12.25 31.29
N ASP A 375 -2.91 11.44 31.87
CA ASP A 375 -1.51 11.43 31.47
C ASP A 375 -0.94 10.03 31.65
N PHE A 376 0.20 9.78 30.99
CA PHE A 376 0.91 8.51 31.04
C PHE A 376 1.77 8.40 32.31
N THR A 377 2.28 7.20 32.55
CA THR A 377 3.33 6.96 33.52
C THR A 377 4.50 6.31 32.79
N GLU A 378 5.61 6.20 33.51
CA GLU A 378 6.87 5.67 33.01
C GLU A 378 6.89 4.14 33.02
N ASP A 379 5.72 3.52 32.89
CA ASP A 379 5.57 2.08 32.74
C ASP A 379 6.20 1.70 31.41
N PRO A 380 7.33 0.99 31.43
CA PRO A 380 8.06 0.72 30.17
C PRO A 380 7.30 -0.13 29.17
N LEU A 381 6.25 -0.83 29.60
CA LEU A 381 5.37 -1.51 28.65
C LEU A 381 4.43 -0.50 27.98
N LEU A 382 3.80 0.36 28.78
CA LEU A 382 2.93 1.40 28.23
C LEU A 382 3.68 2.28 27.24
N GLN A 383 4.92 2.68 27.60
CA GLN A 383 5.68 3.62 26.79
C GLN A 383 5.80 3.17 25.34
N GLY A 384 6.13 1.89 25.14
CA GLY A 384 6.28 1.38 23.78
C GLY A 384 4.98 1.16 23.05
N ARG A 385 3.88 0.91 23.79
CA ARG A 385 2.58 0.80 23.13
C ARG A 385 2.21 2.08 22.42
N LEU A 386 2.51 3.23 23.02
CA LEU A 386 2.18 4.51 22.40
C LEU A 386 2.74 4.62 20.98
N TYR A 387 3.97 4.14 20.79
CA TYR A 387 4.55 4.12 19.46
C TYR A 387 3.88 3.09 18.57
N SER A 388 3.68 1.88 19.11
N SER A 388 3.66 1.87 19.10
CA SER A 388 3.31 0.72 18.29
CA SER A 388 3.32 0.74 18.25
C SER A 388 1.95 0.89 17.64
C SER A 388 1.93 0.89 17.62
N TYR A 389 0.94 1.36 18.39
CA TYR A 389 -0.41 1.40 17.85
C TYR A 389 -0.57 2.47 16.78
N LEU A 390 0.17 3.58 16.86
CA LEU A 390 0.09 4.54 15.77
C LEU A 390 0.73 3.95 14.52
N ASP A 391 1.91 3.36 14.68
CA ASP A 391 2.63 2.83 13.54
C ASP A 391 1.87 1.68 12.87
N THR A 392 1.25 0.79 13.65
CA THR A 392 0.63 -0.39 13.04
C THR A 392 -0.57 -0.01 12.17
N GLN A 393 -1.20 1.14 12.44
CA GLN A 393 -2.32 1.60 11.62
C GLN A 393 -1.90 1.83 10.18
N LEU A 394 -0.64 2.25 9.95
CA LEU A 394 -0.13 2.40 8.59
C LEU A 394 -0.14 1.08 7.83
N ASN A 395 0.05 -0.05 8.53
CA ASN A 395 -0.02 -1.34 7.84
C ASN A 395 -1.46 -1.74 7.58
N ARG A 396 -2.31 -1.68 8.61
N ARG A 396 -2.32 -1.67 8.59
CA ARG A 396 -3.70 -2.11 8.45
CA ARG A 396 -3.69 -2.13 8.44
C ARG A 396 -4.46 -1.23 7.46
C ARG A 396 -4.48 -1.23 7.50
N HIS A 397 -4.22 0.08 7.50
CA HIS A 397 -4.98 1.01 6.67
C HIS A 397 -4.23 1.53 5.45
N ARG A 398 -2.93 1.26 5.31
CA ARG A 398 -2.18 1.63 4.11
C ARG A 398 -2.29 3.11 3.77
N GLY A 399 -2.00 3.96 4.75
CA GLY A 399 -2.09 5.38 4.58
C GLY A 399 -2.25 6.05 5.92
N PRO A 400 -2.06 7.37 5.97
CA PRO A 400 -2.07 8.09 7.25
C PRO A 400 -3.40 8.75 7.61
N ASN A 401 -4.45 8.53 6.83
CA ASN A 401 -5.70 9.25 7.01
C ASN A 401 -6.78 8.40 7.68
N PHE A 402 -6.38 7.34 8.40
CA PHE A 402 -7.34 6.38 8.96
C PHE A 402 -8.23 7.02 10.02
N GLU A 403 -7.78 8.09 10.68
CA GLU A 403 -8.66 8.77 11.61
C GLU A 403 -9.80 9.48 10.90
N GLN A 404 -9.78 9.57 9.57
CA GLN A 404 -10.88 10.13 8.83
C GLN A 404 -12.00 9.11 8.56
N LEU A 405 -11.76 7.82 8.78
CA LEU A 405 -12.80 6.83 8.61
C LEU A 405 -13.95 7.10 9.59
N PRO A 406 -15.21 6.89 9.17
CA PRO A 406 -16.36 7.25 10.03
C PRO A 406 -16.30 6.68 11.45
N ILE A 407 -15.85 5.43 11.61
CA ILE A 407 -15.78 4.83 12.94
C ILE A 407 -14.66 5.41 13.79
N ASN A 408 -13.62 5.99 13.17
CA ASN A 408 -12.53 6.56 13.94
C ASN A 408 -12.68 8.05 14.20
N ARG A 409 -13.60 8.73 13.50
CA ARG A 409 -13.71 10.18 13.60
C ARG A 409 -14.09 10.61 15.01
N PRO A 410 -13.46 11.63 15.56
CA PRO A 410 -13.97 12.27 16.77
C PRO A 410 -15.29 12.99 16.49
N VAL A 411 -16.04 13.28 17.55
CA VAL A 411 -17.21 14.14 17.43
C VAL A 411 -16.91 15.60 17.73
N SER A 412 -15.68 15.93 18.12
CA SER A 412 -15.34 17.26 18.64
C SER A 412 -14.66 18.20 17.65
N GLY A 413 -14.28 17.75 16.45
CA GLY A 413 -13.69 18.71 15.52
C GLY A 413 -12.18 18.61 15.35
N VAL A 414 -11.71 18.59 14.11
CA VAL A 414 -10.29 18.44 13.80
C VAL A 414 -9.83 19.71 13.08
N HIS A 415 -8.82 20.38 13.65
CA HIS A 415 -8.36 21.66 13.12
C HIS A 415 -6.85 21.69 13.27
N ASN A 416 -6.13 21.48 12.16
CA ASN A 416 -4.69 21.55 12.20
C ASN A 416 -4.17 21.78 10.79
N ASN A 417 -2.84 21.79 10.66
CA ASN A 417 -2.16 22.04 9.41
C ASN A 417 -1.74 20.75 8.70
N HIS A 418 -2.33 19.61 9.07
CA HIS A 418 -2.09 18.38 8.33
C HIS A 418 -2.77 18.46 6.96
N ARG A 419 -2.09 17.92 5.94
CA ARG A 419 -2.58 17.97 4.56
C ARG A 419 -2.21 16.70 3.82
N ASP A 420 -2.97 16.44 2.75
CA ASP A 420 -2.61 15.42 1.78
C ASP A 420 -2.65 14.03 2.40
N GLY A 421 -1.81 13.13 1.89
CA GLY A 421 -1.83 11.72 2.28
C GLY A 421 -2.81 10.90 1.47
N GLN A 422 -2.51 9.61 1.35
CA GLN A 422 -3.40 8.64 0.71
C GLN A 422 -4.83 8.74 1.24
N GLY A 423 -5.78 8.84 0.32
CA GLY A 423 -7.19 8.82 0.70
C GLY A 423 -7.67 10.04 1.46
N GLN A 424 -7.03 11.20 1.28
CA GLN A 424 -7.47 12.44 1.91
C GLN A 424 -8.94 12.72 1.57
N ALA A 425 -9.79 12.76 2.61
CA ALA A 425 -11.23 12.83 2.41
C ALA A 425 -11.78 14.24 2.54
N TRP A 426 -10.97 15.22 2.94
CA TRP A 426 -11.47 16.57 3.15
C TRP A 426 -10.84 17.53 2.15
N ILE A 427 -11.39 18.74 2.10
CA ILE A 427 -10.84 19.83 1.30
C ILE A 427 -10.59 21.00 2.24
N HIS A 428 -9.32 21.22 2.60
CA HIS A 428 -8.97 22.24 3.57
C HIS A 428 -9.06 23.64 2.96
N LYS A 429 -9.64 24.57 3.71
CA LYS A 429 -9.79 25.93 3.24
C LYS A 429 -8.58 26.83 3.56
N ASN A 430 -7.91 26.63 4.70
CA ASN A 430 -6.80 27.48 5.13
C ASN A 430 -5.59 27.19 4.25
N ILE A 431 -5.19 28.15 3.41
CA ILE A 431 -4.02 27.91 2.56
C ILE A 431 -2.70 28.22 3.25
N HIS A 432 -2.71 28.81 4.45
CA HIS A 432 -1.47 29.07 5.21
C HIS A 432 -1.34 27.98 6.27
N HIS A 433 -1.02 26.80 5.79
CA HIS A 433 -0.90 25.59 6.59
C HIS A 433 0.44 25.45 7.29
N TYR A 434 0.69 26.35 8.23
CA TYR A 434 1.92 26.32 9.01
C TYR A 434 1.79 27.31 10.16
N SER A 435 2.66 27.14 11.15
N SER A 435 2.60 27.10 11.19
CA SER A 435 2.72 27.99 12.32
CA SER A 435 2.72 28.00 12.32
C SER A 435 4.20 28.16 12.65
C SER A 435 4.21 28.18 12.61
N PRO A 436 4.63 29.35 13.11
CA PRO A 436 3.81 30.56 13.30
C PRO A 436 3.59 31.29 11.97
N SER A 437 2.59 32.18 11.90
CA SER A 437 2.24 32.80 10.63
C SER A 437 1.53 34.11 10.88
N TYR A 438 1.99 35.17 10.21
CA TYR A 438 1.22 36.41 10.14
C TYR A 438 -0.04 36.22 9.28
N LEU A 439 0.10 35.50 8.16
CA LEU A 439 -0.95 35.47 7.13
C LEU A 439 -2.23 34.75 7.59
N ASN A 440 -2.13 33.70 8.42
CA ASN A 440 -3.34 33.04 8.90
C ASN A 440 -3.85 33.62 10.22
N LYS A 441 -3.33 34.77 10.63
CA LYS A 441 -3.74 35.48 11.84
C LYS A 441 -3.51 34.65 13.11
N GLY A 442 -2.62 33.66 13.04
CA GLY A 442 -2.36 32.78 14.17
C GLY A 442 -3.31 31.61 14.31
N TYR A 443 -4.13 31.32 13.30
CA TYR A 443 -5.09 30.23 13.40
C TYR A 443 -4.80 29.15 12.38
N PRO A 444 -4.93 27.85 12.74
CA PRO A 444 -5.31 27.34 14.06
C PRO A 444 -4.28 27.65 15.17
N ALA A 445 -4.76 27.93 16.38
CA ALA A 445 -3.94 28.51 17.42
C ALA A 445 -3.51 27.46 18.44
N GLN A 446 -2.42 27.79 19.15
CA GLN A 446 -1.86 26.88 20.15
C GLN A 446 -2.78 26.84 21.36
N ALA A 447 -2.93 25.64 21.94
CA ALA A 447 -3.70 25.45 23.17
C ALA A 447 -2.84 24.67 24.16
N ASN A 448 -2.86 25.10 25.42
CA ASN A 448 -1.99 24.53 26.45
C ASN A 448 -2.80 24.46 27.74
N GLN A 449 -2.10 24.39 28.89
CA GLN A 449 -2.79 24.19 30.16
C GLN A 449 -3.76 25.34 30.46
N THR A 450 -3.35 26.58 30.19
CA THR A 450 -4.18 27.72 30.57
C THR A 450 -4.98 28.32 29.42
N VAL A 451 -4.65 28.02 28.16
N VAL A 451 -4.67 27.98 28.16
CA VAL A 451 -5.40 28.56 27.03
CA VAL A 451 -5.34 28.54 26.99
C VAL A 451 -5.95 27.40 26.20
C VAL A 451 -5.92 27.42 26.14
N GLY A 452 -7.19 27.55 25.76
CA GLY A 452 -7.83 26.62 24.84
C GLY A 452 -7.98 25.18 25.32
N ARG A 453 -7.90 24.93 26.62
CA ARG A 453 -8.11 23.60 27.19
C ARG A 453 -7.29 22.54 26.45
N GLY A 454 -6.01 22.86 26.27
CA GLY A 454 -5.13 21.92 25.62
C GLY A 454 -4.64 20.83 26.55
N PHE A 455 -4.19 19.74 25.94
CA PHE A 455 -3.49 18.71 26.68
C PHE A 455 -2.24 19.30 27.32
N PHE A 456 -1.87 18.75 28.47
CA PHE A 456 -0.59 19.10 29.06
C PHE A 456 -0.07 17.93 29.86
N THR A 457 1.24 17.72 29.79
CA THR A 457 1.89 16.71 30.59
C THR A 457 1.87 17.13 32.07
N THR A 458 1.70 16.15 32.96
CA THR A 458 1.67 16.38 34.39
C THR A 458 2.81 17.30 34.81
N PRO A 459 2.51 18.47 35.37
CA PRO A 459 3.57 19.46 35.67
C PRO A 459 4.70 18.95 36.55
N GLY A 460 4.43 18.07 37.51
CA GLY A 460 5.51 17.71 38.42
C GLY A 460 6.48 16.66 37.93
N ARG A 461 6.20 16.01 36.80
CA ARG A 461 7.03 14.89 36.36
C ARG A 461 8.46 15.33 36.07
N THR A 462 9.43 14.54 36.55
CA THR A 462 10.85 14.81 36.40
C THR A 462 11.56 13.57 35.89
N ALA A 463 12.72 13.79 35.26
CA ALA A 463 13.64 12.74 34.87
C ALA A 463 14.94 12.90 35.64
N SER A 464 15.54 11.78 36.05
CA SER A 464 16.71 11.85 36.91
C SER A 464 17.60 10.63 36.73
N GLY A 465 18.86 10.85 36.44
CA GLY A 465 19.84 9.79 36.36
C GLY A 465 20.29 9.53 34.93
N VAL A 466 21.02 8.44 34.79
CA VAL A 466 21.72 8.14 33.54
C VAL A 466 20.75 7.53 32.53
N LEU A 467 20.95 7.87 31.26
CA LEU A 467 20.31 7.11 30.18
C LEU A 467 20.75 5.65 30.28
N ASN A 468 19.78 4.74 30.27
CA ASN A 468 20.09 3.34 30.56
C ASN A 468 19.21 2.42 29.72
N ARG A 469 19.75 1.25 29.40
CA ARG A 469 18.99 0.14 28.84
C ARG A 469 18.85 -0.96 29.90
N GLU A 470 18.10 -0.65 30.94
CA GLU A 470 17.91 -1.60 32.03
C GLU A 470 16.48 -1.50 32.56
N LEU A 471 16.16 -2.37 33.51
CA LEU A 471 14.91 -2.31 34.24
C LEU A 471 15.19 -2.05 35.71
N SER A 472 14.35 -1.23 36.33
CA SER A 472 14.44 -0.98 37.75
C SER A 472 14.46 -2.30 38.53
N ALA A 473 15.36 -2.39 39.51
CA ALA A 473 15.40 -3.58 40.35
C ALA A 473 14.11 -3.78 41.14
N THR A 474 13.30 -2.72 41.30
CA THR A 474 11.97 -2.85 41.88
C THR A 474 11.06 -3.77 41.09
N PHE A 475 11.45 -4.14 39.87
CA PHE A 475 10.64 -5.02 39.04
C PHE A 475 10.96 -6.50 39.22
N ASP A 476 11.88 -6.86 40.13
CA ASP A 476 12.52 -8.18 40.08
C ASP A 476 11.67 -9.36 40.55
N ASP A 477 10.58 -9.15 41.28
CA ASP A 477 9.83 -10.27 41.89
C ASP A 477 8.78 -10.78 40.92
N HIS A 478 9.01 -11.98 40.37
CA HIS A 478 8.08 -12.55 39.40
C HIS A 478 7.18 -13.64 39.98
N TYR A 479 7.26 -13.92 41.27
CA TYR A 479 6.57 -15.10 41.80
C TYR A 479 5.54 -14.81 42.89
N THR A 480 5.70 -13.72 43.63
CA THR A 480 4.85 -13.46 44.79
C THR A 480 3.38 -13.28 44.40
N GLN A 481 3.12 -12.49 43.36
CA GLN A 481 1.73 -12.24 42.99
C GLN A 481 1.08 -13.43 42.28
N PRO A 482 1.79 -14.18 41.44
CA PRO A 482 1.21 -15.46 40.98
C PRO A 482 0.80 -16.36 42.13
N ARG A 483 1.61 -16.39 43.20
CA ARG A 483 1.23 -17.16 44.37
C ARG A 483 0.03 -16.52 45.06
N LEU A 484 -0.03 -15.18 45.13
CA LEU A 484 -1.19 -14.52 45.71
C LEU A 484 -2.46 -14.85 44.93
N PHE A 485 -2.37 -14.88 43.61
CA PHE A 485 -3.54 -15.19 42.79
C PHE A 485 -4.01 -16.63 43.01
N PHE A 486 -3.09 -17.59 42.93
CA PHE A 486 -3.47 -18.98 43.14
C PHE A 486 -4.11 -19.18 44.53
N ASN A 487 -3.57 -18.50 45.54
CA ASN A 487 -4.10 -18.60 46.90
C ASN A 487 -5.53 -18.09 47.00
N SER A 488 -5.96 -17.22 46.10
CA SER A 488 -7.22 -16.52 46.21
C SER A 488 -8.35 -17.18 45.41
N LEU A 489 -8.14 -18.38 44.86
CA LEU A 489 -9.19 -19.08 44.14
C LEU A 489 -9.76 -20.19 45.01
N THR A 490 -10.98 -20.61 44.69
CA THR A 490 -11.61 -21.70 45.43
C THR A 490 -10.86 -23.00 45.10
N PRO A 491 -11.04 -24.04 45.93
CA PRO A 491 -10.32 -25.30 45.68
C PRO A 491 -10.50 -25.87 44.29
N VAL A 492 -11.73 -25.94 43.77
CA VAL A 492 -11.92 -26.53 42.44
C VAL A 492 -11.41 -25.56 41.38
N GLU A 493 -11.53 -24.25 41.63
CA GLU A 493 -10.96 -23.25 40.74
C GLU A 493 -9.44 -23.39 40.63
N GLN A 494 -8.76 -23.63 41.76
CA GLN A 494 -7.35 -23.96 41.72
C GLN A 494 -7.10 -25.23 40.89
N GLN A 495 -7.97 -26.23 41.03
CA GLN A 495 -7.79 -27.46 40.26
C GLN A 495 -7.94 -27.20 38.77
N PHE A 496 -8.84 -26.29 38.38
CA PHE A 496 -8.95 -25.93 36.98
C PHE A 496 -7.63 -25.36 36.47
N VAL A 497 -6.95 -24.55 37.29
CA VAL A 497 -5.68 -23.97 36.87
C VAL A 497 -4.62 -25.04 36.69
N ILE A 498 -4.47 -25.91 37.69
CA ILE A 498 -3.53 -27.03 37.58
C ILE A 498 -3.87 -27.91 36.38
N ASN A 499 -5.17 -28.14 36.12
CA ASN A 499 -5.53 -29.02 35.00
C ASN A 499 -5.27 -28.35 33.66
N ALA A 500 -5.40 -27.03 33.58
CA ALA A 500 -5.05 -26.34 32.34
C ALA A 500 -3.56 -26.43 32.08
N ILE A 501 -2.75 -26.21 33.11
CA ILE A 501 -1.29 -26.32 32.96
C ILE A 501 -0.91 -27.74 32.56
N ARG A 502 -1.52 -28.73 33.23
CA ARG A 502 -1.27 -30.13 32.90
C ARG A 502 -1.59 -30.40 31.44
N PHE A 503 -2.76 -29.93 30.99
CA PHE A 503 -3.14 -30.11 29.60
C PHE A 503 -2.12 -29.46 28.67
N GLU A 504 -1.78 -28.20 28.94
CA GLU A 504 -0.89 -27.45 28.04
C GLU A 504 0.53 -28.00 28.08
N ALA A 505 1.12 -28.11 29.26
CA ALA A 505 2.51 -28.55 29.34
C ALA A 505 2.71 -29.95 28.76
N SER A 506 1.68 -30.80 28.79
CA SER A 506 1.80 -32.14 28.23
C SER A 506 1.85 -32.15 26.70
N HIS A 507 1.60 -31.02 26.03
CA HIS A 507 1.85 -30.89 24.60
C HIS A 507 3.30 -30.53 24.28
N VAL A 508 4.12 -30.21 25.29
CA VAL A 508 5.50 -29.79 25.06
C VAL A 508 6.34 -31.04 24.80
N THR A 509 6.90 -31.13 23.59
CA THR A 509 7.70 -32.31 23.27
C THR A 509 9.09 -32.27 23.89
N ASN A 510 9.67 -31.08 24.08
CA ASN A 510 11.04 -31.01 24.59
C ASN A 510 11.04 -31.29 26.09
N GLU A 511 11.79 -32.32 26.50
CA GLU A 511 11.85 -32.74 27.90
C GLU A 511 12.39 -31.64 28.81
N GLN A 512 13.47 -30.95 28.37
CA GLN A 512 14.07 -29.93 29.24
C GLN A 512 13.16 -28.72 29.41
N VAL A 513 12.44 -28.31 28.36
CA VAL A 513 11.48 -27.23 28.53
C VAL A 513 10.50 -27.56 29.65
N LYS A 514 9.98 -28.79 29.65
CA LYS A 514 9.05 -29.21 30.69
C LYS A 514 9.70 -29.13 32.08
N LYS A 515 10.94 -29.60 32.21
CA LYS A 515 11.64 -29.44 33.48
C LYS A 515 11.84 -27.97 33.83
N ASN A 516 12.13 -27.13 32.82
CA ASN A 516 12.26 -25.69 33.07
C ASN A 516 10.95 -25.11 33.60
N VAL A 517 9.82 -25.50 32.98
CA VAL A 517 8.51 -25.05 33.44
C VAL A 517 8.29 -25.49 34.89
N LEU A 518 8.70 -26.71 35.23
CA LEU A 518 8.44 -27.22 36.58
C LEU A 518 9.24 -26.47 37.62
N GLU A 519 10.51 -26.15 37.30
CA GLU A 519 11.32 -25.39 38.24
C GLU A 519 10.72 -24.01 38.50
N GLN A 520 10.17 -23.38 37.46
CA GLN A 520 9.57 -22.06 37.63
C GLN A 520 8.27 -22.13 38.43
N LEU A 521 7.40 -23.10 38.10
CA LEU A 521 6.18 -23.30 38.89
C LEU A 521 6.50 -23.55 40.35
N ASN A 522 7.57 -24.30 40.63
CA ASN A 522 7.94 -24.61 42.00
C ASN A 522 8.35 -23.36 42.78
N LYS A 523 8.80 -22.31 42.09
CA LYS A 523 9.09 -21.06 42.79
C LYS A 523 7.83 -20.35 43.23
N ILE A 524 6.68 -20.70 42.63
CA ILE A 524 5.41 -20.11 43.04
C ILE A 524 4.75 -20.92 44.13
N SER A 525 4.68 -22.24 43.94
CA SER A 525 4.04 -23.12 44.92
C SER A 525 4.55 -24.53 44.70
N ASN A 526 5.07 -25.12 45.78
CA ASN A 526 5.58 -26.49 45.71
C ASN A 526 4.45 -27.47 45.41
N ASP A 527 3.26 -27.25 45.96
CA ASP A 527 2.16 -28.17 45.70
C ASP A 527 1.66 -28.04 44.27
N VAL A 528 1.65 -26.83 43.71
CA VAL A 528 1.29 -26.68 42.31
C VAL A 528 2.27 -27.47 41.43
N ALA A 529 3.58 -27.29 41.69
CA ALA A 529 4.59 -27.98 40.90
C ALA A 529 4.45 -29.50 40.99
N LYS A 530 4.17 -30.01 42.20
CA LYS A 530 4.04 -31.46 42.36
C LYS A 530 2.80 -32.00 41.67
N ARG A 531 1.69 -31.28 41.74
CA ARG A 531 0.49 -31.74 41.05
C ARG A 531 0.65 -31.68 39.53
N VAL A 532 1.32 -30.64 39.02
CA VAL A 532 1.59 -30.58 37.58
C VAL A 532 2.54 -31.70 37.16
N ALA A 533 3.62 -31.89 37.92
CA ALA A 533 4.63 -32.89 37.57
C ALA A 533 4.06 -34.30 37.44
N VAL A 534 3.00 -34.61 38.18
CA VAL A 534 2.36 -35.92 38.05
C VAL A 534 1.96 -36.18 36.61
N ALA A 535 1.26 -35.21 36.00
CA ALA A 535 0.78 -35.40 34.63
C ALA A 535 1.93 -35.55 33.65
N LEU A 536 3.05 -34.90 33.93
CA LEU A 536 4.22 -34.88 33.06
C LEU A 536 5.12 -36.08 33.26
N GLY A 537 4.80 -36.93 34.23
CA GLY A 537 5.66 -38.05 34.55
C GLY A 537 7.02 -37.64 35.08
N LEU A 538 7.11 -36.45 35.66
CA LEU A 538 8.37 -35.92 36.15
C LEU A 538 8.41 -35.97 37.66
N GLU A 539 9.63 -35.92 38.19
CA GLU A 539 9.86 -35.98 39.63
C GLU A 539 9.33 -34.73 40.34
N ALA A 540 8.66 -34.97 41.47
CA ALA A 540 8.24 -33.92 42.39
C ALA A 540 9.44 -33.13 42.89
N PRO A 541 9.55 -31.85 42.54
N PRO A 541 9.55 -31.85 42.54
CA PRO A 541 10.70 -31.06 42.97
CA PRO A 541 10.70 -31.06 42.97
C PRO A 541 10.66 -30.73 44.45
C PRO A 541 10.66 -30.72 44.46
N GLN A 542 11.83 -30.37 45.00
CA GLN A 542 11.95 -29.99 46.40
C GLN A 542 11.41 -28.57 46.60
N PRO A 543 10.88 -28.28 47.79
CA PRO A 543 10.43 -26.90 48.07
C PRO A 543 11.53 -25.88 47.83
N ASP A 544 11.14 -24.74 47.25
CA ASP A 544 12.04 -23.60 47.03
C ASP A 544 11.29 -22.38 47.55
N PRO A 545 11.43 -22.07 48.83
CA PRO A 545 10.40 -21.28 49.52
C PRO A 545 10.60 -19.78 49.54
N THR A 546 11.50 -19.26 48.70
CA THR A 546 11.83 -17.84 48.78
C THR A 546 10.57 -16.97 48.64
N TYR A 547 9.65 -17.34 47.75
CA TYR A 547 8.48 -16.54 47.47
C TYR A 547 7.17 -17.14 48.00
N TYR A 548 7.23 -18.26 48.72
CA TYR A 548 6.00 -18.85 49.24
C TYR A 548 5.34 -17.91 50.25
N HIS A 549 4.01 -17.88 50.25
CA HIS A 549 3.26 -17.14 51.27
C HIS A 549 1.81 -17.58 51.20
N ASN A 550 1.04 -17.20 52.22
CA ASN A 550 -0.35 -17.60 52.36
C ASN A 550 -1.34 -16.47 52.14
N ASN A 551 -0.88 -15.31 51.68
CA ASN A 551 -1.77 -14.17 51.55
C ASN A 551 -2.86 -14.41 50.50
N VAL A 552 -4.00 -13.76 50.70
CA VAL A 552 -5.13 -13.83 49.77
C VAL A 552 -5.64 -12.43 49.49
N THR A 553 -6.42 -12.31 48.42
CA THR A 553 -7.05 -11.04 48.06
C THR A 553 -8.40 -11.34 47.43
N ARG A 554 -9.29 -10.35 47.50
CA ARG A 554 -10.63 -10.47 46.95
C ARG A 554 -10.66 -9.99 45.50
N GLY A 555 -11.71 -10.41 44.79
CA GLY A 555 -11.99 -9.88 43.47
C GLY A 555 -11.31 -10.55 42.31
N VAL A 556 -10.63 -11.68 42.52
CA VAL A 556 -9.96 -12.38 41.42
C VAL A 556 -10.62 -13.71 41.10
N SER A 557 -11.49 -14.21 41.96
CA SER A 557 -12.16 -15.47 41.70
C SER A 557 -13.37 -15.24 40.78
N ILE A 558 -13.79 -16.29 40.10
CA ILE A 558 -15.01 -16.28 39.31
C ILE A 558 -16.10 -17.13 39.96
N PHE A 559 -15.76 -18.34 40.39
CA PHE A 559 -16.74 -19.33 40.81
C PHE A 559 -17.15 -19.22 42.28
N ASN A 560 -16.58 -18.29 43.05
CA ASN A 560 -17.00 -18.14 44.44
C ASN A 560 -18.13 -17.12 44.60
N GLU A 561 -18.86 -16.81 43.53
CA GLU A 561 -19.95 -15.86 43.61
C GLU A 561 -20.97 -16.19 42.54
N SER A 562 -22.24 -16.21 42.91
CA SER A 562 -23.27 -16.51 41.92
C SER A 562 -23.61 -15.26 41.11
N LEU A 563 -24.28 -15.48 39.99
CA LEU A 563 -24.55 -14.40 39.05
C LEU A 563 -25.64 -13.49 39.62
N PRO A 564 -25.55 -12.17 39.39
CA PRO A 564 -26.60 -11.26 39.86
C PRO A 564 -27.86 -11.30 39.00
N THR A 565 -27.84 -11.94 37.84
CA THR A 565 -29.03 -12.05 37.02
C THR A 565 -28.86 -13.23 36.07
N ILE A 566 -29.98 -13.82 35.65
CA ILE A 566 -29.96 -14.90 34.67
C ILE A 566 -30.56 -14.47 33.34
N ALA A 567 -30.92 -13.20 33.18
CA ALA A 567 -31.36 -12.69 31.90
C ALA A 567 -30.38 -13.06 30.80
N THR A 568 -30.92 -13.40 29.62
CA THR A 568 -30.24 -13.87 28.41
C THR A 568 -29.62 -15.26 28.51
N LEU A 569 -29.54 -15.87 29.69
CA LEU A 569 -29.01 -17.22 29.74
C LEU A 569 -29.94 -18.19 29.01
N ARG A 570 -29.35 -19.27 28.48
CA ARG A 570 -29.99 -20.09 27.46
C ARG A 570 -30.34 -21.46 28.00
N VAL A 571 -31.55 -21.92 27.73
CA VAL A 571 -32.04 -23.21 28.19
C VAL A 571 -32.42 -24.04 26.96
N GLY A 572 -31.81 -25.23 26.84
CA GLY A 572 -32.17 -26.17 25.80
C GLY A 572 -33.20 -27.16 26.32
N VAL A 573 -34.35 -27.20 25.68
CA VAL A 573 -35.43 -28.08 26.11
C VAL A 573 -35.46 -29.26 25.15
N LEU A 574 -35.04 -30.42 25.65
CA LEU A 574 -34.99 -31.64 24.86
C LEU A 574 -36.40 -32.24 24.80
N SER A 575 -36.98 -32.34 23.60
CA SER A 575 -38.35 -32.82 23.46
C SER A 575 -38.41 -33.83 22.32
N THR A 576 -39.61 -34.08 21.80
CA THR A 576 -39.79 -35.04 20.71
C THR A 576 -41.08 -34.72 19.97
N THR A 577 -41.14 -35.15 18.69
CA THR A 577 -42.31 -34.94 17.85
C THR A 577 -43.44 -35.94 18.11
N LYS A 578 -43.20 -37.01 18.84
CA LYS A 578 -44.23 -38.02 19.06
C LYS A 578 -44.91 -37.81 20.41
N GLY A 579 -46.23 -37.98 20.43
CA GLY A 579 -46.97 -37.85 21.67
C GLY A 579 -47.25 -36.39 22.04
N GLY A 580 -47.32 -36.14 23.34
CA GLY A 580 -47.67 -34.83 23.85
C GLY A 580 -46.50 -33.98 24.28
N SER A 581 -45.28 -34.42 24.04
CA SER A 581 -44.11 -33.75 24.60
C SER A 581 -44.02 -32.29 24.15
N LEU A 582 -44.31 -32.02 22.89
CA LEU A 582 -44.09 -30.68 22.35
C LEU A 582 -44.98 -29.64 23.02
N ASP A 583 -46.27 -30.00 23.23
CA ASP A 583 -47.19 -29.08 23.90
C ASP A 583 -46.69 -28.71 25.28
N LYS A 584 -46.22 -29.70 26.04
CA LYS A 584 -45.66 -29.42 27.36
C LYS A 584 -44.39 -28.59 27.24
N ALA A 585 -43.55 -28.89 26.25
CA ALA A 585 -42.32 -28.13 26.06
C ALA A 585 -42.60 -26.68 25.72
N LYS A 586 -43.64 -26.44 24.92
CA LYS A 586 -44.02 -25.07 24.60
C LYS A 586 -44.46 -24.30 25.85
N ALA A 587 -45.16 -24.96 26.77
CA ALA A 587 -45.55 -24.30 28.01
C ALA A 587 -44.34 -24.06 28.91
N LEU A 588 -43.42 -25.03 28.96
CA LEU A 588 -42.18 -24.82 29.71
C LEU A 588 -41.41 -23.62 29.18
N LYS A 589 -41.26 -23.53 27.85
CA LYS A 589 -40.53 -22.40 27.27
C LYS A 589 -41.19 -21.07 27.63
N GLU A 590 -42.51 -20.99 27.51
CA GLU A 590 -43.21 -19.74 27.78
C GLU A 590 -42.94 -19.26 29.20
N GLN A 591 -43.08 -20.14 30.19
CA GLN A 591 -42.84 -19.73 31.57
C GLN A 591 -41.38 -19.32 31.78
N LEU A 592 -40.44 -20.05 31.17
CA LEU A 592 -39.02 -19.73 31.34
C LEU A 592 -38.70 -18.39 30.69
N GLU A 593 -39.33 -18.09 29.55
CA GLU A 593 -39.08 -16.81 28.88
C GLU A 593 -39.54 -15.63 29.72
N LYS A 594 -40.60 -15.81 30.53
CA LYS A 594 -41.05 -14.73 31.41
C LYS A 594 -39.93 -14.25 32.32
N ASP A 595 -38.98 -15.12 32.65
CA ASP A 595 -37.85 -14.75 33.49
C ASP A 595 -36.64 -14.27 32.69
N GLY A 596 -36.81 -13.92 31.42
CA GLY A 596 -35.72 -13.38 30.64
C GLY A 596 -34.80 -14.39 29.98
N LEU A 597 -35.12 -15.68 30.04
CA LEU A 597 -34.27 -16.72 29.48
C LEU A 597 -34.54 -16.87 27.97
N LYS A 598 -33.50 -17.22 27.22
CA LYS A 598 -33.64 -17.58 25.81
C LYS A 598 -33.73 -19.10 25.71
N VAL A 599 -34.86 -19.61 25.22
CA VAL A 599 -35.18 -21.02 25.30
C VAL A 599 -35.26 -21.61 23.91
N THR A 600 -34.56 -22.71 23.70
CA THR A 600 -34.57 -23.45 22.44
C THR A 600 -35.22 -24.82 22.69
N VAL A 601 -36.36 -25.08 22.04
CA VAL A 601 -36.99 -26.39 22.06
C VAL A 601 -36.41 -27.24 20.93
N ILE A 602 -35.89 -28.41 21.28
CA ILE A 602 -35.19 -29.29 20.35
C ILE A 602 -36.02 -30.56 20.15
N ALA A 603 -36.06 -31.04 18.91
CA ALA A 603 -36.74 -32.28 18.58
C ALA A 603 -36.16 -32.84 17.28
N GLU A 604 -36.74 -33.94 16.81
CA GLU A 604 -36.16 -34.66 15.68
C GLU A 604 -36.20 -33.82 14.40
N TYR A 605 -37.30 -33.11 14.17
CA TYR A 605 -37.43 -32.23 13.01
C TYR A 605 -38.19 -30.98 13.42
N LEU A 606 -38.20 -30.00 12.53
CA LEU A 606 -38.76 -28.67 12.82
C LEU A 606 -40.29 -28.71 12.75
N ALA A 607 -40.88 -29.46 13.67
CA ALA A 607 -42.32 -29.39 13.83
C ALA A 607 -42.73 -28.01 14.36
N SER A 608 -44.04 -27.79 14.43
CA SER A 608 -44.56 -26.54 14.99
C SER A 608 -44.08 -26.35 16.43
N GLY A 609 -43.45 -25.22 16.70
CA GLY A 609 -42.94 -24.97 18.03
C GLY A 609 -41.55 -25.51 18.30
N VAL A 610 -40.90 -26.14 17.32
CA VAL A 610 -39.54 -26.62 17.47
C VAL A 610 -38.60 -25.57 16.92
N ASP A 611 -37.59 -25.19 17.71
CA ASP A 611 -36.63 -24.16 17.30
C ASP A 611 -35.38 -24.73 16.62
N GLN A 612 -35.05 -26.00 16.85
CA GLN A 612 -33.78 -26.56 16.40
C GLN A 612 -33.86 -28.09 16.41
N THR A 613 -33.23 -28.72 15.41
CA THR A 613 -33.23 -30.18 15.35
C THR A 613 -32.14 -30.76 16.25
N TYR A 614 -32.32 -32.04 16.64
CA TYR A 614 -31.25 -32.74 17.35
C TYR A 614 -29.97 -32.76 16.54
N SER A 615 -30.06 -32.90 15.21
CA SER A 615 -28.86 -32.92 14.40
C SER A 615 -28.08 -31.61 14.53
N ALA A 616 -28.78 -30.49 14.70
CA ALA A 616 -28.16 -29.19 14.78
C ALA A 616 -27.79 -28.78 16.21
N ALA A 617 -28.12 -29.57 17.23
CA ALA A 617 -28.05 -29.14 18.62
C ALA A 617 -26.82 -29.69 19.34
N ASP A 618 -26.39 -28.95 20.36
CA ASP A 618 -25.25 -29.38 21.16
C ASP A 618 -25.35 -28.73 22.52
N ALA A 619 -24.89 -29.46 23.55
CA ALA A 619 -24.93 -28.92 24.90
C ALA A 619 -24.18 -27.59 25.03
N THR A 620 -23.11 -27.39 24.23
CA THR A 620 -22.32 -26.17 24.34
C THR A 620 -23.13 -24.90 24.10
N ALA A 621 -24.27 -25.00 23.41
CA ALA A 621 -25.06 -23.81 23.11
C ALA A 621 -25.92 -23.33 24.27
N PHE A 622 -25.99 -24.08 25.36
CA PHE A 622 -26.94 -23.79 26.43
C PHE A 622 -26.24 -23.73 27.78
N ASP A 623 -26.86 -22.98 28.69
CA ASP A 623 -26.43 -22.92 30.08
C ASP A 623 -27.18 -23.88 30.99
N ALA A 624 -28.32 -24.40 30.55
CA ALA A 624 -29.05 -25.45 31.26
C ALA A 624 -29.71 -26.35 30.23
N VAL A 625 -29.88 -27.62 30.58
CA VAL A 625 -30.48 -28.63 29.69
C VAL A 625 -31.67 -29.25 30.43
N VAL A 626 -32.86 -29.17 29.83
CA VAL A 626 -34.07 -29.66 30.46
C VAL A 626 -34.77 -30.62 29.51
N VAL A 627 -35.04 -31.84 30.00
CA VAL A 627 -35.74 -32.85 29.22
C VAL A 627 -37.25 -32.71 29.46
N ALA A 628 -38.01 -32.44 28.40
CA ALA A 628 -39.45 -32.32 28.51
C ALA A 628 -40.09 -33.69 28.69
N GLU A 629 -41.21 -33.71 29.42
CA GLU A 629 -41.89 -34.97 29.69
C GLU A 629 -42.27 -35.65 28.39
N GLY A 630 -42.04 -36.97 28.32
CA GLY A 630 -42.26 -37.74 27.12
C GLY A 630 -41.03 -37.94 26.25
N ALA A 631 -40.03 -37.06 26.36
CA ALA A 631 -38.84 -37.13 25.52
C ALA A 631 -37.87 -38.22 25.96
N GLU A 632 -38.15 -38.90 27.07
CA GLU A 632 -37.37 -40.08 27.43
C GLU A 632 -37.35 -41.10 26.29
N ARG A 633 -38.34 -41.04 25.41
CA ARG A 633 -38.42 -41.92 24.24
C ARG A 633 -37.16 -41.90 23.37
N VAL A 634 -36.45 -40.78 23.33
CA VAL A 634 -35.31 -40.64 22.43
C VAL A 634 -33.98 -40.92 23.13
N PHE A 635 -34.03 -41.41 24.37
CA PHE A 635 -32.82 -41.68 25.13
C PHE A 635 -32.46 -43.16 25.16
N SER A 636 -33.30 -44.03 24.60
CA SER A 636 -33.01 -45.46 24.53
C SER A 636 -34.02 -46.10 23.59
N GLY A 637 -33.72 -47.34 23.19
CA GLY A 637 -34.64 -48.06 22.33
C GLY A 637 -34.74 -47.45 20.94
N LYS A 638 -35.95 -47.54 20.38
CA LYS A 638 -36.15 -47.15 18.98
C LYS A 638 -35.96 -45.65 18.78
N GLY A 639 -36.57 -44.83 19.65
CA GLY A 639 -36.49 -43.39 19.51
C GLY A 639 -35.08 -42.83 19.49
N ALA A 640 -34.09 -43.59 19.98
CA ALA A 640 -32.72 -43.12 20.08
C ALA A 640 -31.92 -43.36 18.82
N MET A 641 -32.37 -44.28 17.96
CA MET A 641 -31.68 -44.58 16.71
C MET A 641 -32.60 -44.13 15.58
N SER A 642 -32.25 -43.02 14.96
CA SER A 642 -33.08 -42.38 13.94
C SER A 642 -32.17 -41.82 12.87
N PRO A 643 -32.60 -41.85 11.61
CA PRO A 643 -31.78 -41.24 10.56
C PRO A 643 -31.69 -39.73 10.68
N LEU A 644 -32.59 -39.09 11.42
CA LEU A 644 -32.65 -37.63 11.47
C LEU A 644 -31.57 -37.00 12.34
N PHE A 645 -30.84 -37.77 13.15
CA PHE A 645 -29.76 -37.18 13.95
C PHE A 645 -28.72 -38.25 14.22
N PRO A 646 -27.47 -37.85 14.54
CA PRO A 646 -26.44 -38.84 14.84
C PRO A 646 -26.83 -39.73 16.01
N ALA A 647 -26.35 -40.97 15.97
CA ALA A 647 -26.67 -41.95 17.00
C ALA A 647 -26.25 -41.43 18.37
N GLY A 648 -27.17 -41.51 19.33
CA GLY A 648 -26.89 -41.13 20.71
C GLY A 648 -26.98 -39.65 21.02
N ARG A 649 -27.42 -38.82 20.07
CA ARG A 649 -27.28 -37.38 20.25
C ARG A 649 -28.09 -36.83 21.43
N PRO A 650 -29.35 -37.21 21.66
CA PRO A 650 -30.03 -36.72 22.87
C PRO A 650 -29.31 -37.11 24.15
N SER A 651 -28.85 -38.36 24.24
CA SER A 651 -28.08 -38.79 25.41
C SER A 651 -26.79 -38.00 25.55
N GLN A 652 -26.12 -37.72 24.43
CA GLN A 652 -24.84 -37.00 24.49
C GLN A 652 -25.04 -35.57 24.97
N ILE A 653 -26.13 -34.92 24.54
CA ILE A 653 -26.40 -33.56 24.98
C ILE A 653 -26.61 -33.52 26.49
N LEU A 654 -27.40 -34.46 27.02
CA LEU A 654 -27.63 -34.48 28.47
C LEU A 654 -26.36 -34.86 29.23
N THR A 655 -25.56 -35.77 28.67
CA THR A 655 -24.32 -36.19 29.32
C THR A 655 -23.32 -35.05 29.39
N ASP A 656 -23.13 -34.34 28.26
CA ASP A 656 -22.24 -33.17 28.23
C ASP A 656 -22.72 -32.11 29.20
N GLY A 657 -24.01 -31.79 29.15
CA GLY A 657 -24.54 -30.76 30.03
C GLY A 657 -24.26 -31.06 31.50
N TYR A 658 -24.42 -32.33 31.89
CA TYR A 658 -24.15 -32.72 33.27
C TYR A 658 -22.66 -32.64 33.58
N ARG A 659 -21.83 -33.36 32.80
CA ARG A 659 -20.40 -33.43 33.09
C ARG A 659 -19.71 -32.08 33.01
N TRP A 660 -20.29 -31.12 32.30
CA TRP A 660 -19.70 -29.79 32.18
C TRP A 660 -20.22 -28.85 33.27
N GLY A 661 -21.00 -29.36 34.22
CA GLY A 661 -21.37 -28.59 35.40
C GLY A 661 -22.65 -27.80 35.31
N LYS A 662 -23.44 -27.99 34.27
CA LYS A 662 -24.62 -27.17 34.05
C LYS A 662 -25.79 -27.67 34.90
N PRO A 663 -26.73 -26.78 35.22
CA PRO A 663 -28.01 -27.25 35.75
C PRO A 663 -28.67 -28.14 34.71
N VAL A 664 -29.16 -29.31 35.14
CA VAL A 664 -29.85 -30.21 34.23
C VAL A 664 -31.11 -30.73 34.91
N ALA A 665 -32.15 -30.96 34.12
CA ALA A 665 -33.46 -31.25 34.69
C ALA A 665 -34.26 -32.17 33.78
N ALA A 666 -35.33 -32.72 34.34
CA ALA A 666 -36.27 -33.57 33.63
C ALA A 666 -37.64 -33.40 34.27
N VAL A 667 -38.67 -33.18 33.46
CA VAL A 667 -40.02 -32.96 33.95
C VAL A 667 -40.78 -34.29 33.92
N GLY A 668 -41.36 -34.67 35.06
CA GLY A 668 -42.23 -35.83 35.11
C GLY A 668 -41.52 -37.09 34.72
N SER A 669 -42.16 -37.89 33.85
CA SER A 669 -41.61 -39.16 33.43
C SER A 669 -40.27 -39.04 32.71
N ALA A 670 -39.89 -37.83 32.28
CA ALA A 670 -38.59 -37.66 31.65
C ALA A 670 -37.43 -37.96 32.59
N LYS A 671 -37.71 -38.21 33.87
CA LYS A 671 -36.66 -38.61 34.79
C LYS A 671 -35.92 -39.87 34.34
N LYS A 672 -36.53 -40.72 33.49
CA LYS A 672 -35.79 -41.88 33.00
C LYS A 672 -34.59 -41.45 32.16
N ALA A 673 -34.68 -40.31 31.45
CA ALA A 673 -33.51 -39.84 30.69
C ALA A 673 -32.34 -39.57 31.61
N LEU A 674 -32.60 -38.99 32.80
CA LEU A 674 -31.55 -38.82 33.80
C LEU A 674 -31.02 -40.18 34.27
N GLN A 675 -31.91 -41.13 34.56
CA GLN A 675 -31.49 -42.47 34.98
C GLN A 675 -30.67 -43.16 33.88
N SER A 676 -30.98 -42.90 32.61
CA SER A 676 -30.32 -43.60 31.52
C SER A 676 -28.87 -43.19 31.36
N ILE A 677 -28.46 -42.02 31.86
CA ILE A 677 -27.07 -41.61 31.84
C ILE A 677 -26.43 -41.72 33.21
N GLY A 678 -27.11 -42.35 34.16
CA GLY A 678 -26.55 -42.58 35.49
C GLY A 678 -26.62 -41.41 36.44
N VAL A 679 -27.45 -40.41 36.17
CA VAL A 679 -27.56 -39.23 37.01
C VAL A 679 -28.69 -39.44 38.01
N GLU A 680 -28.41 -39.18 39.28
CA GLU A 680 -29.39 -39.27 40.36
C GLU A 680 -30.16 -37.97 40.50
N GLU A 681 -31.41 -38.08 40.95
CA GLU A 681 -32.33 -36.95 40.93
C GLU A 681 -32.11 -35.95 42.06
N LYS A 682 -31.44 -36.34 43.14
CA LYS A 682 -31.23 -35.42 44.25
C LYS A 682 -29.81 -34.84 44.29
N GLU A 683 -29.03 -35.04 43.24
CA GLU A 683 -27.73 -34.41 43.15
C GLU A 683 -27.86 -32.89 43.11
N ALA A 684 -26.78 -32.21 43.49
CA ALA A 684 -26.72 -30.77 43.35
C ALA A 684 -26.78 -30.36 41.88
N GLY A 685 -27.63 -29.39 41.57
CA GLY A 685 -27.78 -28.94 40.20
C GLY A 685 -28.54 -29.88 39.28
N VAL A 686 -29.21 -30.89 39.83
CA VAL A 686 -30.08 -31.79 39.09
C VAL A 686 -31.49 -31.65 39.66
N TYR A 687 -32.45 -31.33 38.79
CA TYR A 687 -33.82 -31.05 39.22
C TYR A 687 -34.80 -31.96 38.49
N ALA A 688 -35.64 -32.64 39.25
CA ALA A 688 -36.68 -33.49 38.69
C ALA A 688 -37.97 -33.20 39.43
N GLY A 689 -39.08 -33.31 38.72
CA GLY A 689 -40.37 -33.12 39.33
C GLY A 689 -41.36 -32.59 38.31
N ALA A 690 -42.40 -31.92 38.82
CA ALA A 690 -43.39 -31.32 37.95
C ALA A 690 -42.84 -30.05 37.32
N GLN A 691 -43.60 -29.53 36.36
CA GLN A 691 -43.13 -28.39 35.56
C GLN A 691 -42.70 -27.22 36.44
N ASP A 692 -43.52 -26.86 37.43
CA ASP A 692 -43.23 -25.64 38.19
C ASP A 692 -41.97 -25.82 39.05
N GLU A 693 -41.81 -26.98 39.69
CA GLU A 693 -40.63 -27.19 40.53
C GLU A 693 -39.36 -27.21 39.70
N VAL A 694 -39.42 -27.74 38.47
CA VAL A 694 -38.25 -27.76 37.61
C VAL A 694 -37.87 -26.34 37.20
N ILE A 695 -38.86 -25.54 36.79
CA ILE A 695 -38.60 -24.16 36.38
C ILE A 695 -37.91 -23.40 37.51
N LYS A 696 -38.45 -23.53 38.73
CA LYS A 696 -37.86 -22.88 39.89
C LYS A 696 -36.46 -23.40 40.16
N GLY A 697 -36.28 -24.73 40.14
CA GLY A 697 -34.96 -25.28 40.38
C GLY A 697 -33.94 -24.87 39.33
N VAL A 698 -34.35 -24.85 38.07
CA VAL A 698 -33.42 -24.50 36.99
C VAL A 698 -33.05 -23.02 37.05
N GLU A 699 -34.02 -22.16 37.44
CA GLU A 699 -33.71 -20.74 37.54
C GLU A 699 -32.75 -20.47 38.69
N GLU A 700 -32.94 -21.16 39.83
CA GLU A 700 -31.98 -21.06 40.93
C GLU A 700 -30.61 -21.55 40.52
N GLY A 701 -30.55 -22.68 39.82
CA GLY A 701 -29.28 -23.27 39.47
C GLY A 701 -28.51 -22.46 38.44
N LEU A 702 -29.23 -21.69 37.62
CA LEU A 702 -28.56 -20.81 36.67
C LEU A 702 -27.78 -19.71 37.38
N LYS A 703 -28.19 -19.34 38.60
CA LYS A 703 -27.43 -18.34 39.33
C LYS A 703 -26.11 -18.90 39.83
N VAL A 704 -26.12 -20.13 40.36
CA VAL A 704 -24.86 -20.81 40.66
C VAL A 704 -24.02 -20.99 39.39
N PHE A 705 -24.69 -21.36 38.29
CA PHE A 705 -24.14 -21.44 36.93
C PHE A 705 -23.33 -22.70 36.64
N LYS A 706 -22.27 -22.97 37.39
CA LYS A 706 -21.51 -24.22 37.27
C LYS A 706 -21.51 -24.97 38.60
N PHE A 707 -21.80 -26.26 38.56
CA PHE A 707 -21.89 -27.05 39.79
C PHE A 707 -20.59 -27.81 39.97
N LEU A 708 -19.70 -27.23 40.78
CA LEU A 708 -18.31 -27.65 40.88
C LEU A 708 -18.12 -28.92 41.69
N GLU A 709 -19.18 -29.44 42.31
CA GLU A 709 -19.12 -30.75 42.95
C GLU A 709 -18.85 -31.87 41.96
N ARG A 710 -19.00 -31.63 40.66
CA ARG A 710 -18.86 -32.66 39.64
C ARG A 710 -17.43 -32.79 39.11
N PHE A 711 -16.46 -32.14 39.74
CA PHE A 711 -15.09 -32.15 39.24
C PHE A 711 -14.14 -32.60 40.34
N ALA A 712 -13.41 -33.67 40.08
CA ALA A 712 -12.53 -34.25 41.08
C ALA A 712 -11.29 -33.38 41.30
N VAL A 713 -10.85 -33.30 42.55
CA VAL A 713 -9.64 -32.58 42.93
C VAL A 713 -8.58 -33.59 43.35
N ASP A 714 -7.32 -33.20 43.20
CA ASP A 714 -6.20 -34.10 43.46
C ASP A 714 -6.30 -34.66 44.88
N GLY A 715 -6.26 -35.99 44.98
CA GLY A 715 -6.42 -36.69 46.24
C GLY A 715 -7.75 -37.40 46.37
N ASP A 716 -8.73 -37.08 45.52
CA ASP A 716 -10.07 -37.64 45.68
C ASP A 716 -10.11 -39.14 45.41
N ASP A 717 -9.28 -39.62 44.48
CA ASP A 717 -9.31 -41.00 44.03
C ASP A 717 -8.44 -41.94 44.87
N GLU A 718 -7.88 -41.45 45.97
CA GLU A 718 -6.91 -42.24 46.72
C GLU A 718 -7.58 -43.30 47.57
N GLU A 719 -6.94 -44.46 47.68
CA GLU A 719 -7.50 -45.63 48.36
C GLU A 719 -6.68 -46.00 49.59
N ASP B 38 35.82 -2.33 -7.48
CA ASP B 38 34.50 -1.87 -7.88
C ASP B 38 33.60 -1.68 -6.65
N ALA B 39 33.18 -0.43 -6.42
CA ALA B 39 32.32 -0.15 -5.26
C ALA B 39 30.97 -0.83 -5.38
N ARG B 40 30.48 -1.03 -6.62
CA ARG B 40 29.23 -1.73 -6.89
C ARG B 40 29.37 -3.27 -6.92
N GLN B 41 30.46 -3.81 -6.37
CA GLN B 41 30.78 -5.24 -6.55
C GLN B 41 29.64 -6.12 -6.04
N ARG B 42 29.12 -5.83 -4.85
CA ARG B 42 28.12 -6.70 -4.24
C ARG B 42 26.78 -6.70 -4.99
N LEU B 43 26.57 -5.76 -5.91
CA LEU B 43 25.29 -5.66 -6.60
C LEU B 43 25.28 -6.45 -7.91
N LYS B 44 26.37 -7.12 -8.28
CA LYS B 44 26.40 -7.82 -9.55
C LYS B 44 25.47 -9.03 -9.55
N GLU B 45 25.22 -9.61 -8.37
CA GLU B 45 24.38 -10.81 -8.29
C GLU B 45 22.90 -10.53 -8.58
N VAL B 46 22.47 -9.27 -8.56
CA VAL B 46 21.09 -8.93 -8.90
C VAL B 46 20.99 -8.26 -10.27
N GLU B 47 22.09 -8.17 -11.00
CA GLU B 47 22.06 -7.58 -12.32
C GLU B 47 21.50 -8.57 -13.34
N VAL B 48 20.66 -8.07 -14.23
CA VAL B 48 19.97 -8.89 -15.22
C VAL B 48 20.36 -8.39 -16.61
N ASP B 49 20.86 -9.31 -17.43
CA ASP B 49 21.32 -9.02 -18.80
C ASP B 49 20.30 -9.60 -19.78
N ASP B 50 19.73 -8.74 -20.62
CA ASP B 50 18.72 -9.18 -21.57
C ASP B 50 19.26 -9.31 -22.99
N ASN B 51 20.54 -8.97 -23.21
CA ASN B 51 21.14 -9.10 -24.53
C ASN B 51 21.13 -10.54 -25.01
N GLY B 52 20.71 -10.74 -26.26
CA GLY B 52 20.69 -12.07 -26.86
C GLY B 52 19.56 -12.98 -26.42
N GLN B 53 18.56 -12.46 -25.72
CA GLN B 53 17.48 -13.29 -25.18
C GLN B 53 16.16 -13.02 -25.90
N PHE B 54 15.23 -13.96 -25.75
CA PHE B 54 13.85 -13.76 -26.16
C PHE B 54 13.05 -13.11 -25.04
N MET B 55 12.08 -12.29 -25.44
CA MET B 55 11.13 -11.68 -24.51
C MET B 55 10.39 -12.75 -23.71
N THR B 56 10.18 -12.47 -22.41
CA THR B 56 9.43 -13.35 -21.53
C THR B 56 8.42 -12.55 -20.72
N THR B 57 7.44 -13.27 -20.14
CA THR B 57 6.64 -12.69 -19.08
C THR B 57 7.48 -12.61 -17.79
N ASP B 58 6.88 -12.04 -16.75
CA ASP B 58 7.52 -11.97 -15.44
C ASP B 58 7.52 -13.30 -14.70
N PHE B 59 6.75 -14.29 -15.16
CA PHE B 59 6.81 -15.64 -14.62
C PHE B 59 7.45 -16.63 -15.58
N GLY B 60 8.23 -16.15 -16.54
CA GLY B 60 8.94 -17.01 -17.46
C GLY B 60 8.09 -17.44 -18.65
N GLY B 61 8.75 -18.02 -19.64
CA GLY B 61 8.08 -18.36 -20.86
C GLY B 61 8.23 -17.27 -21.92
N ASN B 62 8.72 -17.66 -23.08
CA ASN B 62 8.98 -16.72 -24.16
C ASN B 62 7.66 -16.25 -24.78
N ILE B 63 7.63 -14.98 -25.21
CA ILE B 63 6.42 -14.34 -25.72
C ILE B 63 6.74 -13.38 -26.86
N GLU B 64 5.67 -12.91 -27.51
CA GLU B 64 5.66 -11.68 -28.29
C GLU B 64 4.68 -10.73 -27.63
N GLU B 65 4.98 -9.43 -27.65
CA GLU B 65 4.14 -8.47 -26.92
C GLU B 65 4.03 -7.15 -27.68
N GLN B 66 3.94 -7.23 -29.01
CA GLN B 66 3.72 -6.06 -29.85
C GLN B 66 2.31 -5.99 -30.43
N PHE B 67 1.47 -7.01 -30.20
CA PHE B 67 0.09 -7.00 -30.67
C PHE B 67 -0.82 -7.56 -29.58
N SER B 68 -1.94 -6.87 -29.35
CA SER B 68 -2.99 -7.40 -28.50
C SER B 68 -3.72 -8.55 -29.22
N LEU B 69 -4.24 -9.48 -28.43
CA LEU B 69 -5.07 -10.54 -28.96
C LEU B 69 -6.48 -10.02 -29.22
N LYS B 70 -7.00 -10.25 -30.43
CA LYS B 70 -8.24 -9.64 -30.88
C LYS B 70 -9.23 -10.69 -31.37
N ALA B 71 -10.52 -10.41 -31.19
CA ALA B 71 -11.58 -11.28 -31.69
C ALA B 71 -11.94 -10.87 -33.12
N GLY B 72 -11.12 -11.33 -34.06
CA GLY B 72 -11.30 -11.02 -35.46
C GLY B 72 -10.40 -9.88 -35.93
N GLY B 73 -10.39 -9.69 -37.25
CA GLY B 73 -9.42 -8.79 -37.86
C GLY B 73 -9.45 -7.38 -37.30
N ARG B 74 -10.63 -6.77 -37.26
CA ARG B 74 -10.79 -5.42 -36.72
C ARG B 74 -11.59 -5.47 -35.43
N GLY B 75 -11.23 -6.39 -34.53
CA GLY B 75 -12.06 -6.75 -33.41
C GLY B 75 -11.52 -6.24 -32.08
N SER B 76 -12.34 -6.47 -31.05
CA SER B 76 -12.05 -6.07 -29.68
C SER B 76 -10.92 -6.90 -29.08
N THR B 77 -10.24 -6.32 -28.09
CA THR B 77 -9.17 -7.02 -27.38
C THR B 77 -9.76 -7.96 -26.33
N LEU B 78 -9.19 -9.17 -26.27
CA LEU B 78 -9.70 -10.21 -25.38
C LEU B 78 -9.17 -10.04 -23.96
N LEU B 79 -10.06 -10.23 -22.98
CA LEU B 79 -9.64 -10.28 -21.58
C LEU B 79 -8.65 -11.41 -21.32
N GLU B 80 -8.61 -12.44 -22.18
CA GLU B 80 -7.73 -13.58 -21.96
C GLU B 80 -6.31 -13.34 -22.46
N ASP B 81 -6.00 -12.12 -22.93
CA ASP B 81 -4.64 -11.77 -23.31
C ASP B 81 -3.88 -11.45 -22.02
N PHE B 82 -3.35 -12.52 -21.40
CA PHE B 82 -2.53 -12.37 -20.21
C PHE B 82 -1.24 -11.64 -20.52
N ILE B 83 -0.77 -11.71 -21.77
CA ILE B 83 0.48 -11.06 -22.13
C ILE B 83 0.31 -9.55 -22.05
N PHE B 84 -0.73 -9.03 -22.72
CA PHE B 84 -1.06 -7.62 -22.59
C PHE B 84 -1.13 -7.19 -21.12
N ARG B 85 -1.89 -7.92 -20.30
CA ARG B 85 -2.19 -7.41 -18.96
C ARG B 85 -0.99 -7.52 -18.01
N GLN B 86 -0.19 -8.57 -18.10
CA GLN B 86 0.99 -8.59 -17.22
C GLN B 86 1.97 -7.48 -17.60
N LYS B 87 2.06 -7.15 -18.89
CA LYS B 87 2.99 -6.10 -19.33
C LYS B 87 2.48 -4.71 -18.93
N LEU B 88 1.17 -4.47 -19.12
CA LEU B 88 0.62 -3.17 -18.77
C LEU B 88 0.43 -3.02 -17.28
N GLN B 89 0.14 -4.10 -16.54
CA GLN B 89 0.08 -3.98 -15.09
C GLN B 89 1.41 -3.49 -14.54
N HIS B 90 2.52 -4.03 -15.03
CA HIS B 90 3.79 -3.60 -14.48
C HIS B 90 4.05 -2.13 -14.80
N PHE B 91 3.76 -1.72 -16.03
CA PHE B 91 3.90 -0.31 -16.38
C PHE B 91 2.99 0.57 -15.53
N ASP B 92 1.72 0.17 -15.39
CA ASP B 92 0.77 0.99 -14.64
C ASP B 92 1.24 1.22 -13.20
N HIS B 93 2.08 0.34 -12.67
CA HIS B 93 2.49 0.39 -11.27
C HIS B 93 3.96 0.77 -11.09
N GLU B 94 4.55 1.46 -12.07
CA GLU B 94 5.98 1.75 -12.01
C GLU B 94 6.32 2.78 -10.93
N ARG B 95 5.44 3.75 -10.64
CA ARG B 95 5.84 4.87 -9.81
C ARG B 95 5.62 4.60 -8.32
N ILE B 96 6.53 5.15 -7.52
CA ILE B 96 6.42 5.14 -6.05
C ILE B 96 6.44 6.60 -5.60
N PRO B 97 5.93 6.89 -4.41
CA PRO B 97 5.97 8.28 -3.95
C PRO B 97 7.40 8.83 -3.95
N GLU B 98 7.56 10.04 -4.46
CA GLU B 98 8.80 10.80 -4.29
C GLU B 98 9.02 11.10 -2.81
N ARG B 99 10.29 11.31 -2.44
CA ARG B 99 10.63 11.69 -1.08
C ARG B 99 9.87 12.95 -0.68
N VAL B 100 9.49 13.04 0.60
CA VAL B 100 8.66 14.16 1.05
C VAL B 100 9.42 15.48 0.92
N VAL B 101 10.74 15.45 1.09
CA VAL B 101 11.67 16.54 0.80
C VAL B 101 12.87 15.92 0.08
N HIS B 102 13.66 16.78 -0.54
CA HIS B 102 14.81 16.34 -1.34
C HIS B 102 14.39 15.35 -2.45
N ALA B 103 13.19 15.53 -3.03
CA ALA B 103 12.70 14.62 -4.07
C ALA B 103 13.58 14.64 -5.32
N ARG B 104 14.22 15.76 -5.62
CA ARG B 104 15.02 15.93 -6.81
C ARG B 104 16.49 15.76 -6.43
N GLY B 105 17.14 14.75 -6.99
CA GLY B 105 18.52 14.50 -6.62
C GLY B 105 19.15 13.44 -7.49
N ALA B 106 20.45 13.24 -7.28
CA ALA B 106 21.19 12.24 -8.04
C ALA B 106 22.35 11.73 -7.19
N GLY B 107 22.80 10.51 -7.51
CA GLY B 107 23.78 9.85 -6.67
C GLY B 107 24.75 8.99 -7.43
N ALA B 108 25.74 8.47 -6.70
CA ALA B 108 26.78 7.63 -7.27
C ALA B 108 27.48 6.86 -6.16
N HIS B 109 28.20 5.82 -6.57
CA HIS B 109 28.92 4.91 -5.69
C HIS B 109 30.38 5.36 -5.55
N GLY B 110 31.01 4.90 -4.48
CA GLY B 110 32.42 5.19 -4.34
C GLY B 110 33.05 4.45 -3.19
N ILE B 111 34.24 4.91 -2.79
CA ILE B 111 35.04 4.31 -1.74
C ILE B 111 35.49 5.39 -0.76
N PHE B 112 35.32 5.13 0.53
CA PHE B 112 35.95 5.92 1.58
C PHE B 112 37.19 5.21 2.09
N THR B 113 38.27 5.98 2.30
CA THR B 113 39.54 5.49 2.84
C THR B 113 39.89 6.28 4.09
N SER B 114 40.16 5.58 5.18
CA SER B 114 40.54 6.24 6.42
C SER B 114 42.04 6.52 6.43
N TYR B 115 42.40 7.72 6.88
CA TYR B 115 43.81 8.12 6.96
C TYR B 115 44.51 7.62 8.21
N GLY B 116 43.81 6.99 9.15
CA GLY B 116 44.48 6.60 10.37
C GLY B 116 43.67 5.62 11.18
N ASP B 117 44.29 5.15 12.27
CA ASP B 117 43.61 4.37 13.29
C ASP B 117 43.09 5.38 14.30
N TRP B 118 41.79 5.69 14.22
CA TRP B 118 41.18 6.72 15.05
C TRP B 118 40.57 6.18 16.33
N SER B 119 41.04 5.01 16.78
CA SER B 119 40.45 4.36 17.94
C SER B 119 40.57 5.20 19.21
N ASN B 120 41.47 6.19 19.23
CA ASN B 120 41.59 7.05 20.40
C ASN B 120 40.42 8.03 20.53
N ILE B 121 39.67 8.29 19.45
CA ILE B 121 38.49 9.13 19.53
C ILE B 121 37.18 8.37 19.28
N THR B 122 37.23 7.21 18.64
CA THR B 122 35.99 6.53 18.30
C THR B 122 36.25 5.04 18.14
N ALA B 123 35.27 4.24 18.54
CA ALA B 123 35.32 2.80 18.30
C ALA B 123 34.81 2.42 16.91
N ALA B 124 34.51 3.39 16.05
CA ALA B 124 33.86 3.09 14.78
C ALA B 124 34.78 2.25 13.90
N SER B 125 34.28 1.08 13.49
CA SER B 125 35.13 0.15 12.74
C SER B 125 35.70 0.79 11.46
N PHE B 126 34.90 1.55 10.72
CA PHE B 126 35.37 2.09 9.44
C PHE B 126 36.45 3.17 9.58
N LEU B 127 36.73 3.62 10.81
CA LEU B 127 37.81 4.55 11.12
C LEU B 127 38.93 3.86 11.90
N GLY B 128 38.94 2.53 11.92
CA GLY B 128 39.79 1.76 12.82
C GLY B 128 41.18 1.41 12.35
N ALA B 129 41.54 1.70 11.10
CA ALA B 129 42.90 1.44 10.66
C ALA B 129 43.26 2.33 9.47
N LYS B 130 44.54 2.70 9.43
CA LYS B 130 45.09 3.44 8.30
C LYS B 130 44.88 2.68 7.01
N ASP B 131 44.42 3.39 5.98
CA ASP B 131 44.12 2.89 4.64
C ASP B 131 42.92 1.96 4.57
N LYS B 132 42.15 1.83 5.65
CA LYS B 132 40.98 0.98 5.61
C LYS B 132 39.92 1.55 4.66
N GLN B 133 39.38 0.69 3.79
CA GLN B 133 38.46 1.11 2.74
C GLN B 133 37.06 0.60 3.03
N THR B 134 36.07 1.44 2.69
CA THR B 134 34.65 1.17 2.96
C THR B 134 33.86 1.66 1.75
N PRO B 135 32.98 0.83 1.19
CA PRO B 135 32.13 1.30 0.08
C PRO B 135 31.17 2.36 0.57
N VAL B 136 30.89 3.35 -0.30
CA VAL B 136 29.91 4.39 -0.03
C VAL B 136 28.93 4.51 -1.19
N PHE B 137 27.79 5.09 -0.89
CA PHE B 137 26.90 5.69 -1.89
C PHE B 137 26.49 7.07 -1.38
N VAL B 138 26.47 8.05 -2.28
CA VAL B 138 26.15 9.43 -1.96
C VAL B 138 25.01 9.89 -2.85
N ARG B 139 23.97 10.50 -2.27
CA ARG B 139 22.94 11.19 -3.02
C ARG B 139 22.98 12.67 -2.68
N PHE B 140 22.99 13.51 -3.73
CA PHE B 140 22.89 14.96 -3.68
C PHE B 140 21.50 15.38 -4.14
N SER B 141 21.05 16.56 -3.69
CA SER B 141 19.65 16.94 -3.92
C SER B 141 19.44 18.44 -3.66
N THR B 142 18.34 18.96 -4.20
CA THR B 142 17.72 20.16 -3.65
C THR B 142 16.75 19.72 -2.56
N VAL B 143 15.90 20.63 -2.05
CA VAL B 143 14.99 20.32 -0.96
C VAL B 143 13.52 20.50 -1.37
N ALA B 144 13.17 21.68 -1.88
CA ALA B 144 11.75 22.02 -2.03
C ALA B 144 11.10 21.34 -3.24
N GLY B 145 11.77 21.33 -4.39
CA GLY B 145 11.12 20.90 -5.62
C GLY B 145 10.84 19.41 -5.68
N SER B 146 9.82 19.07 -6.48
CA SER B 146 9.40 17.71 -6.77
C SER B 146 10.36 17.04 -7.75
N ARG B 147 10.04 15.80 -8.14
N ARG B 147 10.13 15.76 -8.02
CA ARG B 147 10.97 14.92 -8.84
CA ARG B 147 10.96 15.05 -8.98
C ARG B 147 11.56 15.55 -10.10
C ARG B 147 10.81 15.69 -10.36
N GLY B 148 10.77 16.33 -10.84
N GLY B 148 11.91 16.11 -10.95
CA GLY B 148 11.21 16.82 -12.15
CA GLY B 148 11.85 16.76 -12.25
C GLY B 148 11.58 18.29 -12.19
C GLY B 148 11.89 18.26 -12.21
N SER B 149 11.80 18.88 -11.03
CA SER B 149 12.16 20.29 -10.94
C SER B 149 13.64 20.46 -11.31
N ALA B 150 14.05 21.72 -11.47
CA ALA B 150 15.34 22.03 -12.04
C ALA B 150 16.48 21.91 -11.03
N ASP B 151 17.61 21.36 -11.49
CA ASP B 151 18.78 21.28 -10.60
C ASP B 151 19.20 22.66 -10.11
N THR B 152 19.08 23.69 -10.94
CA THR B 152 19.64 25.01 -10.60
C THR B 152 18.58 25.94 -10.03
N ALA B 153 17.55 25.41 -9.38
CA ALA B 153 16.74 26.22 -8.47
C ALA B 153 17.61 26.69 -7.32
N ARG B 154 17.26 27.84 -6.75
CA ARG B 154 17.96 28.28 -5.55
C ARG B 154 17.42 27.52 -4.34
N ASP B 155 18.28 26.80 -3.62
CA ASP B 155 17.78 26.02 -2.50
C ASP B 155 18.95 25.58 -1.62
N VAL B 156 18.62 25.11 -0.42
CA VAL B 156 19.53 24.26 0.33
C VAL B 156 19.75 23.02 -0.52
N HIS B 157 20.91 22.38 -0.35
CA HIS B 157 21.23 21.16 -1.09
C HIS B 157 21.55 20.01 -0.15
N GLY B 158 20.99 18.83 -0.44
CA GLY B 158 21.30 17.66 0.34
C GLY B 158 22.64 17.04 -0.06
N PHE B 159 23.23 16.32 0.89
CA PHE B 159 24.52 15.67 0.72
C PHE B 159 24.50 14.48 1.69
N ALA B 160 23.95 13.35 1.25
CA ALA B 160 23.73 12.18 2.08
C ALA B 160 24.71 11.07 1.70
N THR B 161 25.46 10.57 2.69
CA THR B 161 26.51 9.59 2.49
C THR B 161 26.20 8.34 3.30
N ARG B 162 26.19 7.19 2.65
CA ARG B 162 26.15 5.91 3.36
C ARG B 162 27.53 5.26 3.34
N PHE B 163 28.03 4.92 4.52
CA PHE B 163 29.19 4.06 4.66
C PHE B 163 28.68 2.62 4.87
N TYR B 164 29.04 1.72 3.95
CA TYR B 164 28.66 0.30 4.08
C TYR B 164 29.74 -0.41 4.90
N THR B 165 29.75 -0.14 6.22
CA THR B 165 30.86 -0.60 7.03
C THR B 165 30.70 -2.06 7.42
N ASP B 166 31.81 -2.67 7.86
CA ASP B 166 31.73 -4.07 8.30
C ASP B 166 31.06 -4.21 9.66
N GLU B 167 30.57 -3.12 10.24
CA GLU B 167 29.77 -3.21 11.46
C GLU B 167 28.43 -2.50 11.27
N GLY B 168 27.89 -2.53 10.05
CA GLY B 168 26.59 -1.98 9.75
C GLY B 168 26.68 -0.74 8.87
N ASN B 169 25.51 -0.31 8.42
CA ASN B 169 25.41 0.89 7.60
C ASN B 169 25.40 2.12 8.50
N PHE B 170 26.27 3.08 8.19
CA PHE B 170 26.33 4.36 8.89
C PHE B 170 26.10 5.46 7.86
N ASP B 171 24.98 6.18 8.01
CA ASP B 171 24.66 7.31 7.14
C ASP B 171 25.01 8.61 7.85
N ILE B 172 25.64 9.53 7.13
CA ILE B 172 25.69 10.94 7.47
C ILE B 172 24.75 11.65 6.51
N VAL B 173 23.58 12.04 7.00
CA VAL B 173 22.54 12.65 6.16
C VAL B 173 22.70 14.15 6.34
N GLY B 174 23.51 14.77 5.48
CA GLY B 174 23.89 16.16 5.61
C GLY B 174 23.36 17.06 4.50
N ASN B 175 23.61 18.37 4.66
CA ASN B 175 23.31 19.40 3.66
C ASN B 175 24.59 20.14 3.26
N ASN B 176 24.49 21.01 2.24
CA ASN B 176 25.64 21.79 1.81
C ASN B 176 25.77 23.12 2.56
N ILE B 177 25.00 23.27 3.63
CA ILE B 177 24.97 24.48 4.45
C ILE B 177 25.08 23.97 5.88
N PRO B 178 25.89 24.59 6.75
CA PRO B 178 26.17 23.99 8.06
C PRO B 178 25.10 24.21 9.12
N VAL B 179 24.03 24.98 8.85
CA VAL B 179 23.02 25.29 9.83
C VAL B 179 21.64 25.04 9.23
N PHE B 180 20.66 24.79 10.10
CA PHE B 180 19.30 24.54 9.66
C PHE B 180 18.34 25.64 10.12
N PHE B 181 17.15 25.65 9.51
CA PHE B 181 16.18 26.73 9.69
C PHE B 181 15.55 26.73 11.08
N ILE B 182 15.41 25.56 11.71
CA ILE B 182 14.56 25.44 12.88
C ILE B 182 15.30 24.69 13.98
N GLN B 183 14.84 24.91 15.21
CA GLN B 183 15.52 24.41 16.39
C GLN B 183 14.84 23.18 17.01
N ASP B 184 13.70 22.74 16.48
CA ASP B 184 12.94 21.62 17.04
C ASP B 184 12.23 20.89 15.91
N ALA B 185 12.39 19.56 15.86
CA ALA B 185 11.91 18.76 14.74
C ALA B 185 10.40 18.87 14.54
N ILE B 186 9.65 19.16 15.60
CA ILE B 186 8.21 19.25 15.48
C ILE B 186 7.79 20.38 14.56
N ARG B 187 8.70 21.31 14.27
CA ARG B 187 8.37 22.43 13.39
C ARG B 187 8.66 22.15 11.92
N PHE B 188 9.27 21.00 11.61
CA PHE B 188 9.60 20.70 10.23
C PHE B 188 8.41 20.79 9.27
N PRO B 189 7.23 20.27 9.58
CA PRO B 189 6.10 20.41 8.63
C PRO B 189 5.71 21.86 8.38
N ASP B 190 5.84 22.72 9.38
CA ASP B 190 5.54 24.13 9.19
C ASP B 190 6.52 24.78 8.23
N LEU B 191 7.81 24.51 8.44
CA LEU B 191 8.83 25.03 7.53
C LEU B 191 8.60 24.53 6.12
N ILE B 192 8.44 23.22 5.97
CA ILE B 192 8.34 22.64 4.65
C ILE B 192 7.06 23.11 3.97
N HIS B 193 5.93 23.13 4.69
CA HIS B 193 4.68 23.60 4.10
C HIS B 193 4.82 25.02 3.58
N SER B 194 5.53 25.88 4.33
CA SER B 194 5.61 27.27 3.94
C SER B 194 6.49 27.48 2.71
N VAL B 195 7.50 26.64 2.54
CA VAL B 195 8.40 26.82 1.39
CA VAL B 195 8.42 26.79 1.40
C VAL B 195 7.89 26.10 0.15
N LYS B 196 7.20 24.97 0.31
CA LYS B 196 6.66 24.24 -0.83
C LYS B 196 5.49 25.04 -1.42
N PRO B 197 4.99 24.65 -2.60
CA PRO B 197 4.04 25.54 -3.31
C PRO B 197 2.76 25.78 -2.51
N SER B 198 2.11 26.90 -2.84
CA SER B 198 0.88 27.26 -2.17
C SER B 198 -0.15 26.14 -2.37
N PRO B 199 -0.85 25.73 -1.32
CA PRO B 199 -1.69 24.53 -1.43
C PRO B 199 -2.98 24.75 -2.22
N ASP B 200 -3.35 26.00 -2.52
CA ASP B 200 -4.54 26.17 -3.35
C ASP B 200 -4.26 25.92 -4.83
N ASN B 201 -3.14 26.44 -5.37
CA ASN B 201 -2.85 26.24 -6.79
C ASN B 201 -1.54 25.53 -7.07
N GLU B 202 -0.80 25.11 -6.05
CA GLU B 202 0.51 24.46 -6.19
C GLU B 202 1.46 25.29 -7.06
N VAL B 203 1.55 26.59 -6.75
CA VAL B 203 2.54 27.53 -7.29
C VAL B 203 3.25 28.18 -6.11
N PRO B 204 4.58 28.45 -6.16
CA PRO B 204 5.57 28.22 -7.20
C PRO B 204 6.41 26.97 -6.97
N GLN B 205 6.87 26.37 -8.06
CA GLN B 205 7.71 25.17 -7.99
C GLN B 205 9.12 25.52 -7.55
N ALA B 206 9.64 24.79 -6.57
CA ALA B 206 11.05 24.77 -6.20
C ALA B 206 11.60 26.18 -5.97
N ALA B 207 10.96 26.91 -5.06
CA ALA B 207 11.31 28.31 -4.88
C ALA B 207 10.76 28.81 -3.56
N THR B 208 11.56 29.63 -2.88
CA THR B 208 11.14 30.33 -1.67
C THR B 208 10.55 31.71 -1.97
N ALA B 209 10.56 32.16 -3.23
CA ALA B 209 10.10 33.51 -3.59
C ALA B 209 8.57 33.58 -3.72
N HIS B 210 7.89 33.35 -2.60
CA HIS B 210 6.44 33.55 -2.51
C HIS B 210 6.09 33.93 -1.08
N ASP B 211 4.83 34.36 -0.88
CA ASP B 211 4.43 34.99 0.38
C ASP B 211 4.65 34.06 1.58
N SER B 212 4.18 32.83 1.49
CA SER B 212 4.17 31.96 2.68
C SER B 212 5.58 31.70 3.22
N ALA B 213 6.56 31.57 2.33
CA ALA B 213 7.93 31.29 2.77
C ALA B 213 8.51 32.44 3.58
N TRP B 214 8.37 33.66 3.08
CA TRP B 214 8.90 34.81 3.78
C TRP B 214 8.01 35.22 4.96
N ASP B 215 6.75 34.81 4.95
CA ASP B 215 5.95 34.86 6.16
C ASP B 215 6.59 34.00 7.25
N PHE B 216 6.91 32.74 6.92
CA PHE B 216 7.51 31.85 7.91
C PHE B 216 8.89 32.34 8.35
N PHE B 217 9.73 32.76 7.41
CA PHE B 217 11.07 33.19 7.76
C PHE B 217 11.04 34.40 8.71
N SER B 218 10.07 35.31 8.52
CA SER B 218 10.00 36.48 9.38
C SER B 218 9.23 36.21 10.67
N SER B 219 8.37 35.18 10.68
CA SER B 219 7.63 34.81 11.87
C SER B 219 8.41 33.84 12.78
N GLN B 220 9.37 33.11 12.22
CA GLN B 220 10.18 32.13 12.93
C GLN B 220 11.65 32.52 12.74
N PRO B 221 12.13 33.54 13.48
CA PRO B 221 13.43 34.15 13.15
C PRO B 221 14.64 33.21 13.26
N SER B 222 14.51 32.05 13.90
CA SER B 222 15.59 31.06 13.86
C SER B 222 16.02 30.77 12.42
N ALA B 223 15.09 30.92 11.47
CA ALA B 223 15.32 30.59 10.08
C ALA B 223 16.29 31.55 9.38
N LEU B 224 16.61 32.70 9.99
CA LEU B 224 17.37 33.71 9.27
C LEU B 224 18.77 33.25 8.91
N HIS B 225 19.38 32.35 9.72
CA HIS B 225 20.76 31.97 9.44
C HIS B 225 20.84 31.13 8.17
N THR B 226 20.14 30.00 8.14
CA THR B 226 20.06 29.21 6.91
C THR B 226 19.60 30.06 5.72
N LEU B 227 18.58 30.91 5.95
CA LEU B 227 18.10 31.76 4.88
C LEU B 227 19.24 32.53 4.22
N PHE B 228 20.13 33.12 5.04
CA PHE B 228 21.25 33.87 4.49
C PHE B 228 22.18 32.97 3.69
N TRP B 229 22.41 31.75 4.16
CA TRP B 229 23.24 30.82 3.42
C TRP B 229 22.62 30.49 2.07
N ALA B 230 21.31 30.21 2.05
CA ALA B 230 20.63 29.85 0.80
C ALA B 230 20.59 31.03 -0.17
N MET B 231 20.61 32.24 0.37
CA MET B 231 20.63 33.46 -0.41
C MET B 231 22.02 33.76 -0.97
N SER B 232 23.06 33.06 -0.49
CA SER B 232 24.43 33.20 -0.96
C SER B 232 24.69 32.17 -2.07
N GLY B 233 25.96 31.99 -2.41
CA GLY B 233 26.30 31.04 -3.47
C GLY B 233 25.97 29.62 -3.10
N ASN B 234 25.83 29.33 -1.80
CA ASN B 234 25.44 27.99 -1.39
C ASN B 234 24.09 27.60 -1.97
N GLY B 235 23.23 28.58 -2.27
CA GLY B 235 21.92 28.26 -2.84
C GLY B 235 21.91 27.95 -4.33
N ILE B 236 22.98 28.29 -5.05
CA ILE B 236 23.07 27.97 -6.48
C ILE B 236 24.47 27.46 -6.83
N PRO B 237 24.87 26.29 -6.35
CA PRO B 237 26.22 25.81 -6.62
C PRO B 237 26.46 25.49 -8.10
N ARG B 238 27.72 25.60 -8.51
CA ARG B 238 28.11 25.22 -9.88
C ARG B 238 27.82 23.74 -10.15
N SER B 239 28.06 22.86 -9.17
CA SER B 239 27.78 21.43 -9.33
C SER B 239 27.82 20.79 -7.95
N TYR B 240 27.40 19.51 -7.89
CA TYR B 240 27.51 18.75 -6.66
C TYR B 240 28.97 18.61 -6.23
N ARG B 241 29.87 18.45 -7.20
CA ARG B 241 31.27 18.25 -6.91
C ARG B 241 31.91 19.49 -6.32
N HIS B 242 31.27 20.66 -6.42
CA HIS B 242 31.79 21.94 -5.95
C HIS B 242 31.08 22.45 -4.69
N MET B 243 30.55 21.55 -3.88
CA MET B 243 29.91 21.87 -2.61
C MET B 243 30.72 21.24 -1.48
N ASP B 244 30.76 21.91 -0.33
CA ASP B 244 31.09 21.22 0.92
C ASP B 244 29.83 20.54 1.48
N GLY B 245 30.01 19.67 2.48
CA GLY B 245 28.89 19.08 3.16
C GLY B 245 29.04 19.16 4.67
N PHE B 246 27.91 19.11 5.36
CA PHE B 246 27.90 19.25 6.82
C PHE B 246 26.88 18.32 7.44
N GLY B 247 27.24 17.72 8.58
CA GLY B 247 26.26 16.98 9.35
C GLY B 247 25.27 17.88 10.09
N ILE B 248 25.65 19.14 10.32
CA ILE B 248 24.89 20.16 11.06
C ILE B 248 24.88 19.87 12.55
N HIS B 249 24.22 18.79 12.97
CA HIS B 249 24.12 18.50 14.38
C HIS B 249 25.48 18.19 14.98
N THR B 250 25.64 18.56 16.23
CA THR B 250 26.63 17.92 17.07
C THR B 250 26.21 16.48 17.34
N PHE B 251 27.12 15.55 17.07
CA PHE B 251 27.01 14.14 17.44
C PHE B 251 28.05 13.86 18.53
N ARG B 252 28.19 12.59 18.91
CA ARG B 252 29.25 12.13 19.79
C ARG B 252 30.06 11.02 19.11
N LEU B 253 31.37 11.06 19.32
CA LEU B 253 32.26 9.93 19.08
C LEU B 253 32.57 9.27 20.42
N VAL B 254 32.58 7.94 20.43
CA VAL B 254 32.71 7.16 21.67
C VAL B 254 33.77 6.09 21.48
N THR B 255 34.70 5.99 22.42
CA THR B 255 35.74 4.97 22.38
C THR B 255 35.23 3.69 23.03
N GLU B 256 36.05 2.64 22.98
CA GLU B 256 35.66 1.34 23.53
C GLU B 256 35.27 1.44 24.99
N ASP B 257 35.99 2.25 25.77
CA ASP B 257 35.74 2.33 27.20
C ASP B 257 34.75 3.43 27.58
N GLY B 258 34.13 4.09 26.59
CA GLY B 258 33.03 4.99 26.86
C GLY B 258 33.37 6.47 26.89
N LYS B 259 34.64 6.84 26.70
CA LYS B 259 35.00 8.24 26.62
C LYS B 259 34.39 8.87 25.36
N SER B 260 33.77 10.04 25.52
CA SER B 260 33.05 10.68 24.43
C SER B 260 33.62 12.05 24.11
N LYS B 261 33.47 12.44 22.86
CA LYS B 261 33.75 13.80 22.42
C LYS B 261 32.58 14.28 21.57
N LEU B 262 32.28 15.57 21.64
CA LEU B 262 31.31 16.15 20.72
C LEU B 262 31.95 16.36 19.36
N VAL B 263 31.19 16.11 18.28
CA VAL B 263 31.74 16.13 16.93
C VAL B 263 30.79 16.83 15.96
N LYS B 264 31.37 17.61 15.05
CA LYS B 264 30.70 18.13 13.87
C LYS B 264 31.35 17.48 12.65
N TRP B 265 30.54 16.93 11.75
CA TRP B 265 31.04 16.33 10.51
C TRP B 265 31.15 17.38 9.41
N HIS B 266 32.22 17.31 8.62
CA HIS B 266 32.49 18.23 7.53
C HIS B 266 32.99 17.44 6.33
N TRP B 267 32.42 17.71 5.16
CA TRP B 267 32.96 17.24 3.88
C TRP B 267 33.60 18.43 3.17
N LYS B 268 34.89 18.33 2.89
CA LYS B 268 35.59 19.40 2.19
C LYS B 268 35.90 18.96 0.77
N THR B 269 35.29 19.63 -0.21
CA THR B 269 35.47 19.25 -1.60
C THR B 269 36.91 19.53 -2.05
N LYS B 270 37.52 18.53 -2.67
CA LYS B 270 38.80 18.73 -3.33
C LYS B 270 38.68 19.41 -4.68
N GLN B 271 37.47 19.60 -5.19
CA GLN B 271 37.29 20.34 -6.44
C GLN B 271 37.21 21.85 -6.24
N GLY B 272 37.10 22.32 -5.00
CA GLY B 272 36.87 23.74 -4.71
C GLY B 272 35.39 24.10 -4.77
N LYS B 273 35.00 25.03 -3.91
CA LYS B 273 33.63 25.52 -3.95
C LYS B 273 33.46 26.51 -5.10
N ALA B 274 32.34 26.38 -5.81
CA ALA B 274 32.05 27.29 -6.93
C ALA B 274 30.54 27.43 -7.05
N ALA B 275 30.10 28.63 -7.40
CA ALA B 275 28.68 28.95 -7.51
C ALA B 275 28.39 29.72 -8.80
N LEU B 276 27.11 29.70 -9.20
CA LEU B 276 26.63 30.50 -10.31
C LEU B 276 26.15 31.86 -9.82
N VAL B 277 25.65 32.68 -10.75
CA VAL B 277 24.91 33.89 -10.42
C VAL B 277 23.45 33.64 -10.79
N TRP B 278 22.54 34.37 -10.12
CA TRP B 278 21.12 34.02 -10.18
C TRP B 278 20.57 34.09 -11.60
N GLU B 279 20.81 35.19 -12.30
CA GLU B 279 20.26 35.36 -13.64
C GLU B 279 20.75 34.26 -14.60
N GLU B 280 21.90 33.63 -14.34
CA GLU B 280 22.35 32.50 -15.15
C GLU B 280 21.67 31.21 -14.70
N ALA B 281 21.52 31.02 -13.39
CA ALA B 281 20.85 29.83 -12.86
C ALA B 281 19.44 29.70 -13.39
N GLN B 282 18.74 30.85 -13.53
CA GLN B 282 17.36 30.84 -14.01
C GLN B 282 17.25 30.31 -15.43
N VAL B 283 18.12 30.79 -16.33
CA VAL B 283 18.06 30.31 -17.71
C VAL B 283 18.47 28.85 -17.78
N LEU B 284 19.49 28.47 -17.00
CA LEU B 284 19.94 27.09 -16.93
C LEU B 284 18.84 26.15 -16.47
N ALA B 285 17.96 26.61 -15.56
CA ALA B 285 16.83 25.79 -15.13
C ALA B 285 15.95 25.40 -16.31
N GLY B 286 15.95 26.20 -17.37
CA GLY B 286 15.14 25.87 -18.54
C GLY B 286 15.93 25.26 -19.67
N LYS B 287 17.18 25.69 -19.83
CA LYS B 287 17.99 25.11 -20.91
C LYS B 287 18.45 23.70 -20.58
N ASN B 288 18.59 23.40 -19.29
CA ASN B 288 19.03 22.07 -18.86
C ASN B 288 18.71 21.75 -17.41
N ALA B 289 17.46 21.40 -17.14
CA ALA B 289 17.04 21.03 -15.79
C ALA B 289 17.95 20.02 -15.14
N ASP B 290 18.68 19.21 -15.93
CA ASP B 290 19.51 18.13 -15.42
C ASP B 290 20.99 18.52 -15.28
N PHE B 291 21.28 19.82 -15.19
CA PHE B 291 22.67 20.28 -15.26
C PHE B 291 23.56 19.59 -14.22
N HIS B 292 23.10 19.46 -12.96
CA HIS B 292 24.01 18.91 -11.94
C HIS B 292 24.15 17.39 -12.06
N ARG B 293 23.04 16.68 -12.26
CA ARG B 293 23.17 15.23 -12.36
C ARG B 293 23.95 14.83 -13.59
N GLN B 294 23.80 15.57 -14.69
CA GLN B 294 24.64 15.34 -15.84
C GLN B 294 26.12 15.60 -15.53
N ASP B 295 26.40 16.69 -14.82
CA ASP B 295 27.77 17.03 -14.47
C ASP B 295 28.43 15.91 -13.66
N LEU B 296 27.72 15.39 -12.66
CA LEU B 296 28.27 14.30 -11.85
C LEU B 296 28.51 13.07 -12.72
N TRP B 297 27.48 12.64 -13.45
CA TRP B 297 27.60 11.49 -14.36
C TRP B 297 28.81 11.63 -15.28
N ASP B 298 28.98 12.80 -15.89
CA ASP B 298 30.05 13.00 -16.87
C ASP B 298 31.43 12.94 -16.21
N ALA B 299 31.57 13.53 -15.04
CA ALA B 299 32.86 13.54 -14.36
C ALA B 299 33.31 12.12 -14.03
N ILE B 300 32.38 11.29 -13.55
CA ILE B 300 32.74 9.94 -13.17
C ILE B 300 33.04 9.12 -14.40
N GLU B 301 32.19 9.21 -15.42
CA GLU B 301 32.37 8.42 -16.64
C GLU B 301 33.68 8.79 -17.32
N SER B 302 34.01 10.07 -17.36
CA SER B 302 35.27 10.50 -17.98
C SER B 302 36.50 10.12 -17.15
N GLY B 303 36.33 9.46 -16.00
CA GLY B 303 37.48 9.15 -15.16
C GLY B 303 37.97 10.32 -14.33
N ASN B 304 37.11 11.29 -14.04
CA ASN B 304 37.47 12.43 -13.20
C ASN B 304 36.66 12.36 -11.92
N ALA B 305 36.80 11.26 -11.20
CA ALA B 305 36.02 11.02 -10.00
C ALA B 305 36.22 12.16 -9.00
N PRO B 306 35.17 12.77 -8.49
CA PRO B 306 35.32 13.80 -7.47
C PRO B 306 35.65 13.17 -6.12
N SER B 307 36.31 13.97 -5.27
CA SER B 307 36.68 13.53 -3.93
C SER B 307 36.31 14.59 -2.91
N TRP B 308 36.18 14.13 -1.66
CA TRP B 308 35.95 14.99 -0.52
C TRP B 308 36.76 14.43 0.64
N GLU B 309 37.33 15.31 1.45
CA GLU B 309 37.89 14.89 2.72
C GLU B 309 36.82 14.89 3.78
N LEU B 310 36.79 13.83 4.58
CA LEU B 310 35.96 13.81 5.78
C LEU B 310 36.76 14.39 6.94
N ALA B 311 36.19 15.41 7.59
CA ALA B 311 36.89 16.11 8.66
C ALA B 311 35.90 16.37 9.79
N VAL B 312 36.45 16.66 10.97
CA VAL B 312 35.67 16.81 12.19
C VAL B 312 36.22 17.97 13.01
N GLN B 313 35.31 18.66 13.70
CA GLN B 313 35.65 19.43 14.89
C GLN B 313 35.30 18.58 16.10
N LEU B 314 36.23 18.52 17.06
CA LEU B 314 36.08 17.72 18.26
C LEU B 314 36.06 18.65 19.47
N ILE B 315 35.03 18.53 20.30
CA ILE B 315 34.83 19.41 21.44
C ILE B 315 34.64 18.56 22.70
N ASP B 316 35.28 18.97 23.79
CA ASP B 316 35.06 18.34 25.08
C ASP B 316 33.61 18.52 25.54
N GLU B 317 33.10 17.52 26.27
CA GLU B 317 31.72 17.59 26.77
C GLU B 317 31.49 18.82 27.67
N ASP B 318 32.48 19.18 28.50
CA ASP B 318 32.23 20.33 29.37
C ASP B 318 32.31 21.67 28.65
N LYS B 319 32.59 21.70 27.34
CA LYS B 319 32.61 22.95 26.59
C LYS B 319 31.40 23.10 25.68
N ALA B 320 30.36 22.28 25.88
CA ALA B 320 29.19 22.31 25.00
C ALA B 320 28.57 23.68 24.92
N GLN B 321 28.73 24.49 25.96
CA GLN B 321 28.12 25.82 25.98
C GLN B 321 29.15 26.94 26.06
N ALA B 322 30.40 26.67 25.70
CA ALA B 322 31.49 27.58 26.00
C ALA B 322 31.83 28.54 24.86
N TYR B 323 31.23 28.42 23.69
CA TYR B 323 31.68 29.17 22.51
C TYR B 323 30.70 30.25 22.09
N GLY B 324 29.92 30.78 23.04
CA GLY B 324 28.97 31.83 22.75
C GLY B 324 27.64 31.35 22.21
N PHE B 325 27.38 30.04 22.22
CA PHE B 325 26.10 29.47 21.83
C PHE B 325 26.04 28.07 22.41
N ASP B 326 24.92 27.40 22.19
CA ASP B 326 24.71 26.03 22.68
C ASP B 326 24.95 25.07 21.53
N LEU B 327 25.85 24.10 21.76
CA LEU B 327 26.18 23.20 20.66
C LEU B 327 25.06 22.21 20.34
N LEU B 328 24.00 22.14 21.14
CA LEU B 328 22.82 21.38 20.75
C LEU B 328 21.90 22.17 19.82
N ASP B 329 22.27 23.42 19.50
CA ASP B 329 21.43 24.30 18.70
C ASP B 329 21.87 24.21 17.24
N PRO B 330 21.06 23.63 16.36
CA PRO B 330 21.47 23.43 14.97
C PRO B 330 21.37 24.67 14.09
N THR B 331 21.04 25.84 14.63
CA THR B 331 21.00 27.05 13.86
C THR B 331 22.30 27.82 13.98
N LYS B 332 23.31 27.18 14.57
CA LYS B 332 24.63 27.75 14.82
C LYS B 332 25.70 26.79 14.34
N PHE B 333 26.76 27.33 13.76
CA PHE B 333 27.95 26.54 13.50
C PHE B 333 29.07 26.98 14.43
N LEU B 334 30.10 26.13 14.55
CA LEU B 334 31.23 26.41 15.42
C LEU B 334 32.33 27.03 14.58
N PRO B 335 32.66 28.30 14.78
CA PRO B 335 33.71 28.94 13.99
C PRO B 335 35.01 28.14 14.08
N GLU B 336 35.67 27.99 12.94
CA GLU B 336 36.86 27.15 12.91
C GLU B 336 38.01 27.74 13.72
N GLU B 337 37.98 29.04 13.99
CA GLU B 337 39.04 29.63 14.80
C GLU B 337 39.04 29.07 16.21
N PHE B 338 37.88 28.61 16.71
CA PHE B 338 37.77 28.00 18.03
C PHE B 338 38.07 26.51 18.04
N ALA B 339 37.91 25.83 16.90
CA ALA B 339 38.12 24.39 16.81
C ALA B 339 38.43 24.02 15.36
N PRO B 340 39.70 23.86 15.02
CA PRO B 340 40.05 23.56 13.62
C PRO B 340 39.70 22.13 13.23
N LEU B 341 39.51 21.95 11.93
CA LEU B 341 39.12 20.66 11.39
C LEU B 341 40.25 19.65 11.53
N GLN B 342 39.90 18.43 11.94
CA GLN B 342 40.81 17.29 11.91
C GLN B 342 40.36 16.34 10.81
N VAL B 343 41.30 15.97 9.94
CA VAL B 343 41.00 15.20 8.73
C VAL B 343 41.09 13.71 9.03
N LEU B 344 39.97 12.99 8.85
CA LEU B 344 39.89 11.57 9.16
C LEU B 344 40.18 10.68 7.97
N GLY B 345 39.87 11.13 6.75
CA GLY B 345 40.03 10.29 5.60
C GLY B 345 39.45 10.98 4.38
N GLU B 346 39.30 10.19 3.30
CA GLU B 346 38.88 10.72 2.01
C GLU B 346 37.90 9.78 1.33
N MET B 347 36.93 10.36 0.64
CA MET B 347 35.92 9.64 -0.13
C MET B 347 36.03 10.04 -1.59
N THR B 348 35.96 9.05 -2.48
CA THR B 348 35.97 9.26 -3.92
C THR B 348 34.76 8.58 -4.51
N LEU B 349 34.00 9.31 -5.33
CA LEU B 349 32.83 8.75 -6.00
C LEU B 349 33.22 8.41 -7.44
N ASN B 350 33.25 7.11 -7.76
CA ASN B 350 33.89 6.67 -9.01
C ASN B 350 33.08 5.66 -9.80
N ARG B 351 31.80 5.45 -9.49
CA ARG B 351 30.99 4.52 -10.26
C ARG B 351 29.58 5.07 -10.34
N ASN B 352 29.06 5.20 -11.55
CA ASN B 352 27.67 5.59 -11.70
C ASN B 352 26.78 4.39 -11.47
N PRO B 353 25.52 4.61 -11.09
CA PRO B 353 24.59 3.48 -10.97
C PRO B 353 24.31 2.90 -12.35
N MET B 354 23.85 1.64 -12.35
CA MET B 354 23.37 0.98 -13.56
C MET B 354 21.91 1.26 -13.84
N ASN B 355 21.06 1.25 -12.80
CA ASN B 355 19.66 1.61 -12.97
C ASN B 355 19.35 2.67 -11.92
N TYR B 356 19.06 3.88 -12.38
CA TYR B 356 18.77 5.00 -11.50
C TYR B 356 17.69 4.64 -10.49
N PHE B 357 16.56 4.10 -10.95
CA PHE B 357 15.45 3.85 -10.02
C PHE B 357 15.86 2.85 -8.96
N ALA B 358 16.49 1.74 -9.38
CA ALA B 358 16.80 0.67 -8.46
C ALA B 358 17.82 1.09 -7.41
N GLU B 359 18.70 2.04 -7.73
CA GLU B 359 19.76 2.45 -6.82
C GLU B 359 19.48 3.84 -6.25
N THR B 360 19.54 4.87 -7.08
CA THR B 360 19.39 6.24 -6.57
C THR B 360 18.00 6.47 -6.00
N GLU B 361 16.95 6.12 -6.74
CA GLU B 361 15.61 6.48 -6.29
C GLU B 361 15.21 5.69 -5.06
N GLN B 362 15.62 4.42 -4.99
CA GLN B 362 15.16 3.55 -3.91
C GLN B 362 16.00 3.61 -2.64
N ILE B 363 17.20 4.19 -2.67
CA ILE B 363 18.04 4.19 -1.47
C ILE B 363 17.35 5.00 -0.37
N SER B 364 17.37 4.47 0.85
CA SER B 364 16.62 5.03 1.98
C SER B 364 17.58 5.42 3.09
N PHE B 365 17.99 6.69 3.10
CA PHE B 365 18.89 7.19 4.12
C PHE B 365 18.16 7.39 5.45
N GLN B 366 18.94 7.32 6.55
CA GLN B 366 18.42 7.51 7.91
C GLN B 366 19.50 8.00 8.86
N PRO B 367 19.27 9.11 9.58
CA PRO B 367 20.21 9.48 10.65
C PRO B 367 20.23 8.48 11.78
N GLY B 368 19.19 7.64 11.89
CA GLY B 368 19.19 6.54 12.82
C GLY B 368 20.05 5.37 12.40
N HIS B 369 20.64 5.41 11.19
CA HIS B 369 21.62 4.42 10.76
C HIS B 369 22.94 4.77 11.43
N ILE B 370 23.13 4.25 12.65
CA ILE B 370 24.30 4.56 13.47
C ILE B 370 24.99 3.25 13.83
N VAL B 371 26.29 3.33 14.14
CA VAL B 371 27.10 2.15 14.44
C VAL B 371 27.81 2.37 15.78
N ARG B 372 28.38 1.28 16.31
CA ARG B 372 29.18 1.37 17.54
C ARG B 372 30.32 2.37 17.35
N GLY B 373 30.54 3.21 18.36
CA GLY B 373 31.49 4.29 18.26
C GLY B 373 30.91 5.64 17.89
N VAL B 374 29.63 5.72 17.56
CA VAL B 374 28.94 6.99 17.37
C VAL B 374 27.69 7.01 18.24
N ASP B 375 27.28 8.21 18.66
CA ASP B 375 26.05 8.34 19.43
C ASP B 375 25.39 9.68 19.11
N PHE B 376 24.14 9.83 19.55
CA PHE B 376 23.40 11.05 19.30
C PHE B 376 23.70 12.10 20.38
N THR B 377 23.17 13.30 20.16
CA THR B 377 23.07 14.31 21.22
C THR B 377 21.61 14.74 21.32
N GLU B 378 21.34 15.52 22.37
CA GLU B 378 20.04 16.07 22.69
C GLU B 378 19.65 17.28 21.81
N ASP B 379 20.26 17.42 20.62
CA ASP B 379 19.81 18.37 19.61
C ASP B 379 18.34 18.06 19.32
N PRO B 380 17.40 18.95 19.69
CA PRO B 380 15.98 18.67 19.45
C PRO B 380 15.58 18.55 17.98
N LEU B 381 16.42 19.01 17.07
CA LEU B 381 16.11 18.82 15.66
C LEU B 381 16.52 17.42 15.21
N LEU B 382 17.74 17.00 15.55
CA LEU B 382 18.17 15.62 15.33
C LEU B 382 17.21 14.62 15.95
N GLN B 383 16.79 14.88 17.19
CA GLN B 383 15.99 13.92 17.96
C GLN B 383 14.77 13.44 17.16
N GLY B 384 14.06 14.37 16.50
CA GLY B 384 12.85 13.99 15.79
C GLY B 384 13.10 13.39 14.42
N ARG B 385 14.20 13.79 13.76
CA ARG B 385 14.61 13.13 12.53
C ARG B 385 14.68 11.61 12.71
N LEU B 386 15.23 11.15 13.83
CA LEU B 386 15.37 9.72 14.05
C LEU B 386 14.05 8.99 13.85
N TYR B 387 12.96 9.53 14.39
CA TYR B 387 11.63 8.98 14.14
C TYR B 387 11.23 9.13 12.68
N SER B 388 11.43 10.31 12.12
CA SER B 388 10.78 10.65 10.86
C SER B 388 11.31 9.83 9.68
N TYR B 389 12.62 9.58 9.62
CA TYR B 389 13.15 8.88 8.44
C TYR B 389 12.77 7.41 8.42
N LEU B 390 12.70 6.77 9.59
CA LEU B 390 12.27 5.38 9.61
C LEU B 390 10.79 5.28 9.23
N ASP B 391 9.97 6.19 9.73
CA ASP B 391 8.54 6.17 9.41
C ASP B 391 8.28 6.44 7.93
N THR B 392 8.95 7.44 7.35
CA THR B 392 8.64 7.82 5.98
C THR B 392 8.97 6.71 4.99
N GLN B 393 9.88 5.79 5.35
CA GLN B 393 10.15 4.68 4.45
C GLN B 393 8.91 3.82 4.29
N LEU B 394 8.03 3.79 5.28
CA LEU B 394 6.80 3.03 5.13
C LEU B 394 5.93 3.61 4.01
N ASN B 395 5.98 4.93 3.81
CA ASN B 395 5.19 5.53 2.73
C ASN B 395 5.85 5.28 1.37
N ARG B 396 7.14 5.57 1.26
N ARG B 396 7.14 5.56 1.27
CA ARG B 396 7.80 5.46 -0.04
CA ARG B 396 7.82 5.47 -0.02
C ARG B 396 7.84 4.02 -0.53
C ARG B 396 7.91 4.04 -0.52
N HIS B 397 8.08 3.07 0.37
CA HIS B 397 8.29 1.68 -0.02
C HIS B 397 7.11 0.76 0.28
N ARG B 398 6.05 1.26 0.93
CA ARG B 398 4.79 0.52 1.11
C ARG B 398 5.01 -0.85 1.77
N GLY B 399 5.87 -0.88 2.78
CA GLY B 399 6.16 -2.11 3.47
C GLY B 399 7.38 -1.93 4.36
N PRO B 400 7.61 -2.88 5.28
CA PRO B 400 8.69 -2.74 6.26
C PRO B 400 10.01 -3.39 5.88
N ASN B 401 10.13 -3.97 4.69
CA ASN B 401 11.33 -4.73 4.34
C ASN B 401 12.22 -3.98 3.36
N PHE B 402 12.12 -2.64 3.36
CA PHE B 402 12.95 -1.83 2.46
C PHE B 402 14.44 -1.99 2.73
N GLU B 403 14.84 -2.38 3.95
CA GLU B 403 16.25 -2.59 4.21
C GLU B 403 16.79 -3.79 3.44
N GLN B 404 15.92 -4.63 2.87
CA GLN B 404 16.32 -5.79 2.08
C GLN B 404 16.56 -5.47 0.61
N LEU B 405 16.22 -4.26 0.16
CA LEU B 405 16.48 -3.91 -1.23
C LEU B 405 18.00 -3.86 -1.45
N PRO B 406 18.49 -4.32 -2.60
CA PRO B 406 19.95 -4.43 -2.77
C PRO B 406 20.71 -3.17 -2.41
N ILE B 407 20.19 -1.98 -2.73
CA ILE B 407 20.92 -0.75 -2.46
C ILE B 407 20.99 -0.43 -0.98
N ASN B 408 20.05 -0.94 -0.18
CA ASN B 408 19.98 -0.67 1.24
C ASN B 408 20.65 -1.73 2.10
N ARG B 409 20.99 -2.88 1.53
CA ARG B 409 21.48 -3.98 2.34
C ARG B 409 22.86 -3.66 2.90
N PRO B 410 23.11 -3.99 4.16
CA PRO B 410 24.47 -3.89 4.68
C PRO B 410 25.31 -4.98 4.07
N VAL B 411 26.62 -4.89 4.28
CA VAL B 411 27.50 -5.99 3.88
C VAL B 411 27.93 -6.83 5.06
N SER B 412 27.44 -6.53 6.27
CA SER B 412 27.92 -7.15 7.49
C SER B 412 26.96 -8.17 8.09
N GLY B 413 25.90 -8.57 7.38
CA GLY B 413 25.13 -9.69 7.88
C GLY B 413 24.01 -9.32 8.86
N VAL B 414 22.81 -9.87 8.65
CA VAL B 414 21.63 -9.52 9.42
C VAL B 414 21.14 -10.77 10.14
N HIS B 415 21.01 -10.70 11.47
CA HIS B 415 20.66 -11.84 12.31
C HIS B 415 19.78 -11.33 13.45
N ASN B 416 18.47 -11.52 13.31
CA ASN B 416 17.54 -11.10 14.35
C ASN B 416 16.29 -11.94 14.20
N ASN B 417 15.29 -11.65 15.02
CA ASN B 417 14.06 -12.44 15.05
C ASN B 417 12.92 -11.77 14.30
N HIS B 418 13.23 -10.79 13.44
CA HIS B 418 12.24 -10.17 12.55
C HIS B 418 11.77 -11.18 11.51
N ARG B 419 10.46 -11.18 11.22
CA ARG B 419 9.89 -12.12 10.28
C ARG B 419 8.75 -11.45 9.51
N ASP B 420 8.45 -12.02 8.34
CA ASP B 420 7.23 -11.72 7.54
C ASP B 420 7.30 -10.29 7.02
N GLY B 421 6.17 -9.61 6.92
CA GLY B 421 6.07 -8.31 6.29
C GLY B 421 6.03 -8.39 4.77
N GLN B 422 5.40 -7.35 4.17
CA GLN B 422 5.32 -7.24 2.72
C GLN B 422 6.67 -7.48 2.07
N GLY B 423 6.66 -8.30 1.02
CA GLY B 423 7.84 -8.54 0.19
C GLY B 423 9.00 -9.22 0.89
N GLN B 424 8.76 -9.97 1.97
CA GLN B 424 9.81 -10.69 2.68
C GLN B 424 10.64 -11.53 1.70
N ALA B 425 11.92 -11.18 1.51
CA ALA B 425 12.71 -11.75 0.44
C ALA B 425 13.63 -12.89 0.87
N TRP B 426 13.68 -13.21 2.17
CA TRP B 426 14.52 -14.29 2.70
C TRP B 426 13.66 -15.41 3.27
N ILE B 427 14.32 -16.52 3.60
CA ILE B 427 13.67 -17.65 4.24
C ILE B 427 14.49 -17.99 5.47
N HIS B 428 13.99 -17.64 6.65
CA HIS B 428 14.73 -17.83 7.88
C HIS B 428 14.73 -19.28 8.30
N LYS B 429 15.88 -19.76 8.78
CA LYS B 429 16.02 -21.13 9.24
C LYS B 429 15.72 -21.29 10.74
N ASN B 430 15.92 -20.25 11.54
CA ASN B 430 15.66 -20.34 12.97
C ASN B 430 14.16 -20.33 13.22
N ILE B 431 13.60 -21.46 13.66
CA ILE B 431 12.16 -21.49 13.96
C ILE B 431 11.83 -20.95 15.35
N HIS B 432 12.83 -20.74 16.21
CA HIS B 432 12.58 -20.19 17.55
C HIS B 432 12.98 -18.72 17.54
N HIS B 433 12.08 -17.92 16.95
CA HIS B 433 12.28 -16.52 16.60
C HIS B 433 11.91 -15.58 17.74
N TYR B 434 12.44 -15.86 18.93
CA TYR B 434 12.20 -15.07 20.12
C TYR B 434 13.39 -15.19 21.07
N SER B 435 13.49 -14.23 21.99
N SER B 435 13.46 -14.26 22.02
CA SER B 435 14.49 -14.18 23.06
CA SER B 435 14.49 -14.20 23.05
C SER B 435 13.81 -13.78 24.35
C SER B 435 13.85 -13.76 24.36
N PRO B 436 14.20 -14.36 25.51
CA PRO B 436 15.16 -15.47 25.66
C PRO B 436 14.49 -16.79 25.29
N SER B 437 15.31 -17.84 25.19
CA SER B 437 14.80 -19.11 24.70
C SER B 437 15.81 -20.19 25.01
N TYR B 438 15.33 -21.32 25.55
CA TYR B 438 16.17 -22.51 25.64
C TYR B 438 16.32 -23.17 24.27
N LEU B 439 15.32 -23.05 23.40
CA LEU B 439 15.29 -23.87 22.19
C LEU B 439 16.24 -23.39 21.10
N ASN B 440 16.46 -22.08 20.96
CA ASN B 440 17.44 -21.64 19.99
C ASN B 440 18.84 -21.57 20.56
N LYS B 441 19.06 -22.17 21.74
CA LYS B 441 20.37 -22.17 22.40
C LYS B 441 20.91 -20.76 22.63
N GLY B 442 20.01 -19.77 22.72
CA GLY B 442 20.43 -18.41 23.00
C GLY B 442 20.92 -17.61 21.81
N TYR B 443 20.66 -18.07 20.59
CA TYR B 443 21.10 -17.41 19.35
C TYR B 443 19.90 -17.00 18.50
N PRO B 444 19.92 -15.82 17.87
CA PRO B 444 20.96 -14.77 17.93
C PRO B 444 21.15 -14.17 19.33
N ALA B 445 22.41 -13.95 19.72
CA ALA B 445 22.75 -13.57 21.08
C ALA B 445 22.83 -12.05 21.24
N GLN B 446 22.59 -11.60 22.48
CA GLN B 446 22.67 -10.19 22.82
C GLN B 446 24.10 -9.67 22.73
N ALA B 447 24.24 -8.41 22.27
CA ALA B 447 25.52 -7.72 22.15
C ALA B 447 25.45 -6.33 22.79
N ASN B 448 26.50 -5.97 23.53
CA ASN B 448 26.50 -4.73 24.32
C ASN B 448 27.90 -4.12 24.30
N GLN B 449 28.18 -3.23 25.26
CA GLN B 449 29.46 -2.54 25.26
C GLN B 449 30.64 -3.50 25.45
N THR B 450 30.46 -4.56 26.22
CA THR B 450 31.58 -5.46 26.50
C THR B 450 31.52 -6.78 25.77
N VAL B 451 30.38 -7.16 25.21
CA VAL B 451 30.22 -8.44 24.52
C VAL B 451 29.73 -8.20 23.09
N GLY B 452 30.43 -8.80 22.12
CA GLY B 452 29.97 -8.85 20.75
C GLY B 452 29.91 -7.51 20.05
N ARG B 453 30.69 -6.52 20.50
CA ARG B 453 30.82 -5.23 19.83
C ARG B 453 29.46 -4.62 19.52
N GLY B 454 28.58 -4.64 20.52
CA GLY B 454 27.27 -4.06 20.34
C GLY B 454 27.29 -2.54 20.37
N PHE B 455 26.25 -1.96 19.77
CA PHE B 455 26.04 -0.53 19.98
C PHE B 455 25.84 -0.24 21.47
N PHE B 456 26.33 0.91 21.92
CA PHE B 456 26.00 1.36 23.27
C PHE B 456 25.88 2.86 23.30
N THR B 457 24.85 3.33 24.01
CA THR B 457 24.70 4.75 24.30
C THR B 457 25.84 5.22 25.19
N THR B 458 26.30 6.44 24.94
CA THR B 458 27.36 7.08 25.71
C THR B 458 27.12 6.92 27.22
N PRO B 459 28.04 6.28 27.94
CA PRO B 459 27.79 5.95 29.36
C PRO B 459 27.55 7.15 30.28
N GLY B 460 28.18 8.29 30.03
CA GLY B 460 27.95 9.34 31.01
C GLY B 460 26.71 10.21 30.81
N ARG B 461 25.87 9.94 29.80
CA ARG B 461 24.77 10.84 29.50
C ARG B 461 23.68 10.73 30.56
N THR B 462 23.20 11.86 31.04
CA THR B 462 22.17 11.89 32.07
C THR B 462 20.97 12.70 31.61
N ALA B 463 19.88 12.54 32.35
CA ALA B 463 18.70 13.40 32.25
C ALA B 463 18.46 14.06 33.59
N SER B 464 18.18 15.36 33.57
CA SER B 464 17.96 16.12 34.79
C SER B 464 16.91 17.19 34.53
N GLY B 465 15.92 17.26 35.40
CA GLY B 465 14.93 18.32 35.34
C GLY B 465 13.56 17.79 34.94
N VAL B 466 12.63 18.73 34.77
CA VAL B 466 11.23 18.40 34.57
C VAL B 466 10.98 18.05 33.11
N LEU B 467 10.02 17.17 32.88
CA LEU B 467 9.53 16.96 31.53
C LEU B 467 8.89 18.26 31.05
N ASN B 468 9.28 18.70 29.86
CA ASN B 468 8.89 20.03 29.43
C ASN B 468 8.65 20.03 27.93
N ARG B 469 7.71 20.87 27.50
CA ARG B 469 7.53 21.22 26.11
C ARG B 469 8.07 22.64 25.89
N GLU B 470 9.39 22.74 25.94
CA GLU B 470 10.09 24.02 25.91
C GLU B 470 11.37 23.89 25.08
N LEU B 471 11.99 25.04 24.87
CA LEU B 471 13.33 25.13 24.29
C LEU B 471 14.23 25.81 25.30
N SER B 472 15.45 25.31 25.45
CA SER B 472 16.41 25.93 26.36
C SER B 472 16.60 27.40 26.03
N ALA B 473 16.74 28.22 27.06
CA ALA B 473 16.96 29.65 26.82
C ALA B 473 18.27 29.91 26.11
N THR B 474 19.21 28.96 26.15
CA THR B 474 20.48 29.12 25.43
C THR B 474 20.29 29.16 23.91
N PHE B 475 19.10 28.82 23.41
CA PHE B 475 18.84 28.78 21.98
C PHE B 475 18.36 30.14 21.42
N ASP B 476 18.37 31.21 22.22
CA ASP B 476 17.49 32.33 21.96
C ASP B 476 18.03 33.38 20.97
N ASP B 477 19.33 33.38 20.67
CA ASP B 477 19.91 34.42 19.82
C ASP B 477 19.83 33.99 18.37
N HIS B 478 19.01 34.66 17.57
CA HIS B 478 18.76 34.27 16.19
C HIS B 478 19.46 35.17 15.17
N TYR B 479 20.29 36.13 15.62
CA TYR B 479 20.79 37.19 14.74
C TYR B 479 22.31 37.29 14.72
N THR B 480 22.97 36.91 15.81
CA THR B 480 24.42 37.09 15.90
C THR B 480 25.14 36.36 14.78
N GLN B 481 24.79 35.09 14.55
CA GLN B 481 25.54 34.32 13.57
C GLN B 481 25.13 34.65 12.13
N PRO B 482 23.85 34.91 11.81
CA PRO B 482 23.56 35.51 10.49
C PRO B 482 24.43 36.73 10.18
N ARG B 483 24.61 37.61 11.16
CA ARG B 483 25.50 38.75 10.97
C ARG B 483 26.94 38.30 10.80
N LEU B 484 27.41 37.34 11.61
CA LEU B 484 28.76 36.80 11.45
C LEU B 484 28.96 36.26 10.04
N PHE B 485 27.96 35.51 9.54
CA PHE B 485 28.04 35.01 8.18
C PHE B 485 28.15 36.14 7.17
N PHE B 486 27.22 37.11 7.21
CA PHE B 486 27.25 38.20 6.24
C PHE B 486 28.58 38.97 6.32
N ASN B 487 29.10 39.17 7.53
CA ASN B 487 30.38 39.87 7.71
C ASN B 487 31.51 39.17 6.97
N SER B 488 31.43 37.84 6.87
CA SER B 488 32.54 37.01 6.44
C SER B 488 32.58 36.82 4.94
N LEU B 489 31.70 37.49 4.21
CA LEU B 489 31.67 37.42 2.77
C LEU B 489 32.40 38.61 2.16
N THR B 490 32.94 38.39 0.99
CA THR B 490 33.45 39.33 0.01
C THR B 490 32.45 40.44 -0.30
N PRO B 491 32.91 41.65 -0.68
CA PRO B 491 31.94 42.75 -0.93
C PRO B 491 30.89 42.43 -2.00
N VAL B 492 31.30 41.89 -3.15
CA VAL B 492 30.33 41.51 -4.18
C VAL B 492 29.52 40.30 -3.71
N GLU B 493 30.16 39.37 -2.99
CA GLU B 493 29.45 38.24 -2.42
C GLU B 493 28.32 38.71 -1.51
N GLN B 494 28.57 39.75 -0.72
CA GLN B 494 27.48 40.36 0.04
C GLN B 494 26.43 40.93 -0.89
N GLN B 495 26.87 41.53 -2.01
CA GLN B 495 25.91 42.09 -2.95
C GLN B 495 25.01 41.00 -3.53
N PHE B 496 25.56 39.82 -3.81
CA PHE B 496 24.75 38.71 -4.31
C PHE B 496 23.67 38.32 -3.29
N VAL B 497 24.02 38.29 -2.01
CA VAL B 497 23.03 38.00 -0.97
C VAL B 497 21.95 39.07 -0.96
N ILE B 498 22.36 40.34 -0.99
CA ILE B 498 21.40 41.43 -1.00
C ILE B 498 20.48 41.29 -2.20
N ASN B 499 21.07 41.05 -3.38
CA ASN B 499 20.28 41.00 -4.60
C ASN B 499 19.36 39.76 -4.63
N ALA B 500 19.80 38.64 -4.05
CA ALA B 500 18.89 37.50 -3.91
C ALA B 500 17.69 37.87 -3.04
N ILE B 501 17.93 38.48 -1.87
CA ILE B 501 16.82 38.91 -1.02
C ILE B 501 15.94 39.93 -1.72
N ARG B 502 16.55 40.89 -2.43
CA ARG B 502 15.76 41.84 -3.23
C ARG B 502 14.87 41.11 -4.23
N PHE B 503 15.44 40.14 -4.95
CA PHE B 503 14.65 39.40 -5.94
C PHE B 503 13.50 38.64 -5.27
N GLU B 504 13.79 37.92 -4.19
CA GLU B 504 12.77 37.05 -3.57
C GLU B 504 11.67 37.88 -2.92
N ALA B 505 12.05 38.83 -2.06
CA ALA B 505 11.06 39.59 -1.32
C ALA B 505 10.20 40.46 -2.22
N SER B 506 10.69 40.85 -3.41
CA SER B 506 9.84 41.60 -4.30
C SER B 506 8.72 40.76 -4.89
N HIS B 507 8.76 39.43 -4.72
CA HIS B 507 7.64 38.59 -5.14
C HIS B 507 6.55 38.48 -4.08
N VAL B 508 6.75 39.02 -2.89
CA VAL B 508 5.78 38.92 -1.80
C VAL B 508 4.68 39.94 -2.02
N THR B 509 3.45 39.48 -2.22
CA THR B 509 2.36 40.42 -2.48
C THR B 509 1.90 41.14 -1.23
N ASN B 510 1.95 40.50 -0.06
CA ASN B 510 1.41 41.11 1.13
C ASN B 510 2.40 42.13 1.69
N GLU B 511 1.94 43.38 1.82
CA GLU B 511 2.81 44.48 2.24
C GLU B 511 3.37 44.26 3.64
N GLN B 512 2.53 43.82 4.58
CA GLN B 512 2.99 43.69 5.96
C GLN B 512 4.05 42.60 6.10
N VAL B 513 3.91 41.50 5.35
CA VAL B 513 4.95 40.47 5.39
C VAL B 513 6.29 41.06 4.94
N LYS B 514 6.28 41.96 3.94
CA LYS B 514 7.55 42.58 3.53
C LYS B 514 8.11 43.47 4.65
N LYS B 515 7.24 44.23 5.32
CA LYS B 515 7.69 45.00 6.48
C LYS B 515 8.22 44.09 7.59
N ASN B 516 7.52 42.98 7.85
CA ASN B 516 8.01 42.02 8.84
C ASN B 516 9.40 41.52 8.50
N VAL B 517 9.65 41.27 7.22
CA VAL B 517 10.96 40.81 6.79
C VAL B 517 12.02 41.88 7.03
N LEU B 518 11.69 43.13 6.70
CA LEU B 518 12.65 44.22 6.90
C LEU B 518 12.99 44.39 8.37
N GLU B 519 11.98 44.28 9.25
CA GLU B 519 12.24 44.37 10.68
C GLU B 519 13.21 43.28 11.15
N GLN B 520 13.05 42.06 10.66
CA GLN B 520 13.96 40.99 11.08
C GLN B 520 15.36 41.21 10.52
N LEU B 521 15.46 41.56 9.23
CA LEU B 521 16.75 41.81 8.63
C LEU B 521 17.49 42.91 9.37
N ASN B 522 16.75 43.94 9.79
CA ASN B 522 17.34 45.04 10.54
C ASN B 522 17.94 44.58 11.87
N LYS B 523 17.47 43.47 12.43
CA LYS B 523 18.12 43.02 13.65
C LYS B 523 19.46 42.36 13.39
N ILE B 524 19.74 42.02 12.13
CA ILE B 524 21.02 41.46 11.74
C ILE B 524 21.98 42.57 11.32
N SER B 525 21.50 43.49 10.48
CA SER B 525 22.34 44.57 9.99
C SER B 525 21.44 45.69 9.47
N ASN B 526 21.66 46.91 9.95
CA ASN B 526 20.86 48.02 9.43
C ASN B 526 21.13 48.24 7.95
N ASP B 527 22.39 48.08 7.53
CA ASP B 527 22.74 48.34 6.15
C ASP B 527 22.09 47.32 5.22
N VAL B 528 22.03 46.05 5.64
CA VAL B 528 21.34 45.04 4.83
C VAL B 528 19.87 45.41 4.67
N ALA B 529 19.20 45.74 5.78
CA ALA B 529 17.80 46.12 5.73
C ALA B 529 17.57 47.33 4.84
N LYS B 530 18.46 48.32 4.91
CA LYS B 530 18.35 49.51 4.07
C LYS B 530 18.47 49.15 2.59
N ARG B 531 19.49 48.37 2.24
CA ARG B 531 19.70 48.03 0.84
C ARG B 531 18.55 47.17 0.30
N VAL B 532 18.05 46.23 1.11
CA VAL B 532 16.89 45.46 0.67
C VAL B 532 15.68 46.37 0.56
N ALA B 533 15.49 47.27 1.53
CA ALA B 533 14.34 48.16 1.55
C ALA B 533 14.23 48.99 0.26
N VAL B 534 15.38 49.36 -0.33
CA VAL B 534 15.36 50.15 -1.56
C VAL B 534 14.51 49.46 -2.62
N ALA B 535 14.77 48.18 -2.87
CA ALA B 535 14.08 47.46 -3.94
C ALA B 535 12.59 47.31 -3.66
N LEU B 536 12.21 47.27 -2.39
CA LEU B 536 10.83 47.08 -1.98
C LEU B 536 10.03 48.38 -1.95
N GLY B 537 10.66 49.53 -2.15
CA GLY B 537 9.96 50.79 -2.05
C GLY B 537 9.55 51.14 -0.64
N LEU B 538 10.21 50.58 0.36
CA LEU B 538 9.89 50.77 1.76
C LEU B 538 10.99 51.55 2.46
N GLU B 539 10.62 52.15 3.58
CA GLU B 539 11.57 52.83 4.46
C GLU B 539 12.16 51.81 5.43
N ALA B 540 13.49 51.71 5.45
CA ALA B 540 14.15 50.77 6.36
C ALA B 540 14.00 51.26 7.80
N PRO B 541 13.88 50.33 8.75
CA PRO B 541 13.77 50.74 10.16
C PRO B 541 15.01 51.48 10.62
N GLN B 542 14.88 52.09 11.79
CA GLN B 542 16.04 52.68 12.43
C GLN B 542 16.95 51.57 12.95
N PRO B 543 18.24 51.83 13.09
CA PRO B 543 19.16 50.78 13.57
C PRO B 543 18.69 50.24 14.91
N ASP B 544 18.70 48.91 15.03
CA ASP B 544 18.42 48.22 16.30
C ASP B 544 19.67 47.43 16.61
N PRO B 545 20.59 47.98 17.41
CA PRO B 545 21.96 47.47 17.44
C PRO B 545 22.20 46.29 18.36
N THR B 546 21.16 45.75 19.01
CA THR B 546 21.36 44.75 20.05
C THR B 546 22.32 43.64 19.61
N TYR B 547 22.18 43.13 18.39
CA TYR B 547 22.99 42.01 17.93
C TYR B 547 24.09 42.38 16.95
N TYR B 548 24.26 43.66 16.61
CA TYR B 548 25.29 44.03 15.63
C TYR B 548 26.69 43.74 16.17
N HIS B 549 27.60 43.40 15.25
CA HIS B 549 29.00 43.17 15.58
C HIS B 549 29.77 43.09 14.27
N ASN B 550 31.11 43.10 14.39
CA ASN B 550 32.00 43.12 13.24
C ASN B 550 32.89 41.88 13.16
N ASN B 551 32.57 40.81 13.88
CA ASN B 551 33.40 39.62 13.83
C ASN B 551 33.23 38.85 12.52
N VAL B 552 34.29 38.13 12.16
CA VAL B 552 34.39 37.42 10.91
C VAL B 552 34.97 36.05 11.21
N THR B 553 34.67 35.09 10.34
CA THR B 553 35.23 33.75 10.46
C THR B 553 35.60 33.27 9.07
N ARG B 554 36.60 32.41 9.00
N ARG B 554 36.64 32.43 9.01
CA ARG B 554 37.13 31.96 7.72
CA ARG B 554 37.12 31.97 7.71
C ARG B 554 36.40 30.70 7.25
C ARG B 554 36.29 30.77 7.23
N GLY B 555 36.35 30.52 5.92
CA GLY B 555 35.86 29.30 5.32
C GLY B 555 34.40 29.26 4.90
N VAL B 556 33.64 30.34 5.07
CA VAL B 556 32.24 30.34 4.66
C VAL B 556 32.03 31.04 3.34
N SER B 557 33.04 31.70 2.81
CA SER B 557 32.97 32.34 1.52
C SER B 557 33.14 31.32 0.39
N ILE B 558 32.72 31.71 -0.81
CA ILE B 558 32.94 30.90 -1.99
C ILE B 558 33.82 31.62 -3.01
N PHE B 559 33.57 32.91 -3.22
CA PHE B 559 34.19 33.65 -4.31
C PHE B 559 35.53 34.25 -3.93
N ASN B 560 36.00 34.06 -2.71
CA ASN B 560 37.30 34.63 -2.34
C ASN B 560 38.47 33.71 -2.67
N GLU B 561 38.21 32.49 -3.13
CA GLU B 561 39.28 31.55 -3.44
C GLU B 561 39.15 31.02 -4.86
N SER B 562 40.27 30.91 -5.56
CA SER B 562 40.28 30.32 -6.88
C SER B 562 40.28 28.79 -6.78
N LEU B 563 39.88 28.13 -7.87
CA LEU B 563 39.68 26.69 -7.87
C LEU B 563 41.01 25.95 -7.86
N PRO B 564 41.10 24.82 -7.14
CA PRO B 564 42.35 24.04 -7.12
C PRO B 564 42.62 23.28 -8.41
N THR B 565 41.62 23.15 -9.28
CA THR B 565 41.80 22.44 -10.53
C THR B 565 40.73 22.90 -11.50
N ILE B 566 41.04 22.81 -12.79
CA ILE B 566 40.08 23.12 -13.83
C ILE B 566 39.65 21.89 -14.61
N ALA B 567 40.13 20.71 -14.25
CA ALA B 567 39.68 19.50 -14.91
C ALA B 567 38.17 19.41 -14.87
N THR B 568 37.60 18.87 -15.96
CA THR B 568 36.15 18.72 -16.21
C THR B 568 35.44 20.03 -16.53
N LEU B 569 36.06 21.17 -16.29
CA LEU B 569 35.36 22.42 -16.61
C LEU B 569 35.17 22.53 -18.13
N ARG B 570 34.14 23.26 -18.53
CA ARG B 570 33.63 23.17 -19.90
C ARG B 570 33.93 24.44 -20.67
N VAL B 571 34.40 24.29 -21.90
CA VAL B 571 34.65 25.41 -22.79
C VAL B 571 33.76 25.26 -24.02
N GLY B 572 33.04 26.33 -24.34
CA GLY B 572 32.30 26.41 -25.59
C GLY B 572 33.09 27.24 -26.60
N VAL B 573 33.34 26.63 -27.75
CA VAL B 573 34.10 27.25 -28.83
C VAL B 573 33.13 27.65 -29.93
N LEU B 574 32.94 28.95 -30.13
CA LEU B 574 31.99 29.46 -31.11
C LEU B 574 32.70 29.52 -32.46
N SER B 575 32.31 28.62 -33.38
CA SER B 575 32.94 28.61 -34.69
C SER B 575 31.90 28.79 -35.79
N THR B 576 32.25 28.43 -37.02
CA THR B 576 31.36 28.55 -38.17
C THR B 576 31.81 27.53 -39.22
N THR B 577 30.85 27.03 -40.01
CA THR B 577 31.21 26.09 -41.06
C THR B 577 31.79 26.76 -42.31
N LYS B 578 31.79 28.09 -42.39
CA LYS B 578 32.38 28.79 -43.54
C LYS B 578 33.85 29.10 -43.29
N GLY B 579 34.66 28.99 -44.34
CA GLY B 579 36.06 29.35 -44.21
C GLY B 579 36.89 28.35 -43.41
N GLY B 580 38.01 28.85 -42.89
CA GLY B 580 38.95 28.01 -42.18
C GLY B 580 38.72 27.88 -40.69
N SER B 581 37.60 28.43 -40.18
CA SER B 581 37.40 28.53 -38.74
C SER B 581 37.36 27.16 -38.07
N LEU B 582 36.70 26.18 -38.68
CA LEU B 582 36.51 24.89 -38.03
C LEU B 582 37.84 24.22 -37.78
N ASP B 583 38.72 24.23 -38.78
CA ASP B 583 40.05 23.65 -38.59
C ASP B 583 40.79 24.30 -37.42
N LYS B 584 40.70 25.63 -37.32
CA LYS B 584 41.34 26.32 -36.20
C LYS B 584 40.67 25.97 -34.88
N ALA B 585 39.34 25.85 -34.89
CA ALA B 585 38.62 25.48 -33.68
C ALA B 585 39.03 24.09 -33.20
N LYS B 586 39.29 23.18 -34.15
CA LYS B 586 39.71 21.82 -33.80
C LYS B 586 41.04 21.81 -33.07
N ALA B 587 42.04 22.54 -33.59
CA ALA B 587 43.33 22.61 -32.91
C ALA B 587 43.21 23.25 -31.55
N LEU B 588 42.45 24.34 -31.47
CA LEU B 588 42.08 24.95 -30.19
C LEU B 588 41.49 23.93 -29.23
N LYS B 589 40.59 23.10 -29.73
CA LYS B 589 39.97 22.09 -28.88
C LYS B 589 40.99 21.08 -28.34
N GLU B 590 41.91 20.62 -29.20
CA GLU B 590 42.84 19.62 -28.74
C GLU B 590 43.79 20.16 -27.68
N GLN B 591 44.25 21.40 -27.83
CA GLN B 591 45.15 21.97 -26.83
C GLN B 591 44.46 22.13 -25.49
N LEU B 592 43.19 22.55 -25.51
CA LEU B 592 42.43 22.74 -24.29
C LEU B 592 42.16 21.41 -23.60
N GLU B 593 41.98 20.33 -24.38
CA GLU B 593 41.69 19.03 -23.77
C GLU B 593 42.89 18.45 -23.05
N LYS B 594 44.11 18.91 -23.36
CA LYS B 594 45.29 18.44 -22.63
C LYS B 594 45.28 18.88 -21.17
N ASP B 595 44.48 19.89 -20.83
CA ASP B 595 44.34 20.35 -19.45
C ASP B 595 43.13 19.71 -18.77
N GLY B 596 42.52 18.70 -19.38
CA GLY B 596 41.38 18.04 -18.79
C GLY B 596 40.08 18.77 -18.97
N LEU B 597 40.05 19.79 -19.82
CA LEU B 597 38.82 20.51 -20.08
C LEU B 597 37.93 19.69 -21.01
N LYS B 598 36.63 19.91 -20.90
CA LYS B 598 35.64 19.36 -21.82
C LYS B 598 35.25 20.45 -22.81
N VAL B 599 35.54 20.24 -24.10
CA VAL B 599 35.45 21.31 -25.10
C VAL B 599 34.37 20.96 -26.11
N THR B 600 33.47 21.93 -26.36
CA THR B 600 32.36 21.80 -27.29
C THR B 600 32.53 22.83 -28.40
N VAL B 601 32.81 22.36 -29.62
CA VAL B 601 32.85 23.22 -30.79
C VAL B 601 31.44 23.38 -31.34
N ILE B 602 30.97 24.63 -31.45
CA ILE B 602 29.62 24.95 -31.89
C ILE B 602 29.66 25.58 -33.28
N ALA B 603 28.70 25.23 -34.13
CA ALA B 603 28.60 25.79 -35.47
C ALA B 603 27.16 25.71 -35.95
N GLU B 604 26.89 26.27 -37.13
CA GLU B 604 25.52 26.36 -37.64
C GLU B 604 24.91 24.98 -37.83
N TYR B 605 25.71 24.00 -38.23
CA TYR B 605 25.20 22.65 -38.39
C TYR B 605 26.33 21.69 -38.08
N LEU B 606 25.98 20.40 -37.96
CA LEU B 606 26.89 19.38 -37.47
C LEU B 606 27.85 18.89 -38.56
N ALA B 607 28.66 19.81 -39.06
CA ALA B 607 29.74 19.40 -39.94
C ALA B 607 30.79 18.62 -39.15
N SER B 608 31.77 18.07 -39.87
CA SER B 608 32.81 17.28 -39.23
C SER B 608 33.58 18.12 -38.22
N GLY B 609 33.74 17.59 -37.02
CA GLY B 609 34.40 18.29 -35.94
C GLY B 609 33.49 19.16 -35.10
N VAL B 610 32.22 19.28 -35.47
CA VAL B 610 31.27 20.12 -34.75
C VAL B 610 30.52 19.26 -33.73
N ASP B 611 30.53 19.70 -32.48
CA ASP B 611 29.91 18.92 -31.41
C ASP B 611 28.45 19.30 -31.16
N GLN B 612 28.04 20.53 -31.48
CA GLN B 612 26.71 21.00 -31.13
C GLN B 612 26.34 22.17 -32.04
N THR B 613 25.03 22.30 -32.33
CA THR B 613 24.58 23.40 -33.18
C THR B 613 24.39 24.65 -32.34
N TYR B 614 24.47 25.80 -33.00
CA TYR B 614 24.03 27.04 -32.36
C TYR B 614 22.62 26.90 -31.81
N SER B 615 21.73 26.24 -32.57
CA SER B 615 20.36 26.10 -32.10
C SER B 615 20.31 25.35 -30.77
N ALA B 616 21.13 24.30 -30.62
CA ALA B 616 21.13 23.57 -29.36
C ALA B 616 21.98 24.21 -28.27
N ALA B 617 22.70 25.30 -28.56
CA ALA B 617 23.74 25.79 -27.67
C ALA B 617 23.26 26.98 -26.82
N ASP B 618 23.88 27.13 -25.66
CA ASP B 618 23.55 28.18 -24.71
C ASP B 618 24.72 28.34 -23.77
N ALA B 619 24.94 29.58 -23.32
CA ALA B 619 26.10 29.89 -22.49
C ALA B 619 26.03 29.19 -21.15
N THR B 620 24.83 28.83 -20.68
CA THR B 620 24.71 28.21 -19.36
C THR B 620 25.44 26.87 -19.28
N ALA B 621 25.69 26.23 -20.43
CA ALA B 621 26.34 24.92 -20.41
C ALA B 621 27.85 25.00 -20.23
N PHE B 622 28.43 26.19 -20.26
CA PHE B 622 29.87 26.35 -20.37
C PHE B 622 30.42 27.20 -19.23
N ASP B 623 31.65 26.89 -18.87
CA ASP B 623 32.39 27.69 -17.90
C ASP B 623 33.24 28.76 -18.55
N ALA B 624 33.54 28.61 -19.84
CA ALA B 624 34.20 29.64 -20.63
C ALA B 624 33.63 29.60 -22.05
N VAL B 625 33.71 30.74 -22.71
CA VAL B 625 33.23 30.89 -24.08
C VAL B 625 34.38 31.48 -24.89
N VAL B 626 34.74 30.81 -25.99
CA VAL B 626 35.82 31.24 -26.87
C VAL B 626 35.29 31.32 -28.31
N VAL B 627 35.56 32.43 -28.99
CA VAL B 627 35.19 32.60 -30.38
C VAL B 627 36.39 32.24 -31.25
N ALA B 628 36.23 31.19 -32.07
CA ALA B 628 37.31 30.78 -32.95
C ALA B 628 37.50 31.81 -34.08
N GLU B 629 38.72 31.90 -34.58
CA GLU B 629 39.00 32.87 -35.63
C GLU B 629 38.15 32.57 -36.86
N GLY B 630 37.57 33.62 -37.44
CA GLY B 630 36.66 33.50 -38.56
C GLY B 630 35.20 33.51 -38.18
N ALA B 631 34.86 33.17 -36.92
CA ALA B 631 33.48 33.07 -36.50
C ALA B 631 32.83 34.42 -36.25
N GLU B 632 33.58 35.51 -36.34
CA GLU B 632 32.96 36.83 -36.16
C GLU B 632 31.90 37.09 -37.22
N ARG B 633 31.95 36.38 -38.34
CA ARG B 633 30.94 36.56 -39.39
C ARG B 633 29.54 36.18 -38.93
N VAL B 634 29.38 35.40 -37.85
CA VAL B 634 28.02 35.04 -37.45
C VAL B 634 27.52 35.97 -36.35
N PHE B 635 28.28 37.03 -36.07
CA PHE B 635 27.93 37.99 -35.02
C PHE B 635 27.29 39.27 -35.55
N SER B 636 27.15 39.43 -36.87
CA SER B 636 26.43 40.56 -37.42
C SER B 636 25.89 40.18 -38.80
N GLY B 637 24.82 40.88 -39.21
CA GLY B 637 24.28 40.71 -40.54
C GLY B 637 23.47 39.44 -40.72
N LYS B 638 23.36 39.00 -41.99
CA LYS B 638 22.64 37.76 -42.29
C LYS B 638 23.35 36.54 -41.71
N GLY B 639 24.69 36.58 -41.64
CA GLY B 639 25.45 35.52 -41.01
C GLY B 639 25.00 35.26 -39.60
N ALA B 640 24.37 36.27 -38.98
CA ALA B 640 23.77 36.15 -37.67
C ALA B 640 22.28 35.84 -37.73
N MET B 641 21.73 35.60 -38.90
CA MET B 641 20.29 35.36 -39.04
C MET B 641 20.04 34.17 -39.96
N SER B 642 20.66 33.07 -39.65
CA SER B 642 20.42 31.86 -40.44
C SER B 642 19.10 31.21 -40.04
N PRO B 643 18.42 30.55 -40.97
CA PRO B 643 17.29 29.70 -40.58
C PRO B 643 17.69 28.60 -39.59
N LEU B 644 18.99 28.33 -39.44
CA LEU B 644 19.47 27.22 -38.64
C LEU B 644 19.59 27.54 -37.15
N PHE B 645 19.39 28.78 -36.73
CA PHE B 645 19.39 29.07 -35.31
C PHE B 645 18.58 30.34 -35.05
N PRO B 646 18.14 30.57 -33.81
CA PRO B 646 17.38 31.80 -33.52
C PRO B 646 18.22 33.03 -33.77
N ALA B 647 17.53 34.09 -34.22
CA ALA B 647 18.21 35.34 -34.53
C ALA B 647 19.05 35.81 -33.36
N GLY B 648 20.33 36.05 -33.62
CA GLY B 648 21.25 36.61 -32.66
C GLY B 648 21.86 35.61 -31.71
N ARG B 649 21.63 34.31 -31.90
CA ARG B 649 22.07 33.32 -30.93
C ARG B 649 23.58 33.32 -30.67
N PRO B 650 24.47 33.50 -31.67
CA PRO B 650 25.90 33.55 -31.33
C PRO B 650 26.25 34.76 -30.47
N SER B 651 25.65 35.92 -30.75
CA SER B 651 25.90 37.10 -29.92
C SER B 651 25.34 36.91 -28.51
N GLN B 652 24.15 36.29 -28.40
CA GLN B 652 23.54 36.07 -27.09
C GLN B 652 24.45 35.19 -26.23
N ILE B 653 25.02 34.14 -26.83
CA ILE B 653 25.90 33.27 -26.06
C ILE B 653 27.07 34.05 -25.47
N LEU B 654 27.73 34.87 -26.31
CA LEU B 654 28.87 35.65 -25.85
C LEU B 654 28.44 36.72 -24.82
N THR B 655 27.33 37.42 -25.08
CA THR B 655 26.84 38.40 -24.11
C THR B 655 26.53 37.73 -22.78
N ASP B 656 25.79 36.61 -22.83
CA ASP B 656 25.49 35.88 -21.61
C ASP B 656 26.78 35.48 -20.88
N GLY B 657 27.72 34.88 -21.61
CA GLY B 657 28.97 34.47 -20.98
C GLY B 657 29.68 35.61 -20.29
N TYR B 658 29.75 36.76 -20.96
CA TYR B 658 30.37 37.93 -20.35
C TYR B 658 29.58 38.41 -19.14
N ARG B 659 28.29 38.67 -19.33
CA ARG B 659 27.50 39.26 -18.25
C ARG B 659 27.40 38.37 -17.01
N TRP B 660 27.55 37.05 -17.16
CA TRP B 660 27.51 36.13 -16.03
C TRP B 660 28.89 35.90 -15.43
N GLY B 661 29.90 36.69 -15.82
CA GLY B 661 31.18 36.64 -15.17
C GLY B 661 32.13 35.55 -15.65
N LYS B 662 31.89 34.93 -16.84
CA LYS B 662 32.77 33.86 -17.27
C LYS B 662 33.99 34.42 -18.00
N PRO B 663 35.11 33.68 -17.99
CA PRO B 663 36.19 34.00 -18.92
C PRO B 663 35.67 33.91 -20.34
N VAL B 664 35.89 34.97 -21.12
CA VAL B 664 35.48 35.03 -22.51
C VAL B 664 36.69 35.41 -23.35
N ALA B 665 36.75 34.90 -24.57
CA ALA B 665 37.94 35.11 -25.39
C ALA B 665 37.61 35.08 -26.88
N ALA B 666 38.56 35.55 -27.68
CA ALA B 666 38.45 35.52 -29.13
C ALA B 666 39.83 35.45 -29.75
N VAL B 667 40.01 34.53 -30.71
CA VAL B 667 41.31 34.32 -31.35
C VAL B 667 41.42 35.21 -32.59
N GLY B 668 42.54 35.92 -32.72
CA GLY B 668 42.84 36.69 -33.90
C GLY B 668 41.77 37.69 -34.32
N SER B 669 41.26 37.51 -35.53
CA SER B 669 40.25 38.43 -36.08
C SER B 669 38.89 38.27 -35.42
N ALA B 670 38.67 37.24 -34.60
CA ALA B 670 37.41 37.11 -33.87
C ALA B 670 37.25 38.17 -32.78
N LYS B 671 38.28 38.97 -32.50
CA LYS B 671 38.11 40.09 -31.59
C LYS B 671 36.98 41.02 -32.02
N LYS B 672 36.63 41.01 -33.32
CA LYS B 672 35.46 41.73 -33.79
C LYS B 672 34.18 41.28 -33.07
N ALA B 673 34.09 39.98 -32.73
CA ALA B 673 32.93 39.52 -31.97
C ALA B 673 32.88 40.19 -30.60
N LEU B 674 34.02 40.31 -29.92
CA LEU B 674 34.07 41.02 -28.66
C LEU B 674 33.69 42.49 -28.84
N GLN B 675 34.20 43.13 -29.91
CA GLN B 675 33.88 44.53 -30.15
C GLN B 675 32.40 44.71 -30.43
N SER B 676 31.78 43.72 -31.11
CA SER B 676 30.37 43.81 -31.46
C SER B 676 29.47 43.84 -30.25
N ILE B 677 29.89 43.22 -29.14
CA ILE B 677 29.11 43.29 -27.91
C ILE B 677 29.66 44.36 -26.96
N GLY B 678 30.56 45.20 -27.44
CA GLY B 678 31.05 46.31 -26.63
C GLY B 678 32.01 45.92 -25.53
N VAL B 679 32.76 44.84 -25.71
CA VAL B 679 33.69 44.33 -24.70
C VAL B 679 35.11 44.51 -25.23
N GLU B 680 36.00 44.97 -24.35
CA GLU B 680 37.36 45.36 -24.75
C GLU B 680 38.40 44.46 -24.09
N GLU B 681 39.50 44.24 -24.80
CA GLU B 681 40.52 43.28 -24.38
C GLU B 681 41.14 43.64 -23.02
N LYS B 682 41.09 44.91 -22.63
CA LYS B 682 41.73 45.36 -21.39
C LYS B 682 41.07 44.82 -20.14
N GLU B 683 39.91 44.18 -20.25
CA GLU B 683 39.14 43.80 -19.08
C GLU B 683 39.66 42.50 -18.48
N ALA B 684 39.54 42.39 -17.15
CA ALA B 684 39.79 41.14 -16.47
C ALA B 684 38.88 40.03 -17.01
N GLY B 685 39.45 38.84 -17.19
CA GLY B 685 38.67 37.73 -17.69
C GLY B 685 38.27 37.83 -19.16
N VAL B 686 38.86 38.75 -19.91
CA VAL B 686 38.65 38.84 -21.35
C VAL B 686 39.99 38.66 -22.03
N TYR B 687 40.06 37.72 -22.97
CA TYR B 687 41.33 37.38 -23.59
C TYR B 687 41.20 37.44 -25.11
N ALA B 688 42.23 37.96 -25.76
CA ALA B 688 42.23 38.15 -27.19
C ALA B 688 43.66 38.15 -27.65
N GLY B 689 43.89 37.62 -28.85
CA GLY B 689 45.24 37.51 -29.38
C GLY B 689 45.43 36.23 -30.17
N ALA B 690 46.67 35.76 -30.24
CA ALA B 690 46.95 34.53 -30.96
C ALA B 690 46.44 33.34 -30.14
N GLN B 691 46.27 32.22 -30.84
CA GLN B 691 45.62 31.05 -30.23
C GLN B 691 46.29 30.66 -28.92
N ASP B 692 47.63 30.74 -28.85
CA ASP B 692 48.33 30.30 -27.66
C ASP B 692 48.15 31.27 -26.50
N GLU B 693 48.16 32.59 -26.77
CA GLU B 693 47.80 33.56 -25.73
C GLU B 693 46.43 33.26 -25.15
N VAL B 694 45.46 32.98 -26.02
CA VAL B 694 44.07 32.81 -25.58
C VAL B 694 43.93 31.55 -24.72
N ILE B 695 44.50 30.44 -25.17
CA ILE B 695 44.46 29.21 -24.39
C ILE B 695 45.00 29.44 -22.99
N LYS B 696 46.15 30.13 -22.88
CA LYS B 696 46.73 30.35 -21.56
C LYS B 696 45.85 31.26 -20.73
N GLY B 697 45.35 32.34 -21.31
CA GLY B 697 44.43 33.20 -20.59
C GLY B 697 43.18 32.47 -20.12
N VAL B 698 42.59 31.67 -21.01
CA VAL B 698 41.35 30.99 -20.66
C VAL B 698 41.58 30.01 -19.51
N GLU B 699 42.63 29.20 -19.58
CA GLU B 699 42.93 28.28 -18.50
C GLU B 699 43.19 29.02 -17.19
N GLU B 700 43.85 30.17 -17.26
CA GLU B 700 44.04 30.97 -16.06
C GLU B 700 42.70 31.49 -15.53
N GLY B 701 41.86 32.01 -16.43
CA GLY B 701 40.61 32.59 -15.98
C GLY B 701 39.62 31.59 -15.40
N LEU B 702 39.70 30.32 -15.86
CA LEU B 702 38.80 29.31 -15.32
C LEU B 702 39.11 29.02 -13.86
N LYS B 703 40.36 29.24 -13.43
CA LYS B 703 40.67 29.08 -12.02
C LYS B 703 40.04 30.19 -11.19
N VAL B 704 40.04 31.42 -11.71
CA VAL B 704 39.30 32.50 -11.05
C VAL B 704 37.81 32.20 -11.10
N PHE B 705 37.36 31.57 -12.19
CA PHE B 705 36.02 31.01 -12.41
C PHE B 705 34.97 32.08 -12.64
N LYS B 706 34.74 32.97 -11.66
CA LYS B 706 33.82 34.09 -11.81
C LYS B 706 34.59 35.40 -11.67
N PHE B 707 34.39 36.31 -12.63
CA PHE B 707 35.03 37.62 -12.60
C PHE B 707 34.03 38.63 -12.02
N LEU B 708 34.27 39.00 -10.76
CA LEU B 708 33.28 39.74 -9.99
C LEU B 708 33.36 41.25 -10.19
N GLU B 709 34.41 41.75 -10.86
CA GLU B 709 34.40 43.17 -11.19
C GLU B 709 33.31 43.53 -12.21
N ARG B 710 32.54 42.57 -12.71
CA ARG B 710 31.46 42.84 -13.64
C ARG B 710 30.10 43.02 -12.96
N PHE B 711 30.06 43.13 -11.63
CA PHE B 711 28.80 43.24 -10.92
C PHE B 711 28.79 44.50 -10.07
N ALA B 712 27.88 45.42 -10.39
CA ALA B 712 27.74 46.66 -9.64
C ALA B 712 27.39 46.39 -8.19
N VAL B 713 28.00 47.15 -7.29
CA VAL B 713 27.68 47.11 -5.87
C VAL B 713 26.97 48.42 -5.50
N ASP B 714 26.07 48.34 -4.52
CA ASP B 714 25.25 49.47 -4.08
C ASP B 714 26.11 50.68 -3.75
N ASP C 38 -22.61 27.58 -8.85
CA ASP C 38 -21.30 27.19 -8.34
C ASP C 38 -21.02 25.72 -8.67
N ALA C 39 -20.07 25.48 -9.58
CA ALA C 39 -19.75 24.11 -10.00
C ALA C 39 -19.25 23.25 -8.84
N ARG C 40 -18.64 23.87 -7.82
CA ARG C 40 -18.10 23.16 -6.66
C ARG C 40 -19.11 22.98 -5.53
N GLN C 41 -20.40 23.24 -5.77
CA GLN C 41 -21.40 23.25 -4.70
C GLN C 41 -21.36 21.95 -3.89
N ARG C 42 -21.40 20.79 -4.58
CA ARG C 42 -21.43 19.50 -3.91
C ARG C 42 -20.21 19.25 -3.03
N LEU C 43 -19.11 19.97 -3.23
CA LEU C 43 -17.90 19.77 -2.43
C LEU C 43 -17.96 20.50 -1.10
N LYS C 44 -18.96 21.34 -0.87
CA LYS C 44 -18.99 22.17 0.33
C LYS C 44 -19.05 21.33 1.60
N GLU C 45 -19.74 20.20 1.57
CA GLU C 45 -19.91 19.41 2.77
C GLU C 45 -18.62 18.76 3.26
N VAL C 46 -17.53 18.76 2.47
CA VAL C 46 -16.26 18.17 2.90
C VAL C 46 -15.20 19.25 3.16
N GLU C 47 -15.57 20.54 3.10
CA GLU C 47 -14.60 21.61 3.32
C GLU C 47 -14.39 21.85 4.81
N VAL C 48 -13.13 22.06 5.19
CA VAL C 48 -12.75 22.22 6.58
C VAL C 48 -12.27 23.65 6.78
N ASP C 49 -12.98 24.40 7.63
CA ASP C 49 -12.63 25.78 7.95
C ASP C 49 -11.88 25.82 9.28
N ASP C 50 -10.67 26.37 9.28
CA ASP C 50 -9.86 26.41 10.49
C ASP C 50 -9.78 27.79 11.11
N ASN C 51 -10.52 28.77 10.57
CA ASN C 51 -10.47 30.14 11.09
C ASN C 51 -11.00 30.17 12.52
N GLY C 52 -10.26 30.87 13.39
CA GLY C 52 -10.65 31.03 14.77
C GLY C 52 -10.55 29.78 15.63
N GLN C 53 -9.98 28.69 15.12
CA GLN C 53 -9.99 27.40 15.80
C GLN C 53 -8.70 27.19 16.60
N PHE C 54 -8.80 26.38 17.65
CA PHE C 54 -7.60 25.88 18.29
C PHE C 54 -7.07 24.64 17.57
N MET C 55 -5.75 24.46 17.67
CA MET C 55 -5.06 23.34 17.06
C MET C 55 -5.49 22.03 17.73
N THR C 56 -5.69 20.97 16.93
CA THR C 56 -6.00 19.64 17.47
C THR C 56 -5.11 18.57 16.87
N THR C 57 -5.16 17.38 17.50
CA THR C 57 -4.74 16.16 16.85
C THR C 57 -5.76 15.76 15.80
N ASP C 58 -5.44 14.71 15.04
CA ASP C 58 -6.38 14.16 14.09
C ASP C 58 -7.46 13.31 14.76
N PHE C 59 -7.39 13.12 16.08
CA PHE C 59 -8.44 12.39 16.78
C PHE C 59 -9.14 13.27 17.81
N GLY C 60 -9.04 14.60 17.65
CA GLY C 60 -9.67 15.53 18.55
C GLY C 60 -8.76 15.93 19.71
N GLY C 61 -9.28 16.84 20.53
CA GLY C 61 -8.50 17.36 21.63
C GLY C 61 -7.53 18.45 21.23
N ASN C 62 -7.57 19.56 21.95
CA ASN C 62 -6.73 20.70 21.60
C ASN C 62 -5.31 20.47 22.10
N ILE C 63 -4.34 20.98 21.34
CA ILE C 63 -2.92 20.73 21.59
C ILE C 63 -2.13 22.00 21.26
N GLU C 64 -0.87 21.98 21.68
CA GLU C 64 0.19 22.81 21.13
C GLU C 64 1.18 21.88 20.45
N GLU C 65 1.77 22.32 19.35
CA GLU C 65 2.61 21.41 18.59
C GLU C 65 3.83 22.13 18.03
N GLN C 66 4.41 23.02 18.84
CA GLN C 66 5.62 23.75 18.48
C GLN C 66 6.84 23.37 19.32
N PHE C 67 6.68 22.48 20.32
CA PHE C 67 7.79 22.01 21.13
C PHE C 67 7.67 20.52 21.36
N SER C 68 8.76 19.79 21.12
CA SER C 68 8.84 18.38 21.49
C SER C 68 8.92 18.25 23.01
N LEU C 69 8.33 17.17 23.53
CA LEU C 69 8.39 16.90 24.97
C LEU C 69 9.73 16.24 25.31
N LYS C 70 10.44 16.82 26.29
CA LYS C 70 11.84 16.49 26.54
C LYS C 70 12.05 16.13 28.01
N ALA C 71 13.09 15.32 28.26
CA ALA C 71 13.43 14.88 29.62
C ALA C 71 14.50 15.82 30.17
N GLY C 72 14.06 16.93 30.75
CA GLY C 72 14.96 17.96 31.23
C GLY C 72 15.15 19.08 30.24
N GLY C 73 15.83 20.14 30.69
CA GLY C 73 15.87 21.39 29.93
C GLY C 73 16.58 21.25 28.58
N ARG C 74 17.71 20.58 28.56
CA ARG C 74 18.40 20.27 27.30
C ARG C 74 18.38 18.77 27.11
N GLY C 75 17.20 18.16 27.27
CA GLY C 75 17.07 16.72 27.29
C GLY C 75 16.62 16.12 25.96
N SER C 76 16.62 14.79 25.93
CA SER C 76 16.17 14.03 24.75
C SER C 76 14.65 14.03 24.63
N THR C 77 14.18 13.86 23.40
CA THR C 77 12.74 13.84 23.15
C THR C 77 12.15 12.50 23.60
N LEU C 78 10.94 12.55 24.15
CA LEU C 78 10.29 11.38 24.73
C LEU C 78 9.42 10.64 23.74
N LEU C 79 9.51 9.31 23.75
CA LEU C 79 8.64 8.48 22.93
C LEU C 79 7.18 8.76 23.21
N GLU C 80 6.84 9.13 24.46
CA GLU C 80 5.44 9.33 24.85
C GLU C 80 4.87 10.65 24.34
N ASP C 81 5.62 11.40 23.52
CA ASP C 81 5.12 12.61 22.88
C ASP C 81 4.26 12.20 21.69
N PHE C 82 2.97 11.95 21.99
CA PHE C 82 2.03 11.52 20.96
C PHE C 82 1.72 12.66 20.01
N ILE C 83 1.81 13.90 20.51
CA ILE C 83 1.56 15.07 19.67
C ILE C 83 2.57 15.13 18.55
N PHE C 84 3.86 15.08 18.90
CA PHE C 84 4.91 15.12 17.90
C PHE C 84 4.74 14.03 16.87
N ARG C 85 4.44 12.81 17.32
CA ARG C 85 4.46 11.70 16.38
C ARG C 85 3.22 11.73 15.47
N GLN C 86 2.05 12.11 16.01
CA GLN C 86 0.90 12.18 15.10
C GLN C 86 1.09 13.28 14.07
N LYS C 87 1.75 14.39 14.42
CA LYS C 87 1.98 15.46 13.45
C LYS C 87 2.98 15.03 12.38
N LEU C 88 4.10 14.44 12.79
CA LEU C 88 5.14 14.08 11.83
C LEU C 88 4.76 12.84 11.00
N GLN C 89 4.03 11.88 11.59
CA GLN C 89 3.56 10.75 10.81
C GLN C 89 2.74 11.22 9.61
N HIS C 90 1.83 12.17 9.83
CA HIS C 90 1.03 12.66 8.71
C HIS C 90 1.89 13.38 7.69
N PHE C 91 2.85 14.20 8.14
CA PHE C 91 3.78 14.81 7.21
C PHE C 91 4.56 13.75 6.46
N ASP C 92 5.18 12.82 7.20
CA ASP C 92 5.99 11.77 6.62
C ASP C 92 5.28 11.03 5.49
N HIS C 93 3.96 11.00 5.51
CA HIS C 93 3.16 10.20 4.59
C HIS C 93 2.32 11.05 3.63
N GLU C 94 2.71 12.30 3.36
CA GLU C 94 1.85 13.19 2.56
C GLU C 94 1.83 12.80 1.09
N ARG C 95 2.94 12.25 0.56
CA ARG C 95 3.08 12.03 -0.88
C ARG C 95 2.42 10.74 -1.35
N ILE C 96 1.78 10.81 -2.52
CA ILE C 96 1.29 9.64 -3.22
C ILE C 96 2.04 9.58 -4.55
N PRO C 97 2.09 8.41 -5.20
CA PRO C 97 2.82 8.31 -6.49
C PRO C 97 2.24 9.28 -7.49
N GLU C 98 3.10 9.88 -8.30
CA GLU C 98 2.61 10.74 -9.36
C GLU C 98 2.03 9.87 -10.47
N ARG C 99 1.22 10.46 -11.34
CA ARG C 99 0.68 9.68 -12.45
C ARG C 99 1.82 9.14 -13.30
N VAL C 100 1.65 7.92 -13.82
CA VAL C 100 2.72 7.30 -14.62
C VAL C 100 2.99 8.11 -15.90
N VAL C 101 1.96 8.73 -16.47
CA VAL C 101 2.14 9.70 -17.56
C VAL C 101 1.24 10.87 -17.22
N HIS C 102 1.55 12.03 -17.80
CA HIS C 102 0.81 13.27 -17.53
C HIS C 102 0.93 13.70 -16.06
N ALA C 103 2.10 13.48 -15.44
CA ALA C 103 2.26 13.82 -14.02
C ALA C 103 2.17 15.30 -13.78
N ARG C 104 2.57 16.11 -14.74
CA ARG C 104 2.55 17.56 -14.57
C ARG C 104 1.30 18.13 -15.19
N GLY C 105 0.47 18.78 -14.37
CA GLY C 105 -0.82 19.25 -14.87
C GLY C 105 -1.52 20.14 -13.88
N ALA C 106 -2.61 20.75 -14.34
CA ALA C 106 -3.43 21.59 -13.47
C ALA C 106 -4.86 21.60 -13.98
N GLY C 107 -5.80 21.91 -13.07
CA GLY C 107 -7.20 21.82 -13.44
C GLY C 107 -8.11 22.84 -12.78
N ALA C 108 -9.40 22.76 -13.13
CA ALA C 108 -10.40 23.72 -12.66
C ALA C 108 -11.80 23.14 -12.86
N HIS C 109 -12.76 23.70 -12.11
CA HIS C 109 -14.16 23.32 -12.16
C HIS C 109 -14.91 24.22 -13.11
N GLY C 110 -16.03 23.74 -13.61
CA GLY C 110 -16.90 24.57 -14.42
C GLY C 110 -18.22 23.93 -14.71
N ILE C 111 -18.90 24.47 -15.72
CA ILE C 111 -20.24 24.06 -16.12
C ILE C 111 -20.23 23.81 -17.62
N PHE C 112 -20.77 22.66 -18.04
CA PHE C 112 -21.08 22.40 -19.44
C PHE C 112 -22.56 22.67 -19.68
N THR C 113 -22.88 23.38 -20.76
CA THR C 113 -24.26 23.62 -21.17
C THR C 113 -24.50 23.01 -22.55
N SER C 114 -25.58 22.24 -22.69
CA SER C 114 -25.94 21.68 -23.99
C SER C 114 -26.76 22.68 -24.80
N TYR C 115 -26.48 22.76 -26.09
CA TYR C 115 -27.21 23.70 -26.93
C TYR C 115 -28.51 23.12 -27.44
N GLY C 116 -28.77 21.84 -27.24
CA GLY C 116 -29.94 21.25 -27.85
C GLY C 116 -30.38 19.99 -27.15
N ASP C 117 -31.52 19.50 -27.59
CA ASP C 117 -31.98 18.14 -27.29
C ASP C 117 -31.41 17.26 -28.40
N TRP C 118 -30.36 16.51 -28.08
CA TRP C 118 -29.67 15.70 -29.08
C TRP C 118 -30.06 14.23 -29.02
N SER C 119 -31.28 13.94 -28.54
CA SER C 119 -31.74 12.56 -28.47
C SER C 119 -31.78 11.87 -29.83
N ASN C 120 -31.84 12.62 -30.94
CA ASN C 120 -31.81 11.98 -32.25
C ASN C 120 -30.45 11.39 -32.58
N ILE C 121 -29.40 11.77 -31.87
CA ILE C 121 -28.10 11.15 -32.10
C ILE C 121 -27.55 10.43 -30.88
N THR C 122 -27.97 10.76 -29.66
CA THR C 122 -27.46 10.00 -28.52
C THR C 122 -28.50 9.95 -27.39
N ALA C 123 -28.51 8.84 -26.68
CA ALA C 123 -29.29 8.73 -25.45
C ALA C 123 -28.62 9.37 -24.26
N ALA C 124 -27.43 9.95 -24.44
CA ALA C 124 -26.67 10.48 -23.31
C ALA C 124 -27.44 11.61 -22.63
N SER C 125 -27.65 11.46 -21.33
CA SER C 125 -28.56 12.35 -20.60
C SER C 125 -28.03 13.79 -20.54
N PHE C 126 -26.71 13.97 -20.39
CA PHE C 126 -26.21 15.34 -20.31
C PHE C 126 -26.34 16.10 -21.62
N LEU C 127 -26.66 15.43 -22.73
CA LEU C 127 -26.94 16.08 -24.00
C LEU C 127 -28.43 16.06 -24.34
N GLY C 128 -29.28 15.79 -23.36
CA GLY C 128 -30.67 15.45 -23.62
C GLY C 128 -31.67 16.59 -23.66
N ALA C 129 -31.26 17.82 -23.41
CA ALA C 129 -32.23 18.92 -23.42
C ALA C 129 -31.48 20.23 -23.66
N LYS C 130 -32.16 21.17 -24.30
CA LYS C 130 -31.57 22.47 -24.58
C LYS C 130 -31.34 23.22 -23.27
N ASP C 131 -30.14 23.79 -23.11
CA ASP C 131 -29.73 24.57 -21.95
C ASP C 131 -29.52 23.72 -20.70
N LYS C 132 -29.54 22.39 -20.82
CA LYS C 132 -29.24 21.52 -19.69
C LYS C 132 -27.80 21.71 -19.25
N GLN C 133 -27.58 21.86 -17.95
CA GLN C 133 -26.25 22.13 -17.42
C GLN C 133 -25.74 20.98 -16.57
N THR C 134 -24.44 20.71 -16.71
CA THR C 134 -23.73 19.65 -16.01
C THR C 134 -22.43 20.20 -15.46
N PRO C 135 -22.10 19.97 -14.19
CA PRO C 135 -20.78 20.37 -13.70
C PRO C 135 -19.69 19.56 -14.38
N VAL C 136 -18.52 20.19 -14.57
CA VAL C 136 -17.34 19.51 -15.07
C VAL C 136 -16.15 19.80 -14.19
N PHE C 137 -15.12 18.99 -14.35
CA PHE C 137 -13.76 19.33 -13.94
C PHE C 137 -12.84 18.96 -15.10
N VAL C 138 -11.88 19.83 -15.38
CA VAL C 138 -10.94 19.63 -16.47
C VAL C 138 -9.53 19.68 -15.90
N ARG C 139 -8.66 18.74 -16.32
CA ARG C 139 -7.25 18.78 -15.98
C ARG C 139 -6.45 18.80 -17.28
N PHE C 140 -5.52 19.73 -17.38
CA PHE C 140 -4.61 19.88 -18.52
C PHE C 140 -3.24 19.45 -18.04
N SER C 141 -2.38 19.04 -18.96
CA SER C 141 -1.12 18.42 -18.56
C SER C 141 -0.15 18.39 -19.73
N THR C 142 1.13 18.15 -19.43
CA THR C 142 2.06 17.61 -20.41
C THR C 142 1.98 16.08 -20.34
N VAL C 143 2.95 15.35 -20.89
CA VAL C 143 2.89 13.89 -20.86
C VAL C 143 4.13 13.30 -20.17
N ALA C 144 5.31 13.65 -20.69
CA ALA C 144 6.54 12.93 -20.30
C ALA C 144 7.06 13.36 -18.94
N GLY C 145 7.01 14.65 -18.62
CA GLY C 145 7.74 15.15 -17.46
C GLY C 145 7.11 14.73 -16.15
N SER C 146 7.94 14.71 -15.09
CA SER C 146 7.48 14.41 -13.75
C SER C 146 6.79 15.64 -13.12
N ARG C 147 6.41 15.49 -11.83
N ARG C 147 6.25 15.45 -11.92
CA ARG C 147 5.45 16.39 -11.15
CA ARG C 147 5.68 16.59 -11.20
C ARG C 147 5.85 17.86 -11.17
C ARG C 147 6.80 17.58 -10.89
N GLY C 148 7.14 18.16 -11.10
N GLY C 148 6.55 18.85 -11.13
CA GLY C 148 7.63 19.52 -10.93
CA GLY C 148 7.60 19.84 -10.95
C GLY C 148 8.39 20.05 -12.13
C GLY C 148 8.35 20.19 -12.20
N SER C 149 8.21 19.42 -13.29
CA SER C 149 8.83 19.84 -14.54
C SER C 149 8.07 21.03 -15.11
N ALA C 150 8.71 21.71 -16.07
CA ALA C 150 8.17 22.99 -16.53
C ALA C 150 6.93 22.83 -17.41
N ASP C 151 6.02 23.79 -17.29
CA ASP C 151 4.82 23.81 -18.14
C ASP C 151 5.20 23.95 -19.62
N THR C 152 6.22 24.76 -19.93
CA THR C 152 6.53 25.07 -21.32
C THR C 152 7.63 24.15 -21.90
N ALA C 153 7.75 22.93 -21.38
CA ALA C 153 8.42 21.89 -22.14
C ALA C 153 7.66 21.62 -23.43
N ARG C 154 8.37 21.17 -24.46
CA ARG C 154 7.70 20.77 -25.69
C ARG C 154 7.13 19.38 -25.49
N ASP C 155 5.83 19.21 -25.72
CA ASP C 155 5.20 17.93 -25.44
C ASP C 155 3.79 17.92 -26.02
N VAL C 156 3.27 16.69 -26.16
CA VAL C 156 1.84 16.51 -26.24
C VAL C 156 1.21 17.03 -24.96
N HIS C 157 -0.01 17.56 -25.04
CA HIS C 157 -0.70 18.06 -23.87
C HIS C 157 -2.00 17.31 -23.64
N GLY C 158 -2.25 16.96 -22.38
CA GLY C 158 -3.51 16.35 -22.04
C GLY C 158 -4.61 17.38 -21.86
N PHE C 159 -5.83 16.96 -22.17
CA PHE C 159 -7.03 17.79 -22.06
C PHE C 159 -8.14 16.81 -21.65
N ALA C 160 -8.33 16.64 -20.34
CA ALA C 160 -9.20 15.60 -19.80
C ALA C 160 -10.39 16.23 -19.08
N THR C 161 -11.60 15.84 -19.46
CA THR C 161 -12.83 16.44 -18.95
C THR C 161 -13.70 15.37 -18.30
N ARG C 162 -14.16 15.64 -17.08
CA ARG C 162 -15.20 14.84 -16.46
C ARG C 162 -16.51 15.61 -16.50
N PHE C 163 -17.58 14.95 -16.97
CA PHE C 163 -18.94 15.44 -16.85
C PHE C 163 -19.61 14.69 -15.71
N TYR C 164 -20.05 15.43 -14.68
CA TYR C 164 -20.74 14.82 -13.56
C TYR C 164 -22.22 14.75 -13.91
N THR C 165 -22.58 13.78 -14.77
CA THR C 165 -23.93 13.79 -15.31
C THR C 165 -24.90 13.12 -14.33
N ASP C 166 -26.19 13.34 -14.56
CA ASP C 166 -27.19 12.69 -13.71
C ASP C 166 -27.36 11.22 -14.02
N GLU C 167 -26.57 10.66 -14.95
CA GLU C 167 -26.54 9.21 -15.13
C GLU C 167 -25.10 8.70 -15.07
N GLY C 168 -24.28 9.33 -14.24
CA GLY C 168 -22.94 8.87 -13.97
C GLY C 168 -21.89 9.83 -14.49
N ASN C 169 -20.66 9.58 -14.06
CA ASN C 169 -19.50 10.35 -14.53
C ASN C 169 -19.12 9.91 -15.94
N PHE C 170 -18.99 10.88 -16.84
CA PHE C 170 -18.55 10.62 -18.20
C PHE C 170 -17.27 11.42 -18.44
N ASP C 171 -16.17 10.71 -18.72
CA ASP C 171 -14.88 11.34 -18.98
C ASP C 171 -14.57 11.31 -20.47
N ILE C 172 -14.17 12.46 -21.01
CA ILE C 172 -13.48 12.53 -22.29
C ILE C 172 -12.02 12.79 -21.96
N VAL C 173 -11.18 11.78 -22.08
CA VAL C 173 -9.79 11.84 -21.64
C VAL C 173 -8.98 12.05 -22.92
N GLY C 174 -8.77 13.32 -23.28
CA GLY C 174 -8.21 13.67 -24.55
C GLY C 174 -6.89 14.42 -24.44
N ASN C 175 -6.37 14.79 -25.63
CA ASN C 175 -5.11 15.50 -25.80
C ASN C 175 -5.37 16.73 -26.68
N ASN C 176 -4.37 17.62 -26.79
CA ASN C 176 -4.47 18.79 -27.64
C ASN C 176 -4.04 18.51 -29.07
N ILE C 177 -3.82 17.23 -29.39
CA ILE C 177 -3.37 16.77 -30.70
C ILE C 177 -4.34 15.65 -31.08
N PRO C 178 -4.87 15.64 -32.31
CA PRO C 178 -5.95 14.69 -32.63
C PRO C 178 -5.51 13.27 -32.97
N VAL C 179 -4.22 12.95 -32.97
CA VAL C 179 -3.75 11.61 -33.29
C VAL C 179 -2.71 11.19 -32.26
N PHE C 180 -2.50 9.88 -32.13
CA PHE C 180 -1.54 9.34 -31.17
C PHE C 180 -0.43 8.56 -31.87
N PHE C 181 0.67 8.29 -31.12
CA PHE C 181 1.92 7.77 -31.69
C PHE C 181 1.80 6.32 -32.18
N ILE C 182 0.98 5.51 -31.53
CA ILE C 182 0.99 4.06 -31.67
C ILE C 182 -0.42 3.56 -31.92
N GLN C 183 -0.52 2.42 -32.59
CA GLN C 183 -1.80 1.85 -33.03
C GLN C 183 -2.32 0.74 -32.12
N ASP C 184 -1.51 0.22 -31.19
CA ASP C 184 -1.93 -0.87 -30.33
C ASP C 184 -1.49 -0.55 -28.91
N ALA C 185 -2.42 -0.63 -27.96
CA ALA C 185 -2.12 -0.24 -26.58
C ALA C 185 -1.00 -1.06 -25.94
N ILE C 186 -0.74 -2.28 -26.42
CA ILE C 186 0.34 -3.08 -25.86
C ILE C 186 1.70 -2.40 -26.03
N ARG C 187 1.79 -1.41 -26.91
CA ARG C 187 3.05 -0.72 -27.20
C ARG C 187 3.26 0.53 -26.36
N PHE C 188 2.27 0.93 -25.56
CA PHE C 188 2.40 2.16 -24.77
C PHE C 188 3.64 2.16 -23.86
N PRO C 189 3.98 1.08 -23.13
CA PRO C 189 5.21 1.15 -22.32
C PRO C 189 6.44 1.40 -23.17
N ASP C 190 6.46 0.85 -24.38
CA ASP C 190 7.61 1.05 -25.25
C ASP C 190 7.76 2.51 -25.65
N LEU C 191 6.66 3.11 -26.12
CA LEU C 191 6.65 4.54 -26.38
C LEU C 191 7.10 5.35 -25.16
N ILE C 192 6.49 5.09 -24.00
CA ILE C 192 6.72 5.93 -22.82
C ILE C 192 8.15 5.77 -22.32
N HIS C 193 8.64 4.52 -22.20
CA HIS C 193 10.03 4.30 -21.80
C HIS C 193 10.99 5.04 -22.70
N SER C 194 10.74 5.02 -24.02
CA SER C 194 11.68 5.63 -24.95
C SER C 194 11.71 7.14 -24.81
N VAL C 195 10.60 7.76 -24.43
N VAL C 195 10.59 7.74 -24.45
CA VAL C 195 10.54 9.22 -24.36
CA VAL C 195 10.48 9.19 -24.35
C VAL C 195 10.86 9.75 -22.96
C VAL C 195 10.90 9.72 -22.98
N LYS C 196 10.63 8.97 -21.91
CA LYS C 196 10.98 9.37 -20.56
C LYS C 196 12.49 9.27 -20.35
N PRO C 197 13.03 9.78 -19.23
CA PRO C 197 14.50 9.86 -19.10
C PRO C 197 15.19 8.52 -19.27
N SER C 198 16.46 8.58 -19.65
CA SER C 198 17.22 7.36 -19.90
C SER C 198 17.35 6.64 -18.55
N PRO C 199 17.16 5.32 -18.48
CA PRO C 199 17.00 4.69 -17.17
C PRO C 199 18.30 4.52 -16.39
N ASP C 200 19.48 4.75 -16.98
CA ASP C 200 20.70 4.68 -16.18
C ASP C 200 20.92 5.94 -15.35
N ASN C 201 20.78 7.12 -15.96
CA ASN C 201 21.04 8.36 -15.23
C ASN C 201 19.82 9.25 -15.04
N GLU C 202 18.64 8.86 -15.55
CA GLU C 202 17.41 9.65 -15.51
C GLU C 202 17.60 11.05 -16.10
N VAL C 203 18.15 11.08 -17.31
CA VAL C 203 18.34 12.29 -18.13
C VAL C 203 17.81 11.96 -19.51
N PRO C 204 17.06 12.85 -20.19
CA PRO C 204 16.64 14.20 -19.78
C PRO C 204 15.20 14.34 -19.34
N GLN C 205 14.95 15.33 -18.49
CA GLN C 205 13.63 15.59 -17.95
C GLN C 205 12.74 16.24 -19.00
N ALA C 206 11.50 15.75 -19.12
CA ALA C 206 10.43 16.41 -19.87
C ALA C 206 10.86 16.79 -21.29
N ALA C 207 11.48 15.84 -21.99
CA ALA C 207 12.00 16.15 -23.32
C ALA C 207 12.08 14.89 -24.18
N THR C 208 11.80 15.05 -25.47
CA THR C 208 12.02 14.01 -26.46
C THR C 208 13.35 14.17 -27.20
N ALA C 209 14.14 15.19 -26.86
CA ALA C 209 15.39 15.45 -27.58
C ALA C 209 16.52 14.57 -27.04
N HIS C 210 16.41 13.26 -27.29
CA HIS C 210 17.47 12.34 -26.90
C HIS C 210 17.38 11.04 -27.70
N ASP C 211 18.46 10.26 -27.66
CA ASP C 211 18.63 9.10 -28.54
C ASP C 211 17.43 8.17 -28.52
N SER C 212 17.01 7.75 -27.31
CA SER C 212 16.03 6.66 -27.22
C SER C 212 14.70 7.06 -27.86
N ALA C 213 14.31 8.33 -27.74
CA ALA C 213 13.01 8.74 -28.27
C ALA C 213 13.02 8.72 -29.80
N TRP C 214 14.06 9.28 -30.41
CA TRP C 214 14.17 9.28 -31.87
C TRP C 214 14.53 7.91 -32.42
N ASP C 215 15.11 7.03 -31.60
CA ASP C 215 15.26 5.63 -31.99
C ASP C 215 13.89 4.96 -32.10
N PHE C 216 13.00 5.23 -31.14
CA PHE C 216 11.64 4.68 -31.21
C PHE C 216 10.85 5.30 -32.36
N PHE C 217 10.86 6.63 -32.47
CA PHE C 217 10.09 7.29 -33.52
C PHE C 217 10.45 6.74 -34.89
N SER C 218 11.74 6.49 -35.13
CA SER C 218 12.15 6.02 -36.45
C SER C 218 12.03 4.51 -36.59
N SER C 219 12.08 3.77 -35.48
CA SER C 219 11.83 2.32 -35.54
C SER C 219 10.34 1.98 -35.57
N GLN C 220 9.47 2.91 -35.17
CA GLN C 220 8.03 2.66 -35.10
C GLN C 220 7.37 3.78 -35.89
N PRO C 221 7.40 3.70 -37.22
CA PRO C 221 7.02 4.85 -38.05
C PRO C 221 5.61 5.34 -37.84
N SER C 222 4.71 4.54 -37.26
CA SER C 222 3.40 5.04 -36.92
C SER C 222 3.46 6.32 -36.11
N ALA C 223 4.52 6.49 -35.31
CA ALA C 223 4.67 7.64 -34.42
C ALA C 223 4.90 8.95 -35.16
N LEU C 224 5.10 8.93 -36.48
CA LEU C 224 5.54 10.13 -37.19
C LEU C 224 4.47 11.21 -37.22
N HIS C 225 3.19 10.82 -37.24
CA HIS C 225 2.15 11.83 -37.34
C HIS C 225 2.08 12.68 -36.07
N THR C 226 1.94 12.04 -34.91
CA THR C 226 1.91 12.79 -33.65
C THR C 226 3.21 13.55 -33.42
N LEU C 227 4.34 12.99 -33.88
CA LEU C 227 5.61 13.68 -33.76
C LEU C 227 5.57 15.02 -34.47
N PHE C 228 5.10 15.05 -35.72
CA PHE C 228 5.01 16.29 -36.47
C PHE C 228 4.13 17.31 -35.74
N TRP C 229 3.04 16.85 -35.13
CA TRP C 229 2.19 17.76 -34.37
C TRP C 229 2.93 18.30 -33.15
N ALA C 230 3.62 17.40 -32.43
CA ALA C 230 4.34 17.81 -31.24
C ALA C 230 5.48 18.76 -31.59
N MET C 231 6.02 18.65 -32.81
CA MET C 231 7.04 19.57 -33.30
C MET C 231 6.45 20.89 -33.83
N SER C 232 5.12 20.97 -33.97
CA SER C 232 4.48 22.21 -34.40
C SER C 232 4.16 23.05 -33.16
N GLY C 233 3.35 24.11 -33.35
CA GLY C 233 2.92 24.94 -32.24
C GLY C 233 2.16 24.21 -31.15
N ASN C 234 1.54 23.06 -31.48
CA ASN C 234 0.78 22.30 -30.49
C ASN C 234 1.67 21.78 -29.36
N GLY C 235 2.97 21.62 -29.61
CA GLY C 235 3.88 21.16 -28.58
C GLY C 235 4.31 22.25 -27.62
N ILE C 236 4.16 23.52 -27.99
CA ILE C 236 4.49 24.63 -27.09
C ILE C 236 3.36 25.66 -27.10
N PRO C 237 2.17 25.30 -26.59
CA PRO C 237 1.04 26.24 -26.62
C PRO C 237 1.23 27.42 -25.69
N ARG C 238 0.57 28.54 -26.04
CA ARG C 238 0.68 29.74 -25.21
C ARG C 238 0.07 29.51 -23.84
N SER C 239 -1.04 28.76 -23.77
CA SER C 239 -1.69 28.47 -22.51
C SER C 239 -2.66 27.31 -22.72
N TYR C 240 -3.14 26.74 -21.60
CA TYR C 240 -4.19 25.74 -21.68
C TYR C 240 -5.41 26.31 -22.37
N ARG C 241 -5.71 27.59 -22.11
CA ARG C 241 -6.91 28.20 -22.64
C ARG C 241 -6.85 28.42 -24.14
N HIS C 242 -5.65 28.34 -24.74
CA HIS C 242 -5.48 28.49 -26.18
C HIS C 242 -5.20 27.17 -26.88
N MET C 243 -5.79 26.07 -26.39
CA MET C 243 -5.66 24.76 -27.02
C MET C 243 -7.03 24.28 -27.48
N ASP C 244 -7.06 23.62 -28.64
CA ASP C 244 -8.18 22.74 -28.93
C ASP C 244 -7.95 21.40 -28.22
N GLY C 245 -9.03 20.64 -28.07
CA GLY C 245 -8.96 19.31 -27.49
C GLY C 245 -9.57 18.29 -28.42
N PHE C 246 -9.18 17.03 -28.21
CA PHE C 246 -9.60 15.93 -29.07
C PHE C 246 -9.77 14.67 -28.24
N GLY C 247 -10.83 13.92 -28.51
CA GLY C 247 -10.89 12.58 -27.95
C GLY C 247 -9.98 11.58 -28.65
N ILE C 248 -9.47 11.94 -29.84
CA ILE C 248 -8.62 11.11 -30.70
C ILE C 248 -9.40 9.93 -31.27
N HIS C 249 -9.75 8.98 -30.41
CA HIS C 249 -10.41 7.77 -30.87
C HIS C 249 -11.77 8.05 -31.47
N THR C 250 -12.15 7.23 -32.45
CA THR C 250 -13.54 7.15 -32.86
C THR C 250 -14.32 6.40 -31.77
N PHE C 251 -15.40 7.01 -31.27
CA PHE C 251 -16.32 6.33 -30.36
C PHE C 251 -17.64 6.06 -31.09
N ARG C 252 -18.66 5.65 -30.33
CA ARG C 252 -20.02 5.51 -30.84
C ARG C 252 -20.99 6.32 -29.99
N LEU C 253 -21.89 7.04 -30.66
CA LEU C 253 -23.08 7.62 -30.05
C LEU C 253 -24.26 6.69 -30.34
N VAL C 254 -25.09 6.45 -29.33
CA VAL C 254 -26.12 5.43 -29.43
C VAL C 254 -27.44 6.01 -28.94
N THR C 255 -28.50 5.86 -29.75
CA THR C 255 -29.84 6.28 -29.36
C THR C 255 -30.54 5.19 -28.54
N GLU C 256 -31.75 5.49 -28.04
CA GLU C 256 -32.48 4.56 -27.18
C GLU C 256 -32.72 3.22 -27.86
N ASP C 257 -32.95 3.22 -29.17
CA ASP C 257 -33.24 1.98 -29.87
C ASP C 257 -31.99 1.23 -30.32
N GLY C 258 -30.79 1.72 -29.99
CA GLY C 258 -29.58 1.03 -30.33
C GLY C 258 -28.94 1.42 -31.65
N LYS C 259 -29.54 2.35 -32.40
CA LYS C 259 -28.91 2.92 -33.59
C LYS C 259 -27.67 3.72 -33.19
N SER C 260 -26.59 3.55 -33.96
CA SER C 260 -25.32 4.14 -33.60
C SER C 260 -24.71 4.94 -34.75
N LYS C 261 -23.94 5.95 -34.36
CA LYS C 261 -23.12 6.77 -35.23
C LYS C 261 -21.68 6.73 -34.72
N LEU C 262 -20.71 6.67 -35.63
CA LEU C 262 -19.34 6.91 -35.20
C LEU C 262 -19.12 8.39 -34.95
N VAL C 263 -18.26 8.70 -33.99
CA VAL C 263 -18.13 10.07 -33.49
C VAL C 263 -16.67 10.35 -33.11
N LYS C 264 -16.20 11.55 -33.48
CA LYS C 264 -14.96 12.13 -32.96
C LYS C 264 -15.31 13.35 -32.12
N TRP C 265 -14.77 13.40 -30.90
CA TRP C 265 -14.98 14.54 -30.01
C TRP C 265 -13.97 15.65 -30.29
N HIS C 266 -14.44 16.90 -30.24
CA HIS C 266 -13.59 18.06 -30.44
C HIS C 266 -13.96 19.14 -29.43
N TRP C 267 -12.95 19.73 -28.78
CA TRP C 267 -13.12 20.97 -28.03
C TRP C 267 -12.51 22.10 -28.84
N LYS C 268 -13.29 23.15 -29.12
CA LYS C 268 -12.82 24.32 -29.89
C LYS C 268 -12.71 25.51 -28.94
N THR C 269 -11.47 25.98 -28.73
CA THR C 269 -11.28 27.05 -27.75
C THR C 269 -11.90 28.35 -28.24
N LYS C 270 -12.69 28.98 -27.38
CA LYS C 270 -13.24 30.29 -27.71
C LYS C 270 -12.21 31.40 -27.64
N GLN C 271 -11.03 31.11 -27.12
CA GLN C 271 -9.93 32.05 -26.98
C GLN C 271 -9.00 32.06 -28.19
N GLY C 272 -9.14 31.09 -29.09
CA GLY C 272 -8.27 30.90 -30.24
C GLY C 272 -7.00 30.15 -29.85
N LYS C 273 -6.43 29.45 -30.83
CA LYS C 273 -5.18 28.74 -30.62
C LYS C 273 -4.00 29.70 -30.70
N ALA C 274 -3.00 29.48 -29.86
CA ALA C 274 -1.83 30.34 -29.89
C ALA C 274 -0.65 29.57 -29.34
N ALA C 275 0.53 29.87 -29.87
CA ALA C 275 1.72 29.11 -29.52
C ALA C 275 2.90 30.04 -29.31
N LEU C 276 3.84 29.59 -28.48
CA LEU C 276 5.14 30.22 -28.31
C LEU C 276 6.06 29.83 -29.46
N VAL C 277 7.29 30.36 -29.42
CA VAL C 277 8.39 29.82 -30.22
C VAL C 277 9.36 29.15 -29.25
N TRP C 278 10.16 28.23 -29.78
CA TRP C 278 10.90 27.31 -28.91
C TRP C 278 11.91 28.06 -28.04
N GLU C 279 12.68 28.97 -28.64
CA GLU C 279 13.71 29.67 -27.89
C GLU C 279 13.12 30.49 -26.74
N GLU C 280 11.84 30.83 -26.84
CA GLU C 280 11.13 31.51 -25.77
C GLU C 280 10.70 30.52 -24.68
N ALA C 281 10.07 29.41 -25.10
CA ALA C 281 9.63 28.36 -24.18
C ALA C 281 10.77 27.82 -23.31
N GLN C 282 11.99 27.77 -23.85
CA GLN C 282 13.13 27.28 -23.07
C GLN C 282 13.43 28.21 -21.90
N VAL C 283 13.53 29.51 -22.17
CA VAL C 283 13.80 30.46 -21.09
C VAL C 283 12.64 30.47 -20.09
N LEU C 284 11.41 30.47 -20.60
CA LEU C 284 10.22 30.50 -19.75
C LEU C 284 10.20 29.30 -18.79
N ALA C 285 10.60 28.13 -19.28
CA ALA C 285 10.72 26.95 -18.43
C ALA C 285 11.58 27.23 -17.20
N GLY C 286 12.58 28.10 -17.31
CA GLY C 286 13.40 28.47 -16.18
C GLY C 286 12.83 29.64 -15.41
N LYS C 287 12.34 30.66 -16.13
CA LYS C 287 11.86 31.86 -15.45
C LYS C 287 10.53 31.64 -14.74
N ASN C 288 9.75 30.68 -15.21
CA ASN C 288 8.46 30.39 -14.60
C ASN C 288 7.94 29.01 -15.01
N ALA C 289 8.35 27.98 -14.27
CA ALA C 289 7.90 26.62 -14.59
C ALA C 289 6.39 26.49 -14.48
N ASP C 290 5.74 27.42 -13.79
CA ASP C 290 4.30 27.38 -13.51
C ASP C 290 3.50 28.26 -14.47
N PHE C 291 4.06 28.57 -15.64
CA PHE C 291 3.45 29.56 -16.52
C PHE C 291 2.03 29.20 -16.91
N HIS C 292 1.76 27.94 -17.26
CA HIS C 292 0.41 27.58 -17.71
C HIS C 292 -0.57 27.43 -16.56
N ARG C 293 -0.16 26.83 -15.43
CA ARG C 293 -1.12 26.72 -14.34
C ARG C 293 -1.43 28.07 -13.72
N GLN C 294 -0.44 28.98 -13.68
CA GLN C 294 -0.70 30.32 -13.20
C GLN C 294 -1.62 31.08 -14.15
N ASP C 295 -1.46 30.88 -15.46
CA ASP C 295 -2.30 31.54 -16.46
C ASP C 295 -3.76 31.14 -16.30
N LEU C 296 -4.01 29.83 -16.17
CA LEU C 296 -5.38 29.35 -15.96
C LEU C 296 -5.96 29.92 -14.67
N TRP C 297 -5.21 29.81 -13.57
CA TRP C 297 -5.66 30.33 -12.28
C TRP C 297 -6.05 31.80 -12.35
N ASP C 298 -5.16 32.63 -12.90
CA ASP C 298 -5.43 34.07 -12.98
C ASP C 298 -6.65 34.37 -13.83
N ALA C 299 -6.80 33.66 -14.94
CA ALA C 299 -7.94 33.93 -15.82
C ALA C 299 -9.25 33.70 -15.09
N ILE C 300 -9.31 32.63 -14.30
CA ILE C 300 -10.51 32.32 -13.55
C ILE C 300 -10.71 33.30 -12.40
N GLU C 301 -9.62 33.63 -11.68
CA GLU C 301 -9.73 34.54 -10.55
C GLU C 301 -10.18 35.92 -10.97
N SER C 302 -9.70 36.39 -12.11
CA SER C 302 -10.07 37.72 -12.62
C SER C 302 -11.43 37.75 -13.31
N GLY C 303 -12.18 36.64 -13.28
CA GLY C 303 -13.47 36.64 -13.92
C GLY C 303 -13.43 36.47 -15.42
N ASN C 304 -12.30 36.08 -15.99
CA ASN C 304 -12.18 35.80 -17.42
C ASN C 304 -12.14 34.30 -17.67
N ALA C 305 -13.24 33.65 -17.30
CA ALA C 305 -13.34 32.21 -17.40
C ALA C 305 -13.17 31.76 -18.85
N PRO C 306 -12.30 30.78 -19.14
CA PRO C 306 -12.17 30.30 -20.52
C PRO C 306 -13.29 29.34 -20.90
N SER C 307 -13.53 29.25 -22.21
CA SER C 307 -14.62 28.45 -22.73
C SER C 307 -14.17 27.61 -23.91
N TRP C 308 -14.82 26.47 -24.07
CA TRP C 308 -14.66 25.64 -25.25
C TRP C 308 -16.05 25.18 -25.69
N GLU C 309 -16.29 25.23 -26.99
CA GLU C 309 -17.45 24.55 -27.54
C GLU C 309 -17.12 23.08 -27.76
N LEU C 310 -18.08 22.23 -27.42
CA LEU C 310 -17.94 20.82 -27.74
C LEU C 310 -18.57 20.57 -29.11
N ALA C 311 -17.83 19.86 -29.96
CA ALA C 311 -18.25 19.60 -31.33
C ALA C 311 -17.95 18.15 -31.66
N VAL C 312 -18.72 17.60 -32.60
CA VAL C 312 -18.54 16.22 -33.03
C VAL C 312 -18.46 16.14 -34.55
N GLN C 313 -17.68 15.18 -35.02
CA GLN C 313 -17.83 14.69 -36.37
C GLN C 313 -18.62 13.40 -36.29
N LEU C 314 -19.67 13.29 -37.11
CA LEU C 314 -20.58 12.17 -37.08
C LEU C 314 -20.46 11.41 -38.39
N ILE C 315 -20.26 10.09 -38.29
CA ILE C 315 -19.99 9.24 -39.46
C ILE C 315 -20.89 8.02 -39.36
N ASP C 316 -21.61 7.70 -40.45
CA ASP C 316 -22.37 6.45 -40.51
C ASP C 316 -21.43 5.26 -40.37
N GLU C 317 -21.96 4.18 -39.78
CA GLU C 317 -21.14 2.99 -39.56
C GLU C 317 -20.53 2.46 -40.85
N ASP C 318 -21.27 2.54 -41.97
CA ASP C 318 -20.78 1.99 -43.23
C ASP C 318 -19.70 2.84 -43.87
N LYS C 319 -19.31 3.97 -43.27
CA LYS C 319 -18.26 4.81 -43.82
C LYS C 319 -16.97 4.75 -43.00
N ALA C 320 -16.83 3.74 -42.12
CA ALA C 320 -15.65 3.65 -41.27
C ALA C 320 -14.34 3.58 -42.06
N GLN C 321 -14.38 3.07 -43.30
CA GLN C 321 -13.18 2.96 -44.12
C GLN C 321 -13.32 3.74 -45.43
N ALA C 322 -14.09 4.83 -45.42
CA ALA C 322 -14.42 5.53 -46.65
C ALA C 322 -13.51 6.72 -46.95
N TYR C 323 -12.62 7.14 -46.05
CA TYR C 323 -11.96 8.42 -46.21
C TYR C 323 -10.45 8.29 -46.41
N GLY C 324 -10.00 7.18 -47.01
CA GLY C 324 -8.59 6.97 -47.27
C GLY C 324 -7.83 6.31 -46.14
N PHE C 325 -8.53 5.89 -45.09
CA PHE C 325 -7.92 5.30 -43.91
C PHE C 325 -9.03 4.66 -43.12
N ASP C 326 -8.65 3.95 -42.05
CA ASP C 326 -9.58 3.23 -41.20
C ASP C 326 -9.87 4.07 -39.96
N LEU C 327 -11.14 4.40 -39.74
CA LEU C 327 -11.45 5.18 -38.55
C LEU C 327 -11.20 4.42 -37.24
N LEU C 328 -10.87 3.14 -37.28
CA LEU C 328 -10.40 2.48 -36.05
C LEU C 328 -8.95 2.84 -35.73
N ASP C 329 -8.28 3.59 -36.59
CA ASP C 329 -6.84 3.80 -36.52
C ASP C 329 -6.57 5.15 -35.86
N PRO C 330 -6.08 5.17 -34.61
CA PRO C 330 -5.91 6.45 -33.90
C PRO C 330 -4.72 7.28 -34.35
N THR C 331 -3.95 6.87 -35.36
CA THR C 331 -2.89 7.69 -35.93
C THR C 331 -3.37 8.54 -37.10
N LYS C 332 -4.66 8.56 -37.35
CA LYS C 332 -5.25 9.37 -38.41
C LYS C 332 -6.38 10.21 -37.84
N PHE C 333 -6.57 11.39 -38.41
CA PHE C 333 -7.72 12.21 -38.06
C PHE C 333 -8.60 12.35 -39.30
N LEU C 334 -9.83 12.77 -39.08
CA LEU C 334 -10.81 12.88 -40.16
C LEU C 334 -10.83 14.31 -40.69
N PRO C 335 -10.36 14.56 -41.90
CA PRO C 335 -10.40 15.93 -42.45
C PRO C 335 -11.79 16.55 -42.38
N GLU C 336 -11.86 17.81 -41.95
CA GLU C 336 -13.15 18.46 -41.81
C GLU C 336 -13.88 18.62 -43.14
N GLU C 337 -13.17 18.51 -44.27
CA GLU C 337 -13.86 18.57 -45.57
C GLU C 337 -14.86 17.43 -45.72
N PHE C 338 -14.64 16.30 -45.04
CA PHE C 338 -15.49 15.13 -45.15
C PHE C 338 -16.61 15.10 -44.13
N ALA C 339 -16.36 15.68 -42.96
CA ALA C 339 -17.33 15.72 -41.87
C ALA C 339 -17.07 17.00 -41.09
N PRO C 340 -17.93 18.01 -41.25
CA PRO C 340 -17.74 19.26 -40.51
C PRO C 340 -18.00 19.08 -39.03
N LEU C 341 -17.44 20.00 -38.25
CA LEU C 341 -17.64 20.01 -36.81
C LEU C 341 -19.04 20.50 -36.46
N GLN C 342 -19.82 19.66 -35.77
CA GLN C 342 -21.17 20.02 -35.36
C GLN C 342 -21.15 20.37 -33.87
N VAL C 343 -21.51 21.61 -33.55
CA VAL C 343 -21.43 22.11 -32.18
C VAL C 343 -22.62 21.58 -31.37
N LEU C 344 -22.33 21.00 -30.21
CA LEU C 344 -23.36 20.44 -29.33
C LEU C 344 -23.60 21.26 -28.09
N GLY C 345 -22.59 21.99 -27.62
CA GLY C 345 -22.73 22.75 -26.40
C GLY C 345 -21.43 23.49 -26.11
N GLU C 346 -21.36 24.02 -24.89
CA GLU C 346 -20.21 24.84 -24.49
C GLU C 346 -19.87 24.57 -23.02
N MET C 347 -18.59 24.63 -22.72
CA MET C 347 -18.06 24.42 -21.38
C MET C 347 -17.28 25.66 -20.96
N THR C 348 -17.55 26.15 -19.76
CA THR C 348 -16.85 27.30 -19.19
C THR C 348 -16.25 26.89 -17.86
N LEU C 349 -14.95 27.12 -17.69
CA LEU C 349 -14.22 26.79 -16.46
C LEU C 349 -14.17 28.05 -15.59
N ASN C 350 -14.99 28.10 -14.55
CA ASN C 350 -15.10 29.34 -13.79
C ASN C 350 -14.86 29.18 -12.29
N ARG C 351 -14.34 28.04 -11.82
CA ARG C 351 -14.02 27.87 -10.40
C ARG C 351 -12.67 27.19 -10.25
N ASN C 352 -11.74 27.86 -9.60
CA ASN C 352 -10.49 27.24 -9.20
C ASN C 352 -10.73 26.26 -8.07
N PRO C 353 -9.87 25.25 -7.91
CA PRO C 353 -9.99 24.38 -6.74
C PRO C 353 -9.61 25.12 -5.48
N MET C 354 -10.04 24.56 -4.34
CA MET C 354 -9.67 25.11 -3.03
C MET C 354 -8.43 24.42 -2.45
N ASN C 355 -8.28 23.11 -2.62
CA ASN C 355 -7.05 22.42 -2.29
C ASN C 355 -6.59 21.64 -3.51
N TYR C 356 -5.43 22.01 -4.05
CA TYR C 356 -4.89 21.38 -5.26
C TYR C 356 -4.78 19.85 -5.10
N PHE C 357 -4.19 19.41 -3.99
CA PHE C 357 -3.94 17.97 -3.84
C PHE C 357 -5.26 17.19 -3.79
N ALA C 358 -6.20 17.63 -2.96
CA ALA C 358 -7.43 16.86 -2.75
C ALA C 358 -8.28 16.81 -4.00
N GLU C 359 -8.25 17.87 -4.81
CA GLU C 359 -9.04 17.92 -6.03
C GLU C 359 -8.20 17.56 -7.25
N THR C 360 -7.25 18.41 -7.64
CA THR C 360 -6.55 18.21 -8.90
C THR C 360 -5.65 16.97 -8.86
N GLU C 361 -4.83 16.81 -7.80
CA GLU C 361 -3.90 15.67 -7.80
C GLU C 361 -4.61 14.33 -7.66
N GLN C 362 -5.70 14.28 -6.91
CA GLN C 362 -6.37 13.03 -6.63
C GLN C 362 -7.35 12.59 -7.70
N ILE C 363 -7.79 13.48 -8.60
CA ILE C 363 -8.86 13.08 -9.51
C ILE C 363 -8.33 11.98 -10.43
N SER C 364 -9.19 11.00 -10.72
CA SER C 364 -8.83 9.78 -11.42
C SER C 364 -9.68 9.64 -12.68
N PHE C 365 -9.13 10.07 -13.82
CA PHE C 365 -9.83 9.99 -15.09
C PHE C 365 -9.78 8.58 -15.65
N GLN C 366 -10.86 8.18 -16.35
CA GLN C 366 -10.82 6.88 -17.05
C GLN C 366 -11.62 6.98 -18.35
N PRO C 367 -11.08 6.52 -19.48
CA PRO C 367 -11.92 6.39 -20.68
C PRO C 367 -13.01 5.36 -20.49
N GLY C 368 -12.86 4.45 -19.53
CA GLY C 368 -13.95 3.54 -19.22
C GLY C 368 -15.09 4.16 -18.44
N HIS C 369 -14.96 5.43 -18.03
CA HIS C 369 -16.08 6.17 -17.43
C HIS C 369 -17.04 6.58 -18.54
N ILE C 370 -17.91 5.63 -18.90
CA ILE C 370 -18.85 5.78 -20.00
C ILE C 370 -20.27 5.73 -19.43
N VAL C 371 -21.21 6.38 -20.14
CA VAL C 371 -22.60 6.45 -19.72
C VAL C 371 -23.48 5.95 -20.86
N ARG C 372 -24.73 5.66 -20.51
CA ARG C 372 -25.73 5.29 -21.51
C ARG C 372 -25.80 6.32 -22.62
N GLY C 373 -25.78 5.83 -23.86
CA GLY C 373 -25.78 6.66 -25.04
C GLY C 373 -24.43 6.81 -25.71
N VAL C 374 -23.37 6.31 -25.10
CA VAL C 374 -22.03 6.30 -25.67
C VAL C 374 -21.51 4.88 -25.57
N ASP C 375 -20.68 4.47 -26.55
CA ASP C 375 -20.09 3.14 -26.56
C ASP C 375 -18.69 3.24 -27.17
N PHE C 376 -17.92 2.17 -27.01
CA PHE C 376 -16.54 2.09 -27.51
C PHE C 376 -16.51 1.65 -28.97
N THR C 377 -15.32 1.74 -29.56
CA THR C 377 -15.03 1.08 -30.82
C THR C 377 -13.86 0.13 -30.63
N GLU C 378 -13.68 -0.76 -31.60
CA GLU C 378 -12.57 -1.70 -31.66
C GLU C 378 -11.25 -1.03 -32.02
N ASP C 379 -11.06 0.21 -31.61
CA ASP C 379 -9.77 0.88 -31.74
C ASP C 379 -8.79 0.18 -30.80
N PRO C 380 -7.74 -0.48 -31.30
CA PRO C 380 -6.88 -1.30 -30.41
C PRO C 380 -6.11 -0.50 -29.39
N LEU C 381 -6.00 0.83 -29.57
CA LEU C 381 -5.37 1.67 -28.56
C LEU C 381 -6.36 1.99 -27.45
N LEU C 382 -7.58 2.39 -27.82
CA LEU C 382 -8.64 2.62 -26.85
C LEU C 382 -8.93 1.35 -26.04
N GLN C 383 -9.00 0.20 -26.72
CA GLN C 383 -9.35 -1.06 -26.05
C GLN C 383 -8.47 -1.32 -24.83
N GLY C 384 -7.16 -1.14 -24.97
CA GLY C 384 -6.26 -1.39 -23.85
C GLY C 384 -6.23 -0.28 -22.82
N ARG C 385 -6.54 0.95 -23.23
CA ARG C 385 -6.66 2.04 -22.26
C ARG C 385 -7.70 1.72 -21.19
N LEU C 386 -8.79 1.05 -21.58
CA LEU C 386 -9.86 0.76 -20.62
C LEU C 386 -9.33 -0.07 -19.45
N TYR C 387 -8.45 -1.03 -19.70
CA TYR C 387 -7.84 -1.79 -18.61
C TYR C 387 -6.88 -0.94 -17.80
N SER C 388 -6.04 -0.15 -18.47
N SER C 388 -6.04 -0.15 -18.46
CA SER C 388 -4.90 0.47 -17.80
CA SER C 388 -4.89 0.45 -17.77
C SER C 388 -5.31 1.55 -16.81
C SER C 388 -5.32 1.54 -16.79
N TYR C 389 -6.32 2.35 -17.14
CA TYR C 389 -6.67 3.47 -16.26
C TYR C 389 -7.31 3.01 -14.97
N LEU C 390 -8.11 1.93 -15.02
CA LEU C 390 -8.66 1.36 -13.79
C LEU C 390 -7.56 0.75 -12.94
N ASP C 391 -6.69 -0.04 -13.56
CA ASP C 391 -5.60 -0.70 -12.83
C ASP C 391 -4.65 0.32 -12.20
N THR C 392 -4.29 1.38 -12.91
CA THR C 392 -3.28 2.30 -12.41
C THR C 392 -3.74 3.07 -11.18
N GLN C 393 -5.05 3.21 -10.96
CA GLN C 393 -5.51 3.90 -9.75
C GLN C 393 -5.19 3.10 -8.51
N LEU C 394 -5.07 1.78 -8.66
CA LEU C 394 -4.67 0.93 -7.53
C LEU C 394 -3.29 1.31 -7.04
N ASN C 395 -2.41 1.72 -7.95
CA ASN C 395 -1.09 2.18 -7.54
C ASN C 395 -1.15 3.57 -6.95
N ARG C 396 -1.81 4.48 -7.65
CA ARG C 396 -1.79 5.87 -7.23
C ARG C 396 -2.57 6.08 -5.93
N HIS C 397 -3.64 5.33 -5.72
CA HIS C 397 -4.46 5.49 -4.52
C HIS C 397 -4.33 4.36 -3.50
N ARG C 398 -3.52 3.35 -3.81
CA ARG C 398 -3.29 2.24 -2.89
C ARG C 398 -4.54 1.71 -2.23
N GLY C 399 -5.52 1.33 -3.06
CA GLY C 399 -6.77 0.77 -2.58
C GLY C 399 -7.83 0.89 -3.65
N PRO C 400 -8.93 0.15 -3.50
CA PRO C 400 -9.97 0.11 -4.54
C PRO C 400 -11.08 1.14 -4.39
N ASN C 401 -11.03 2.02 -3.38
CA ASN C 401 -12.14 2.88 -3.06
C ASN C 401 -11.93 4.33 -3.49
N PHE C 402 -11.04 4.57 -4.46
CA PHE C 402 -10.75 5.91 -4.95
C PHE C 402 -11.98 6.62 -5.55
N GLU C 403 -13.01 5.89 -6.00
CA GLU C 403 -14.20 6.59 -6.48
C GLU C 403 -15.01 7.21 -5.35
N GLN C 404 -14.71 6.89 -4.09
CA GLN C 404 -15.38 7.53 -2.99
C GLN C 404 -14.75 8.86 -2.58
N LEU C 405 -13.59 9.21 -3.14
CA LEU C 405 -12.99 10.51 -2.86
C LEU C 405 -13.91 11.61 -3.38
N PRO C 406 -14.06 12.71 -2.65
CA PRO C 406 -15.03 13.75 -3.07
C PRO C 406 -14.90 14.14 -4.54
N ILE C 407 -13.67 14.37 -5.03
CA ILE C 407 -13.50 14.79 -6.41
C ILE C 407 -13.89 13.70 -7.41
N ASN C 408 -13.94 12.43 -6.99
CA ASN C 408 -14.31 11.35 -7.91
C ASN C 408 -15.76 10.93 -7.82
N ARG C 409 -16.46 11.25 -6.73
CA ARG C 409 -17.84 10.81 -6.57
C ARG C 409 -18.70 11.30 -7.73
N PRO C 410 -19.63 10.49 -8.21
CA PRO C 410 -20.66 11.03 -9.10
C PRO C 410 -21.70 11.80 -8.28
N VAL C 411 -22.52 12.59 -8.98
CA VAL C 411 -23.66 13.23 -8.31
C VAL C 411 -24.93 12.39 -8.41
N SER C 412 -24.88 11.23 -9.09
CA SER C 412 -26.10 10.52 -9.44
C SER C 412 -26.46 9.36 -8.52
N GLY C 413 -25.59 8.95 -7.60
CA GLY C 413 -25.97 7.88 -6.70
C GLY C 413 -25.36 6.52 -7.04
N VAL C 414 -24.85 5.83 -6.02
CA VAL C 414 -24.14 4.56 -6.19
C VAL C 414 -24.88 3.51 -5.39
N HIS C 415 -25.30 2.43 -6.08
CA HIS C 415 -26.12 1.36 -5.49
C HIS C 415 -25.66 0.05 -6.11
N ASN C 416 -24.82 -0.69 -5.39
CA ASN C 416 -24.35 -1.99 -5.85
C ASN C 416 -23.97 -2.82 -4.64
N ASN C 417 -23.49 -4.03 -4.89
CA ASN C 417 -23.14 -4.95 -3.81
C ASN C 417 -21.65 -4.97 -3.49
N HIS C 418 -20.91 -3.94 -3.90
CA HIS C 418 -19.50 -3.88 -3.52
C HIS C 418 -19.40 -3.55 -2.05
N ARG C 419 -18.42 -4.15 -1.36
CA ARG C 419 -18.24 -3.91 0.06
C ARG C 419 -16.76 -3.88 0.40
N ASP C 420 -16.44 -3.36 1.58
CA ASP C 420 -15.11 -3.47 2.21
C ASP C 420 -14.06 -2.77 1.35
N GLY C 421 -12.84 -3.28 1.36
CA GLY C 421 -11.71 -2.62 0.74
C GLY C 421 -11.11 -1.53 1.62
N GLN C 422 -9.85 -1.22 1.35
CA GLN C 422 -9.16 -0.25 2.17
C GLN C 422 -9.87 1.10 2.12
N GLY C 423 -9.98 1.72 3.30
CA GLY C 423 -10.58 3.05 3.41
C GLY C 423 -12.06 3.13 3.08
N GLN C 424 -12.81 2.05 3.28
CA GLN C 424 -14.24 2.07 2.98
C GLN C 424 -14.93 3.19 3.77
N ALA C 425 -15.50 4.16 3.05
CA ALA C 425 -15.99 5.38 3.67
C ALA C 425 -17.47 5.35 3.97
N TRP C 426 -18.18 4.31 3.55
CA TRP C 426 -19.61 4.23 3.76
C TRP C 426 -19.96 3.06 4.68
N ILE C 427 -21.23 3.03 5.07
CA ILE C 427 -21.78 1.95 5.86
C ILE C 427 -23.03 1.48 5.13
N HIS C 428 -22.99 0.28 4.57
CA HIS C 428 -24.07 -0.22 3.73
C HIS C 428 -25.18 -0.84 4.56
N LYS C 429 -26.41 -0.49 4.21
CA LYS C 429 -27.61 -0.96 4.91
C LYS C 429 -28.03 -2.35 4.45
N ASN C 430 -27.84 -2.68 3.17
CA ASN C 430 -28.37 -3.94 2.64
C ASN C 430 -27.47 -5.09 3.05
N ILE C 431 -27.97 -5.94 3.94
CA ILE C 431 -27.24 -7.12 4.43
C ILE C 431 -27.04 -8.16 3.32
N HIS C 432 -27.94 -8.20 2.35
CA HIS C 432 -27.94 -9.27 1.36
C HIS C 432 -27.22 -8.75 0.12
N HIS C 433 -25.90 -8.70 0.25
CA HIS C 433 -25.00 -8.06 -0.69
C HIS C 433 -24.66 -9.00 -1.85
N TYR C 434 -25.70 -9.54 -2.50
CA TYR C 434 -25.50 -10.46 -3.61
C TYR C 434 -26.75 -10.45 -4.48
N SER C 435 -26.61 -11.06 -5.65
N SER C 435 -26.61 -11.08 -5.64
CA SER C 435 -27.68 -11.14 -6.63
CA SER C 435 -27.66 -11.13 -6.63
C SER C 435 -27.44 -12.38 -7.48
C SER C 435 -27.44 -12.39 -7.45
N PRO C 436 -28.50 -13.15 -7.78
CA PRO C 436 -29.88 -12.87 -7.39
C PRO C 436 -30.18 -13.34 -5.96
N SER C 437 -31.31 -12.89 -5.42
CA SER C 437 -31.60 -13.07 -4.01
C SER C 437 -33.08 -12.87 -3.79
N TYR C 438 -33.68 -13.75 -2.99
CA TYR C 438 -35.02 -13.49 -2.49
C TYR C 438 -34.99 -12.52 -1.32
N LEU C 439 -33.94 -12.58 -0.49
CA LEU C 439 -33.95 -11.84 0.76
C LEU C 439 -33.82 -10.33 0.57
N ASN C 440 -33.11 -9.87 -0.46
CA ASN C 440 -33.07 -8.44 -0.71
C ASN C 440 -34.19 -7.97 -1.63
N LYS C 441 -35.15 -8.84 -1.96
CA LYS C 441 -36.33 -8.55 -2.79
C LYS C 441 -35.95 -8.14 -4.20
N GLY C 442 -34.71 -8.38 -4.63
CA GLY C 442 -34.31 -8.05 -5.97
C GLY C 442 -33.63 -6.69 -6.12
N TYR C 443 -33.26 -6.05 -5.01
CA TYR C 443 -32.60 -4.74 -5.03
C TYR C 443 -31.20 -4.82 -4.41
N PRO C 444 -30.21 -4.11 -4.99
CA PRO C 444 -30.32 -3.30 -6.23
C PRO C 444 -30.65 -4.13 -7.46
N ALA C 445 -31.43 -3.56 -8.38
CA ALA C 445 -31.99 -4.32 -9.49
C ALA C 445 -31.18 -4.11 -10.76
N GLN C 446 -31.37 -5.03 -11.69
CA GLN C 446 -30.65 -5.00 -12.95
C GLN C 446 -31.26 -3.96 -13.89
N ALA C 447 -30.41 -3.28 -14.65
CA ALA C 447 -30.86 -2.32 -15.66
C ALA C 447 -30.16 -2.57 -16.99
N ASN C 448 -30.90 -2.42 -18.09
CA ASN C 448 -30.38 -2.72 -19.42
C ASN C 448 -30.96 -1.72 -20.40
N GLN C 449 -31.00 -2.09 -21.68
CA GLN C 449 -31.48 -1.15 -22.69
C GLN C 449 -32.94 -0.78 -22.46
N THR C 450 -33.76 -1.73 -22.02
CA THR C 450 -35.19 -1.49 -21.96
C THR C 450 -35.71 -1.09 -20.57
N VAL C 451 -35.00 -1.40 -19.49
CA VAL C 451 -35.50 -1.09 -18.15
C VAL C 451 -34.39 -0.43 -17.34
N GLY C 452 -34.72 0.68 -16.68
CA GLY C 452 -33.84 1.32 -15.74
C GLY C 452 -32.73 2.15 -16.33
N ARG C 453 -32.87 2.58 -17.59
CA ARG C 453 -31.86 3.41 -18.26
C ARG C 453 -30.45 2.83 -18.10
N GLY C 454 -30.34 1.50 -18.24
CA GLY C 454 -29.04 0.87 -18.08
C GLY C 454 -28.12 1.14 -19.25
N PHE C 455 -26.82 1.00 -19.00
CA PHE C 455 -25.86 0.94 -20.09
C PHE C 455 -26.15 -0.28 -20.98
N PHE C 456 -25.84 -0.15 -22.26
CA PHE C 456 -25.87 -1.31 -23.14
C PHE C 456 -24.87 -1.10 -24.28
N THR C 457 -24.21 -2.18 -24.68
CA THR C 457 -23.34 -2.18 -25.84
C THR C 457 -24.16 -2.03 -27.11
N THR C 458 -23.63 -1.28 -28.08
CA THR C 458 -24.29 -1.11 -29.38
C THR C 458 -24.82 -2.46 -29.88
N PRO C 459 -26.14 -2.61 -30.05
CA PRO C 459 -26.70 -3.93 -30.41
C PRO C 459 -26.13 -4.55 -31.68
N GLY C 460 -25.72 -3.77 -32.66
CA GLY C 460 -25.32 -4.45 -33.88
C GLY C 460 -23.87 -4.87 -34.01
N ARG C 461 -23.04 -4.61 -33.00
N ARG C 461 -23.03 -4.63 -33.00
CA ARG C 461 -21.62 -4.94 -33.10
CA ARG C 461 -21.62 -4.93 -33.14
C ARG C 461 -21.43 -6.46 -33.21
C ARG C 461 -21.41 -6.44 -33.21
N THR C 462 -20.56 -6.87 -34.13
CA THR C 462 -20.27 -8.28 -34.34
C THR C 462 -18.77 -8.51 -34.27
N ALA C 463 -18.41 -9.73 -33.86
CA ALA C 463 -17.07 -10.26 -33.98
C ALA C 463 -17.05 -11.30 -35.09
N SER C 464 -15.98 -11.33 -35.87
CA SER C 464 -15.88 -12.31 -36.94
C SER C 464 -14.42 -12.49 -37.32
N GLY C 465 -14.03 -13.73 -37.54
CA GLY C 465 -12.69 -14.06 -37.96
C GLY C 465 -11.93 -14.78 -36.85
N VAL C 466 -10.67 -15.01 -37.12
CA VAL C 466 -9.82 -15.78 -36.21
C VAL C 466 -9.35 -14.89 -35.07
N LEU C 467 -9.14 -15.49 -33.90
CA LEU C 467 -8.42 -14.81 -32.84
C LEU C 467 -6.98 -14.57 -33.30
N ASN C 468 -6.53 -13.31 -33.23
CA ASN C 468 -5.25 -12.98 -33.83
C ASN C 468 -4.49 -12.00 -32.93
N ARG C 469 -3.16 -12.06 -33.03
CA ARG C 469 -2.27 -11.04 -32.50
C ARG C 469 -1.67 -10.27 -33.68
N GLU C 470 -2.53 -9.51 -34.35
CA GLU C 470 -2.14 -8.76 -35.54
C GLU C 470 -2.85 -7.42 -35.53
N LEU C 471 -2.47 -6.57 -36.47
CA LEU C 471 -3.21 -5.36 -36.79
C LEU C 471 -3.71 -5.44 -38.23
N SER C 472 -4.83 -4.78 -38.49
CA SER C 472 -5.39 -4.76 -39.84
C SER C 472 -4.42 -4.12 -40.84
N ALA C 473 -4.39 -4.67 -42.06
CA ALA C 473 -3.61 -4.05 -43.13
C ALA C 473 -4.12 -2.65 -43.46
N THR C 474 -5.35 -2.32 -43.09
CA THR C 474 -5.84 -0.95 -43.26
C THR C 474 -5.05 0.06 -42.42
N PHE C 475 -4.20 -0.41 -41.51
CA PHE C 475 -3.44 0.48 -40.63
C PHE C 475 -2.05 0.83 -41.16
N ASP C 476 -1.69 0.38 -42.36
CA ASP C 476 -0.28 0.32 -42.76
C ASP C 476 0.31 1.62 -43.30
N ASP C 477 -0.48 2.63 -43.61
CA ASP C 477 0.05 3.87 -44.20
C ASP C 477 0.36 4.86 -43.07
N HIS C 478 1.66 5.11 -42.84
CA HIS C 478 2.11 5.99 -41.77
C HIS C 478 2.60 7.35 -42.26
N TYR C 479 2.55 7.62 -43.56
CA TYR C 479 3.22 8.78 -44.12
C TYR C 479 2.28 9.81 -44.74
N THR C 480 1.10 9.41 -45.22
CA THR C 480 0.25 10.30 -45.98
C THR C 480 -0.26 11.46 -45.12
N GLN C 481 -0.81 11.15 -43.93
CA GLN C 481 -1.37 12.20 -43.07
C GLN C 481 -0.30 13.08 -42.43
N PRO C 482 0.87 12.57 -42.04
CA PRO C 482 1.95 13.49 -41.70
C PRO C 482 2.23 14.49 -42.81
N ARG C 483 2.26 14.03 -44.05
CA ARG C 483 2.46 14.94 -45.16
C ARG C 483 1.26 15.88 -45.30
N LEU C 484 0.04 15.36 -45.08
CA LEU C 484 -1.15 16.20 -45.13
C LEU C 484 -1.08 17.31 -44.08
N PHE C 485 -0.68 16.97 -42.86
CA PHE C 485 -0.55 17.98 -41.81
C PHE C 485 0.49 19.03 -42.18
N PHE C 486 1.67 18.61 -42.61
CA PHE C 486 2.73 19.56 -42.91
C PHE C 486 2.32 20.48 -44.06
N ASN C 487 1.61 19.94 -45.05
CA ASN C 487 1.09 20.72 -46.17
C ASN C 487 0.18 21.85 -45.73
N SER C 488 -0.49 21.69 -44.59
CA SER C 488 -1.61 22.54 -44.23
C SER C 488 -1.21 23.64 -43.26
N LEU C 489 0.08 23.89 -43.11
CA LEU C 489 0.63 24.92 -42.23
C LEU C 489 1.19 26.05 -43.09
N THR C 490 1.29 27.24 -42.49
CA THR C 490 1.85 28.38 -43.21
C THR C 490 3.36 28.17 -43.38
N PRO C 491 3.99 28.91 -44.31
CA PRO C 491 5.42 28.63 -44.59
C PRO C 491 6.33 28.78 -43.37
N VAL C 492 6.16 29.83 -42.56
CA VAL C 492 6.97 29.96 -41.34
C VAL C 492 6.54 28.91 -40.32
N GLU C 493 5.25 28.62 -40.26
CA GLU C 493 4.78 27.54 -39.41
C GLU C 493 5.47 26.22 -39.79
N GLN C 494 5.60 25.96 -41.09
CA GLN C 494 6.38 24.82 -41.55
C GLN C 494 7.82 24.92 -41.08
N GLN C 495 8.41 26.12 -41.15
CA GLN C 495 9.78 26.29 -40.70
C GLN C 495 9.94 26.00 -39.22
N PHE C 496 8.93 26.34 -38.40
CA PHE C 496 8.98 26.00 -36.98
C PHE C 496 9.09 24.49 -36.78
N VAL C 497 8.30 23.71 -37.54
CA VAL C 497 8.36 22.25 -37.47
C VAL C 497 9.76 21.76 -37.82
N ILE C 498 10.32 22.27 -38.92
CA ILE C 498 11.64 21.81 -39.36
C ILE C 498 12.70 22.21 -38.34
N ASN C 499 12.55 23.39 -37.71
CA ASN C 499 13.53 23.81 -36.71
C ASN C 499 13.41 23.02 -35.41
N ALA C 500 12.20 22.61 -35.03
CA ALA C 500 12.05 21.72 -33.89
C ALA C 500 12.78 20.40 -34.14
N ILE C 501 12.56 19.80 -35.31
CA ILE C 501 13.23 18.54 -35.65
C ILE C 501 14.75 18.72 -35.70
N ARG C 502 15.21 19.81 -36.33
CA ARG C 502 16.65 20.12 -36.37
C ARG C 502 17.21 20.20 -34.96
N PHE C 503 16.54 20.96 -34.09
CA PHE C 503 17.00 21.06 -32.70
C PHE C 503 17.06 19.68 -32.03
N GLU C 504 15.94 18.92 -32.11
CA GLU C 504 15.83 17.67 -31.36
C GLU C 504 16.81 16.63 -31.89
N ALA C 505 16.76 16.35 -33.18
CA ALA C 505 17.60 15.31 -33.77
C ALA C 505 19.08 15.61 -33.63
N SER C 506 19.46 16.89 -33.48
CA SER C 506 20.87 17.19 -33.28
C SER C 506 21.37 16.75 -31.92
N HIS C 507 20.47 16.40 -31.00
CA HIS C 507 20.87 15.86 -29.70
C HIS C 507 21.15 14.37 -29.73
N VAL C 508 20.76 13.67 -30.81
CA VAL C 508 20.95 12.23 -30.92
C VAL C 508 22.43 11.95 -31.19
N THR C 509 23.08 11.24 -30.26
CA THR C 509 24.51 10.99 -30.44
C THR C 509 24.77 9.89 -31.47
N ASN C 510 23.85 8.95 -31.63
CA ASN C 510 24.07 7.79 -32.49
C ASN C 510 23.84 8.16 -33.96
N GLU C 511 24.89 8.01 -34.77
CA GLU C 511 24.81 8.42 -36.16
C GLU C 511 23.74 7.64 -36.92
N GLN C 512 23.67 6.32 -36.71
CA GLN C 512 22.74 5.52 -37.50
C GLN C 512 21.29 5.86 -37.17
N VAL C 513 21.00 6.18 -35.90
CA VAL C 513 19.65 6.60 -35.56
C VAL C 513 19.27 7.87 -36.32
N LYS C 514 20.22 8.78 -36.47
CA LYS C 514 19.94 10.01 -37.21
C LYS C 514 19.67 9.72 -38.68
N LYS C 515 20.40 8.78 -39.27
CA LYS C 515 20.15 8.35 -40.64
C LYS C 515 18.80 7.67 -40.76
N ASN C 516 18.41 6.89 -39.73
CA ASN C 516 17.10 6.25 -39.74
C ASN C 516 15.99 7.27 -39.68
N VAL C 517 16.15 8.30 -38.84
CA VAL C 517 15.19 9.40 -38.80
C VAL C 517 15.07 10.03 -40.17
N LEU C 518 16.21 10.31 -40.82
N LEU C 518 16.21 10.31 -40.82
CA LEU C 518 16.18 10.96 -42.12
CA LEU C 518 16.17 10.97 -42.12
C LEU C 518 15.51 10.10 -43.18
C LEU C 518 15.50 10.10 -43.17
N GLU C 519 15.75 8.79 -43.13
CA GLU C 519 15.09 7.89 -44.07
C GLU C 519 13.57 7.94 -43.91
N GLN C 520 13.08 7.95 -42.66
CA GLN C 520 11.65 8.00 -42.41
C GLN C 520 11.06 9.34 -42.83
N LEU C 521 11.72 10.45 -42.46
CA LEU C 521 11.22 11.77 -42.83
C LEU C 521 11.10 11.90 -44.34
N ASN C 522 12.06 11.30 -45.06
CA ASN C 522 12.07 11.38 -46.52
C ASN C 522 10.83 10.76 -47.13
N LYS C 523 10.20 9.81 -46.45
CA LYS C 523 8.97 9.21 -46.96
C LYS C 523 7.78 10.13 -46.82
N ILE C 524 7.88 11.15 -45.97
CA ILE C 524 6.83 12.16 -45.83
C ILE C 524 7.00 13.28 -46.83
N SER C 525 8.21 13.86 -46.87
CA SER C 525 8.50 14.94 -47.80
C SER C 525 10.01 14.98 -48.02
N ASN C 526 10.42 14.90 -49.29
CA ASN C 526 11.84 15.01 -49.61
C ASN C 526 12.40 16.35 -49.13
N ASP C 527 11.60 17.41 -49.23
CA ASP C 527 12.07 18.74 -48.84
C ASP C 527 12.26 18.85 -47.34
N VAL C 528 11.35 18.26 -46.55
CA VAL C 528 11.56 18.22 -45.10
C VAL C 528 12.86 17.49 -44.77
N ALA C 529 13.08 16.34 -45.43
CA ALA C 529 14.29 15.57 -45.18
C ALA C 529 15.54 16.35 -45.56
N LYS C 530 15.52 17.05 -46.69
CA LYS C 530 16.69 17.80 -47.10
C LYS C 530 16.99 18.90 -46.09
N ARG C 531 15.94 19.59 -45.64
CA ARG C 531 16.14 20.71 -44.74
C ARG C 531 16.61 20.25 -43.37
N VAL C 532 16.05 19.14 -42.85
CA VAL C 532 16.55 18.59 -41.59
C VAL C 532 18.01 18.14 -41.77
N ALA C 533 18.29 17.39 -42.84
CA ALA C 533 19.64 16.84 -43.05
C ALA C 533 20.73 17.91 -43.03
N VAL C 534 20.40 19.14 -43.40
CA VAL C 534 21.39 20.20 -43.34
C VAL C 534 21.92 20.36 -41.91
N ALA C 535 21.01 20.44 -40.93
CA ALA C 535 21.44 20.64 -39.55
C ALA C 535 22.28 19.48 -39.06
N LEU C 536 22.00 18.27 -39.54
CA LEU C 536 22.66 17.07 -39.03
C LEU C 536 23.96 16.77 -39.76
N GLY C 537 24.26 17.49 -40.83
CA GLY C 537 25.48 17.23 -41.58
C GLY C 537 25.41 16.00 -42.44
N LEU C 538 24.21 15.56 -42.82
CA LEU C 538 23.99 14.36 -43.59
C LEU C 538 23.56 14.71 -45.01
N GLU C 539 23.73 13.75 -45.91
CA GLU C 539 23.37 13.97 -47.30
C GLU C 539 21.85 14.01 -47.48
N ALA C 540 21.41 14.97 -48.29
CA ALA C 540 20.03 15.04 -48.76
C ALA C 540 19.68 13.74 -49.48
N PRO C 541 18.73 12.95 -48.99
CA PRO C 541 18.42 11.68 -49.66
C PRO C 541 17.65 11.88 -50.95
N GLN C 542 17.64 10.83 -51.77
CA GLN C 542 16.91 10.88 -53.03
C GLN C 542 15.42 10.74 -52.78
N PRO C 543 14.58 11.42 -53.55
CA PRO C 543 13.14 11.36 -53.32
C PRO C 543 12.62 9.92 -53.28
N ASP C 544 11.64 9.70 -52.41
CA ASP C 544 10.97 8.41 -52.24
C ASP C 544 9.48 8.74 -52.30
N PRO C 545 8.92 8.82 -53.52
CA PRO C 545 7.66 9.54 -53.72
C PRO C 545 6.39 8.76 -53.44
N THR C 546 6.48 7.52 -52.95
CA THR C 546 5.31 6.67 -52.81
C THR C 546 4.15 7.38 -52.13
N TYR C 547 4.43 8.16 -51.08
CA TYR C 547 3.39 8.77 -50.27
C TYR C 547 3.30 10.28 -50.45
N TYR C 548 4.05 10.85 -51.38
CA TYR C 548 4.03 12.30 -51.57
C TYR C 548 2.71 12.73 -52.19
N HIS C 549 2.21 13.88 -51.75
CA HIS C 549 0.98 14.44 -52.29
C HIS C 549 0.91 15.90 -51.85
N ASN C 550 0.00 16.65 -52.48
CA ASN C 550 -0.12 18.09 -52.28
C ASN C 550 -1.40 18.49 -51.56
N ASN C 551 -2.15 17.54 -51.00
CA ASN C 551 -3.43 17.89 -50.41
C ASN C 551 -3.26 18.70 -49.12
N VAL C 552 -4.24 19.58 -48.86
CA VAL C 552 -4.31 20.38 -47.65
C VAL C 552 -5.67 20.17 -47.01
N THR C 553 -5.75 20.45 -45.71
CA THR C 553 -7.01 20.37 -44.98
C THR C 553 -7.07 21.51 -43.96
N ARG C 554 -8.28 21.89 -43.60
N ARG C 554 -8.28 21.89 -43.60
CA ARG C 554 -8.51 23.07 -42.75
CA ARG C 554 -8.48 23.04 -42.74
C ARG C 554 -8.47 22.72 -41.27
C ARG C 554 -8.33 22.68 -41.27
N GLY C 555 -8.14 23.72 -40.45
CA GLY C 555 -8.29 23.60 -39.01
C GLY C 555 -7.13 23.02 -38.23
N VAL C 556 -5.98 22.79 -38.85
CA VAL C 556 -4.82 22.26 -38.13
C VAL C 556 -3.75 23.33 -37.89
N SER C 557 -3.80 24.45 -38.59
CA SER C 557 -2.85 25.54 -38.43
C SER C 557 -3.17 26.37 -37.17
N ILE C 558 -2.14 26.91 -36.55
CA ILE C 558 -2.27 27.84 -35.45
C ILE C 558 -2.08 29.28 -35.91
N PHE C 559 -1.01 29.54 -36.65
CA PHE C 559 -0.59 30.89 -36.94
C PHE C 559 -1.29 31.50 -38.14
N ASN C 560 -2.16 30.77 -38.82
CA ASN C 560 -2.89 31.34 -39.95
C ASN C 560 -4.16 32.08 -39.54
N GLU C 561 -4.41 32.24 -38.23
CA GLU C 561 -5.64 32.84 -37.75
C GLU C 561 -5.32 33.80 -36.61
N SER C 562 -5.81 35.03 -36.70
N SER C 562 -5.83 35.02 -36.71
CA SER C 562 -5.66 35.94 -35.59
CA SER C 562 -5.75 35.97 -35.60
C SER C 562 -6.64 35.57 -34.46
C SER C 562 -6.61 35.49 -34.43
N LEU C 563 -6.33 36.03 -33.25
CA LEU C 563 -7.11 35.67 -32.07
C LEU C 563 -8.47 36.37 -32.07
N PRO C 564 -9.51 35.71 -31.55
CA PRO C 564 -10.84 36.36 -31.50
C PRO C 564 -10.96 37.39 -30.38
N THR C 565 -10.08 37.34 -29.38
CA THR C 565 -10.11 38.32 -28.30
C THR C 565 -8.70 38.47 -27.78
N ILE C 566 -8.43 39.61 -27.14
CA ILE C 566 -7.15 39.83 -26.50
C ILE C 566 -7.28 39.95 -24.99
N ALA C 567 -8.48 39.72 -24.46
CA ALA C 567 -8.68 39.74 -23.02
C ALA C 567 -7.77 38.74 -22.32
N THR C 568 -7.25 39.13 -21.16
CA THR C 568 -6.28 38.45 -20.31
C THR C 568 -4.85 38.49 -20.85
N LEU C 569 -4.62 38.88 -22.11
CA LEU C 569 -3.24 38.92 -22.59
C LEU C 569 -2.48 39.99 -21.82
N ARG C 570 -1.15 39.84 -21.77
N ARG C 570 -1.16 39.82 -21.74
CA ARG C 570 -0.33 40.54 -20.80
CA ARG C 570 -0.34 40.55 -20.78
C ARG C 570 0.59 41.54 -21.49
C ARG C 570 0.58 41.54 -21.48
N VAL C 571 0.64 42.75 -20.94
CA VAL C 571 1.47 43.82 -21.47
C VAL C 571 2.50 44.19 -20.42
N GLY C 572 3.78 44.13 -20.80
CA GLY C 572 4.84 44.60 -19.94
C GLY C 572 5.18 46.03 -20.29
N VAL C 573 5.03 46.95 -19.33
CA VAL C 573 5.31 48.36 -19.55
C VAL C 573 6.62 48.69 -18.84
N LEU C 574 7.68 48.88 -19.63
CA LEU C 574 9.00 49.16 -19.07
C LEU C 574 9.12 50.64 -18.75
N SER C 575 9.41 50.95 -17.48
CA SER C 575 9.46 52.33 -17.03
C SER C 575 10.72 52.53 -16.19
N THR C 576 10.76 53.63 -15.44
CA THR C 576 11.87 53.96 -14.57
C THR C 576 11.33 54.87 -13.48
N THR C 577 11.95 54.81 -12.32
CA THR C 577 11.57 55.65 -11.20
C THR C 577 12.08 57.09 -11.31
N LYS C 578 12.97 57.40 -12.25
CA LYS C 578 13.47 58.76 -12.36
C LYS C 578 12.58 59.59 -13.30
N GLY C 579 12.45 60.88 -12.99
CA GLY C 579 11.64 61.70 -13.87
C GLY C 579 10.17 61.35 -13.81
N GLY C 580 9.45 61.71 -14.87
CA GLY C 580 8.01 61.54 -14.88
C GLY C 580 7.51 60.35 -15.70
N SER C 581 8.37 59.36 -15.91
CA SER C 581 7.95 58.21 -16.71
C SER C 581 6.86 57.41 -16.03
N LEU C 582 6.88 57.33 -14.70
CA LEU C 582 5.96 56.45 -13.97
C LEU C 582 4.52 56.96 -14.06
N ASP C 583 4.32 58.27 -13.96
CA ASP C 583 2.96 58.80 -14.12
C ASP C 583 2.42 58.50 -15.51
N LYS C 584 3.28 58.57 -16.54
CA LYS C 584 2.84 58.23 -17.88
C LYS C 584 2.55 56.74 -18.02
N ALA C 585 3.38 55.89 -17.40
CA ALA C 585 3.14 54.45 -17.45
C ALA C 585 1.79 54.12 -16.83
N LYS C 586 1.42 54.81 -15.75
CA LYS C 586 0.14 54.56 -15.11
C LYS C 586 -1.01 54.92 -16.04
N ALA C 587 -0.92 56.10 -16.68
CA ALA C 587 -1.92 56.46 -17.69
C ALA C 587 -2.01 55.40 -18.77
N LEU C 588 -0.86 54.97 -19.29
CA LEU C 588 -0.85 53.93 -20.30
C LEU C 588 -1.51 52.65 -19.79
N LYS C 589 -1.21 52.28 -18.54
CA LYS C 589 -1.77 51.06 -17.95
C LYS C 589 -3.29 51.13 -17.85
N GLU C 590 -3.83 52.25 -17.37
CA GLU C 590 -5.26 52.36 -17.15
C GLU C 590 -6.04 52.28 -18.45
N GLN C 591 -5.47 52.74 -19.57
CA GLN C 591 -6.14 52.59 -20.86
C GLN C 591 -6.08 51.15 -21.36
N LEU C 592 -4.92 50.50 -21.25
CA LEU C 592 -4.80 49.13 -21.74
C LEU C 592 -5.76 48.22 -20.98
N GLU C 593 -5.88 48.43 -19.66
CA GLU C 593 -6.77 47.60 -18.86
C GLU C 593 -8.22 47.72 -19.28
N LYS C 594 -8.58 48.84 -19.93
CA LYS C 594 -9.95 49.01 -20.39
C LYS C 594 -10.32 47.97 -21.44
N ASP C 595 -9.33 47.44 -22.16
CA ASP C 595 -9.58 46.40 -23.14
C ASP C 595 -9.41 45.00 -22.57
N GLY C 596 -9.29 44.87 -21.25
CA GLY C 596 -9.17 43.55 -20.65
C GLY C 596 -7.76 42.99 -20.61
N LEU C 597 -6.75 43.83 -20.76
CA LEU C 597 -5.38 43.37 -20.68
C LEU C 597 -4.91 43.41 -19.22
N LYS C 598 -3.99 42.50 -18.90
CA LYS C 598 -3.32 42.51 -17.61
C LYS C 598 -1.97 43.19 -17.80
N VAL C 599 -1.79 44.32 -17.12
CA VAL C 599 -0.69 45.23 -17.39
C VAL C 599 0.25 45.27 -16.18
N THR C 600 1.54 45.10 -16.44
CA THR C 600 2.58 45.10 -15.42
C THR C 600 3.53 46.25 -15.72
N VAL C 601 3.57 47.23 -14.82
CA VAL C 601 4.52 48.34 -14.89
C VAL C 601 5.82 47.89 -14.23
N ILE C 602 6.93 48.01 -14.94
CA ILE C 602 8.23 47.53 -14.48
C ILE C 602 9.17 48.71 -14.28
N ALA C 603 9.93 48.67 -13.17
CA ALA C 603 10.91 49.72 -12.88
C ALA C 603 12.03 49.17 -11.99
N GLU C 604 12.97 50.05 -11.65
CA GLU C 604 14.15 49.61 -10.91
C GLU C 604 13.79 49.09 -9.52
N TYR C 605 12.81 49.71 -8.87
CA TYR C 605 12.36 49.23 -7.56
C TYR C 605 10.86 49.46 -7.46
N LEU C 606 10.28 48.99 -6.35
CA LEU C 606 8.82 48.93 -6.22
C LEU C 606 8.26 50.26 -5.74
N ALA C 607 8.50 51.30 -6.54
CA ALA C 607 7.91 52.60 -6.28
C ALA C 607 6.40 52.53 -6.48
N SER C 608 5.70 53.55 -6.00
CA SER C 608 4.25 53.63 -6.14
C SER C 608 3.85 53.48 -7.60
N GLY C 609 2.93 52.54 -7.86
CA GLY C 609 2.51 52.25 -9.21
C GLY C 609 3.30 51.18 -9.92
N VAL C 610 4.39 50.68 -9.32
CA VAL C 610 5.24 49.68 -9.96
C VAL C 610 4.80 48.29 -9.54
N ASP C 611 4.51 47.44 -10.51
CA ASP C 611 4.07 46.08 -10.20
C ASP C 611 5.24 45.11 -10.05
N GLN C 612 6.37 45.35 -10.69
CA GLN C 612 7.46 44.37 -10.72
C GLN C 612 8.79 45.08 -10.96
N THR C 613 9.86 44.55 -10.37
CA THR C 613 11.20 45.09 -10.58
C THR C 613 11.84 44.48 -11.84
N TYR C 614 12.78 45.23 -12.43
CA TYR C 614 13.55 44.67 -13.54
C TYR C 614 14.23 43.36 -13.13
N SER C 615 14.69 43.28 -11.87
CA SER C 615 15.30 42.05 -11.39
C SER C 615 14.38 40.84 -11.56
N ALA C 616 13.11 40.99 -11.22
CA ALA C 616 12.15 39.89 -11.30
C ALA C 616 11.53 39.72 -12.68
N ALA C 617 11.76 40.65 -13.61
CA ALA C 617 10.99 40.69 -14.84
C ALA C 617 11.69 39.92 -15.95
N ASP C 618 10.89 39.42 -16.89
CA ASP C 618 11.41 38.77 -18.07
C ASP C 618 10.37 38.86 -19.18
N ALA C 619 10.86 38.97 -20.42
CA ALA C 619 9.94 39.06 -21.55
C ALA C 619 9.01 37.86 -21.66
N THR C 620 9.47 36.67 -21.20
CA THR C 620 8.64 35.47 -21.34
C THR C 620 7.28 35.60 -20.66
N ALA C 621 7.15 36.52 -19.69
CA ALA C 621 5.91 36.69 -18.95
C ALA C 621 4.84 37.45 -19.72
N PHE C 622 5.20 38.13 -20.81
CA PHE C 622 4.32 39.10 -21.43
C PHE C 622 4.01 38.74 -22.87
N ASP C 623 2.86 39.20 -23.34
CA ASP C 623 2.48 39.07 -24.74
C ASP C 623 2.82 40.29 -25.57
N ALA C 624 3.17 41.41 -24.93
CA ALA C 624 3.60 42.62 -25.60
C ALA C 624 4.46 43.41 -24.63
N VAL C 625 5.47 44.08 -25.16
CA VAL C 625 6.38 44.91 -24.38
C VAL C 625 6.33 46.32 -24.94
N VAL C 626 6.08 47.31 -24.09
CA VAL C 626 6.12 48.71 -24.51
C VAL C 626 6.93 49.51 -23.51
N VAL C 627 7.83 50.33 -24.03
CA VAL C 627 8.69 51.17 -23.20
C VAL C 627 7.96 52.49 -22.97
N ALA C 628 7.66 52.80 -21.71
CA ALA C 628 7.04 54.07 -21.38
C ALA C 628 7.99 55.22 -21.70
N GLU C 629 7.42 56.38 -21.98
CA GLU C 629 8.23 57.53 -22.35
C GLU C 629 9.15 57.91 -21.18
N GLY C 630 10.39 58.26 -21.52
CA GLY C 630 11.39 58.55 -20.53
C GLY C 630 12.21 57.35 -20.09
N ALA C 631 11.70 56.14 -20.28
CA ALA C 631 12.42 54.96 -19.80
C ALA C 631 13.58 54.58 -20.72
N GLU C 632 13.80 55.32 -21.81
CA GLU C 632 14.97 55.05 -22.63
C GLU C 632 16.27 55.23 -21.84
N ARG C 633 16.21 55.93 -20.70
CA ARG C 633 17.41 56.13 -19.88
C ARG C 633 17.93 54.85 -19.22
N VAL C 634 17.18 53.74 -19.23
CA VAL C 634 17.69 52.48 -18.70
C VAL C 634 18.17 51.55 -19.82
N PHE C 635 18.23 52.03 -21.05
CA PHE C 635 18.68 51.19 -22.16
C PHE C 635 20.10 51.48 -22.60
N SER C 636 20.74 52.52 -22.04
CA SER C 636 22.15 52.75 -22.27
C SER C 636 22.66 53.67 -21.17
N GLY C 637 23.98 53.68 -21.01
CA GLY C 637 24.59 54.62 -20.07
C GLY C 637 24.48 54.15 -18.64
N LYS C 638 24.45 55.12 -17.72
CA LYS C 638 24.45 54.80 -16.30
C LYS C 638 23.13 54.18 -15.87
N GLY C 639 22.01 54.63 -16.46
CA GLY C 639 20.72 54.03 -16.16
C GLY C 639 20.66 52.54 -16.41
N ALA C 640 21.50 52.02 -17.31
CA ALA C 640 21.54 50.59 -17.61
C ALA C 640 22.44 49.82 -16.66
N MET C 641 23.25 50.52 -15.85
CA MET C 641 24.21 49.94 -14.92
C MET C 641 23.69 50.24 -13.52
N SER C 642 23.08 49.25 -12.88
CA SER C 642 22.54 49.47 -11.56
C SER C 642 22.69 48.21 -10.73
N PRO C 643 22.98 48.35 -9.44
CA PRO C 643 22.99 47.16 -8.57
C PRO C 643 21.63 46.50 -8.44
N LEU C 644 20.55 47.17 -8.84
CA LEU C 644 19.22 46.63 -8.59
C LEU C 644 18.76 45.63 -9.64
N PHE C 645 19.47 45.44 -10.74
CA PHE C 645 19.07 44.44 -11.71
C PHE C 645 20.30 44.00 -12.50
N PRO C 646 20.25 42.81 -13.11
CA PRO C 646 21.42 42.35 -13.87
C PRO C 646 21.70 43.27 -15.04
N ALA C 647 22.99 43.42 -15.35
CA ALA C 647 23.42 44.29 -16.43
C ALA C 647 22.65 43.99 -17.72
N GLY C 648 22.16 45.04 -18.36
CA GLY C 648 21.44 44.95 -19.62
C GLY C 648 20.01 44.44 -19.55
N ARG C 649 19.45 44.26 -18.35
CA ARG C 649 18.15 43.61 -18.25
C ARG C 649 17.03 44.32 -19.01
N PRO C 650 16.87 45.66 -18.96
CA PRO C 650 15.79 46.27 -19.76
C PRO C 650 15.97 46.05 -21.25
N SER C 651 17.20 46.17 -21.76
CA SER C 651 17.45 45.89 -23.17
C SER C 651 17.19 44.43 -23.51
N GLN C 652 17.52 43.51 -22.60
CA GLN C 652 17.30 42.10 -22.89
C GLN C 652 15.81 41.80 -23.00
N ILE C 653 14.99 42.43 -22.15
CA ILE C 653 13.55 42.20 -22.19
C ILE C 653 12.96 42.65 -23.53
N LEU C 654 13.35 43.84 -23.99
CA LEU C 654 12.86 44.33 -25.29
C LEU C 654 13.44 43.53 -26.44
N THR C 655 14.73 43.19 -26.38
CA THR C 655 15.33 42.34 -27.42
C THR C 655 14.61 40.99 -27.51
N ASP C 656 14.38 40.35 -26.36
CA ASP C 656 13.67 39.07 -26.32
C ASP C 656 12.28 39.21 -26.90
N GLY C 657 11.52 40.22 -26.43
CA GLY C 657 10.17 40.41 -26.91
C GLY C 657 10.11 40.57 -28.41
N TYR C 658 11.04 41.33 -28.97
CA TYR C 658 11.08 41.50 -30.42
C TYR C 658 11.43 40.20 -31.13
N ARG C 659 12.49 39.52 -30.68
CA ARG C 659 12.98 38.36 -31.41
C ARG C 659 12.04 37.18 -31.30
N TRP C 660 11.20 37.16 -30.27
CA TRP C 660 10.19 36.12 -30.11
C TRP C 660 8.89 36.44 -30.84
N GLY C 661 8.86 37.54 -31.60
CA GLY C 661 7.70 37.82 -32.45
C GLY C 661 6.56 38.57 -31.79
N LYS C 662 6.78 39.18 -30.63
CA LYS C 662 5.72 39.89 -29.91
C LYS C 662 5.51 41.29 -30.49
N PRO C 663 4.31 41.85 -30.34
CA PRO C 663 4.17 43.30 -30.53
C PRO C 663 5.07 44.03 -29.54
N VAL C 664 5.85 44.99 -30.05
CA VAL C 664 6.69 45.83 -29.20
C VAL C 664 6.47 47.29 -29.57
N ALA C 665 6.73 48.18 -28.60
CA ALA C 665 6.35 49.58 -28.77
C ALA C 665 7.15 50.46 -27.84
N ALA C 666 7.16 51.76 -28.16
CA ALA C 666 7.69 52.79 -27.28
C ALA C 666 6.89 54.07 -27.52
N VAL C 667 6.63 54.81 -26.44
CA VAL C 667 5.90 56.06 -26.49
C VAL C 667 6.90 57.20 -26.57
N GLY C 668 6.68 58.12 -27.50
CA GLY C 668 7.46 59.36 -27.55
C GLY C 668 8.95 59.14 -27.62
N SER C 669 9.68 59.85 -26.76
N SER C 669 9.67 59.83 -26.73
CA SER C 669 11.14 59.80 -26.75
CA SER C 669 11.13 59.81 -26.72
C SER C 669 11.68 58.40 -26.51
C SER C 669 11.69 58.43 -26.45
N ALA C 670 10.88 57.50 -25.95
CA ALA C 670 11.34 56.13 -25.70
C ALA C 670 11.65 55.36 -26.97
N LYS C 671 11.27 55.90 -28.13
CA LYS C 671 11.69 55.33 -29.42
C LYS C 671 13.19 55.09 -29.45
N LYS C 672 13.97 55.89 -28.72
CA LYS C 672 15.41 55.68 -28.67
C LYS C 672 15.74 54.30 -28.13
N ALA C 673 14.88 53.75 -27.25
CA ALA C 673 15.08 52.38 -26.79
C ALA C 673 14.95 51.38 -27.94
N LEU C 674 14.00 51.60 -28.85
CA LEU C 674 13.90 50.74 -30.02
C LEU C 674 15.15 50.85 -30.89
N GLN C 675 15.65 52.08 -31.07
CA GLN C 675 16.85 52.26 -31.87
C GLN C 675 18.05 51.58 -31.24
N SER C 676 18.14 51.62 -29.90
CA SER C 676 19.29 51.06 -29.21
C SER C 676 19.46 49.57 -29.47
N ILE C 677 18.41 48.89 -29.93
CA ILE C 677 18.48 47.49 -30.26
C ILE C 677 18.27 47.26 -31.75
N GLY C 678 18.36 48.32 -32.56
CA GLY C 678 18.31 48.17 -34.00
C GLY C 678 16.96 47.80 -34.59
N VAL C 679 15.88 48.17 -33.92
CA VAL C 679 14.51 47.90 -34.39
C VAL C 679 13.92 49.21 -34.90
N GLU C 680 13.23 49.14 -36.04
CA GLU C 680 12.66 50.32 -36.69
C GLU C 680 11.14 50.29 -36.66
N GLU C 681 10.54 51.48 -36.56
CA GLU C 681 9.09 51.59 -36.50
C GLU C 681 8.41 51.11 -37.78
N LYS C 682 9.15 51.08 -38.89
CA LYS C 682 8.58 50.60 -40.15
C LYS C 682 8.13 49.15 -40.07
N GLU C 683 8.58 48.41 -39.06
CA GLU C 683 8.34 46.97 -39.04
C GLU C 683 6.93 46.63 -38.57
N ALA C 684 6.43 45.51 -39.09
CA ALA C 684 5.18 44.94 -38.59
C ALA C 684 5.32 44.61 -37.11
N GLY C 685 4.27 44.90 -36.34
CA GLY C 685 4.31 44.65 -34.92
C GLY C 685 5.29 45.51 -34.15
N VAL C 686 5.75 46.61 -34.72
CA VAL C 686 6.54 47.60 -34.00
C VAL C 686 5.78 48.92 -34.06
N TYR C 687 5.55 49.53 -32.90
CA TYR C 687 4.73 50.72 -32.82
C TYR C 687 5.45 51.80 -32.04
N ALA C 688 5.42 53.02 -32.56
CA ALA C 688 6.02 54.18 -31.89
C ALA C 688 5.12 55.38 -32.13
N GLY C 689 5.37 56.43 -31.36
CA GLY C 689 4.55 57.63 -31.48
C GLY C 689 3.86 57.96 -30.17
N ALA C 690 2.77 58.72 -30.26
CA ALA C 690 2.10 59.19 -29.06
C ALA C 690 1.37 58.03 -28.40
N GLN C 691 0.90 58.27 -27.16
CA GLN C 691 0.34 57.20 -26.35
C GLN C 691 -0.85 56.53 -27.05
N ASP C 692 -1.77 57.32 -27.59
CA ASP C 692 -2.98 56.73 -28.15
C ASP C 692 -2.67 55.88 -29.37
N GLU C 693 -1.75 56.33 -30.22
CA GLU C 693 -1.36 55.53 -31.38
C GLU C 693 -0.71 54.21 -30.95
N VAL C 694 0.05 54.24 -29.84
CA VAL C 694 0.72 53.04 -29.38
C VAL C 694 -0.29 52.03 -28.85
N ILE C 695 -1.26 52.50 -28.06
CA ILE C 695 -2.28 51.62 -27.52
C ILE C 695 -3.03 50.92 -28.66
N LYS C 696 -3.47 51.68 -29.65
CA LYS C 696 -4.19 51.08 -30.77
C LYS C 696 -3.34 50.07 -31.51
N GLY C 697 -2.07 50.40 -31.77
CA GLY C 697 -1.20 49.46 -32.46
C GLY C 697 -0.95 48.19 -31.66
N VAL C 698 -0.59 48.34 -30.39
CA VAL C 698 -0.34 47.15 -29.57
C VAL C 698 -1.60 46.29 -29.48
N GLU C 699 -2.77 46.92 -29.32
CA GLU C 699 -3.99 46.15 -29.19
C GLU C 699 -4.35 45.42 -30.49
N GLU C 700 -4.06 46.01 -31.66
CA GLU C 700 -4.21 45.25 -32.90
C GLU C 700 -3.13 44.20 -33.04
N GLY C 701 -1.91 44.51 -32.57
CA GLY C 701 -0.84 43.54 -32.66
C GLY C 701 -1.08 42.29 -31.81
N LEU C 702 -1.80 42.44 -30.70
CA LEU C 702 -2.06 41.29 -29.84
C LEU C 702 -2.99 40.29 -30.52
N LYS C 703 -3.83 40.73 -31.45
CA LYS C 703 -4.66 39.79 -32.19
C LYS C 703 -3.81 39.00 -33.19
N VAL C 704 -2.86 39.65 -33.86
CA VAL C 704 -1.90 38.90 -34.67
C VAL C 704 -1.10 37.97 -33.78
N PHE C 705 -0.84 38.40 -32.54
CA PHE C 705 -0.15 37.66 -31.49
C PHE C 705 1.33 37.43 -31.76
N LYS C 706 1.67 36.81 -32.89
CA LYS C 706 3.05 36.56 -33.26
C LYS C 706 3.30 37.14 -34.65
N PHE C 707 4.40 37.86 -34.81
CA PHE C 707 4.71 38.51 -36.08
C PHE C 707 5.79 37.66 -36.77
N LEU C 708 5.34 36.78 -37.67
CA LEU C 708 6.19 35.77 -38.26
C LEU C 708 7.16 36.34 -39.27
N GLU C 709 7.06 37.65 -39.58
CA GLU C 709 8.03 38.32 -40.42
C GLU C 709 9.46 38.22 -39.90
N ARG C 710 9.64 38.02 -38.59
CA ARG C 710 10.96 38.10 -37.98
C ARG C 710 11.66 36.74 -37.89
N PHE C 711 11.21 35.73 -38.62
CA PHE C 711 11.79 34.38 -38.55
C PHE C 711 12.21 33.92 -39.93
N ALA C 712 13.50 33.60 -40.08
CA ALA C 712 14.05 33.28 -41.40
C ALA C 712 13.62 31.89 -41.85
N VAL C 713 13.32 31.79 -43.14
CA VAL C 713 12.91 30.53 -43.77
C VAL C 713 14.04 30.04 -44.66
N ASP C 714 14.18 28.71 -44.74
CA ASP C 714 15.21 28.10 -45.57
C ASP C 714 15.11 28.59 -47.00
N GLY C 715 16.24 29.09 -47.52
CA GLY C 715 16.26 29.69 -48.84
C GLY C 715 15.22 30.79 -49.03
N ASP C 716 15.44 31.96 -48.46
CA ASP C 716 14.50 33.06 -48.62
C ASP C 716 15.22 34.40 -48.73
N ASP D 38 16.82 -32.34 -4.10
CA ASP D 38 16.02 -31.46 -3.25
C ASP D 38 15.17 -30.51 -4.10
N ALA D 39 13.84 -30.63 -3.96
CA ALA D 39 12.93 -29.76 -4.71
C ALA D 39 13.06 -28.29 -4.29
N ARG D 40 13.46 -28.02 -3.04
CA ARG D 40 13.67 -26.67 -2.54
C ARG D 40 15.07 -26.13 -2.81
N GLN D 41 15.85 -26.77 -3.69
CA GLN D 41 17.27 -26.46 -3.82
C GLN D 41 17.50 -25.00 -4.20
N ARG D 42 16.74 -24.51 -5.19
CA ARG D 42 16.92 -23.15 -5.69
C ARG D 42 16.63 -22.08 -4.63
N LEU D 43 15.94 -22.42 -3.54
CA LEU D 43 15.66 -21.49 -2.46
C LEU D 43 16.77 -21.39 -1.42
N LYS D 44 17.79 -22.26 -1.51
CA LYS D 44 18.82 -22.30 -0.47
C LYS D 44 19.64 -21.02 -0.43
N GLU D 45 19.78 -20.33 -1.56
CA GLU D 45 20.57 -19.10 -1.58
C GLU D 45 19.87 -17.91 -0.90
N VAL D 46 18.58 -18.01 -0.57
CA VAL D 46 17.90 -16.98 0.22
C VAL D 46 17.67 -17.41 1.66
N GLU D 47 18.18 -18.57 2.08
CA GLU D 47 18.00 -19.01 3.46
C GLU D 47 19.03 -18.35 4.37
N VAL D 48 18.58 -17.95 5.55
CA VAL D 48 19.38 -17.18 6.49
C VAL D 48 19.50 -17.97 7.80
N ASP D 49 20.74 -18.25 8.20
CA ASP D 49 21.03 -19.03 9.41
C ASP D 49 21.51 -18.06 10.50
N ASP D 50 20.78 -18.00 11.61
CA ASP D 50 21.10 -17.08 12.69
C ASP D 50 21.83 -17.76 13.85
N ASN D 51 22.12 -19.06 13.74
CA ASN D 51 22.76 -19.80 14.82
C ASN D 51 24.22 -19.37 14.95
N GLY D 52 24.66 -19.16 16.19
CA GLY D 52 26.02 -18.73 16.45
C GLY D 52 26.30 -17.27 16.19
N GLN D 53 25.26 -16.45 16.05
CA GLN D 53 25.41 -15.05 15.67
C GLN D 53 24.94 -14.12 16.78
N PHE D 54 25.43 -12.88 16.74
CA PHE D 54 24.93 -11.80 17.57
C PHE D 54 23.73 -11.14 16.90
N MET D 55 22.79 -10.67 17.71
CA MET D 55 21.65 -9.90 17.25
C MET D 55 22.10 -8.67 16.47
N THR D 56 21.28 -8.27 15.50
CA THR D 56 21.61 -7.21 14.57
C THR D 56 20.36 -6.38 14.28
N THR D 57 20.53 -5.12 13.87
CA THR D 57 19.40 -4.40 13.28
C THR D 57 19.16 -4.89 11.85
N ASP D 58 18.12 -4.38 11.21
CA ASP D 58 17.95 -4.75 9.80
C ASP D 58 18.95 -4.07 8.87
N PHE D 59 19.74 -3.11 9.36
CA PHE D 59 20.76 -2.45 8.55
C PHE D 59 22.18 -2.76 9.05
N GLY D 60 22.32 -3.83 9.83
CA GLY D 60 23.63 -4.26 10.29
C GLY D 60 24.03 -3.62 11.60
N GLY D 61 25.09 -4.15 12.19
CA GLY D 61 25.51 -3.68 13.48
C GLY D 61 24.92 -4.50 14.61
N ASN D 62 25.77 -5.01 15.49
CA ASN D 62 25.31 -5.83 16.59
C ASN D 62 24.64 -4.97 17.64
N ILE D 63 23.62 -5.54 18.29
CA ILE D 63 22.75 -4.82 19.21
C ILE D 63 22.33 -5.75 20.35
N GLU D 64 21.78 -5.14 21.40
CA GLU D 64 20.91 -5.79 22.38
C GLU D 64 19.53 -5.19 22.23
N GLU D 65 18.49 -6.01 22.41
CA GLU D 65 17.15 -5.52 22.15
C GLU D 65 16.14 -6.11 23.15
N GLN D 66 16.54 -6.20 24.42
CA GLN D 66 15.67 -6.65 25.50
C GLN D 66 15.35 -5.55 26.52
N PHE D 67 15.91 -4.35 26.34
CA PHE D 67 15.64 -3.22 27.22
C PHE D 67 15.48 -1.94 26.40
N SER D 68 14.36 -1.24 26.60
CA SER D 68 14.18 0.10 26.06
C SER D 68 15.15 1.10 26.68
N LEU D 69 15.59 2.08 25.89
CA LEU D 69 16.45 3.17 26.38
C LEU D 69 15.58 4.20 27.11
N LYS D 70 15.95 4.51 28.35
CA LYS D 70 15.12 5.32 29.24
C LYS D 70 15.93 6.43 29.88
N ALA D 71 15.23 7.53 30.19
CA ALA D 71 15.82 8.70 30.84
C ALA D 71 15.75 8.54 32.37
N GLY D 72 16.72 7.81 32.91
CA GLY D 72 16.78 7.57 34.35
C GLY D 72 16.20 6.21 34.75
N GLY D 73 16.42 5.86 36.02
CA GLY D 73 16.17 4.49 36.47
C GLY D 73 14.74 4.03 36.26
N ARG D 74 13.76 4.83 36.68
CA ARG D 74 12.36 4.58 36.36
C ARG D 74 11.81 5.63 35.40
N GLY D 75 12.50 5.82 34.27
CA GLY D 75 12.24 6.93 33.37
C GLY D 75 11.48 6.54 32.10
N SER D 76 11.10 7.58 31.36
CA SER D 76 10.35 7.41 30.14
C SER D 76 11.24 6.88 29.02
N THR D 77 10.63 6.19 28.05
CA THR D 77 11.39 5.69 26.92
C THR D 77 11.73 6.84 25.96
N LEU D 78 12.95 6.79 25.42
CA LEU D 78 13.49 7.85 24.59
C LEU D 78 13.14 7.62 23.12
N LEU D 79 12.75 8.70 22.43
CA LEU D 79 12.55 8.62 20.99
C LEU D 79 13.82 8.19 20.26
N GLU D 80 14.99 8.51 20.82
CA GLU D 80 16.25 8.17 20.17
C GLU D 80 16.60 6.69 20.31
N ASP D 81 15.74 5.88 20.90
CA ASP D 81 15.96 4.43 20.95
C ASP D 81 15.60 3.86 19.58
N PHE D 82 16.56 3.97 18.65
CA PHE D 82 16.37 3.42 17.31
C PHE D 82 16.26 1.91 17.32
N ILE D 83 16.81 1.23 18.34
CA ILE D 83 16.75 -0.22 18.37
C ILE D 83 15.33 -0.67 18.65
N PHE D 84 14.69 -0.06 19.65
CA PHE D 84 13.28 -0.35 19.91
C PHE D 84 12.43 -0.13 18.66
N ARG D 85 12.56 1.04 18.03
CA ARG D 85 11.62 1.39 16.97
C ARG D 85 11.78 0.49 15.74
N GLN D 86 13.03 0.18 15.33
CA GLN D 86 13.17 -0.68 14.17
C GLN D 86 12.68 -2.10 14.47
N LYS D 87 12.82 -2.59 15.70
CA LYS D 87 12.29 -3.92 16.03
C LYS D 87 10.77 -3.92 16.04
N LEU D 88 10.15 -2.91 16.66
CA LEU D 88 8.69 -2.90 16.74
C LEU D 88 8.03 -2.48 15.42
N GLN D 89 8.68 -1.64 14.63
CA GLN D 89 8.10 -1.34 13.32
C GLN D 89 8.00 -2.61 12.50
N HIS D 90 9.03 -3.46 12.54
CA HIS D 90 8.95 -4.66 11.73
C HIS D 90 7.86 -5.59 12.24
N PHE D 91 7.74 -5.74 13.56
CA PHE D 91 6.65 -6.53 14.12
C PHE D 91 5.30 -5.93 13.76
N ASP D 92 5.16 -4.59 13.86
CA ASP D 92 3.89 -3.91 13.63
C ASP D 92 3.37 -4.09 12.21
N HIS D 93 4.26 -4.41 11.26
CA HIS D 93 3.89 -4.53 9.85
C HIS D 93 4.01 -5.96 9.33
N GLU D 94 3.93 -6.95 10.23
CA GLU D 94 4.12 -8.35 9.82
C GLU D 94 2.99 -8.87 8.95
N ARG D 95 1.74 -8.41 9.16
CA ARG D 95 0.57 -9.00 8.50
C ARG D 95 0.38 -8.46 7.09
N ILE D 96 -0.01 -9.34 6.18
CA ILE D 96 -0.49 -8.95 4.85
C ILE D 96 -1.93 -9.45 4.72
N PRO D 97 -2.69 -8.89 3.77
CA PRO D 97 -4.07 -9.38 3.58
C PRO D 97 -4.10 -10.87 3.34
N GLU D 98 -5.09 -11.54 3.91
CA GLU D 98 -5.32 -12.92 3.57
C GLU D 98 -5.95 -12.99 2.19
N ARG D 99 -5.79 -14.13 1.52
CA ARG D 99 -6.45 -14.38 0.25
C ARG D 99 -7.95 -14.11 0.36
N VAL D 100 -8.52 -13.49 -0.68
CA VAL D 100 -9.94 -13.14 -0.62
C VAL D 100 -10.81 -14.38 -0.53
N VAL D 101 -10.39 -15.47 -1.17
CA VAL D 101 -10.97 -16.80 -0.95
C VAL D 101 -9.83 -17.77 -0.74
N HIS D 102 -10.15 -18.96 -0.22
CA HIS D 102 -9.13 -19.97 0.08
C HIS D 102 -8.08 -19.45 1.06
N ALA D 103 -8.46 -18.54 1.98
CA ALA D 103 -7.50 -17.95 2.90
C ALA D 103 -6.80 -18.99 3.77
N ARG D 104 -7.50 -20.07 4.12
CA ARG D 104 -7.04 -21.07 5.07
C ARG D 104 -6.47 -22.25 4.29
N GLY D 105 -5.16 -22.48 4.39
CA GLY D 105 -4.58 -23.60 3.66
C GLY D 105 -3.16 -23.88 4.11
N ALA D 106 -2.57 -24.89 3.48
CA ALA D 106 -1.20 -25.29 3.77
C ALA D 106 -0.63 -25.98 2.53
N GLY D 107 0.71 -25.99 2.42
CA GLY D 107 1.34 -26.47 1.21
C GLY D 107 2.68 -27.14 1.43
N ALA D 108 3.23 -27.68 0.33
CA ALA D 108 4.51 -28.39 0.35
C ALA D 108 5.15 -28.38 -1.02
N HIS D 109 6.48 -28.60 -1.04
CA HIS D 109 7.28 -28.79 -2.25
C HIS D 109 7.36 -30.26 -2.66
N GLY D 110 7.60 -30.48 -3.96
CA GLY D 110 7.78 -31.83 -4.44
C GLY D 110 8.28 -31.88 -5.88
N ILE D 111 8.10 -33.04 -6.51
CA ILE D 111 8.61 -33.32 -7.84
C ILE D 111 7.49 -33.92 -8.69
N PHE D 112 7.34 -33.40 -9.91
CA PHE D 112 6.54 -34.04 -10.94
C PHE D 112 7.44 -34.75 -11.96
N THR D 113 7.06 -35.97 -12.33
CA THR D 113 7.79 -36.78 -13.30
C THR D 113 6.87 -37.16 -14.45
N SER D 114 7.24 -36.78 -15.67
CA SER D 114 6.46 -37.21 -16.82
C SER D 114 6.70 -38.69 -17.09
N TYR D 115 5.63 -39.41 -17.42
CA TYR D 115 5.73 -40.81 -17.80
C TYR D 115 6.03 -40.99 -19.28
N GLY D 116 6.08 -39.92 -20.07
CA GLY D 116 6.28 -40.14 -21.49
C GLY D 116 6.63 -38.86 -22.21
N ASP D 117 6.93 -39.03 -23.49
CA ASP D 117 7.03 -37.93 -24.44
C ASP D 117 5.63 -37.70 -25.00
N TRP D 118 5.01 -36.59 -24.61
CA TRP D 118 3.63 -36.31 -25.01
C TRP D 118 3.56 -35.26 -26.10
N SER D 119 4.61 -35.13 -26.92
CA SER D 119 4.56 -34.13 -27.98
C SER D 119 3.47 -34.42 -29.00
N ASN D 120 2.95 -35.66 -29.04
CA ASN D 120 1.83 -35.96 -29.92
C ASN D 120 0.55 -35.25 -29.49
N ILE D 121 0.46 -34.79 -28.25
CA ILE D 121 -0.72 -34.07 -27.78
C ILE D 121 -0.42 -32.69 -27.23
N THR D 122 0.84 -32.33 -26.99
CA THR D 122 1.11 -31.01 -26.45
C THR D 122 2.57 -30.65 -26.66
N ALA D 123 2.81 -29.36 -26.90
CA ALA D 123 4.17 -28.82 -26.97
C ALA D 123 4.73 -28.46 -25.59
N ALA D 124 3.98 -28.69 -24.51
CA ALA D 124 4.44 -28.26 -23.19
C ALA D 124 5.72 -29.00 -22.80
N SER D 125 6.74 -28.23 -22.43
CA SER D 125 8.07 -28.80 -22.22
C SER D 125 8.12 -29.77 -21.04
N PHE D 126 7.40 -29.46 -19.96
CA PHE D 126 7.44 -30.35 -18.81
C PHE D 126 6.83 -31.72 -19.09
N LEU D 127 6.08 -31.87 -20.19
CA LEU D 127 5.53 -33.16 -20.61
C LEU D 127 6.23 -33.73 -21.83
N GLY D 128 7.41 -33.21 -22.17
CA GLY D 128 8.07 -33.54 -23.42
C GLY D 128 9.04 -34.70 -23.42
N ALA D 129 9.26 -35.37 -22.29
CA ALA D 129 10.18 -36.52 -22.27
C ALA D 129 9.83 -37.43 -21.10
N LYS D 130 9.96 -38.74 -21.34
CA LYS D 130 9.78 -39.72 -20.28
C LYS D 130 10.81 -39.50 -19.20
N ASP D 131 10.37 -39.55 -17.94
CA ASP D 131 11.17 -39.39 -16.73
C ASP D 131 11.68 -37.96 -16.56
N LYS D 132 11.17 -37.01 -17.33
CA LYS D 132 11.52 -35.62 -17.12
C LYS D 132 10.92 -35.11 -15.81
N GLN D 133 11.75 -34.48 -14.98
CA GLN D 133 11.35 -34.02 -13.65
C GLN D 133 11.26 -32.50 -13.60
N THR D 134 10.23 -32.01 -12.89
CA THR D 134 9.94 -30.58 -12.73
C THR D 134 9.59 -30.33 -11.26
N PRO D 135 10.17 -29.33 -10.62
CA PRO D 135 9.77 -29.01 -9.24
C PRO D 135 8.33 -28.52 -9.20
N VAL D 136 7.64 -28.87 -8.12
CA VAL D 136 6.29 -28.38 -7.91
C VAL D 136 6.18 -27.79 -6.51
N PHE D 137 5.24 -26.89 -6.37
CA PHE D 137 4.69 -26.52 -5.07
C PHE D 137 3.17 -26.62 -5.18
N VAL D 138 2.55 -27.18 -4.14
CA VAL D 138 1.12 -27.40 -4.09
C VAL D 138 0.59 -26.78 -2.81
N ARG D 139 -0.50 -26.02 -2.91
CA ARG D 139 -1.21 -25.55 -1.72
C ARG D 139 -2.61 -26.14 -1.74
N PHE D 140 -3.02 -26.71 -0.61
CA PHE D 140 -4.37 -27.16 -0.34
C PHE D 140 -5.05 -26.20 0.64
N SER D 141 -6.37 -26.13 0.58
CA SER D 141 -7.12 -25.08 1.26
C SER D 141 -8.60 -25.45 1.36
N THR D 142 -9.32 -24.69 2.20
CA THR D 142 -10.76 -24.57 2.09
C THR D 142 -11.06 -23.34 1.24
N VAL D 143 -12.31 -22.84 1.26
CA VAL D 143 -12.68 -21.68 0.44
C VAL D 143 -13.18 -20.51 1.29
N ALA D 144 -14.21 -20.74 2.11
CA ALA D 144 -14.93 -19.61 2.72
C ALA D 144 -14.25 -19.06 3.96
N GLY D 145 -13.65 -19.92 4.77
CA GLY D 145 -13.16 -19.47 6.05
C GLY D 145 -11.96 -18.53 5.93
N SER D 146 -11.82 -17.68 6.94
CA SER D 146 -10.64 -16.83 7.08
C SER D 146 -9.48 -17.66 7.60
N ARG D 147 -8.30 -17.02 7.66
N ARG D 147 -8.33 -16.98 7.80
CA ARG D 147 -7.14 -17.68 8.22
CA ARG D 147 -7.03 -17.66 7.96
C ARG D 147 -7.41 -18.02 9.68
C ARG D 147 -6.98 -18.60 9.16
N GLY D 148 -7.03 -19.22 10.08
N GLY D 148 -7.71 -18.32 10.23
CA GLY D 148 -7.32 -19.68 11.42
CA GLY D 148 -7.63 -19.10 11.44
C GLY D 148 -8.64 -20.41 11.57
C GLY D 148 -8.72 -20.14 11.60
N SER D 149 -9.53 -20.35 10.58
CA SER D 149 -10.69 -21.22 10.64
C SER D 149 -10.24 -22.67 10.58
N ALA D 150 -11.17 -23.59 10.85
CA ALA D 150 -10.80 -24.99 11.04
C ALA D 150 -10.57 -25.70 9.71
N ASP D 151 -9.55 -26.58 9.68
CA ASP D 151 -9.34 -27.42 8.51
C ASP D 151 -10.58 -28.24 8.18
N THR D 152 -11.27 -28.76 9.20
CA THR D 152 -12.38 -29.68 8.98
C THR D 152 -13.74 -28.99 8.98
N ALA D 153 -13.81 -27.73 8.57
CA ALA D 153 -15.09 -27.20 8.14
C ALA D 153 -15.54 -27.94 6.88
N ARG D 154 -16.85 -27.93 6.64
CA ARG D 154 -17.34 -28.50 5.39
C ARG D 154 -17.24 -27.44 4.30
N ASP D 155 -16.53 -27.76 3.22
CA ASP D 155 -16.29 -26.74 2.21
C ASP D 155 -15.79 -27.40 0.93
N VAL D 156 -15.83 -26.63 -0.16
CA VAL D 156 -15.01 -26.97 -1.29
C VAL D 156 -13.56 -26.82 -0.86
N HIS D 157 -12.66 -27.60 -1.48
CA HIS D 157 -11.26 -27.58 -1.11
C HIS D 157 -10.42 -27.19 -2.32
N GLY D 158 -9.46 -26.30 -2.09
CA GLY D 158 -8.54 -25.93 -3.13
C GLY D 158 -7.42 -26.95 -3.27
N PHE D 159 -6.86 -27.00 -4.49
CA PHE D 159 -5.82 -27.98 -4.84
C PHE D 159 -5.07 -27.30 -5.99
N ALA D 160 -4.09 -26.47 -5.64
CA ALA D 160 -3.40 -25.59 -6.56
C ALA D 160 -1.95 -26.02 -6.70
N THR D 161 -1.52 -26.25 -7.95
CA THR D 161 -0.23 -26.86 -8.24
C THR D 161 0.56 -25.96 -9.18
N ARG D 162 1.81 -25.68 -8.84
CA ARG D 162 2.70 -24.93 -9.70
C ARG D 162 3.78 -25.88 -10.22
N PHE D 163 3.92 -25.96 -11.54
CA PHE D 163 5.06 -26.62 -12.17
C PHE D 163 6.04 -25.52 -12.55
N TYR D 164 7.20 -25.49 -11.90
CA TYR D 164 8.29 -24.59 -12.27
C TYR D 164 9.02 -25.17 -13.49
N THR D 165 8.41 -25.01 -14.68
CA THR D 165 8.99 -25.70 -15.82
C THR D 165 10.17 -24.91 -16.40
N ASP D 166 10.90 -25.56 -17.30
CA ASP D 166 12.01 -24.89 -17.96
C ASP D 166 11.52 -23.96 -19.08
N GLU D 167 10.21 -23.78 -19.21
CA GLU D 167 9.67 -22.75 -20.09
C GLU D 167 8.62 -21.90 -19.35
N GLY D 168 8.87 -21.66 -18.07
CA GLY D 168 8.00 -20.81 -17.30
C GLY D 168 7.15 -21.60 -16.32
N ASN D 169 6.61 -20.88 -15.33
CA ASN D 169 5.67 -21.47 -14.38
C ASN D 169 4.32 -21.74 -15.03
N PHE D 170 3.82 -22.95 -14.85
CA PHE D 170 2.49 -23.37 -15.26
C PHE D 170 1.75 -23.73 -13.98
N ASP D 171 0.62 -23.05 -13.73
CA ASP D 171 -0.23 -23.35 -12.59
C ASP D 171 -1.48 -24.08 -13.06
N ILE D 172 -1.83 -25.17 -12.40
CA ILE D 172 -3.17 -25.76 -12.47
C ILE D 172 -3.83 -25.43 -11.13
N VAL D 173 -4.71 -24.44 -11.14
CA VAL D 173 -5.36 -23.94 -9.93
C VAL D 173 -6.70 -24.65 -9.83
N GLY D 174 -6.74 -25.78 -9.11
CA GLY D 174 -7.89 -26.65 -9.09
C GLY D 174 -8.58 -26.75 -7.74
N ASN D 175 -9.65 -27.55 -7.71
CA ASN D 175 -10.39 -27.89 -6.50
C ASN D 175 -10.49 -29.41 -6.38
N ASN D 176 -10.96 -29.90 -5.22
CA ASN D 176 -11.18 -31.33 -5.04
C ASN D 176 -12.55 -31.78 -5.51
N ILE D 177 -13.23 -30.95 -6.29
CA ILE D 177 -14.59 -31.17 -6.77
C ILE D 177 -14.58 -30.75 -8.24
N PRO D 178 -15.15 -31.54 -9.16
CA PRO D 178 -14.90 -31.30 -10.60
C PRO D 178 -15.78 -30.24 -11.25
N VAL D 179 -16.66 -29.58 -10.49
CA VAL D 179 -17.58 -28.60 -11.07
C VAL D 179 -17.67 -27.43 -10.10
N PHE D 180 -18.01 -26.26 -10.64
CA PHE D 180 -18.11 -25.05 -9.81
C PHE D 180 -19.56 -24.55 -9.77
N PHE D 181 -19.82 -23.62 -8.83
CA PHE D 181 -21.17 -23.18 -8.52
C PHE D 181 -21.80 -22.39 -9.65
N ILE D 182 -21.01 -21.66 -10.44
CA ILE D 182 -21.53 -20.63 -11.33
C ILE D 182 -20.88 -20.74 -12.71
N GLN D 183 -21.56 -20.16 -13.71
CA GLN D 183 -21.22 -20.28 -15.12
C GLN D 183 -20.59 -19.05 -15.74
N ASP D 184 -20.56 -17.93 -15.03
CA ASP D 184 -19.95 -16.71 -15.53
C ASP D 184 -19.18 -16.04 -14.40
N ALA D 185 -17.92 -15.69 -14.64
CA ALA D 185 -17.09 -15.12 -13.57
C ALA D 185 -17.66 -13.84 -12.96
N ILE D 186 -18.50 -13.09 -13.69
CA ILE D 186 -19.00 -11.84 -13.13
C ILE D 186 -19.89 -12.07 -11.91
N ARG D 187 -20.28 -13.32 -11.66
CA ARG D 187 -21.13 -13.68 -10.54
C ARG D 187 -20.34 -14.15 -9.33
N PHE D 188 -19.00 -14.23 -9.44
CA PHE D 188 -18.20 -14.74 -8.31
C PHE D 188 -18.40 -13.93 -7.04
N PRO D 189 -18.33 -12.59 -7.06
CA PRO D 189 -18.60 -11.84 -5.81
C PRO D 189 -19.96 -12.16 -5.22
N ASP D 190 -20.97 -12.37 -6.07
CA ASP D 190 -22.28 -12.72 -5.55
C ASP D 190 -22.25 -14.04 -4.78
N LEU D 191 -21.70 -15.09 -5.39
CA LEU D 191 -21.57 -16.38 -4.72
C LEU D 191 -20.79 -16.25 -3.41
N ILE D 192 -19.63 -15.60 -3.45
CA ILE D 192 -18.73 -15.57 -2.30
C ILE D 192 -19.33 -14.74 -1.17
N HIS D 193 -19.88 -13.56 -1.48
CA HIS D 193 -20.58 -12.78 -0.45
C HIS D 193 -21.66 -13.61 0.24
N SER D 194 -22.40 -14.41 -0.53
CA SER D 194 -23.51 -15.17 0.04
C SER D 194 -23.03 -16.28 0.98
N VAL D 195 -21.88 -16.89 0.68
CA VAL D 195 -21.41 -17.99 1.51
CA VAL D 195 -21.36 -17.99 1.49
C VAL D 195 -20.59 -17.48 2.70
N LYS D 196 -19.89 -16.35 2.55
CA LYS D 196 -19.11 -15.78 3.61
C LYS D 196 -20.02 -15.23 4.71
N PRO D 197 -19.46 -14.88 5.88
CA PRO D 197 -20.32 -14.46 7.00
C PRO D 197 -21.22 -13.30 6.65
N SER D 198 -22.39 -13.27 7.29
CA SER D 198 -23.31 -12.17 7.12
C SER D 198 -22.59 -10.85 7.41
N PRO D 199 -22.79 -9.82 6.58
CA PRO D 199 -21.97 -8.62 6.71
C PRO D 199 -22.36 -7.70 7.86
N ASP D 200 -23.42 -7.98 8.62
CA ASP D 200 -23.72 -7.14 9.77
C ASP D 200 -22.93 -7.59 11.00
N ASN D 201 -22.93 -8.88 11.32
CA ASN D 201 -22.26 -9.37 12.51
C ASN D 201 -21.05 -10.24 12.22
N GLU D 202 -20.75 -10.50 10.95
CA GLU D 202 -19.72 -11.45 10.53
C GLU D 202 -19.89 -12.83 11.18
N VAL D 203 -21.10 -13.38 11.02
CA VAL D 203 -21.46 -14.73 11.44
C VAL D 203 -22.12 -15.41 10.25
N PRO D 204 -21.88 -16.73 9.98
CA PRO D 204 -20.98 -17.70 10.64
C PRO D 204 -19.64 -17.92 9.91
N GLN D 205 -18.61 -18.23 10.69
CA GLN D 205 -17.29 -18.54 10.14
C GLN D 205 -17.28 -19.89 9.42
N ALA D 206 -16.69 -19.91 8.23
CA ALA D 206 -16.39 -21.14 7.49
C ALA D 206 -17.58 -22.08 7.44
N ALA D 207 -18.70 -21.58 6.90
CA ALA D 207 -19.91 -22.39 6.90
C ALA D 207 -20.91 -21.84 5.88
N THR D 208 -21.52 -22.75 5.12
CA THR D 208 -22.64 -22.43 4.24
C THR D 208 -23.99 -22.58 4.94
N ALA D 209 -24.00 -22.92 6.23
CA ALA D 209 -25.25 -23.22 6.92
C ALA D 209 -25.87 -21.96 7.49
N HIS D 210 -26.34 -21.09 6.60
CA HIS D 210 -27.01 -19.84 7.00
C HIS D 210 -27.85 -19.32 5.86
N ASP D 211 -28.73 -18.37 6.18
CA ASP D 211 -29.77 -17.93 5.25
C ASP D 211 -29.19 -17.49 3.90
N SER D 212 -28.14 -16.65 3.92
CA SER D 212 -27.75 -16.00 2.67
C SER D 212 -27.22 -17.03 1.67
N ALA D 213 -26.54 -18.08 2.15
CA ALA D 213 -25.95 -19.06 1.25
C ALA D 213 -27.04 -19.88 0.57
N TRP D 214 -28.03 -20.33 1.34
CA TRP D 214 -29.11 -21.13 0.76
C TRP D 214 -30.07 -20.27 -0.05
N ASP D 215 -30.23 -18.99 0.33
CA ASP D 215 -30.91 -18.07 -0.57
C ASP D 215 -30.23 -18.05 -1.94
N PHE D 216 -28.90 -17.94 -1.96
CA PHE D 216 -28.20 -17.90 -3.23
C PHE D 216 -28.30 -19.22 -3.99
N PHE D 217 -28.12 -20.35 -3.29
CA PHE D 217 -28.16 -21.65 -3.95
C PHE D 217 -29.53 -21.89 -4.58
N SER D 218 -30.61 -21.43 -3.94
CA SER D 218 -31.93 -21.66 -4.55
C SER D 218 -32.29 -20.61 -5.58
N SER D 219 -31.76 -19.39 -5.46
CA SER D 219 -32.01 -18.36 -6.45
C SER D 219 -31.14 -18.52 -7.69
N GLN D 220 -29.99 -19.18 -7.59
CA GLN D 220 -29.05 -19.34 -8.70
C GLN D 220 -28.82 -20.84 -8.88
N PRO D 221 -29.77 -21.54 -9.50
CA PRO D 221 -29.76 -23.02 -9.49
C PRO D 221 -28.54 -23.67 -10.12
N SER D 222 -27.71 -22.94 -10.89
CA SER D 222 -26.48 -23.55 -11.36
C SER D 222 -25.65 -24.09 -10.20
N ALA D 223 -25.78 -23.47 -9.03
CA ALA D 223 -25.02 -23.84 -7.85
C ALA D 223 -25.34 -25.24 -7.33
N LEU D 224 -26.41 -25.86 -7.81
CA LEU D 224 -26.85 -27.09 -7.18
C LEU D 224 -25.83 -28.23 -7.33
N HIS D 225 -25.09 -28.26 -8.44
CA HIS D 225 -24.21 -29.41 -8.65
C HIS D 225 -23.04 -29.40 -7.68
N THR D 226 -22.27 -28.31 -7.64
CA THR D 226 -21.20 -28.21 -6.65
C THR D 226 -21.75 -28.36 -5.24
N LEU D 227 -22.95 -27.82 -4.99
CA LEU D 227 -23.56 -27.95 -3.67
C LEU D 227 -23.68 -29.41 -3.25
N PHE D 228 -24.14 -30.27 -4.16
CA PHE D 228 -24.28 -31.69 -3.82
C PHE D 228 -22.92 -32.31 -3.53
N TRP D 229 -21.90 -31.95 -4.31
CA TRP D 229 -20.56 -32.44 -4.02
C TRP D 229 -20.07 -31.99 -2.65
N ALA D 230 -20.29 -30.71 -2.32
CA ALA D 230 -19.85 -30.20 -1.02
C ALA D 230 -20.61 -30.85 0.13
N MET D 231 -21.82 -31.35 -0.13
CA MET D 231 -22.65 -31.99 0.86
C MET D 231 -22.32 -33.47 1.04
N SER D 232 -21.39 -34.00 0.23
CA SER D 232 -20.92 -35.36 0.27
C SER D 232 -19.59 -35.42 1.03
N GLY D 233 -18.83 -36.52 0.86
CA GLY D 233 -17.57 -36.67 1.57
C GLY D 233 -16.51 -35.69 1.11
N ASN D 234 -16.63 -35.20 -0.13
CA ASN D 234 -15.68 -34.22 -0.64
C ASN D 234 -15.67 -32.94 0.19
N GLY D 235 -16.74 -32.67 0.95
CA GLY D 235 -16.78 -31.50 1.82
C GLY D 235 -16.10 -31.71 3.16
N ILE D 236 -15.89 -32.96 3.56
CA ILE D 236 -15.20 -33.23 4.82
C ILE D 236 -14.17 -34.33 4.60
N PRO D 237 -13.13 -34.06 3.82
CA PRO D 237 -12.12 -35.09 3.52
C PRO D 237 -11.33 -35.47 4.76
N ARG D 238 -10.85 -36.71 4.77
CA ARG D 238 -9.97 -37.16 5.85
C ARG D 238 -8.66 -36.37 5.88
N SER D 239 -8.10 -36.04 4.71
CA SER D 239 -6.87 -35.26 4.62
C SER D 239 -6.70 -34.75 3.19
N TYR D 240 -5.75 -33.82 3.04
CA TYR D 240 -5.37 -33.37 1.71
C TYR D 240 -4.86 -34.53 0.87
N ARG D 241 -4.19 -35.50 1.51
CA ARG D 241 -3.60 -36.62 0.78
C ARG D 241 -4.64 -37.57 0.27
N HIS D 242 -5.87 -37.49 0.80
CA HIS D 242 -6.95 -38.38 0.42
C HIS D 242 -8.01 -37.67 -0.44
N MET D 243 -7.59 -36.65 -1.20
CA MET D 243 -8.43 -35.95 -2.16
C MET D 243 -7.94 -36.18 -3.59
N ASP D 244 -8.88 -36.35 -4.52
CA ASP D 244 -8.58 -36.12 -5.93
C ASP D 244 -8.58 -34.62 -6.19
N GLY D 245 -8.06 -34.23 -7.37
CA GLY D 245 -8.05 -32.84 -7.77
C GLY D 245 -8.48 -32.69 -9.21
N PHE D 246 -8.96 -31.47 -9.53
CA PHE D 246 -9.62 -31.21 -10.81
C PHE D 246 -9.26 -29.82 -11.30
N GLY D 247 -8.89 -29.70 -12.56
CA GLY D 247 -8.79 -28.38 -13.16
C GLY D 247 -10.15 -27.72 -13.38
N ILE D 248 -11.22 -28.51 -13.42
CA ILE D 248 -12.61 -28.09 -13.62
C ILE D 248 -12.87 -27.62 -15.05
N HIS D 249 -12.24 -26.51 -15.46
CA HIS D 249 -12.48 -26.01 -16.80
C HIS D 249 -11.97 -26.97 -17.87
N THR D 250 -12.57 -26.88 -19.05
CA THR D 250 -11.96 -27.45 -20.24
C THR D 250 -10.86 -26.50 -20.70
N PHE D 251 -9.66 -27.03 -20.89
CA PHE D 251 -8.57 -26.26 -21.48
C PHE D 251 -8.27 -26.84 -22.86
N ARG D 252 -7.19 -26.37 -23.50
CA ARG D 252 -6.70 -26.95 -24.75
C ARG D 252 -5.23 -27.34 -24.61
N LEU D 253 -4.88 -28.48 -25.18
CA LEU D 253 -3.49 -28.84 -25.44
C LEU D 253 -3.20 -28.59 -26.92
N VAL D 254 -2.07 -27.96 -27.21
CA VAL D 254 -1.72 -27.54 -28.56
C VAL D 254 -0.35 -28.10 -28.93
N THR D 255 -0.26 -28.75 -30.10
CA THR D 255 1.00 -29.28 -30.59
C THR D 255 1.79 -28.15 -31.26
N GLU D 256 3.04 -28.47 -31.61
CA GLU D 256 3.89 -27.46 -32.26
C GLU D 256 3.25 -26.90 -33.52
N ASP D 257 2.50 -27.72 -34.25
CA ASP D 257 1.89 -27.28 -35.50
C ASP D 257 0.50 -26.70 -35.31
N GLY D 258 0.08 -26.46 -34.08
CA GLY D 258 -1.17 -25.77 -33.82
C GLY D 258 -2.40 -26.62 -33.68
N LYS D 259 -2.28 -27.95 -33.79
CA LYS D 259 -3.44 -28.82 -33.58
C LYS D 259 -3.81 -28.87 -32.11
N SER D 260 -5.11 -28.86 -31.83
CA SER D 260 -5.62 -28.72 -30.47
C SER D 260 -6.58 -29.84 -30.12
N LYS D 261 -6.56 -30.20 -28.84
CA LYS D 261 -7.50 -31.14 -28.23
C LYS D 261 -8.06 -30.48 -26.99
N LEU D 262 -9.35 -30.66 -26.74
CA LEU D 262 -9.94 -30.23 -25.47
C LEU D 262 -9.45 -31.17 -24.37
N VAL D 263 -9.21 -30.61 -23.18
CA VAL D 263 -8.59 -31.36 -22.07
C VAL D 263 -9.25 -30.98 -20.75
N LYS D 264 -9.51 -31.99 -19.91
CA LYS D 264 -9.80 -31.85 -18.49
C LYS D 264 -8.63 -32.41 -17.70
N TRP D 265 -8.13 -31.63 -16.73
CA TRP D 265 -7.06 -32.05 -15.84
C TRP D 265 -7.62 -32.80 -14.64
N HIS D 266 -6.97 -33.91 -14.25
CA HIS D 266 -7.34 -34.66 -13.06
C HIS D 266 -6.10 -35.01 -12.26
N TRP D 267 -6.22 -34.94 -10.92
CA TRP D 267 -5.22 -35.48 -10.01
C TRP D 267 -5.86 -36.67 -9.29
N LYS D 268 -5.23 -37.84 -9.40
CA LYS D 268 -5.74 -39.06 -8.78
C LYS D 268 -4.83 -39.44 -7.62
N THR D 269 -5.36 -39.35 -6.39
CA THR D 269 -4.57 -39.65 -5.21
C THR D 269 -4.21 -41.12 -5.11
N LYS D 270 -2.92 -41.42 -4.93
CA LYS D 270 -2.48 -42.79 -4.74
C LYS D 270 -2.75 -43.31 -3.34
N GLN D 271 -3.14 -42.42 -2.42
CA GLN D 271 -3.52 -42.78 -1.06
C GLN D 271 -4.98 -43.23 -0.95
N GLY D 272 -5.79 -42.93 -1.95
CA GLY D 272 -7.22 -43.20 -1.92
C GLY D 272 -8.02 -42.05 -1.33
N LYS D 273 -9.26 -41.92 -1.80
N LYS D 273 -9.28 -41.95 -1.77
CA LYS D 273 -10.17 -40.94 -1.23
CA LYS D 273 -10.18 -40.95 -1.24
C LYS D 273 -10.74 -41.46 0.08
C LYS D 273 -10.81 -41.44 0.06
N ALA D 274 -10.82 -40.58 1.08
CA ALA D 274 -11.41 -40.92 2.36
C ALA D 274 -12.06 -39.67 2.93
N ALA D 275 -13.15 -39.86 3.67
CA ALA D 275 -13.85 -38.73 4.26
C ALA D 275 -14.26 -39.05 5.69
N LEU D 276 -14.51 -37.98 6.46
CA LEU D 276 -15.03 -38.06 7.82
C LEU D 276 -16.55 -38.11 7.80
N VAL D 277 -17.16 -38.21 9.00
CA VAL D 277 -18.58 -37.94 9.17
C VAL D 277 -18.73 -36.56 9.82
N TRP D 278 -19.87 -35.90 9.55
CA TRP D 278 -20.01 -34.50 9.94
C TRP D 278 -19.91 -34.32 11.45
N GLU D 279 -20.57 -35.19 12.21
CA GLU D 279 -20.55 -35.05 13.67
C GLU D 279 -19.13 -35.21 14.22
N GLU D 280 -18.25 -35.89 13.49
CA GLU D 280 -16.85 -36.01 13.87
C GLU D 280 -16.05 -34.79 13.44
N ALA D 281 -16.27 -34.32 12.20
CA ALA D 281 -15.56 -33.13 11.73
C ALA D 281 -15.83 -31.92 12.61
N GLN D 282 -17.01 -31.85 13.22
CA GLN D 282 -17.35 -30.70 14.06
C GLN D 282 -16.53 -30.70 15.35
N VAL D 283 -16.46 -31.85 16.02
CA VAL D 283 -15.62 -31.93 17.22
C VAL D 283 -14.16 -31.67 16.85
N LEU D 284 -13.71 -32.28 15.73
CA LEU D 284 -12.33 -32.10 15.30
C LEU D 284 -12.01 -30.65 14.99
N ALA D 285 -13.01 -29.88 14.55
CA ALA D 285 -12.75 -28.47 14.29
C ALA D 285 -12.33 -27.75 15.58
N GLY D 286 -12.81 -28.20 16.72
CA GLY D 286 -12.41 -27.59 17.98
C GLY D 286 -11.20 -28.25 18.63
N LYS D 287 -11.07 -29.57 18.48
CA LYS D 287 -9.96 -30.29 19.11
C LYS D 287 -8.65 -30.12 18.36
N ASN D 288 -8.69 -29.93 17.04
CA ASN D 288 -7.46 -29.65 16.29
C ASN D 288 -7.85 -28.95 14.98
N ALA D 289 -7.89 -27.61 15.04
CA ALA D 289 -8.14 -26.83 13.84
C ALA D 289 -7.09 -27.07 12.76
N ASP D 290 -5.92 -27.59 13.14
CA ASP D 290 -4.78 -27.79 12.24
C ASP D 290 -4.68 -29.22 11.71
N PHE D 291 -5.79 -29.98 11.74
CA PHE D 291 -5.75 -31.42 11.49
C PHE D 291 -5.17 -31.75 10.10
N HIS D 292 -5.62 -31.04 9.05
CA HIS D 292 -5.11 -31.32 7.70
C HIS D 292 -3.72 -30.74 7.49
N ARG D 293 -3.50 -29.53 7.97
CA ARG D 293 -2.17 -28.93 8.01
C ARG D 293 -1.14 -29.89 8.61
N GLN D 294 -1.44 -30.44 9.78
CA GLN D 294 -0.49 -31.28 10.50
C GLN D 294 -0.37 -32.66 9.86
N ASP D 295 -1.46 -33.20 9.33
CA ASP D 295 -1.40 -34.50 8.68
C ASP D 295 -0.43 -34.47 7.49
N LEU D 296 -0.47 -33.40 6.69
CA LEU D 296 0.41 -33.37 5.53
C LEU D 296 1.86 -33.19 5.97
N TRP D 297 2.08 -32.29 6.93
CA TRP D 297 3.42 -32.07 7.44
C TRP D 297 4.01 -33.36 8.00
N ASP D 298 3.23 -34.08 8.80
CA ASP D 298 3.72 -35.31 9.42
C ASP D 298 4.05 -36.37 8.38
N ALA D 299 3.16 -36.56 7.40
CA ALA D 299 3.41 -37.57 6.38
C ALA D 299 4.72 -37.30 5.65
N ILE D 300 5.04 -36.04 5.39
CA ILE D 300 6.25 -35.71 4.66
C ILE D 300 7.48 -35.88 5.55
N GLU D 301 7.38 -35.45 6.82
CA GLU D 301 8.54 -35.55 7.72
C GLU D 301 8.89 -37.00 7.99
N SER D 302 7.90 -37.88 8.10
CA SER D 302 8.17 -39.28 8.39
C SER D 302 8.61 -40.08 7.18
N GLY D 303 8.76 -39.43 6.02
CA GLY D 303 9.12 -40.17 4.83
C GLY D 303 7.98 -40.86 4.14
N ASN D 304 6.75 -40.42 4.37
CA ASN D 304 5.59 -40.98 3.69
C ASN D 304 5.03 -39.96 2.71
N ALA D 305 5.87 -39.51 1.78
CA ALA D 305 5.45 -38.48 0.84
C ALA D 305 4.22 -38.95 0.07
N PRO D 306 3.16 -38.15 0.02
CA PRO D 306 1.98 -38.53 -0.79
C PRO D 306 2.21 -38.28 -2.27
N SER D 307 1.48 -39.02 -3.09
CA SER D 307 1.57 -38.91 -4.54
C SER D 307 0.19 -38.82 -5.19
N TRP D 308 0.17 -38.19 -6.35
CA TRP D 308 -0.98 -38.11 -7.23
C TRP D 308 -0.51 -38.40 -8.64
N GLU D 309 -1.30 -39.14 -9.40
CA GLU D 309 -1.10 -39.23 -10.83
C GLU D 309 -1.81 -38.07 -11.53
N LEU D 310 -1.13 -37.48 -12.51
CA LEU D 310 -1.74 -36.48 -13.38
C LEU D 310 -2.38 -37.22 -14.56
N ALA D 311 -3.67 -37.02 -14.74
CA ALA D 311 -4.40 -37.68 -15.81
C ALA D 311 -5.24 -36.65 -16.59
N VAL D 312 -5.55 -36.99 -17.83
CA VAL D 312 -6.36 -36.11 -18.67
C VAL D 312 -7.46 -36.91 -19.33
N GLN D 313 -8.58 -36.25 -19.57
CA GLN D 313 -9.54 -36.66 -20.59
C GLN D 313 -9.28 -35.78 -21.81
N LEU D 314 -9.18 -36.42 -22.98
CA LEU D 314 -8.86 -35.75 -24.24
C LEU D 314 -10.00 -35.97 -25.22
N ILE D 315 -10.57 -34.94 -25.73
CA ILE D 315 -11.61 -35.01 -26.73
C ILE D 315 -11.38 -33.97 -27.85
N ASP D 316 -11.75 -34.31 -29.07
CA ASP D 316 -11.57 -33.37 -30.18
C ASP D 316 -12.47 -32.15 -30.02
N GLU D 317 -12.10 -31.08 -30.73
CA GLU D 317 -12.88 -29.85 -30.68
C GLU D 317 -14.34 -30.10 -31.07
N ASP D 318 -14.60 -31.01 -32.01
CA ASP D 318 -15.96 -31.22 -32.49
C ASP D 318 -16.86 -31.91 -31.46
N LYS D 319 -16.35 -32.24 -30.27
CA LYS D 319 -17.13 -32.86 -29.21
C LYS D 319 -17.65 -31.85 -28.20
N ALA D 320 -17.37 -30.56 -28.40
CA ALA D 320 -17.66 -29.54 -27.39
C ALA D 320 -19.11 -29.58 -26.93
N GLN D 321 -20.04 -29.88 -27.84
CA GLN D 321 -21.46 -29.95 -27.49
C GLN D 321 -22.05 -31.33 -27.80
N ALA D 322 -21.23 -32.39 -27.73
CA ALA D 322 -21.65 -33.70 -28.20
C ALA D 322 -22.26 -34.59 -27.12
N TYR D 323 -22.06 -34.28 -25.83
CA TYR D 323 -22.38 -35.23 -24.76
C TYR D 323 -23.57 -34.80 -23.91
N GLY D 324 -24.49 -34.02 -24.48
CA GLY D 324 -25.65 -33.56 -23.74
C GLY D 324 -25.40 -32.36 -22.87
N PHE D 325 -24.25 -31.73 -22.99
CA PHE D 325 -23.94 -30.49 -22.29
C PHE D 325 -22.83 -29.79 -23.07
N ASP D 326 -22.56 -28.55 -22.70
CA ASP D 326 -21.52 -27.74 -23.33
C ASP D 326 -20.26 -27.88 -22.49
N LEU D 327 -19.16 -28.32 -23.11
CA LEU D 327 -17.91 -28.47 -22.36
C LEU D 327 -17.30 -27.13 -21.95
N LEU D 328 -17.87 -26.01 -22.38
CA LEU D 328 -17.46 -24.72 -21.83
C LEU D 328 -18.19 -24.37 -20.54
N ASP D 329 -19.08 -25.25 -20.09
CA ASP D 329 -19.94 -24.99 -18.95
C ASP D 329 -19.29 -25.64 -17.74
N PRO D 330 -18.74 -24.88 -16.80
CA PRO D 330 -18.00 -25.49 -15.69
C PRO D 330 -18.88 -26.05 -14.59
N THR D 331 -20.20 -26.03 -14.71
CA THR D 331 -21.07 -26.70 -13.75
C THR D 331 -21.33 -28.15 -14.12
N LYS D 332 -20.65 -28.66 -15.15
CA LYS D 332 -20.79 -30.03 -15.61
C LYS D 332 -19.41 -30.69 -15.69
N PHE D 333 -19.36 -31.98 -15.41
CA PHE D 333 -18.15 -32.75 -15.64
C PHE D 333 -18.42 -33.73 -16.77
N LEU D 334 -17.34 -34.29 -17.30
CA LEU D 334 -17.46 -35.19 -18.43
C LEU D 334 -17.34 -36.62 -17.94
N PRO D 335 -18.39 -37.45 -18.06
CA PRO D 335 -18.32 -38.81 -17.49
C PRO D 335 -17.20 -39.63 -18.12
N GLU D 336 -16.53 -40.41 -17.28
CA GLU D 336 -15.40 -41.18 -17.77
C GLU D 336 -15.81 -42.24 -18.78
N GLU D 337 -17.08 -42.66 -18.76
CA GLU D 337 -17.56 -43.60 -19.77
C GLU D 337 -17.51 -43.00 -21.17
N PHE D 338 -17.60 -41.67 -21.28
CA PHE D 338 -17.51 -41.03 -22.59
C PHE D 338 -16.08 -40.72 -23.01
N ALA D 339 -15.17 -40.57 -22.05
CA ALA D 339 -13.78 -40.25 -22.31
C ALA D 339 -12.92 -40.67 -21.11
N PRO D 340 -12.15 -41.74 -21.25
CA PRO D 340 -11.45 -42.30 -20.09
C PRO D 340 -10.25 -41.46 -19.67
N LEU D 341 -9.85 -41.66 -18.42
CA LEU D 341 -8.64 -41.01 -17.91
C LEU D 341 -7.40 -41.62 -18.57
N GLN D 342 -6.47 -40.76 -18.94
CA GLN D 342 -5.18 -41.16 -19.51
C GLN D 342 -4.08 -40.53 -18.66
N VAL D 343 -3.29 -41.36 -18.00
N VAL D 343 -3.27 -41.37 -18.04
CA VAL D 343 -2.30 -40.85 -17.06
CA VAL D 343 -2.26 -40.93 -17.08
C VAL D 343 -1.08 -40.36 -17.83
C VAL D 343 -1.06 -40.37 -17.84
N LEU D 344 -0.59 -39.17 -17.45
CA LEU D 344 0.59 -38.57 -18.06
C LEU D 344 1.82 -38.55 -17.17
N GLY D 345 1.66 -38.73 -15.87
CA GLY D 345 2.78 -38.63 -14.96
C GLY D 345 2.31 -38.65 -13.53
N GLU D 346 3.26 -38.43 -12.62
CA GLU D 346 2.99 -38.53 -11.20
C GLU D 346 3.73 -37.40 -10.50
N MET D 347 3.10 -36.87 -9.46
CA MET D 347 3.67 -35.85 -8.60
C MET D 347 3.77 -36.41 -7.19
N THR D 348 4.88 -36.08 -6.53
CA THR D 348 5.14 -36.52 -5.16
C THR D 348 5.60 -35.34 -4.34
N LEU D 349 4.88 -35.04 -3.26
CA LEU D 349 5.27 -33.93 -2.37
C LEU D 349 6.12 -34.47 -1.25
N ASN D 350 7.41 -34.10 -1.24
CA ASN D 350 8.36 -34.70 -0.31
C ASN D 350 9.21 -33.68 0.45
N ARG D 351 8.89 -32.39 0.39
CA ARG D 351 9.63 -31.40 1.17
C ARG D 351 8.67 -30.37 1.73
N ASN D 352 8.68 -30.23 3.06
CA ASN D 352 7.93 -29.21 3.73
C ASN D 352 8.61 -27.85 3.54
N PRO D 353 7.87 -26.76 3.69
CA PRO D 353 8.51 -25.45 3.70
C PRO D 353 9.39 -25.27 4.93
N MET D 354 10.32 -24.31 4.83
CA MET D 354 11.14 -23.89 5.97
C MET D 354 10.51 -22.73 6.74
N ASN D 355 9.94 -21.76 6.03
CA ASN D 355 9.19 -20.66 6.64
C ASN D 355 7.84 -20.61 5.94
N TYR D 356 6.78 -20.93 6.69
CA TYR D 356 5.42 -20.96 6.16
C TYR D 356 5.07 -19.64 5.45
N PHE D 357 5.27 -18.52 6.13
CA PHE D 357 4.89 -17.23 5.55
C PHE D 357 5.58 -16.99 4.21
N ALA D 358 6.92 -17.10 4.18
CA ALA D 358 7.65 -16.71 2.98
C ALA D 358 7.30 -17.60 1.80
N GLU D 359 6.97 -18.87 2.06
CA GLU D 359 6.67 -19.83 1.01
C GLU D 359 5.16 -20.02 0.82
N THR D 360 4.47 -20.58 1.83
CA THR D 360 3.08 -20.97 1.65
C THR D 360 2.16 -19.74 1.58
N GLU D 361 2.35 -18.77 2.49
CA GLU D 361 1.45 -17.63 2.50
C GLU D 361 1.67 -16.73 1.29
N GLN D 362 2.94 -16.49 0.93
CA GLN D 362 3.24 -15.54 -0.15
C GLN D 362 3.02 -16.11 -1.54
N ILE D 363 2.92 -17.43 -1.72
CA ILE D 363 2.86 -17.95 -3.09
C ILE D 363 1.57 -17.47 -3.77
N SER D 364 1.71 -16.99 -5.02
CA SER D 364 0.64 -16.33 -5.76
C SER D 364 0.30 -17.15 -6.99
N PHE D 365 -0.68 -18.04 -6.88
CA PHE D 365 -1.11 -18.85 -8.01
C PHE D 365 -1.93 -17.99 -8.97
N GLN D 366 -1.99 -18.43 -10.24
CA GLN D 366 -2.76 -17.77 -11.29
C GLN D 366 -3.11 -18.75 -12.41
N PRO D 367 -4.37 -18.88 -12.81
CA PRO D 367 -4.66 -19.65 -14.03
C PRO D 367 -4.12 -18.99 -15.29
N GLY D 368 -3.78 -17.69 -15.24
CA GLY D 368 -3.05 -17.07 -16.33
C GLY D 368 -1.59 -17.53 -16.45
N HIS D 369 -1.08 -18.29 -15.49
CA HIS D 369 0.29 -18.78 -15.56
C HIS D 369 0.28 -19.96 -16.52
N ILE D 370 0.32 -19.63 -17.81
CA ILE D 370 0.20 -20.63 -18.86
C ILE D 370 1.49 -20.64 -19.67
N VAL D 371 1.75 -21.77 -20.33
CA VAL D 371 2.99 -22.00 -21.06
C VAL D 371 2.66 -22.47 -22.47
N ARG D 372 3.68 -22.46 -23.33
CA ARG D 372 3.54 -22.99 -24.68
C ARG D 372 3.14 -24.46 -24.64
N GLY D 373 2.09 -24.81 -25.40
CA GLY D 373 1.53 -26.14 -25.42
C GLY D 373 0.13 -26.23 -24.81
N VAL D 374 -0.32 -25.19 -24.12
CA VAL D 374 -1.61 -25.15 -23.45
C VAL D 374 -2.31 -23.85 -23.82
N ASP D 375 -3.63 -23.90 -23.97
CA ASP D 375 -4.41 -22.69 -24.26
C ASP D 375 -5.70 -22.73 -23.45
N PHE D 376 -6.36 -21.57 -23.34
CA PHE D 376 -7.65 -21.42 -22.67
C PHE D 376 -8.82 -21.83 -23.58
N THR D 377 -10.00 -21.88 -22.98
CA THR D 377 -11.27 -21.97 -23.72
C THR D 377 -12.16 -20.80 -23.35
N GLU D 378 -13.25 -20.68 -24.11
CA GLU D 378 -14.23 -19.62 -23.95
C GLU D 378 -15.19 -19.92 -22.80
N ASP D 379 -14.73 -20.69 -21.81
CA ASP D 379 -15.42 -20.93 -20.54
C ASP D 379 -15.59 -19.59 -19.84
N PRO D 380 -16.82 -19.07 -19.72
CA PRO D 380 -17.00 -17.72 -19.14
C PRO D 380 -16.59 -17.61 -17.68
N LEU D 381 -16.43 -18.72 -16.98
CA LEU D 381 -15.92 -18.66 -15.62
C LEU D 381 -14.40 -18.54 -15.65
N LEU D 382 -13.75 -19.37 -16.48
CA LEU D 382 -12.31 -19.32 -16.62
C LEU D 382 -11.85 -17.96 -17.13
N GLN D 383 -12.61 -17.38 -18.07
CA GLN D 383 -12.22 -16.14 -18.70
C GLN D 383 -12.01 -15.04 -17.67
N GLY D 384 -12.95 -14.89 -16.74
CA GLY D 384 -12.82 -13.82 -15.77
C GLY D 384 -11.78 -14.10 -14.70
N ARG D 385 -11.53 -15.37 -14.40
CA ARG D 385 -10.46 -15.72 -13.48
C ARG D 385 -9.12 -15.16 -13.94
N LEU D 386 -8.87 -15.18 -15.25
CA LEU D 386 -7.57 -14.74 -15.74
C LEU D 386 -7.30 -13.29 -15.34
N TYR D 387 -8.34 -12.46 -15.33
CA TYR D 387 -8.20 -11.08 -14.86
C TYR D 387 -8.01 -11.01 -13.35
N SER D 388 -8.81 -11.80 -12.61
N SER D 388 -8.81 -11.79 -12.60
CA SER D 388 -8.97 -11.58 -11.18
CA SER D 388 -8.94 -11.53 -11.17
C SER D 388 -7.73 -11.99 -10.38
C SER D 388 -7.70 -11.97 -10.38
N TYR D 389 -7.03 -13.04 -10.80
CA TYR D 389 -5.88 -13.52 -10.03
C TYR D 389 -4.65 -12.63 -10.19
N LEU D 390 -4.47 -12.01 -11.36
CA LEU D 390 -3.39 -11.05 -11.49
C LEU D 390 -3.72 -9.80 -10.68
N ASP D 391 -4.95 -9.32 -10.80
CA ASP D 391 -5.33 -8.10 -10.12
C ASP D 391 -5.26 -8.25 -8.60
N THR D 392 -5.68 -9.42 -8.07
CA THR D 392 -5.76 -9.55 -6.62
C THR D 392 -4.37 -9.56 -5.98
N GLN D 393 -3.33 -9.97 -6.71
CA GLN D 393 -1.98 -9.93 -6.12
C GLN D 393 -1.58 -8.50 -5.76
N LEU D 394 -2.10 -7.52 -6.49
CA LEU D 394 -1.79 -6.13 -6.16
C LEU D 394 -2.25 -5.80 -4.74
N ASN D 395 -3.33 -6.43 -4.27
CA ASN D 395 -3.85 -6.18 -2.93
C ASN D 395 -3.07 -6.99 -1.89
N ARG D 396 -2.82 -8.27 -2.16
N ARG D 396 -2.77 -8.24 -2.19
CA ARG D 396 -2.14 -9.09 -1.18
CA ARG D 396 -2.15 -9.10 -1.19
C ARG D 396 -0.71 -8.62 -0.96
C ARG D 396 -0.68 -8.79 -1.00
N HIS D 397 0.01 -8.35 -2.06
CA HIS D 397 1.43 -8.01 -1.99
C HIS D 397 1.74 -6.52 -2.11
N ARG D 398 0.75 -5.67 -2.38
CA ARG D 398 0.96 -4.21 -2.33
C ARG D 398 2.06 -3.75 -3.29
N GLY D 399 1.97 -4.20 -4.52
CA GLY D 399 2.94 -3.80 -5.50
C GLY D 399 2.99 -4.77 -6.66
N PRO D 400 3.64 -4.36 -7.75
CA PRO D 400 3.60 -5.14 -8.99
C PRO D 400 4.73 -6.15 -9.17
N ASN D 401 5.61 -6.32 -8.19
CA ASN D 401 6.81 -7.14 -8.34
C ASN D 401 6.74 -8.44 -7.55
N PHE D 402 5.53 -8.93 -7.27
CA PHE D 402 5.37 -10.15 -6.47
C PHE D 402 5.97 -11.36 -7.16
N GLU D 403 6.11 -11.34 -8.49
CA GLU D 403 6.71 -12.47 -9.17
C GLU D 403 8.20 -12.63 -8.86
N GLN D 404 8.83 -11.63 -8.26
CA GLN D 404 10.23 -11.71 -7.86
C GLN D 404 10.43 -12.33 -6.50
N LEU D 405 9.35 -12.61 -5.76
CA LEU D 405 9.49 -13.30 -4.50
C LEU D 405 10.07 -14.70 -4.76
N PRO D 406 10.96 -15.18 -3.88
CA PRO D 406 11.61 -16.49 -4.14
C PRO D 406 10.63 -17.60 -4.50
N ILE D 407 9.54 -17.75 -3.73
CA ILE D 407 8.55 -18.80 -4.01
C ILE D 407 7.84 -18.59 -5.34
N ASN D 408 7.82 -17.36 -5.88
CA ASN D 408 7.11 -17.13 -7.13
C ASN D 408 8.02 -17.13 -8.35
N ARG D 409 9.33 -17.06 -8.17
CA ARG D 409 10.23 -16.93 -9.29
C ARG D 409 10.18 -18.18 -10.17
N PRO D 410 10.19 -18.02 -11.49
CA PRO D 410 10.43 -19.17 -12.36
C PRO D 410 11.88 -19.59 -12.28
N VAL D 411 12.17 -20.81 -12.74
CA VAL D 411 13.55 -21.24 -12.85
C VAL D 411 14.12 -21.03 -14.24
N SER D 412 13.34 -20.51 -15.18
CA SER D 412 13.75 -20.50 -16.57
C SER D 412 14.30 -19.17 -17.07
N GLY D 413 14.16 -18.09 -16.30
CA GLY D 413 14.72 -16.84 -16.78
C GLY D 413 13.71 -15.80 -17.24
N VAL D 414 13.91 -14.55 -16.82
CA VAL D 414 12.99 -13.45 -17.07
C VAL D 414 13.75 -12.35 -17.82
N HIS D 415 13.28 -12.01 -19.03
CA HIS D 415 13.95 -11.05 -19.89
C HIS D 415 12.88 -10.22 -20.60
N ASN D 416 12.67 -9.00 -20.14
CA ASN D 416 11.69 -8.12 -20.73
C ASN D 416 12.05 -6.69 -20.36
N ASN D 417 11.20 -5.75 -20.78
CA ASN D 417 11.45 -4.33 -20.59
C ASN D 417 10.63 -3.76 -19.42
N HIS D 418 10.10 -4.60 -18.54
CA HIS D 418 9.49 -4.10 -17.31
C HIS D 418 10.58 -3.48 -16.44
N ARG D 419 10.23 -2.38 -15.76
CA ARG D 419 11.19 -1.67 -14.90
C ARG D 419 10.46 -1.12 -13.70
N ASP D 420 11.23 -0.83 -12.64
CA ASP D 420 10.73 -0.05 -11.52
C ASP D 420 9.63 -0.79 -10.76
N GLY D 421 8.72 -0.04 -10.14
CA GLY D 421 7.69 -0.62 -9.29
C GLY D 421 8.17 -0.81 -7.87
N GLN D 422 7.21 -0.81 -6.94
CA GLN D 422 7.48 -1.02 -5.53
C GLN D 422 8.32 -2.28 -5.34
N GLY D 423 9.39 -2.16 -4.54
CA GLY D 423 10.20 -3.31 -4.19
C GLY D 423 10.99 -3.93 -5.33
N GLN D 424 11.27 -3.20 -6.41
CA GLN D 424 12.09 -3.72 -7.50
C GLN D 424 13.40 -4.29 -6.97
N ALA D 425 13.59 -5.60 -7.16
CA ALA D 425 14.67 -6.34 -6.52
C ALA D 425 15.86 -6.61 -7.43
N TRP D 426 15.79 -6.27 -8.72
CA TRP D 426 16.88 -6.48 -9.65
C TRP D 426 17.42 -5.15 -10.15
N ILE D 427 18.57 -5.21 -10.83
CA ILE D 427 19.18 -4.07 -11.46
C ILE D 427 19.38 -4.41 -12.93
N HIS D 428 18.57 -3.81 -13.80
CA HIS D 428 18.59 -4.15 -15.22
C HIS D 428 19.75 -3.49 -15.91
N LYS D 429 20.42 -4.25 -16.77
CA LYS D 429 21.54 -3.76 -17.55
C LYS D 429 21.12 -3.08 -18.85
N ASN D 430 20.02 -3.53 -19.47
CA ASN D 430 19.59 -2.99 -20.76
C ASN D 430 18.94 -1.62 -20.56
N ILE D 431 19.65 -0.55 -20.96
CA ILE D 431 19.10 0.79 -20.79
C ILE D 431 18.17 1.17 -21.94
N HIS D 432 18.09 0.36 -22.99
CA HIS D 432 17.12 0.60 -24.06
C HIS D 432 15.93 -0.33 -23.87
N HIS D 433 15.14 0.01 -22.85
CA HIS D 433 14.04 -0.77 -22.32
C HIS D 433 12.74 -0.56 -23.11
N TYR D 434 12.82 -0.69 -24.43
CA TYR D 434 11.65 -0.53 -25.28
C TYR D 434 11.87 -1.32 -26.56
N SER D 435 10.78 -1.60 -27.26
CA SER D 435 10.83 -2.34 -28.51
C SER D 435 9.77 -1.76 -29.44
N PRO D 436 10.06 -1.61 -30.74
CA PRO D 436 11.30 -1.96 -31.42
C PRO D 436 12.38 -0.89 -31.25
N SER D 437 13.63 -1.25 -31.56
CA SER D 437 14.76 -0.40 -31.24
C SER D 437 15.96 -0.81 -32.09
N TYR D 438 16.63 0.17 -32.69
CA TYR D 438 17.94 -0.11 -33.26
C TYR D 438 18.99 -0.26 -32.17
N LEU D 439 18.87 0.50 -31.08
CA LEU D 439 19.98 0.64 -30.15
C LEU D 439 20.22 -0.62 -29.32
N ASN D 440 19.17 -1.37 -28.95
CA ASN D 440 19.39 -2.62 -28.21
C ASN D 440 19.59 -3.83 -29.12
N LYS D 441 19.81 -3.60 -30.42
CA LYS D 441 20.05 -4.66 -31.41
C LYS D 441 18.88 -5.65 -31.53
N GLY D 442 17.69 -5.26 -31.10
CA GLY D 442 16.52 -6.13 -31.19
C GLY D 442 16.32 -7.05 -30.01
N TYR D 443 17.08 -6.89 -28.92
CA TYR D 443 16.96 -7.76 -27.76
C TYR D 443 16.41 -6.98 -26.57
N PRO D 444 15.50 -7.57 -25.77
CA PRO D 444 14.92 -8.92 -25.92
C PRO D 444 14.02 -9.08 -27.15
N ALA D 445 14.15 -10.23 -27.82
CA ALA D 445 13.53 -10.47 -29.12
C ALA D 445 12.16 -11.14 -28.98
N GLN D 446 11.29 -10.88 -29.96
CA GLN D 446 9.96 -11.45 -30.01
C GLN D 446 10.03 -12.96 -30.23
N ALA D 447 9.17 -13.70 -29.54
CA ALA D 447 9.03 -15.13 -29.77
C ALA D 447 7.57 -15.43 -30.10
N ASN D 448 7.36 -16.37 -31.02
CA ASN D 448 6.01 -16.73 -31.43
C ASN D 448 5.97 -18.23 -31.71
N GLN D 449 4.99 -18.65 -32.51
CA GLN D 449 4.84 -20.07 -32.82
C GLN D 449 6.06 -20.63 -33.53
N THR D 450 6.66 -19.85 -34.43
CA THR D 450 7.75 -20.39 -35.23
C THR D 450 9.14 -20.05 -34.70
N VAL D 451 9.33 -18.94 -34.00
CA VAL D 451 10.66 -18.53 -33.52
C VAL D 451 10.65 -18.42 -31.99
N GLY D 452 11.66 -19.02 -31.37
CA GLY D 452 11.89 -18.78 -29.96
C GLY D 452 10.94 -19.47 -29.00
N ARG D 453 10.20 -20.48 -29.45
CA ARG D 453 9.31 -21.25 -28.58
C ARG D 453 8.39 -20.35 -27.78
N GLY D 454 7.81 -19.35 -28.46
CA GLY D 454 6.88 -18.46 -27.81
C GLY D 454 5.53 -19.08 -27.58
N PHE D 455 4.80 -18.53 -26.61
CA PHE D 455 3.40 -18.87 -26.49
C PHE D 455 2.65 -18.49 -27.77
N PHE D 456 1.62 -19.26 -28.09
CA PHE D 456 0.72 -18.84 -29.16
C PHE D 456 -0.68 -19.34 -28.87
N THR D 457 -1.66 -18.48 -29.16
CA THR D 457 -3.05 -18.87 -29.05
C THR D 457 -3.35 -19.93 -30.10
N THR D 458 -4.24 -20.86 -29.77
CA THR D 458 -4.62 -21.91 -30.71
C THR D 458 -4.99 -21.31 -32.06
N PRO D 459 -4.29 -21.65 -33.14
CA PRO D 459 -4.48 -20.93 -34.42
C PRO D 459 -5.87 -21.02 -35.03
N GLY D 460 -6.60 -22.12 -34.80
CA GLY D 460 -7.91 -22.20 -35.40
C GLY D 460 -9.05 -21.53 -34.66
N ARG D 461 -8.81 -20.88 -33.52
CA ARG D 461 -9.92 -20.32 -32.76
C ARG D 461 -10.50 -19.11 -33.49
N THR D 462 -11.83 -19.06 -33.56
CA THR D 462 -12.55 -17.97 -34.21
C THR D 462 -13.62 -17.42 -33.28
N ALA D 463 -14.08 -16.22 -33.62
CA ALA D 463 -15.22 -15.60 -32.98
C ALA D 463 -16.31 -15.36 -34.04
N SER D 464 -17.57 -15.47 -33.62
CA SER D 464 -18.65 -15.27 -34.57
C SER D 464 -19.93 -14.93 -33.83
N GLY D 465 -20.66 -13.96 -34.34
CA GLY D 465 -21.90 -13.52 -33.74
C GLY D 465 -21.79 -12.11 -33.21
N VAL D 466 -22.82 -11.69 -32.48
CA VAL D 466 -22.87 -10.33 -31.94
C VAL D 466 -22.20 -10.32 -30.57
N LEU D 467 -21.57 -9.18 -30.24
CA LEU D 467 -21.19 -8.93 -28.86
C LEU D 467 -22.44 -9.01 -28.01
N ASN D 468 -22.35 -9.70 -26.88
CA ASN D 468 -23.54 -9.97 -26.10
C ASN D 468 -23.17 -10.06 -24.63
N ARG D 469 -24.16 -9.76 -23.78
CA ARG D 469 -24.06 -10.03 -22.35
C ARG D 469 -25.11 -11.09 -22.01
N GLU D 470 -24.88 -12.29 -22.52
CA GLU D 470 -25.79 -13.40 -22.36
C GLU D 470 -24.99 -14.67 -22.09
N LEU D 471 -25.71 -15.75 -21.87
CA LEU D 471 -25.13 -17.07 -21.76
C LEU D 471 -25.77 -17.93 -22.83
N SER D 472 -24.97 -18.82 -23.42
CA SER D 472 -25.52 -19.75 -24.40
C SER D 472 -26.65 -20.57 -23.79
N ALA D 473 -27.74 -20.74 -24.57
CA ALA D 473 -28.84 -21.61 -24.14
C ALA D 473 -28.38 -23.02 -23.80
N THR D 474 -27.23 -23.46 -24.33
CA THR D 474 -26.69 -24.79 -24.03
C THR D 474 -26.27 -24.95 -22.58
N PHE D 475 -26.28 -23.87 -21.80
CA PHE D 475 -25.95 -23.89 -20.38
C PHE D 475 -27.18 -24.11 -19.48
N ASP D 476 -28.34 -24.39 -20.05
CA ASP D 476 -29.62 -24.19 -19.36
C ASP D 476 -29.96 -25.24 -18.31
N ASP D 477 -29.44 -26.46 -18.42
CA ASP D 477 -29.86 -27.60 -17.59
C ASP D 477 -29.04 -27.61 -16.31
N HIS D 478 -29.66 -27.28 -15.18
CA HIS D 478 -28.96 -27.22 -13.91
C HIS D 478 -29.19 -28.43 -13.01
N TYR D 479 -29.98 -29.42 -13.45
CA TYR D 479 -30.48 -30.48 -12.58
C TYR D 479 -30.04 -31.89 -12.99
N THR D 480 -29.76 -32.15 -14.27
CA THR D 480 -29.45 -33.50 -14.71
C THR D 480 -28.19 -34.04 -14.04
N GLN D 481 -27.12 -33.26 -14.05
CA GLN D 481 -25.87 -33.78 -13.49
C GLN D 481 -25.86 -33.86 -11.96
N PRO D 482 -26.48 -32.91 -11.22
CA PRO D 482 -26.70 -33.18 -9.79
C PRO D 482 -27.37 -34.52 -9.52
N ARG D 483 -28.36 -34.87 -10.35
CA ARG D 483 -29.04 -36.15 -10.16
C ARG D 483 -28.14 -37.33 -10.52
N LEU D 484 -27.39 -37.22 -11.63
CA LEU D 484 -26.43 -38.27 -11.98
C LEU D 484 -25.40 -38.49 -10.87
N PHE D 485 -24.91 -37.40 -10.27
CA PHE D 485 -23.99 -37.51 -9.14
C PHE D 485 -24.63 -38.28 -7.98
N PHE D 486 -25.78 -37.81 -7.51
CA PHE D 486 -26.48 -38.48 -6.41
C PHE D 486 -26.77 -39.95 -6.73
N ASN D 487 -27.23 -40.24 -7.95
CA ASN D 487 -27.48 -41.63 -8.35
C ASN D 487 -26.24 -42.50 -8.19
N SER D 488 -25.04 -41.92 -8.30
CA SER D 488 -23.79 -42.66 -8.36
C SER D 488 -23.15 -42.90 -6.99
N LEU D 489 -23.82 -42.52 -5.91
CA LEU D 489 -23.30 -42.78 -4.57
C LEU D 489 -23.93 -44.05 -4.00
N THR D 490 -23.25 -44.66 -3.04
CA THR D 490 -23.82 -45.81 -2.34
C THR D 490 -24.97 -45.34 -1.44
N PRO D 491 -25.83 -46.27 -0.99
CA PRO D 491 -27.01 -45.85 -0.20
C PRO D 491 -26.69 -45.04 1.05
N VAL D 492 -25.71 -45.45 1.85
CA VAL D 492 -25.36 -44.67 3.03
C VAL D 492 -24.67 -43.37 2.62
N GLU D 493 -23.86 -43.43 1.56
CA GLU D 493 -23.26 -42.22 1.02
C GLU D 493 -24.32 -41.19 0.66
N GLN D 494 -25.46 -41.66 0.12
CA GLN D 494 -26.56 -40.76 -0.20
C GLN D 494 -27.22 -40.21 1.06
N GLN D 495 -27.34 -41.03 2.10
CA GLN D 495 -27.87 -40.53 3.36
C GLN D 495 -27.00 -39.40 3.92
N PHE D 496 -25.67 -39.54 3.79
CA PHE D 496 -24.77 -38.47 4.24
C PHE D 496 -25.09 -37.16 3.55
N VAL D 497 -25.39 -37.23 2.24
CA VAL D 497 -25.73 -36.02 1.49
C VAL D 497 -27.06 -35.45 2.00
N ILE D 498 -28.06 -36.32 2.17
CA ILE D 498 -29.35 -35.88 2.73
C ILE D 498 -29.18 -35.25 4.10
N ASN D 499 -28.39 -35.89 4.98
CA ASN D 499 -28.27 -35.39 6.34
C ASN D 499 -27.47 -34.09 6.40
N ALA D 500 -26.53 -33.91 5.50
CA ALA D 500 -25.84 -32.63 5.37
C ALA D 500 -26.81 -31.51 4.96
N ILE D 501 -27.63 -31.76 3.95
CA ILE D 501 -28.61 -30.76 3.56
C ILE D 501 -29.59 -30.51 4.70
N ARG D 502 -30.03 -31.60 5.34
CA ARG D 502 -30.91 -31.51 6.50
C ARG D 502 -30.30 -30.65 7.60
N PHE D 503 -29.05 -30.93 7.96
CA PHE D 503 -28.38 -30.12 8.96
C PHE D 503 -28.31 -28.66 8.52
N GLU D 504 -27.88 -28.43 7.28
CA GLU D 504 -27.61 -27.06 6.86
C GLU D 504 -28.91 -26.28 6.66
N ALA D 505 -29.86 -26.85 5.91
CA ALA D 505 -31.10 -26.15 5.63
C ALA D 505 -31.86 -25.82 6.91
N SER D 506 -31.69 -26.61 7.97
CA SER D 506 -32.41 -26.34 9.21
C SER D 506 -31.91 -25.07 9.91
N HIS D 507 -30.73 -24.57 9.56
CA HIS D 507 -30.23 -23.32 10.10
C HIS D 507 -30.84 -22.11 9.41
N VAL D 508 -31.52 -22.31 8.28
CA VAL D 508 -32.14 -21.20 7.55
C VAL D 508 -33.37 -20.74 8.31
N THR D 509 -33.37 -19.47 8.76
CA THR D 509 -34.50 -18.95 9.54
C THR D 509 -35.67 -18.51 8.66
N ASN D 510 -35.41 -18.11 7.42
CA ASN D 510 -36.49 -17.61 6.56
C ASN D 510 -37.28 -18.79 5.98
N GLU D 511 -38.58 -18.84 6.31
CA GLU D 511 -39.47 -19.91 5.84
C GLU D 511 -39.44 -20.05 4.32
N GLN D 512 -39.59 -18.93 3.60
CA GLN D 512 -39.71 -18.99 2.15
C GLN D 512 -38.41 -19.45 1.50
N VAL D 513 -37.26 -19.13 2.08
CA VAL D 513 -36.00 -19.62 1.53
C VAL D 513 -35.95 -21.14 1.65
N LYS D 514 -36.41 -21.68 2.78
CA LYS D 514 -36.43 -23.13 2.91
C LYS D 514 -37.36 -23.75 1.87
N LYS D 515 -38.50 -23.11 1.61
CA LYS D 515 -39.39 -23.62 0.58
C LYS D 515 -38.75 -23.52 -0.81
N ASN D 516 -38.02 -22.43 -1.07
CA ASN D 516 -37.34 -22.29 -2.36
C ASN D 516 -36.31 -23.38 -2.54
N VAL D 517 -35.61 -23.76 -1.46
CA VAL D 517 -34.64 -24.84 -1.53
C VAL D 517 -35.33 -26.14 -1.91
N LEU D 518 -36.44 -26.47 -1.25
CA LEU D 518 -37.10 -27.73 -1.53
C LEU D 518 -37.57 -27.80 -2.98
N GLU D 519 -38.11 -26.69 -3.48
CA GLU D 519 -38.59 -26.65 -4.85
C GLU D 519 -37.47 -26.94 -5.84
N GLN D 520 -36.26 -26.47 -5.54
CA GLN D 520 -35.12 -26.74 -6.42
C GLN D 520 -34.59 -28.16 -6.25
N LEU D 521 -34.47 -28.65 -5.01
CA LEU D 521 -34.09 -30.05 -4.81
C LEU D 521 -35.07 -30.99 -5.51
N ASN D 522 -36.37 -30.63 -5.51
CA ASN D 522 -37.38 -31.48 -6.14
C ASN D 522 -37.16 -31.63 -7.64
N LYS D 523 -36.52 -30.64 -8.28
CA LYS D 523 -36.23 -30.82 -9.69
C LYS D 523 -35.09 -31.80 -9.93
N ILE D 524 -34.25 -32.01 -8.92
CA ILE D 524 -33.20 -33.01 -9.05
C ILE D 524 -33.73 -34.40 -8.74
N SER D 525 -34.46 -34.53 -7.64
CA SER D 525 -34.98 -35.81 -7.22
C SER D 525 -36.11 -35.57 -6.24
N ASN D 526 -37.27 -36.16 -6.51
CA ASN D 526 -38.39 -36.03 -5.59
C ASN D 526 -38.09 -36.70 -4.25
N ASP D 527 -37.39 -37.83 -4.30
CA ASP D 527 -37.05 -38.52 -3.05
C ASP D 527 -36.14 -37.68 -2.18
N VAL D 528 -35.12 -37.06 -2.78
CA VAL D 528 -34.25 -36.15 -2.02
C VAL D 528 -35.07 -35.06 -1.36
N ALA D 529 -35.98 -34.44 -2.11
CA ALA D 529 -36.75 -33.33 -1.56
C ALA D 529 -37.63 -33.79 -0.41
N LYS D 530 -38.33 -34.92 -0.57
CA LYS D 530 -39.14 -35.46 0.51
C LYS D 530 -38.30 -35.74 1.76
N ARG D 531 -37.16 -36.41 1.60
CA ARG D 531 -36.35 -36.75 2.75
C ARG D 531 -35.78 -35.50 3.43
N VAL D 532 -35.40 -34.50 2.63
CA VAL D 532 -34.95 -33.25 3.23
C VAL D 532 -36.11 -32.52 3.91
N ALA D 533 -37.27 -32.43 3.23
CA ALA D 533 -38.44 -31.76 3.78
C ALA D 533 -38.81 -32.25 5.17
N VAL D 534 -38.62 -33.56 5.42
CA VAL D 534 -38.98 -34.12 6.73
C VAL D 534 -38.31 -33.34 7.85
N ALA D 535 -36.99 -33.10 7.72
CA ALA D 535 -36.27 -32.43 8.80
C ALA D 535 -36.72 -30.99 8.97
N LEU D 536 -37.19 -30.36 7.89
CA LEU D 536 -37.65 -28.99 7.92
C LEU D 536 -39.11 -28.87 8.29
N GLY D 537 -39.80 -29.99 8.52
CA GLY D 537 -41.22 -29.93 8.83
C GLY D 537 -42.06 -29.25 7.78
N LEU D 538 -41.66 -29.32 6.51
CA LEU D 538 -42.43 -28.80 5.40
C LEU D 538 -42.90 -29.94 4.51
N GLU D 539 -43.84 -29.63 3.63
CA GLU D 539 -44.36 -30.58 2.65
C GLU D 539 -43.51 -30.50 1.38
N ALA D 540 -43.02 -31.64 0.92
CA ALA D 540 -42.29 -31.63 -0.35
C ALA D 540 -43.25 -31.41 -1.51
N PRO D 541 -42.85 -30.68 -2.54
CA PRO D 541 -43.73 -30.50 -3.72
C PRO D 541 -43.97 -31.83 -4.42
N GLN D 542 -44.98 -31.82 -5.30
CA GLN D 542 -45.23 -32.99 -6.12
C GLN D 542 -44.06 -33.26 -7.06
N PRO D 543 -43.90 -34.50 -7.50
CA PRO D 543 -42.81 -34.82 -8.43
C PRO D 543 -42.82 -33.91 -9.65
N ASP D 544 -41.62 -33.56 -10.12
CA ASP D 544 -41.41 -32.70 -11.28
C ASP D 544 -40.44 -33.41 -12.19
N PRO D 545 -40.91 -34.32 -13.03
CA PRO D 545 -40.04 -35.32 -13.65
C PRO D 545 -39.22 -34.83 -14.84
N THR D 546 -39.21 -33.52 -15.12
CA THR D 546 -38.52 -33.01 -16.30
C THR D 546 -37.08 -33.52 -16.40
N TYR D 547 -36.34 -33.46 -15.30
CA TYR D 547 -34.92 -33.82 -15.32
C TYR D 547 -34.60 -35.15 -14.67
N TYR D 548 -35.59 -35.91 -14.20
CA TYR D 548 -35.32 -37.15 -13.50
C TYR D 548 -34.72 -38.17 -14.46
N HIS D 549 -33.82 -39.00 -13.93
CA HIS D 549 -33.23 -40.11 -14.67
C HIS D 549 -32.52 -41.02 -13.68
N ASN D 550 -32.11 -42.21 -14.16
CA ASN D 550 -31.46 -43.22 -13.33
C ASN D 550 -30.04 -43.52 -13.78
N ASN D 551 -29.39 -42.62 -14.50
CA ASN D 551 -28.06 -42.91 -15.00
C ASN D 551 -27.03 -42.80 -13.88
N VAL D 552 -25.98 -43.61 -14.01
CA VAL D 552 -24.87 -43.63 -13.07
C VAL D 552 -23.56 -43.44 -13.82
N THR D 553 -22.56 -42.93 -13.11
CA THR D 553 -21.22 -42.74 -13.64
C THR D 553 -20.21 -43.12 -12.57
N ARG D 554 -19.06 -43.65 -13.01
N ARG D 554 -19.06 -43.63 -13.01
CA ARG D 554 -18.05 -44.14 -12.09
CA ARG D 554 -18.05 -44.12 -12.09
C ARG D 554 -17.17 -42.98 -11.61
C ARG D 554 -17.10 -43.01 -11.67
N GLY D 555 -16.37 -43.25 -10.58
CA GLY D 555 -15.32 -42.35 -10.14
C GLY D 555 -15.71 -41.20 -9.24
N VAL D 556 -16.97 -41.10 -8.82
CA VAL D 556 -17.42 -39.98 -8.01
C VAL D 556 -17.73 -40.38 -6.58
N SER D 557 -17.79 -41.67 -6.27
CA SER D 557 -18.03 -42.13 -4.91
C SER D 557 -16.71 -42.18 -4.13
N ILE D 558 -16.84 -42.13 -2.81
CA ILE D 558 -15.69 -42.25 -1.91
C ILE D 558 -15.75 -43.55 -1.13
N PHE D 559 -16.92 -43.89 -0.58
CA PHE D 559 -17.05 -45.01 0.35
C PHE D 559 -17.23 -46.36 -0.34
N ASN D 560 -17.34 -46.41 -1.67
CA ASN D 560 -17.52 -47.68 -2.36
C ASN D 560 -16.20 -48.38 -2.65
N GLU D 561 -15.09 -47.88 -2.11
CA GLU D 561 -13.75 -48.41 -2.41
C GLU D 561 -12.91 -48.43 -1.15
N SER D 562 -12.26 -49.55 -0.89
N SER D 562 -12.25 -49.56 -0.89
CA SER D 562 -11.31 -49.62 0.21
CA SER D 562 -11.29 -49.66 0.19
C SER D 562 -10.02 -48.89 -0.14
C SER D 562 -10.02 -48.88 -0.16
N LEU D 563 -9.25 -48.55 0.89
CA LEU D 563 -8.02 -47.79 0.69
C LEU D 563 -6.90 -48.68 0.17
N PRO D 564 -6.03 -48.15 -0.71
CA PRO D 564 -4.95 -48.98 -1.25
C PRO D 564 -3.79 -49.19 -0.29
N THR D 565 -3.59 -48.29 0.66
CA THR D 565 -2.56 -48.41 1.67
C THR D 565 -3.09 -47.84 2.97
N ILE D 566 -2.65 -48.41 4.09
CA ILE D 566 -2.96 -47.84 5.41
C ILE D 566 -1.78 -47.11 6.01
N ALA D 567 -0.67 -46.99 5.29
CA ALA D 567 0.47 -46.24 5.81
C ALA D 567 0.03 -44.83 6.20
N THR D 568 0.59 -44.33 7.30
CA THR D 568 0.36 -43.05 7.96
C THR D 568 -0.93 -43.00 8.77
N LEU D 569 -1.81 -43.99 8.68
CA LEU D 569 -3.06 -43.91 9.43
C LEU D 569 -2.77 -44.10 10.91
N ARG D 570 -3.64 -43.55 11.74
CA ARG D 570 -3.30 -43.34 13.14
C ARG D 570 -4.13 -44.24 14.04
N VAL D 571 -3.46 -44.88 15.00
CA VAL D 571 -4.10 -45.76 15.96
C VAL D 571 -3.87 -45.18 17.34
N GLY D 572 -4.97 -44.93 18.05
CA GLY D 572 -4.90 -44.55 19.45
C GLY D 572 -5.07 -45.78 20.31
N VAL D 573 -4.08 -46.05 21.15
CA VAL D 573 -4.08 -47.22 22.02
C VAL D 573 -4.37 -46.74 23.43
N LEU D 574 -5.55 -47.09 23.95
CA LEU D 574 -6.00 -46.63 25.26
C LEU D 574 -5.45 -47.57 26.33
N SER D 575 -4.54 -47.06 27.14
CA SER D 575 -3.88 -47.85 28.17
C SER D 575 -4.12 -47.27 29.56
N THR D 576 -3.26 -47.62 30.50
CA THR D 576 -3.31 -47.12 31.87
C THR D 576 -1.94 -47.34 32.49
N THR D 577 -1.56 -46.44 33.39
CA THR D 577 -0.28 -46.56 34.07
C THR D 577 -0.27 -47.64 35.14
N LYS D 578 -1.43 -48.11 35.58
CA LYS D 578 -1.51 -49.04 36.69
C LYS D 578 -1.52 -50.48 36.19
N GLY D 579 -0.69 -51.33 36.80
CA GLY D 579 -0.63 -52.71 36.39
C GLY D 579 0.31 -52.92 35.22
N GLY D 580 0.08 -53.97 34.44
CA GLY D 580 0.97 -54.28 33.34
C GLY D 580 0.43 -53.90 31.98
N SER D 581 -0.57 -53.02 31.96
CA SER D 581 -1.15 -52.64 30.68
C SER D 581 -0.12 -51.95 29.78
N LEU D 582 0.70 -51.07 30.35
CA LEU D 582 1.59 -50.25 29.55
C LEU D 582 2.58 -51.11 28.75
N ASP D 583 3.09 -52.18 29.35
CA ASP D 583 4.05 -53.02 28.64
C ASP D 583 3.41 -53.70 27.44
N LYS D 584 2.19 -54.20 27.60
CA LYS D 584 1.48 -54.78 26.47
C LYS D 584 1.17 -53.73 25.40
N ALA D 585 0.88 -52.50 25.83
CA ALA D 585 0.62 -51.44 24.86
C ALA D 585 1.86 -51.11 24.04
N LYS D 586 3.04 -51.13 24.68
CA LYS D 586 4.27 -50.89 23.94
C LYS D 586 4.51 -51.98 22.89
N ALA D 587 4.26 -53.24 23.25
CA ALA D 587 4.40 -54.33 22.29
C ALA D 587 3.39 -54.18 21.15
N LEU D 588 2.16 -53.80 21.47
CA LEU D 588 1.14 -53.62 20.45
C LEU D 588 1.50 -52.47 19.52
N LYS D 589 2.10 -51.41 20.06
CA LYS D 589 2.54 -50.28 19.26
C LYS D 589 3.65 -50.70 18.29
N GLU D 590 4.65 -51.43 18.78
CA GLU D 590 5.76 -51.85 17.95
C GLU D 590 5.29 -52.65 16.74
N GLN D 591 4.35 -53.57 16.95
CA GLN D 591 3.88 -54.39 15.85
C GLN D 591 3.05 -53.56 14.85
N LEU D 592 2.21 -52.65 15.35
CA LEU D 592 1.41 -51.81 14.47
C LEU D 592 2.29 -50.88 13.66
N GLU D 593 3.37 -50.36 14.26
CA GLU D 593 4.31 -49.53 13.53
C GLU D 593 5.02 -50.31 12.42
N LYS D 594 5.12 -51.64 12.55
CA LYS D 594 5.72 -52.42 11.48
C LYS D 594 4.95 -52.28 10.19
N ASP D 595 3.63 -52.07 10.26
CA ASP D 595 2.81 -51.93 9.07
C ASP D 595 2.68 -50.47 8.63
N GLY D 596 3.56 -49.59 9.11
CA GLY D 596 3.55 -48.22 8.68
C GLY D 596 2.53 -47.33 9.34
N LEU D 597 1.92 -47.78 10.44
CA LEU D 597 0.93 -46.97 11.13
C LEU D 597 1.60 -46.04 12.14
N LYS D 598 0.90 -44.96 12.47
CA LYS D 598 1.33 -44.01 13.49
C LYS D 598 0.55 -44.30 14.75
N VAL D 599 1.24 -44.68 15.82
CA VAL D 599 0.59 -45.18 17.03
C VAL D 599 0.83 -44.20 18.17
N THR D 600 -0.24 -43.89 18.89
CA THR D 600 -0.21 -43.05 20.08
C THR D 600 -0.69 -43.87 21.26
N VAL D 601 0.18 -44.09 22.23
CA VAL D 601 -0.20 -44.77 23.46
C VAL D 601 -0.71 -43.72 24.45
N ILE D 602 -1.93 -43.91 24.95
CA ILE D 602 -2.60 -42.96 25.82
C ILE D 602 -2.73 -43.55 27.22
N ALA D 603 -2.46 -42.72 28.23
CA ALA D 603 -2.60 -43.13 29.62
C ALA D 603 -2.95 -41.89 30.45
N GLU D 604 -3.02 -42.07 31.77
CA GLU D 604 -3.44 -40.98 32.66
C GLU D 604 -2.38 -39.90 32.75
N TYR D 605 -1.11 -40.28 32.66
CA TYR D 605 -0.02 -39.32 32.72
C TYR D 605 1.12 -39.85 31.85
N LEU D 606 2.11 -38.99 31.61
CA LEU D 606 3.17 -39.28 30.65
C LEU D 606 4.23 -40.17 31.30
N ALA D 607 3.80 -41.39 31.62
CA ALA D 607 4.72 -42.42 32.09
C ALA D 607 5.64 -42.85 30.94
N SER D 608 6.65 -43.65 31.28
CA SER D 608 7.51 -44.19 30.26
C SER D 608 6.69 -44.96 29.24
N GLY D 609 6.86 -44.62 27.96
CA GLY D 609 6.11 -45.27 26.91
C GLY D 609 4.77 -44.67 26.57
N VAL D 610 4.37 -43.57 27.21
CA VAL D 610 3.08 -42.93 26.96
C VAL D 610 3.28 -41.70 26.10
N ASP D 611 2.55 -41.65 24.98
CA ASP D 611 2.66 -40.55 24.02
C ASP D 611 1.75 -39.37 24.34
N GLN D 612 0.57 -39.61 24.90
CA GLN D 612 -0.43 -38.58 25.11
C GLN D 612 -1.25 -38.89 26.35
N THR D 613 -1.65 -37.86 27.09
CA THR D 613 -2.52 -38.05 28.24
C THR D 613 -3.98 -38.12 27.81
N TYR D 614 -4.80 -38.75 28.66
CA TYR D 614 -6.25 -38.78 28.40
C TYR D 614 -6.81 -37.37 28.37
N SER D 615 -6.26 -36.47 29.19
CA SER D 615 -6.72 -35.09 29.16
C SER D 615 -6.54 -34.47 27.79
N ALA D 616 -5.48 -34.83 27.08
CA ALA D 616 -5.14 -34.23 25.80
C ALA D 616 -5.69 -35.01 24.61
N ALA D 617 -6.24 -36.19 24.83
CA ALA D 617 -6.59 -37.08 23.73
C ALA D 617 -8.06 -36.92 23.31
N ASP D 618 -8.33 -37.28 22.06
CA ASP D 618 -9.69 -37.26 21.53
C ASP D 618 -9.77 -38.25 20.38
N ALA D 619 -10.95 -38.86 20.21
CA ALA D 619 -11.11 -39.82 19.13
C ALA D 619 -10.90 -39.20 17.76
N THR D 620 -11.17 -37.89 17.61
CA THR D 620 -11.02 -37.28 16.29
C THR D 620 -9.60 -37.41 15.75
N ALA D 621 -8.62 -37.64 16.62
CA ALA D 621 -7.23 -37.65 16.20
C ALA D 621 -6.80 -38.95 15.52
N PHE D 622 -7.62 -40.01 15.60
CA PHE D 622 -7.19 -41.34 15.21
C PHE D 622 -8.11 -41.97 14.18
N ASP D 623 -7.54 -42.88 13.39
CA ASP D 623 -8.31 -43.62 12.43
C ASP D 623 -8.82 -44.93 12.98
N ALA D 624 -8.29 -45.36 14.13
CA ALA D 624 -8.75 -46.56 14.82
C ALA D 624 -8.42 -46.41 16.30
N VAL D 625 -9.23 -47.02 17.15
CA VAL D 625 -9.05 -46.97 18.61
C VAL D 625 -8.97 -48.39 19.16
N VAL D 626 -7.98 -48.64 20.03
CA VAL D 626 -7.68 -49.96 20.56
C VAL D 626 -7.46 -49.87 22.06
N VAL D 627 -8.30 -50.53 22.83
CA VAL D 627 -8.09 -50.66 24.28
C VAL D 627 -7.10 -51.78 24.54
N ALA D 628 -5.96 -51.45 25.16
CA ALA D 628 -4.98 -52.48 25.49
C ALA D 628 -5.39 -53.24 26.75
N GLU D 629 -4.89 -54.46 26.87
CA GLU D 629 -5.30 -55.33 27.98
C GLU D 629 -4.98 -54.68 29.32
N GLY D 630 -5.97 -54.68 30.22
CA GLY D 630 -5.86 -54.05 31.52
C GLY D 630 -6.49 -52.67 31.60
N ALA D 631 -6.65 -51.98 30.47
CA ALA D 631 -7.15 -50.61 30.50
C ALA D 631 -8.65 -50.54 30.74
N GLU D 632 -9.35 -51.67 30.79
CA GLU D 632 -10.75 -51.62 31.18
C GLU D 632 -10.94 -51.01 32.55
N ARG D 633 -9.86 -50.88 33.33
CA ARG D 633 -9.97 -50.31 34.66
C ARG D 633 -10.22 -48.80 34.65
N VAL D 634 -10.00 -48.12 33.51
CA VAL D 634 -10.34 -46.70 33.44
C VAL D 634 -11.69 -46.47 32.76
N PHE D 635 -12.44 -47.55 32.49
CA PHE D 635 -13.76 -47.43 31.89
C PHE D 635 -14.89 -47.53 32.90
N SER D 636 -14.61 -48.01 34.10
CA SER D 636 -15.56 -48.06 35.19
C SER D 636 -14.79 -47.99 36.50
N GLY D 637 -15.54 -47.84 37.59
CA GLY D 637 -14.92 -48.00 38.90
C GLY D 637 -14.01 -46.84 39.26
N LYS D 638 -13.01 -47.15 40.09
CA LYS D 638 -12.15 -46.09 40.63
C LYS D 638 -11.21 -45.52 39.56
N GLY D 639 -10.76 -46.35 38.62
CA GLY D 639 -9.86 -45.89 37.58
C GLY D 639 -10.47 -44.87 36.64
N ALA D 640 -11.80 -44.86 36.51
CA ALA D 640 -12.45 -43.91 35.62
C ALA D 640 -12.65 -42.54 36.26
N MET D 641 -12.39 -42.41 37.56
CA MET D 641 -12.61 -41.16 38.28
C MET D 641 -11.28 -40.56 38.73
N SER D 642 -10.43 -40.20 37.78
CA SER D 642 -9.15 -39.60 38.14
C SER D 642 -9.21 -38.10 37.92
N PRO D 643 -8.62 -37.31 38.82
CA PRO D 643 -8.52 -35.86 38.57
C PRO D 643 -7.69 -35.52 37.33
N LEU D 644 -6.88 -36.47 36.84
CA LEU D 644 -5.97 -36.21 35.74
C LEU D 644 -6.67 -36.11 34.38
N PHE D 645 -7.97 -36.39 34.29
CA PHE D 645 -8.66 -36.26 33.01
C PHE D 645 -10.15 -36.03 33.26
N PRO D 646 -10.86 -35.41 32.32
CA PRO D 646 -12.30 -35.16 32.51
C PRO D 646 -13.08 -36.45 32.69
N ALA D 647 -14.11 -36.38 33.53
CA ALA D 647 -14.97 -37.52 33.82
C ALA D 647 -15.46 -38.20 32.53
N GLY D 648 -15.31 -39.51 32.48
CA GLY D 648 -15.77 -40.30 31.35
C GLY D 648 -14.93 -40.21 30.10
N ARG D 649 -13.75 -39.58 30.15
CA ARG D 649 -12.97 -39.33 28.93
C ARG D 649 -12.57 -40.61 28.20
N PRO D 650 -12.04 -41.65 28.85
CA PRO D 650 -11.73 -42.87 28.08
C PRO D 650 -12.95 -43.52 27.44
N SER D 651 -14.10 -43.50 28.11
CA SER D 651 -15.32 -44.05 27.53
C SER D 651 -15.80 -43.21 26.36
N GLN D 652 -15.68 -41.89 26.47
CA GLN D 652 -16.11 -41.02 25.38
C GLN D 652 -15.28 -41.26 24.11
N ILE D 653 -13.96 -41.43 24.27
CA ILE D 653 -13.10 -41.70 23.11
C ILE D 653 -13.53 -42.98 22.41
N LEU D 654 -13.71 -44.06 23.18
CA LEU D 654 -14.12 -45.32 22.57
C LEU D 654 -15.51 -45.20 21.97
N THR D 655 -16.41 -44.48 22.65
CA THR D 655 -17.76 -44.26 22.14
C THR D 655 -17.72 -43.46 20.85
N ASP D 656 -16.93 -42.39 20.81
CA ASP D 656 -16.82 -41.56 19.61
C ASP D 656 -16.30 -42.37 18.43
N GLY D 657 -15.22 -43.12 18.63
CA GLY D 657 -14.65 -43.90 17.54
C GLY D 657 -15.64 -44.91 16.98
N TYR D 658 -16.45 -45.51 17.86
CA TYR D 658 -17.42 -46.49 17.38
C TYR D 658 -18.53 -45.82 16.58
N ARG D 659 -19.09 -44.75 17.13
CA ARG D 659 -20.19 -44.03 16.48
C ARG D 659 -19.76 -43.34 15.18
N TRP D 660 -18.50 -42.94 15.10
CA TRP D 660 -18.00 -42.25 13.92
C TRP D 660 -17.52 -43.24 12.88
N GLY D 661 -17.72 -44.54 13.11
CA GLY D 661 -17.53 -45.55 12.11
C GLY D 661 -16.14 -46.13 12.02
N LYS D 662 -15.28 -45.86 13.01
CA LYS D 662 -13.89 -46.32 12.95
C LYS D 662 -13.77 -47.78 13.37
N PRO D 663 -12.72 -48.47 12.91
CA PRO D 663 -12.36 -49.74 13.54
C PRO D 663 -12.05 -49.52 15.01
N VAL D 664 -12.66 -50.32 15.88
CA VAL D 664 -12.41 -50.27 17.31
C VAL D 664 -12.18 -51.69 17.82
N ALA D 665 -11.40 -51.81 18.89
CA ALA D 665 -10.89 -53.10 19.30
C ALA D 665 -10.45 -53.05 20.75
N ALA D 666 -10.34 -54.23 21.35
CA ALA D 666 -9.85 -54.38 22.71
C ALA D 666 -9.16 -55.73 22.83
N VAL D 667 -8.00 -55.76 23.47
CA VAL D 667 -7.18 -56.96 23.57
C VAL D 667 -7.48 -57.65 24.91
N GLY D 668 -7.82 -58.93 24.83
CA GLY D 668 -7.89 -59.75 26.03
C GLY D 668 -8.98 -59.27 26.97
N SER D 669 -8.60 -59.05 28.23
CA SER D 669 -9.54 -58.62 29.24
C SER D 669 -10.17 -57.27 28.91
N ALA D 670 -9.51 -56.47 28.06
CA ALA D 670 -10.03 -55.14 27.74
C ALA D 670 -11.37 -55.18 27.01
N LYS D 671 -11.86 -56.37 26.62
CA LYS D 671 -13.16 -56.45 25.96
C LYS D 671 -14.28 -55.97 26.88
N LYS D 672 -14.05 -55.98 28.19
CA LYS D 672 -15.00 -55.38 29.12
C LYS D 672 -15.25 -53.92 28.80
N ALA D 673 -14.26 -53.22 28.24
CA ALA D 673 -14.49 -51.82 27.87
C ALA D 673 -15.49 -51.73 26.74
N LEU D 674 -15.46 -52.67 25.80
CA LEU D 674 -16.44 -52.67 24.71
C LEU D 674 -17.84 -52.96 25.25
N GLN D 675 -17.96 -53.96 26.13
CA GLN D 675 -19.25 -54.24 26.75
C GLN D 675 -19.72 -53.06 27.59
N SER D 676 -18.77 -52.37 28.24
CA SER D 676 -19.08 -51.19 29.03
C SER D 676 -19.82 -50.13 28.22
N ILE D 677 -19.62 -50.07 26.90
CA ILE D 677 -20.29 -49.09 26.07
C ILE D 677 -21.35 -49.72 25.18
N GLY D 678 -21.74 -50.96 25.44
CA GLY D 678 -22.84 -51.57 24.71
C GLY D 678 -22.51 -52.06 23.32
N VAL D 679 -21.28 -52.53 23.10
CA VAL D 679 -20.82 -52.99 21.79
C VAL D 679 -20.39 -54.44 21.91
N GLU D 680 -20.65 -55.23 20.86
CA GLU D 680 -20.34 -56.66 20.85
C GLU D 680 -19.31 -56.98 19.77
N GLU D 681 -18.57 -58.06 19.99
CA GLU D 681 -17.47 -58.41 19.11
C GLU D 681 -17.94 -58.87 17.73
N LYS D 682 -19.21 -59.27 17.61
CA LYS D 682 -19.70 -59.78 16.33
C LYS D 682 -19.86 -58.68 15.28
N GLU D 683 -19.84 -57.42 15.68
CA GLU D 683 -20.12 -56.33 14.75
C GLU D 683 -18.96 -56.14 13.77
N ALA D 684 -19.31 -55.71 12.56
CA ALA D 684 -18.29 -55.32 11.59
C ALA D 684 -17.43 -54.19 12.14
N GLY D 685 -16.12 -54.32 11.98
CA GLY D 685 -15.21 -53.28 12.45
C GLY D 685 -15.06 -53.19 13.95
N VAL D 686 -15.46 -54.22 14.68
CA VAL D 686 -15.17 -54.31 16.10
C VAL D 686 -14.38 -55.60 16.31
N TYR D 687 -13.24 -55.49 16.99
CA TYR D 687 -12.32 -56.61 17.06
C TYR D 687 -11.92 -56.87 18.51
N ALA D 688 -11.82 -58.15 18.85
CA ALA D 688 -11.43 -58.55 20.19
C ALA D 688 -10.76 -59.91 20.11
N GLY D 689 -9.92 -60.18 21.10
CA GLY D 689 -9.20 -61.44 21.17
C GLY D 689 -7.78 -61.26 21.66
N ALA D 690 -6.87 -62.14 21.22
CA ALA D 690 -5.47 -61.97 21.55
C ALA D 690 -4.87 -60.84 20.72
N GLN D 691 -3.68 -60.40 21.11
CA GLN D 691 -3.04 -59.25 20.46
C GLN D 691 -2.86 -59.50 18.96
N ASP D 692 -2.49 -60.71 18.58
CA ASP D 692 -2.36 -61.05 17.17
C ASP D 692 -3.69 -60.86 16.43
N GLU D 693 -4.76 -61.46 16.94
CA GLU D 693 -6.08 -61.30 16.32
C GLU D 693 -6.43 -59.83 16.15
N VAL D 694 -6.22 -59.04 17.20
CA VAL D 694 -6.61 -57.63 17.19
C VAL D 694 -5.87 -56.86 16.11
N ILE D 695 -4.54 -57.04 16.05
CA ILE D 695 -3.73 -56.30 15.09
C ILE D 695 -4.19 -56.60 13.67
N LYS D 696 -4.46 -57.88 13.36
CA LYS D 696 -4.81 -58.23 11.99
C LYS D 696 -6.15 -57.62 11.59
N GLY D 697 -7.14 -57.67 12.48
CA GLY D 697 -8.46 -57.14 12.15
C GLY D 697 -8.48 -55.62 12.10
N VAL D 698 -7.71 -54.96 12.98
CA VAL D 698 -7.61 -53.50 12.91
C VAL D 698 -7.00 -53.07 11.58
N GLU D 699 -5.89 -53.71 11.20
CA GLU D 699 -5.24 -53.37 9.93
C GLU D 699 -6.17 -53.63 8.75
N GLU D 700 -6.92 -54.74 8.77
CA GLU D 700 -7.90 -54.96 7.72
C GLU D 700 -9.00 -53.91 7.77
N GLY D 701 -9.47 -53.55 8.97
CA GLY D 701 -10.51 -52.54 9.09
C GLY D 701 -10.07 -51.16 8.65
N LEU D 702 -8.79 -50.82 8.85
CA LEU D 702 -8.32 -49.51 8.41
C LEU D 702 -8.41 -49.36 6.90
N LYS D 703 -8.36 -50.49 6.15
CA LYS D 703 -8.54 -50.41 4.71
C LYS D 703 -10.00 -50.11 4.35
N VAL D 704 -10.95 -50.72 5.06
CA VAL D 704 -12.36 -50.33 4.93
C VAL D 704 -12.53 -48.87 5.34
N PHE D 705 -11.84 -48.47 6.41
CA PHE D 705 -11.71 -47.10 6.92
C PHE D 705 -12.94 -46.61 7.69
N LYS D 706 -14.13 -46.65 7.10
CA LYS D 706 -15.34 -46.29 7.82
C LYS D 706 -16.38 -47.39 7.62
N PHE D 707 -17.00 -47.83 8.72
CA PHE D 707 -17.96 -48.93 8.71
C PHE D 707 -19.37 -48.35 8.64
N LEU D 708 -19.95 -48.40 7.44
CA LEU D 708 -21.19 -47.70 7.14
C LEU D 708 -22.43 -48.42 7.66
N GLU D 709 -22.29 -49.61 8.24
CA GLU D 709 -23.47 -50.25 8.82
C GLU D 709 -23.92 -49.62 10.13
N ARG D 710 -23.15 -48.69 10.69
CA ARG D 710 -23.52 -48.03 11.93
C ARG D 710 -24.30 -46.73 11.72
N PHE D 711 -24.76 -46.45 10.51
CA PHE D 711 -25.46 -45.21 10.22
C PHE D 711 -26.83 -45.52 9.63
N ALA D 712 -27.88 -45.01 10.28
CA ALA D 712 -29.25 -45.31 9.88
C ALA D 712 -29.61 -44.61 8.58
N VAL D 713 -30.43 -45.28 7.77
CA VAL D 713 -30.89 -44.80 6.48
C VAL D 713 -32.41 -44.62 6.55
N ASP D 714 -32.91 -43.55 5.92
CA ASP D 714 -34.35 -43.27 5.89
C ASP D 714 -35.13 -44.52 5.48
N GLY D 715 -36.08 -44.91 6.31
CA GLY D 715 -36.85 -46.13 6.08
C GLY D 715 -36.56 -47.21 7.11
CHA HEM E . -3.96 -4.61 19.87
CHB HEM E . -4.44 -4.67 24.69
CHC HEM E . 0.38 -4.75 25.11
CHD HEM E . 0.78 -3.78 20.38
C1A HEM E . -4.51 -4.68 21.13
C2A HEM E . -5.92 -4.81 21.45
C3A HEM E . -6.04 -4.83 22.78
C4A HEM E . -4.73 -4.69 23.35
CMA HEM E . -7.35 -4.94 23.60
CAA HEM E . -7.06 -4.92 20.42
CBA HEM E . -7.81 -3.62 20.24
CGA HEM E . -8.95 -3.92 19.30
O1A HEM E . -8.92 -3.49 18.12
O2A HEM E . -9.89 -4.62 19.75
C1B HEM E . -3.18 -4.64 25.25
C2B HEM E . -2.86 -4.49 26.66
C3B HEM E . -1.52 -4.52 26.77
C4B HEM E . -0.96 -4.67 25.44
CMB HEM E . -3.95 -4.34 27.76
CAB HEM E . -0.61 -4.40 28.02
CBB HEM E . -1.03 -3.96 29.21
C1C HEM E . 0.91 -4.42 23.89
C2C HEM E . 2.29 -4.07 23.61
C3C HEM E . 2.39 -3.82 22.30
C4C HEM E . 1.08 -3.96 21.72
CMC HEM E . 3.42 -4.05 24.67
CAC HEM E . 3.61 -3.38 21.46
CBC HEM E . 4.60 -2.66 22.00
C1D HEM E . -0.46 -3.94 19.81
C2D HEM E . -0.79 -3.74 18.41
C3D HEM E . -2.12 -3.97 18.25
C4D HEM E . -2.65 -4.30 19.57
CMD HEM E . 0.22 -3.33 17.32
CAD HEM E . -2.93 -3.88 16.94
CBD HEM E . -3.70 -2.54 16.88
CGD HEM E . -4.40 -2.40 15.54
O1D HEM E . -5.33 -1.55 15.46
O2D HEM E . -4.04 -3.12 14.57
NA HEM E . -3.82 -4.62 22.32
NB HEM E . -2.00 -4.75 24.54
NC HEM E . 0.21 -4.33 22.71
ND HEM E . -1.62 -4.27 20.49
FE HEM E . -1.84 -4.41 22.54
C ACT F . -1.58 -14.08 24.47
O ACT F . -1.97 -14.96 23.66
OXT ACT F . -2.22 -13.56 25.42
CH3 ACT F . -0.12 -13.55 24.24
C ACT G . -13.59 -13.40 33.07
O ACT G . -12.93 -13.15 32.00
OXT ACT G . -13.50 -12.82 34.18
CH3 ACT G . -14.67 -14.55 33.02
C1 PGE H . -24.97 -24.39 17.81
O1 PGE H . -25.55 -25.46 18.57
C2 PGE H . -26.06 -23.41 17.42
O2 PGE H . -26.42 -22.62 18.54
C3 PGE H . -27.57 -21.83 18.31
C4 PGE H . -28.59 -22.03 19.42
O4 PGE H . -32.10 -20.85 16.41
C6 PGE H . -31.71 -21.75 17.43
C5 PGE H . -30.27 -21.48 17.80
O3 PGE H . -29.87 -22.33 18.86
C1 PEG I . 13.34 -10.66 48.10
O1 PEG I . 14.66 -10.76 47.61
C2 PEG I . 12.60 -11.93 47.72
O2 PEG I . 11.53 -12.10 48.61
C3 PEG I . 10.28 -11.74 48.12
C4 PEG I . 9.40 -11.33 49.29
O4 PEG I . 9.34 -9.92 49.32
C1 PEG J . -3.99 39.46 6.54
O1 PEG J . -4.96 38.86 5.71
C2 PEG J . -3.91 38.63 7.82
O2 PEG J . -3.25 39.38 8.79
C3 PEG J . -4.07 40.00 9.75
C4 PEG J . -3.19 40.42 10.92
O4 PEG J . -3.90 40.20 12.12
C1 EDO K . -1.57 -8.71 49.68
O1 EDO K . -0.46 -9.61 49.53
C2 EDO K . -2.58 -9.31 50.64
O2 EDO K . -3.80 -8.56 50.55
C1 EOH L . 4.78 13.49 40.00
C2 EOH L . 5.93 12.65 40.53
O EOH L . 4.68 14.73 40.67
CHA HEM M . 15.24 13.76 3.45
CHB HEM M . 18.91 16.43 5.23
CHC HEM M . 16.01 18.02 8.80
CHD HEM M . 12.75 14.64 7.50
C1A HEM M . 16.47 14.37 3.59
C2A HEM M . 17.61 14.25 2.69
C3A HEM M . 18.62 14.97 3.19
C4A HEM M . 18.17 15.60 4.41
CMA HEM M . 20.01 15.13 2.54
CAA HEM M . 17.66 13.43 1.39
CBA HEM M . 18.42 12.12 1.53
CGA HEM M . 18.38 11.45 0.17
O1A HEM M . 17.61 10.46 0.02
O2A HEM M . 19.08 11.93 -0.76
C1B HEM M . 18.49 17.05 6.39
C2B HEM M . 19.31 17.84 7.30
C3B HEM M . 18.49 18.29 8.28
C4B HEM M . 17.15 17.79 8.03
CMB HEM M . 20.83 18.08 7.11
CAB HEM M . 18.86 19.14 9.52
CBB HEM M . 20.04 19.07 10.15
C1C HEM M . 14.90 17.20 8.82
C2C HEM M . 13.88 17.11 9.85
C3C HEM M . 12.98 16.17 9.48
C4C HEM M . 13.41 15.63 8.21
CMC HEM M . 13.85 17.97 11.13
CAC HEM M . 11.72 15.66 10.21
CBC HEM M . 11.63 15.64 11.55
C1D HEM M . 13.12 14.12 6.29
C2D HEM M . 12.39 13.11 5.55
C3D HEM M . 13.08 12.84 4.42
C4D HEM M . 14.26 13.69 4.42
CMD HEM M . 11.07 12.48 6.06
CAD HEM M . 12.70 11.82 3.32
CBD HEM M . 13.73 10.67 3.33
CGD HEM M . 13.28 9.49 2.48
O1D HEM M . 14.12 8.58 2.22
O2D HEM M . 12.08 9.43 2.07
NA HEM M . 16.85 15.21 4.62
NB HEM M . 17.18 17.05 6.87
NC HEM M . 14.58 16.28 7.84
ND HEM M . 14.24 14.45 5.58
FE HEM M . 15.79 15.65 6.24
C ACT N . 14.23 24.37 1.95
O ACT N . 13.68 24.57 0.83
OXT ACT N . 15.46 24.32 2.21
CH3 ACT N . 13.28 24.15 3.17
C ACT O . 28.54 25.39 -2.27
O ACT O . 27.43 24.78 -2.14
OXT ACT O . 29.39 25.63 -1.40
CH3 ACT O . 28.90 25.92 -3.71
C1 PGE P . 27.00 15.84 -25.69
O1 PGE P . 27.59 14.69 -26.28
C2 PGE P . 26.78 16.89 -26.75
O2 PGE P . 27.48 18.06 -26.37
C3 PGE P . 26.65 19.04 -25.80
C4 PGE P . 27.46 19.90 -24.86
O4 PGE P . 23.41 21.61 -23.68
C6 PGE P . 24.55 21.06 -23.02
C5 PGE P . 25.75 21.24 -23.93
O3 PGE P . 26.67 20.18 -23.73
C1 PEG Q . 28.70 46.80 -21.02
O1 PEG Q . 27.33 46.72 -21.33
C2 PEG Q . 29.41 45.62 -21.70
O2 PEG Q . 28.42 44.65 -21.93
C3 PEG Q . 28.80 43.66 -22.84
C4 PEG Q . 27.53 43.10 -23.49
O4 PEG Q . 26.81 44.16 -24.06
C1 EDO R . 18.38 -27.01 23.02
O1 EDO R . 19.74 -27.45 22.92
C2 EDO R . 17.69 -27.24 21.69
O2 EDO R . 17.88 -28.60 21.29
C1 EDO S . 33.83 34.66 16.52
O1 EDO S . 34.75 34.75 15.43
C2 EDO S . 32.41 34.94 16.03
O2 EDO S . 31.58 35.35 17.12
C1 EOH T . 28.12 13.14 29.01
C2 EOH T . 27.49 14.48 29.37
O EOH T . 29.26 12.88 29.80
C1 EOH U . 36.47 41.21 -7.25
C2 EOH U . 35.93 42.61 -7.59
O EOH U . 37.75 41.00 -7.80
CHA HEM V . -3.04 9.55 -18.24
CHB HEM V . -4.61 10.91 -22.65
CHC HEM V . -3.08 6.75 -24.49
CHD HEM V . -2.41 5.06 -19.94
C1A HEM V . -3.58 10.30 -19.27
C2A HEM V . -4.10 11.65 -19.19
C3A HEM V . -4.52 12.03 -20.40
C4A HEM V . -4.29 10.92 -21.31
CMA HEM V . -5.16 13.39 -20.74
CAA HEM V . -4.16 12.55 -17.94
CBA HEM V . -5.48 12.45 -17.19
CGA HEM V . -5.35 13.43 -16.04
O1A HEM V . -5.37 12.98 -14.85
O2A HEM V . -5.20 14.64 -16.34
C1B HEM V . -4.41 9.90 -23.54
C2B HEM V . -4.88 9.83 -24.91
C3B HEM V . -4.43 8.68 -25.43
C4B HEM V . -3.70 7.97 -24.39
CMB HEM V . -5.70 10.95 -25.61
CAB HEM V . -4.65 8.09 -26.84
CBB HEM V . -5.66 8.45 -27.63
C1C HEM V . -2.84 5.91 -23.40
C2C HEM V . -2.56 4.50 -23.49
C3C HEM V . -2.37 4.03 -22.24
C4C HEM V . -2.53 5.14 -21.32
CMC HEM V . -2.50 3.73 -24.82
CAC HEM V . -2.09 2.59 -21.77
CBC HEM V . -2.61 1.51 -22.40
C1D HEM V . -2.49 6.12 -19.07
C2D HEM V . -2.32 6.07 -17.62
C3D HEM V . -2.49 7.32 -17.14
C4D HEM V . -2.80 8.19 -18.25
CMD HEM V . -2.00 4.78 -16.83
CAD HEM V . -2.42 7.76 -15.65
CBD HEM V . -3.87 7.85 -15.15
CGD HEM V . -3.93 8.12 -13.66
O1D HEM V . -4.94 8.71 -13.21
O2D HEM V . -2.98 7.74 -12.92
NA HEM V . -3.71 9.89 -20.59
NB HEM V . -3.70 8.75 -23.26
NC HEM V . -2.81 6.27 -22.06
ND HEM V . -2.78 7.42 -19.40
FE HEM V . -3.35 8.02 -21.30
C ACT W . 4.81 12.15 -25.00
O ACT W . 3.88 12.78 -25.59
OXT ACT W . 5.79 12.62 -24.35
CH3 ACT W . 4.75 10.57 -25.06
C ACT X . -2.53 24.32 -29.39
O ACT X . -3.51 24.21 -30.20
OXT ACT X . -2.04 23.45 -28.62
CH3 ACT X . -1.89 25.76 -29.35
O1 P6G Y . 22.03 40.18 -35.04
C2 P6G Y . 22.47 41.24 -34.24
C3 P6G Y . 23.22 40.68 -33.04
O4 P6G Y . 22.85 41.35 -31.86
C5 P6G Y . 22.62 40.47 -30.79
C6 P6G Y . 22.53 41.19 -29.44
O7 P6G Y . 22.26 40.20 -28.49
C8 P6G Y . 22.43 40.60 -27.16
C9 P6G Y . 21.05 40.74 -26.52
O10 P6G Y . 20.87 42.08 -26.11
C11 P6G Y . 21.30 42.32 -24.80
C12 P6G Y . 21.46 43.83 -24.64
O13 P6G Y . 22.71 44.23 -25.14
C14 P6G Y . 22.94 45.62 -25.03
C15 P6G Y . 22.99 45.95 -23.54
O16 P6G Y . 22.66 47.30 -23.36
C17 P6G Y . 23.75 48.13 -23.10
C18 P6G Y . 24.04 48.03 -21.60
O19 P6G Y . 22.80 47.95 -20.95
O1 PG4 Z . -20.85 23.52 -39.35
C1 PG4 Z . -22.14 23.25 -38.88
C2 PG4 Z . -22.55 21.83 -39.28
O2 PG4 Z . -23.86 21.64 -38.81
C3 PG4 Z . -23.92 21.67 -37.42
C4 PG4 Z . -25.35 21.75 -36.87
O3 PG4 Z . -25.31 21.20 -35.58
C5 PG4 Z . -25.56 19.83 -35.56
C6 PG4 Z . -25.67 19.33 -34.13
O4 PG4 Z . -26.12 18.01 -34.13
C7 PG4 Z . -27.25 17.75 -34.92
C8 PG4 Z . -27.43 16.24 -35.05
O5 PG4 Z . -27.65 15.94 -36.41
C1 PGE AA . -3.24 25.80 -45.79
O1 PGE AA . -2.58 26.84 -45.06
C2 PGE AA . -4.66 25.68 -45.28
O2 PGE AA . -5.53 25.45 -46.36
C3 PGE AA . -6.88 25.25 -45.97
C4 PGE AA . -7.76 25.54 -47.17
O4 PGE AA . -8.55 29.45 -47.22
C6 PGE AA . -8.34 28.91 -48.51
C5 PGE AA . -7.63 27.58 -48.37
O3 PGE AA . -8.07 26.92 -47.20
C1 PEG BA . -8.69 10.90 -50.75
O1 PEG BA . -8.04 12.03 -50.22
C2 PEG BA . -9.43 10.19 -49.62
O2 PEG BA . -10.27 9.21 -50.17
C3 PEG BA . -9.59 8.09 -50.64
C4 PEG BA . -10.61 7.02 -51.00
O4 PEG BA . -9.92 5.97 -51.62
C1 PEG CA . 3.54 40.94 -10.10
O1 PEG CA . 2.54 40.04 -9.73
C2 PEG CA . 3.59 40.99 -11.62
O2 PEG CA . 3.82 39.70 -12.11
C3 PEG CA . 4.18 39.68 -13.46
C4 PEG CA . 4.69 38.29 -13.81
O4 PEG CA . 3.57 37.47 -14.00
C1 EDO DA . -23.36 7.81 -2.45
O1 EDO DA . -23.22 8.59 -3.65
C2 EDO DA . -23.96 6.45 -2.80
O2 EDO DA . -25.37 6.59 -3.06
C1 EDO EA . 23.90 6.45 -21.68
O1 EDO EA . 24.00 5.56 -22.79
C2 EDO EA . 22.59 7.23 -21.77
O2 EDO EA . 22.87 8.61 -21.49
C1 EDO FA . -0.03 5.25 -52.01
O1 EDO FA . 0.14 4.09 -51.19
C2 EDO FA . -0.63 6.38 -51.16
O2 EDO FA . -2.01 6.11 -50.91
CHA HEM GA . -8.04 -18.42 -5.02
CHB HEM GA . -9.73 -22.43 -7.19
CHC HEM GA . -13.15 -19.71 -9.33
CHD HEM GA . -10.88 -15.65 -7.84
C1A HEM GA . -8.20 -19.75 -5.38
C2A HEM GA . -7.44 -20.89 -4.90
C3A HEM GA . -7.90 -21.99 -5.50
C4A HEM GA . -8.98 -21.60 -6.39
CMA HEM GA . -7.35 -23.41 -5.25
CAA HEM GA . -6.29 -20.86 -3.88
CBA HEM GA . -4.94 -20.78 -4.57
CGA HEM GA . -3.94 -20.82 -3.45
O1A HEM GA . -3.36 -19.75 -3.14
O2A HEM GA . -3.79 -21.90 -2.85
C1B HEM GA . -10.76 -22.03 -8.03
C2B HEM GA . -11.40 -22.86 -9.04
C3B HEM GA . -12.37 -22.10 -9.63
C4B HEM GA . -12.33 -20.77 -9.01
CMB HEM GA . -11.01 -24.34 -9.29
CAB HEM GA . -13.37 -22.44 -10.76
CBB HEM GA . -13.27 -23.51 -11.56
C1C HEM GA . -12.79 -18.38 -9.17
C2C HEM GA . -13.40 -17.27 -9.85
C3C HEM GA . -12.79 -16.16 -9.43
C4C HEM GA . -11.74 -16.52 -8.49
CMC HEM GA . -14.59 -17.42 -10.85
CAC HEM GA . -13.01 -14.70 -9.85
CBC HEM GA . -13.31 -14.42 -11.13
C1D HEM GA . -9.92 -16.04 -6.93
C2D HEM GA . -9.03 -15.16 -6.19
C3D HEM GA . -8.24 -15.92 -5.42
C4D HEM GA . -8.60 -17.31 -5.63
CMD HEM GA . -9.02 -13.63 -6.34
CAD HEM GA . -7.14 -15.43 -4.46
CBD HEM GA . -5.78 -15.69 -5.12
CGD HEM GA . -4.69 -15.01 -4.34
O1D HEM GA . -3.51 -15.40 -4.54
O2D HEM GA . -4.96 -14.09 -3.52
NA HEM GA . -9.13 -20.23 -6.28
NB HEM GA . -11.35 -20.77 -8.05
NC HEM GA . -11.79 -17.89 -8.34
ND HEM GA . -9.63 -17.34 -6.56
FE HEM GA . -10.42 -19.06 -7.42
C ACT HA . -17.33 -22.21 -0.99
O ACT HA . -17.03 -23.31 -1.52
OXT ACT HA . -17.29 -21.89 0.21
CH3 ACT HA . -17.78 -21.11 -2.01
C ACT IA . -12.25 -36.23 -1.40
O ACT IA . -12.42 -36.93 -2.45
OXT ACT IA . -12.13 -34.97 -1.31
CH3 ACT IA . -12.18 -37.02 -0.03
C1 PGE JA . -21.05 -41.00 27.15
O1 PGE JA . -19.77 -41.60 27.01
C2 PGE JA . -21.82 -41.13 25.84
O2 PGE JA . -23.19 -40.87 26.07
C3 PGE JA . -24.05 -41.48 25.11
C4 PGE JA . -24.85 -42.61 25.75
O4 PGE JA . -28.14 -44.83 23.05
C6 PGE JA . -27.01 -44.96 23.92
C5 PGE JA . -26.66 -43.60 24.51
O3 PGE JA . -25.25 -43.54 24.74
C1 EDO KA . 24.24 -0.49 -30.93
O1 EDO KA . 25.21 0.48 -30.53
C2 EDO KA . 24.34 -0.70 -32.44
O2 EDO KA . 23.55 -1.84 -32.82
C1 EDO LA . -26.07 -28.74 -25.13
O1 EDO LA . -25.33 -29.28 -26.23
C2 EDO LA . -27.40 -29.48 -24.97
O2 EDO LA . -28.16 -28.86 -23.93
C1 EDO MA . -25.61 -38.41 -18.58
O1 EDO MA . -25.41 -39.80 -18.27
C2 EDO MA . -26.68 -37.84 -17.66
O2 EDO MA . -27.94 -38.49 -17.92
C1 EOH NA . 18.71 -12.85 -10.00
C2 EOH NA . 18.52 -12.26 -8.60
O EOH NA . 17.92 -12.19 -10.96
C1 EOH OA . -24.21 -42.68 -18.09
C2 EOH OA . -24.67 -42.68 -19.55
O EOH OA . -22.95 -42.05 -17.98
C1 EOH PA . -24.55 -48.27 21.33
C2 EOH PA . -24.51 -49.35 20.24
O EOH PA . -23.30 -47.60 21.43
#